data_8V4Z
#
_entry.id   8V4Z
#
_cell.length_a   78.988
_cell.length_b   190.209
_cell.length_c   250.430
_cell.angle_alpha   90.000
_cell.angle_beta   90.000
_cell.angle_gamma   90.000
#
_symmetry.space_group_name_H-M   'P 21 21 21'
#
loop_
_entity.id
_entity.type
_entity.pdbx_description
1 polymer 'MHC class I antigen'
2 polymer Beta-2-microglobulin
3 polymer LEU-PRO-PHE-GLU-LYS-SER-THR-ILE-MET
4 polymer 'D1 TCR alpha chain'
5 polymer 'D1 TCR beta chain'
6 non-polymer 'PHOSPHATE ION'
7 water water
#
loop_
_entity_poly.entity_id
_entity_poly.type
_entity_poly.pdbx_seq_one_letter_code
_entity_poly.pdbx_strand_id
1 'polypeptide(L)'
;GSHSMRYFYTAMSRPGRGEPRFIAVGYVDDTQFVRFDSDAASPRTEPRAPWIEQEGPEYWDRNTQIFKTNTQTYRESLRN
LRGYYNQSEAGSHIIQRMYGCDLGPDGRLLRGHDQSAYDGKDYIALNEDLSSWTAADTAAQITQRKWEAARVAEQLRAYL
EGLCVEWLRRYLENGKETLQRADPPKTHVTHHPVSDHEATLRCWALGFYPAEITLTWQRDGEDQTQDTELVETRPAGDRT
FQKWAAVVVPSGEEQRYTCHVQHEGLPKPLTLRWEP
;
A,F,K,P
2 'polypeptide(L)'
;MIQRTPKIQVYSRHPAENGKSNFLNCYVSGFHPSDIEVDLLKNGERIEKVEHSDLSFSKDWSFYLLYYTEFTPTEKDEYA
CRVNHVTLSQPKIVKWDRDM
;
B,G,L,Q
3 'polypeptide(L)' LPFEKSTIM C,H,M,R
4 'polypeptide(L)'
;QSLEQPSEVTAVEGAIVQINCTYQTSGFYGLSWYQQHDGGAPTFLSYNALDGLEETGRFSSFLSRSDSYGYLLLQELQMK
DSASYFCAVDTGGFKTIFGAGTRLFVKANIQNPDPAVYQLRDSKSSDKSVCLFTDFDSQTNVSQSKDSDVYITDKCVLDM
RSMDFKSNSAVAWSNKSDFACANAFNNSIIPEDTFFP
;
D,I,N,S
5 'polypeptide(L)'
;GVSQSPRYKVAKRGQDVALRCDPISGHVSLFWYQQALGQGPEFLTYFQNEAQLDKSGLPSDRFFAERPEGSVSTLKIQRT
QQEDSAVYLCASSPTGGQETQYFGPGTRLLVLEDLKNVFPPEVAVFEPSEAEISHTQKATLVCLATGFYPDHVELSWWVN
GKEVHSGVCTDPQPLKEQPALNDSRYALSSRLRVSATFWQNPRNHFRCQVQFYGLSENDEWTQDRAKPVTQIVSAEAWGR
AD
;
E,J,O,T
#
# COMPACT_ATOMS: atom_id res chain seq x y z
N SER A 2 -13.70 44.18 8.21
CA SER A 2 -14.85 43.83 9.03
C SER A 2 -15.01 42.31 9.15
N HIS A 3 -15.01 41.58 8.01
CA HIS A 3 -15.15 40.12 8.00
C HIS A 3 -14.06 39.45 7.16
N SER A 4 -13.72 38.20 7.49
CA SER A 4 -12.66 37.46 6.82
C SER A 4 -12.84 35.94 6.90
N MET A 5 -12.36 35.23 5.87
CA MET A 5 -12.31 33.77 5.81
C MET A 5 -10.85 33.36 5.66
N ARG A 6 -10.38 32.46 6.53
CA ARG A 6 -8.98 32.03 6.53
C ARG A 6 -8.84 30.51 6.70
N TYR A 7 -7.95 29.90 5.92
CA TYR A 7 -7.64 28.47 6.00
C TYR A 7 -6.20 28.29 6.47
N PHE A 8 -6.02 27.45 7.50
CA PHE A 8 -4.73 27.16 8.13
C PHE A 8 -4.33 25.70 7.91
N TYR A 9 -3.21 25.49 7.24
CA TYR A 9 -2.67 24.16 6.94
C TYR A 9 -1.41 23.91 7.75
N THR A 10 -1.26 22.69 8.29
CA THR A 10 -0.08 22.25 9.03
C THR A 10 0.29 20.85 8.59
N ALA A 11 1.48 20.71 7.99
CA ALA A 11 2.01 19.44 7.54
C ALA A 11 3.29 19.15 8.32
N MET A 12 3.26 18.11 9.15
CA MET A 12 4.40 17.76 10.01
C MET A 12 4.92 16.37 9.70
N SER A 13 6.23 16.27 9.43
CA SER A 13 6.92 15.01 9.22
C SER A 13 7.30 14.43 10.58
N ARG A 14 7.14 13.11 10.74
CA ARG A 14 7.44 12.42 12.01
C ARG A 14 8.17 11.10 11.69
N PRO A 15 9.51 11.15 11.45
CA PRO A 15 10.23 9.91 11.10
C PRO A 15 10.22 8.89 12.24
N GLY A 16 9.86 7.65 11.90
CA GLY A 16 9.75 6.55 12.84
C GLY A 16 8.41 6.46 13.56
N ARG A 17 7.58 7.52 13.44
CA ARG A 17 6.27 7.59 14.10
C ARG A 17 5.13 7.55 13.04
N GLY A 18 5.44 7.02 11.86
CA GLY A 18 4.48 6.89 10.76
C GLY A 18 4.55 7.98 9.70
N GLU A 19 3.55 7.97 8.79
CA GLU A 19 3.39 8.91 7.68
C GLU A 19 3.15 10.35 8.20
N PRO A 20 3.58 11.41 7.44
CA PRO A 20 3.37 12.79 7.93
C PRO A 20 1.89 13.14 8.16
N ARG A 21 1.65 13.93 9.21
CA ARG A 21 0.33 14.38 9.63
C ARG A 21 -0.04 15.71 8.97
N PHE A 22 -1.23 15.77 8.35
CA PHE A 22 -1.75 16.98 7.71
C PHE A 22 -3.01 17.43 8.43
N ILE A 23 -3.00 18.66 8.96
CA ILE A 23 -4.13 19.25 9.66
C ILE A 23 -4.57 20.51 8.91
N ALA A 24 -5.85 20.55 8.53
CA ALA A 24 -6.48 21.68 7.84
C ALA A 24 -7.58 22.24 8.72
N VAL A 25 -7.52 23.56 8.98
CA VAL A 25 -8.48 24.24 9.85
C VAL A 25 -9.04 25.48 9.13
N GLY A 26 -10.37 25.60 9.11
CA GLY A 26 -11.07 26.72 8.50
C GLY A 26 -11.64 27.69 9.51
N TYR A 27 -11.53 29.00 9.23
CA TYR A 27 -12.00 30.08 10.10
C TYR A 27 -12.81 31.15 9.37
N VAL A 28 -13.83 31.67 10.05
CA VAL A 28 -14.64 32.81 9.63
C VAL A 28 -14.50 33.78 10.82
N ASP A 29 -13.60 34.77 10.65
CA ASP A 29 -13.19 35.76 11.66
C ASP A 29 -12.41 35.03 12.76
N ASP A 30 -12.96 34.92 13.98
CA ASP A 30 -12.30 34.21 15.08
C ASP A 30 -13.00 32.86 15.37
N THR A 31 -14.03 32.51 14.58
CA THR A 31 -14.79 31.28 14.74
C THR A 31 -14.30 30.20 13.78
N GLN A 32 -13.94 29.04 14.34
CA GLN A 32 -13.52 27.85 13.59
C GLN A 32 -14.77 27.11 13.12
N PHE A 33 -14.83 26.72 11.83
CA PHE A 33 -16.01 26.05 11.30
C PHE A 33 -15.74 24.66 10.71
N VAL A 34 -14.51 24.38 10.22
CA VAL A 34 -14.16 23.07 9.66
C VAL A 34 -12.80 22.61 10.15
N ARG A 35 -12.60 21.29 10.21
CA ARG A 35 -11.34 20.67 10.62
C ARG A 35 -11.13 19.36 9.85
N PHE A 36 -9.87 19.06 9.55
CA PHE A 36 -9.45 17.83 8.90
C PHE A 36 -8.16 17.36 9.53
N ASP A 37 -8.09 16.07 9.85
CA ASP A 37 -6.92 15.44 10.44
C ASP A 37 -6.70 14.10 9.74
N SER A 38 -5.54 13.97 9.07
CA SER A 38 -5.16 12.77 8.33
C SER A 38 -4.85 11.58 9.26
N ASP A 39 -4.63 11.85 10.57
CA ASP A 39 -4.31 10.88 11.62
C ASP A 39 -5.37 9.78 11.83
N ALA A 40 -6.65 10.10 11.58
CA ALA A 40 -7.77 9.17 11.75
C ALA A 40 -7.68 7.96 10.79
N ALA A 41 -8.29 6.82 11.18
CA ALA A 41 -8.34 5.55 10.41
C ALA A 41 -8.91 5.78 8.99
N SER A 42 -9.94 6.63 8.89
CA SER A 42 -10.59 7.06 7.66
C SER A 42 -10.88 8.56 7.82
N PRO A 43 -9.90 9.43 7.44
CA PRO A 43 -10.06 10.88 7.66
C PRO A 43 -11.18 11.53 6.86
N ARG A 44 -11.90 12.46 7.52
CA ARG A 44 -13.02 13.22 6.95
C ARG A 44 -13.08 14.63 7.53
N THR A 45 -13.68 15.57 6.78
CA THR A 45 -13.87 16.97 7.20
C THR A 45 -15.00 16.98 8.24
N GLU A 46 -14.73 17.56 9.42
CA GLU A 46 -15.69 17.60 10.52
C GLU A 46 -16.20 19.02 10.81
N PRO A 47 -17.53 19.18 11.08
CA PRO A 47 -18.05 20.52 11.40
C PRO A 47 -17.58 20.98 12.79
N ARG A 48 -17.25 22.27 12.91
CA ARG A 48 -16.77 22.85 14.16
C ARG A 48 -17.64 24.03 14.57
N ALA A 49 -18.65 24.39 13.74
CA ALA A 49 -19.61 25.47 13.99
C ALA A 49 -21.05 24.97 13.73
N PRO A 50 -22.08 25.43 14.47
CA PRO A 50 -23.44 24.90 14.23
C PRO A 50 -24.05 25.33 12.88
N TRP A 51 -23.61 26.47 12.33
CA TRP A 51 -24.13 27.01 11.06
C TRP A 51 -23.54 26.33 9.80
N ILE A 52 -22.55 25.44 9.94
CA ILE A 52 -21.95 24.74 8.79
C ILE A 52 -22.56 23.33 8.64
N GLU A 53 -23.23 22.82 9.70
CA GLU A 53 -23.89 21.50 9.74
C GLU A 53 -25.04 21.39 8.73
N GLN A 54 -25.62 22.53 8.31
CA GLN A 54 -26.73 22.60 7.33
C GLN A 54 -26.27 22.28 5.89
N GLU A 55 -24.95 22.21 5.63
CA GLU A 55 -24.39 21.90 4.32
C GLU A 55 -24.64 20.42 3.99
N GLY A 56 -25.00 20.15 2.73
CA GLY A 56 -25.29 18.82 2.24
C GLY A 56 -24.12 17.86 2.22
N PRO A 57 -24.37 16.54 1.96
CA PRO A 57 -23.26 15.57 1.94
C PRO A 57 -22.25 15.82 0.80
N GLU A 58 -22.71 16.49 -0.29
CA GLU A 58 -21.92 16.86 -1.46
C GLU A 58 -20.78 17.82 -1.06
N TYR A 59 -21.05 18.73 -0.12
CA TYR A 59 -20.09 19.71 0.42
C TYR A 59 -18.99 19.00 1.21
N TRP A 60 -19.39 18.09 2.13
CA TRP A 60 -18.49 17.36 3.03
C TRP A 60 -17.58 16.38 2.30
N ASP A 61 -18.08 15.67 1.26
N ASP A 61 -18.09 15.69 1.25
CA ASP A 61 -17.25 14.73 0.49
CA ASP A 61 -17.31 14.73 0.47
C ASP A 61 -16.26 15.48 -0.40
C ASP A 61 -16.29 15.46 -0.42
N ARG A 62 -16.64 16.68 -0.89
CA ARG A 62 -15.79 17.53 -1.73
C ARG A 62 -14.62 18.07 -0.90
N ASN A 63 -14.92 18.56 0.32
CA ASN A 63 -13.95 19.08 1.29
C ASN A 63 -12.98 17.98 1.73
N THR A 64 -13.48 16.74 1.92
CA THR A 64 -12.69 15.57 2.30
C THR A 64 -11.75 15.19 1.14
N GLN A 65 -12.23 15.26 -0.12
CA GLN A 65 -11.45 14.95 -1.32
C GLN A 65 -10.28 15.95 -1.49
N ILE A 66 -10.54 17.25 -1.24
CA ILE A 66 -9.56 18.33 -1.34
C ILE A 66 -8.43 18.13 -0.32
N PHE A 67 -8.80 17.92 0.96
CA PHE A 67 -7.85 17.78 2.05
C PHE A 67 -7.11 16.43 2.02
N LYS A 68 -7.68 15.39 1.37
CA LYS A 68 -7.01 14.10 1.19
C LYS A 68 -5.90 14.24 0.17
N THR A 69 -6.17 15.08 -0.87
CA THR A 69 -5.24 15.40 -1.95
C THR A 69 -4.08 16.22 -1.37
N ASN A 70 -4.41 17.23 -0.53
CA ASN A 70 -3.44 18.10 0.16
C ASN A 70 -2.54 17.30 1.10
N THR A 71 -3.09 16.25 1.75
CA THR A 71 -2.33 15.36 2.65
C THR A 71 -1.17 14.74 1.85
N GLN A 72 -1.47 14.14 0.68
CA GLN A 72 -0.51 13.52 -0.23
C GLN A 72 0.46 14.55 -0.82
N THR A 73 -0.05 15.75 -1.20
CA THR A 73 0.73 16.86 -1.76
C THR A 73 1.81 17.32 -0.77
N TYR A 74 1.41 17.56 0.49
CA TYR A 74 2.32 18.05 1.53
C TYR A 74 3.33 17.00 2.00
N ARG A 75 3.03 15.69 1.80
N ARG A 75 3.02 15.70 1.80
CA ARG A 75 3.93 14.59 2.13
CA ARG A 75 3.94 14.60 2.14
C ARG A 75 5.13 14.62 1.17
C ARG A 75 5.13 14.65 1.17
N GLU A 76 4.86 14.89 -0.12
CA GLU A 76 5.87 15.00 -1.19
C GLU A 76 6.63 16.32 -1.02
N SER A 77 5.93 17.40 -0.62
CA SER A 77 6.50 18.73 -0.39
C SER A 77 7.50 18.72 0.78
N LEU A 78 7.19 17.94 1.85
CA LEU A 78 8.08 17.80 3.01
C LEU A 78 9.35 17.05 2.60
N ARG A 79 9.21 16.06 1.71
CA ARG A 79 10.30 15.25 1.16
C ARG A 79 11.19 16.12 0.24
N ASN A 80 10.58 16.99 -0.58
CA ASN A 80 11.28 17.88 -1.51
C ASN A 80 12.03 19.00 -0.80
N LEU A 81 11.41 19.63 0.22
CA LEU A 81 12.03 20.71 0.98
C LEU A 81 13.20 20.19 1.83
N ARG A 82 13.12 18.96 2.30
CA ARG A 82 14.19 18.31 3.04
C ARG A 82 15.41 18.11 2.13
N GLY A 83 15.17 17.78 0.88
CA GLY A 83 16.21 17.65 -0.14
C GLY A 83 16.85 18.97 -0.54
N TYR A 84 16.03 20.05 -0.66
CA TYR A 84 16.50 21.39 -1.03
C TYR A 84 17.51 21.94 0.00
N TYR A 85 17.25 21.71 1.29
CA TYR A 85 18.11 22.18 2.38
C TYR A 85 19.14 21.13 2.81
N ASN A 86 19.20 19.97 2.08
CA ASN A 86 20.11 18.83 2.33
C ASN A 86 19.99 18.35 3.79
N GLN A 87 18.75 18.34 4.30
CA GLN A 87 18.44 17.95 5.68
C GLN A 87 18.34 16.45 5.85
N SER A 88 18.59 16.01 7.09
CA SER A 88 18.55 14.61 7.53
C SER A 88 17.13 14.05 7.44
N GLU A 89 17.03 12.74 7.22
CA GLU A 89 15.77 12.00 7.13
C GLU A 89 15.24 11.63 8.53
N ALA A 90 16.00 11.97 9.60
CA ALA A 90 15.67 11.66 11.00
C ALA A 90 14.89 12.79 11.69
N GLY A 91 15.12 14.04 11.27
CA GLY A 91 14.49 15.22 11.85
C GLY A 91 13.06 15.46 11.46
N SER A 92 12.30 16.10 12.36
CA SER A 92 10.89 16.47 12.18
C SER A 92 10.79 17.89 11.68
N HIS A 93 10.13 18.10 10.51
CA HIS A 93 9.98 19.42 9.91
C HIS A 93 8.50 19.74 9.65
N ILE A 94 8.14 21.05 9.69
CA ILE A 94 6.77 21.53 9.56
C ILE A 94 6.62 22.51 8.39
N ILE A 95 5.59 22.28 7.55
CA ILE A 95 5.18 23.18 6.47
C ILE A 95 3.83 23.76 6.91
N GLN A 96 3.75 25.09 7.01
CA GLN A 96 2.53 25.78 7.39
C GLN A 96 2.04 26.65 6.26
N ARG A 97 0.72 26.72 6.06
CA ARG A 97 0.13 27.56 5.03
C ARG A 97 -1.04 28.34 5.61
N MET A 98 -1.09 29.63 5.25
CA MET A 98 -2.07 30.64 5.67
C MET A 98 -2.61 31.37 4.44
N TYR A 99 -3.89 31.15 4.07
CA TYR A 99 -4.49 31.85 2.93
C TYR A 99 -5.95 32.22 3.24
N GLY A 100 -6.43 33.28 2.58
CA GLY A 100 -7.78 33.74 2.75
C GLY A 100 -8.11 35.07 2.12
N CYS A 101 -9.37 35.48 2.27
CA CYS A 101 -9.91 36.72 1.71
C CYS A 101 -10.52 37.59 2.81
N ASP A 102 -10.18 38.89 2.79
CA ASP A 102 -10.68 39.90 3.71
C ASP A 102 -11.76 40.71 3.02
N LEU A 103 -12.89 40.88 3.70
CA LEU A 103 -14.05 41.63 3.25
C LEU A 103 -14.18 42.93 4.05
N GLY A 104 -14.43 44.03 3.36
CA GLY A 104 -14.60 45.33 3.99
C GLY A 104 -15.94 45.49 4.68
N PRO A 105 -16.21 46.66 5.32
CA PRO A 105 -17.53 46.85 5.98
C PRO A 105 -18.69 46.84 4.97
N ASP A 106 -18.39 47.18 3.70
CA ASP A 106 -19.31 47.20 2.56
C ASP A 106 -19.74 45.80 2.14
N GLY A 107 -18.81 44.85 2.16
CA GLY A 107 -19.03 43.46 1.75
C GLY A 107 -18.41 43.17 0.39
N ARG A 108 -17.23 43.76 0.14
CA ARG A 108 -16.45 43.61 -1.09
C ARG A 108 -15.04 43.09 -0.77
N LEU A 109 -14.34 42.48 -1.74
CA LEU A 109 -12.97 41.99 -1.49
C LEU A 109 -12.03 43.16 -1.22
N LEU A 110 -11.52 43.22 0.01
CA LEU A 110 -10.59 44.24 0.48
C LEU A 110 -9.16 43.77 0.22
N ARG A 111 -8.82 42.53 0.66
CA ARG A 111 -7.47 41.98 0.49
C ARG A 111 -7.46 40.45 0.45
N GLY A 112 -6.83 39.91 -0.59
CA GLY A 112 -6.60 38.49 -0.77
C GLY A 112 -5.16 38.20 -0.38
N HIS A 113 -4.92 37.09 0.33
CA HIS A 113 -3.56 36.77 0.78
C HIS A 113 -3.27 35.26 0.83
N ASP A 114 -1.99 34.90 0.70
CA ASP A 114 -1.47 33.54 0.74
C ASP A 114 0.00 33.55 1.16
N GLN A 115 0.34 32.77 2.20
CA GLN A 115 1.69 32.65 2.77
C GLN A 115 1.99 31.21 3.17
N SER A 116 3.24 30.78 2.93
CA SER A 116 3.73 29.45 3.28
C SER A 116 5.03 29.57 4.07
N ALA A 117 5.20 28.71 5.08
CA ALA A 117 6.37 28.70 5.94
C ALA A 117 6.98 27.31 6.05
N TYR A 118 8.26 27.28 6.44
CA TYR A 118 9.02 26.05 6.68
C TYR A 118 9.77 26.22 7.99
N ASP A 119 9.40 25.41 9.00
CA ASP A 119 9.93 25.39 10.36
C ASP A 119 9.81 26.78 11.05
N GLY A 120 8.63 27.40 10.87
CA GLY A 120 8.29 28.70 11.46
C GLY A 120 8.95 29.90 10.82
N LYS A 121 9.47 29.73 9.60
CA LYS A 121 10.14 30.77 8.82
C LYS A 121 9.46 30.97 7.48
N ASP A 122 9.24 32.24 7.07
CA ASP A 122 8.64 32.59 5.78
C ASP A 122 9.37 31.85 4.65
N TYR A 123 8.61 31.15 3.79
CA TYR A 123 9.19 30.38 2.70
C TYR A 123 8.80 31.00 1.37
N ILE A 124 7.50 30.95 1.02
CA ILE A 124 6.97 31.53 -0.21
C ILE A 124 5.64 32.23 0.10
N ALA A 125 5.46 33.44 -0.44
CA ALA A 125 4.26 34.22 -0.22
C ALA A 125 3.78 34.87 -1.50
N LEU A 126 2.44 34.95 -1.66
CA LEU A 126 1.82 35.61 -2.80
C LEU A 126 1.90 37.12 -2.57
N ASN A 127 2.33 37.86 -3.60
CA ASN A 127 2.46 39.32 -3.50
C ASN A 127 1.10 40.01 -3.52
N GLU A 128 1.07 41.32 -3.16
CA GLU A 128 -0.14 42.15 -3.09
C GLU A 128 -0.84 42.27 -4.45
N ASP A 129 -0.09 42.09 -5.57
CA ASP A 129 -0.62 42.13 -6.94
C ASP A 129 -1.44 40.87 -7.27
N LEU A 130 -1.24 39.78 -6.49
CA LEU A 130 -1.88 38.45 -6.62
C LEU A 130 -1.50 37.78 -7.96
N SER A 131 -0.31 38.13 -8.48
CA SER A 131 0.19 37.62 -9.77
C SER A 131 1.64 37.09 -9.67
N SER A 132 2.38 37.48 -8.63
CA SER A 132 3.77 37.07 -8.44
C SER A 132 4.04 36.53 -7.03
N TRP A 133 5.18 35.84 -6.87
CA TRP A 133 5.62 35.24 -5.60
C TRP A 133 6.89 35.88 -5.07
N THR A 134 7.07 35.82 -3.74
CA THR A 134 8.27 36.28 -3.05
C THR A 134 8.86 35.04 -2.37
N ALA A 135 10.01 34.60 -2.87
CA ALA A 135 10.77 33.46 -2.35
C ALA A 135 11.75 33.98 -1.31
N ALA A 136 11.85 33.28 -0.16
CA ALA A 136 12.74 33.69 0.92
C ALA A 136 14.21 33.34 0.63
N ASP A 137 14.44 32.25 -0.13
CA ASP A 137 15.78 31.77 -0.45
C ASP A 137 15.81 31.03 -1.82
N THR A 138 16.95 30.40 -2.15
CA THR A 138 17.18 29.65 -3.39
C THR A 138 16.33 28.36 -3.42
N ALA A 139 15.98 27.82 -2.24
CA ALA A 139 15.14 26.62 -2.10
C ALA A 139 13.69 26.95 -2.49
N ALA A 140 13.19 28.10 -2.00
CA ALA A 140 11.85 28.61 -2.28
C ALA A 140 11.70 29.03 -3.75
N GLN A 141 12.84 29.33 -4.43
CA GLN A 141 12.90 29.68 -5.86
C GLN A 141 12.50 28.48 -6.70
N ILE A 142 12.89 27.25 -6.27
CA ILE A 142 12.57 26.01 -6.98
C ILE A 142 11.05 25.80 -6.92
N THR A 143 10.43 26.07 -5.74
CA THR A 143 8.99 25.99 -5.50
C THR A 143 8.26 27.03 -6.38
N GLN A 144 8.81 28.27 -6.45
CA GLN A 144 8.28 29.38 -7.25
C GLN A 144 8.17 29.02 -8.72
N ARG A 145 9.23 28.41 -9.29
CA ARG A 145 9.31 27.99 -10.68
C ARG A 145 8.28 26.90 -10.98
N LYS A 146 8.06 25.97 -10.02
CA LYS A 146 7.07 24.89 -10.12
C LYS A 146 5.67 25.49 -10.13
N TRP A 147 5.42 26.44 -9.21
CA TRP A 147 4.14 27.12 -9.02
C TRP A 147 3.83 28.08 -10.18
N GLU A 148 4.86 28.64 -10.84
CA GLU A 148 4.68 29.50 -12.02
C GLU A 148 4.24 28.67 -13.23
N ALA A 149 4.88 27.49 -13.43
CA ALA A 149 4.58 26.56 -14.51
C ALA A 149 3.19 25.91 -14.32
N ALA A 150 2.76 25.73 -13.06
CA ALA A 150 1.46 25.15 -12.70
C ALA A 150 0.32 26.17 -12.78
N ARG A 151 0.65 27.48 -12.88
CA ARG A 151 -0.29 28.63 -12.94
C ARG A 151 -1.06 28.77 -11.61
N VAL A 152 -0.36 28.60 -10.48
CA VAL A 152 -0.94 28.67 -9.13
C VAL A 152 -1.50 30.08 -8.86
N ALA A 153 -0.67 31.14 -9.05
CA ALA A 153 -1.03 32.54 -8.82
C ALA A 153 -2.30 32.98 -9.56
N GLU A 154 -2.48 32.54 -10.83
CA GLU A 154 -3.64 32.88 -11.67
C GLU A 154 -4.92 32.26 -11.12
N GLN A 155 -4.89 30.96 -10.77
CA GLN A 155 -6.04 30.23 -10.25
C GLN A 155 -6.32 30.58 -8.79
N LEU A 156 -5.28 31.01 -8.04
CA LEU A 156 -5.41 31.43 -6.64
C LEU A 156 -6.07 32.81 -6.59
N ARG A 157 -5.70 33.72 -7.53
CA ARG A 157 -6.29 35.06 -7.65
C ARG A 157 -7.79 34.95 -7.92
N ALA A 158 -8.17 34.09 -8.89
CA ALA A 158 -9.55 33.83 -9.30
C ALA A 158 -10.38 33.25 -8.14
N TYR A 159 -9.74 32.41 -7.29
CA TYR A 159 -10.37 31.82 -6.10
C TYR A 159 -10.61 32.90 -5.05
N LEU A 160 -9.57 33.70 -4.72
CA LEU A 160 -9.62 34.76 -3.70
C LEU A 160 -10.58 35.89 -4.08
N GLU A 161 -10.73 36.19 -5.38
CA GLU A 161 -11.62 37.24 -5.90
C GLU A 161 -13.06 36.71 -6.09
N GLY A 162 -13.19 35.40 -6.31
CA GLY A 162 -14.48 34.77 -6.57
C GLY A 162 -15.03 33.91 -5.45
N LEU A 163 -14.81 32.58 -5.54
CA LEU A 163 -15.30 31.54 -4.63
C LEU A 163 -15.02 31.81 -3.13
N CYS A 164 -13.85 32.39 -2.78
CA CYS A 164 -13.50 32.70 -1.39
C CYS A 164 -14.51 33.68 -0.81
N VAL A 165 -14.74 34.82 -1.52
CA VAL A 165 -15.66 35.89 -1.18
C VAL A 165 -17.11 35.34 -1.18
N GLU A 166 -17.47 34.60 -2.24
CA GLU A 166 -18.77 33.97 -2.49
C GLU A 166 -19.20 33.06 -1.32
N TRP A 167 -18.30 32.16 -0.87
CA TRP A 167 -18.59 31.24 0.22
C TRP A 167 -18.54 31.94 1.59
N LEU A 168 -17.66 32.95 1.76
CA LEU A 168 -17.58 33.74 3.00
C LEU A 168 -18.90 34.47 3.23
N ARG A 169 -19.48 35.07 2.17
CA ARG A 169 -20.78 35.77 2.19
C ARG A 169 -21.91 34.81 2.57
N ARG A 170 -21.84 33.55 2.07
CA ARG A 170 -22.81 32.49 2.35
C ARG A 170 -22.75 32.08 3.82
N TYR A 171 -21.52 31.90 4.36
CA TYR A 171 -21.28 31.51 5.76
C TYR A 171 -21.74 32.60 6.71
N LEU A 172 -21.53 33.88 6.34
CA LEU A 172 -21.92 35.05 7.13
C LEU A 172 -23.44 35.17 7.24
N GLU A 173 -24.18 34.75 6.19
CA GLU A 173 -25.64 34.76 6.16
C GLU A 173 -26.22 33.61 6.99
N ASN A 174 -25.66 32.38 6.83
CA ASN A 174 -26.09 31.17 7.53
C ASN A 174 -25.84 31.25 9.05
N GLY A 175 -24.79 31.99 9.44
CA GLY A 175 -24.45 32.17 10.84
C GLY A 175 -24.46 33.61 11.29
N LYS A 176 -25.45 34.40 10.81
CA LYS A 176 -25.60 35.83 11.13
C LYS A 176 -25.88 36.09 12.62
N GLU A 177 -26.51 35.11 13.31
CA GLU A 177 -26.84 35.23 14.74
C GLU A 177 -25.61 35.10 15.66
N THR A 178 -24.49 34.56 15.15
CA THR A 178 -23.26 34.39 15.94
C THR A 178 -22.06 35.16 15.37
N LEU A 179 -21.92 35.21 14.02
CA LEU A 179 -20.80 35.89 13.36
C LEU A 179 -21.00 37.40 13.22
N GLN A 180 -22.21 37.84 12.81
CA GLN A 180 -22.54 39.25 12.61
C GLN A 180 -23.05 39.92 13.90
N ARG A 181 -23.14 39.15 15.01
CA ARG A 181 -23.57 39.63 16.32
C ARG A 181 -22.36 39.68 17.26
N ALA A 182 -22.01 40.89 17.72
CA ALA A 182 -20.88 41.11 18.63
C ALA A 182 -21.34 41.03 20.09
N ASP A 183 -20.59 40.24 20.90
CA ASP A 183 -20.88 40.06 22.32
C ASP A 183 -20.05 41.05 23.15
N PRO A 184 -20.70 41.94 23.95
CA PRO A 184 -19.93 42.92 24.73
C PRO A 184 -19.29 42.29 25.97
N PRO A 185 -18.17 42.84 26.50
CA PRO A 185 -17.55 42.24 27.68
C PRO A 185 -18.26 42.57 28.99
N LYS A 186 -18.26 41.60 29.93
CA LYS A 186 -18.82 41.75 31.27
C LYS A 186 -17.72 42.34 32.12
N THR A 187 -17.79 43.65 32.36
CA THR A 187 -16.75 44.41 33.07
C THR A 187 -17.05 44.58 34.56
N HIS A 188 -15.99 44.40 35.38
CA HIS A 188 -15.97 44.53 36.83
C HIS A 188 -14.52 44.67 37.34
N VAL A 189 -14.29 45.47 38.39
CA VAL A 189 -12.96 45.64 38.99
C VAL A 189 -12.96 44.92 40.36
N THR A 190 -11.77 44.53 40.88
CA THR A 190 -11.68 43.75 42.12
C THR A 190 -10.77 44.34 43.21
N HIS A 191 -10.84 43.70 44.41
CA HIS A 191 -10.02 43.93 45.60
C HIS A 191 -8.69 43.20 45.50
N HIS A 192 -7.56 43.82 45.91
CA HIS A 192 -6.22 43.19 45.93
C HIS A 192 -5.16 44.09 46.58
N PRO A 193 -4.55 43.65 47.71
CA PRO A 193 -3.46 44.43 48.33
C PRO A 193 -2.09 43.82 48.00
N VAL A 194 -1.01 44.61 48.03
CA VAL A 194 0.33 44.04 47.77
C VAL A 194 1.30 44.37 48.91
N SER A 195 1.24 45.59 49.44
CA SER A 195 2.05 46.08 50.55
C SER A 195 1.18 46.95 51.46
N ASP A 196 1.78 47.63 52.46
CA ASP A 196 1.02 48.50 53.36
C ASP A 196 0.82 49.89 52.75
N HIS A 197 1.79 50.34 51.93
CA HIS A 197 1.81 51.63 51.24
C HIS A 197 1.20 51.53 49.84
N GLU A 198 1.29 50.36 49.18
CA GLU A 198 0.75 50.16 47.84
C GLU A 198 -0.14 48.91 47.74
N ALA A 199 -1.10 48.94 46.79
CA ALA A 199 -2.08 47.90 46.47
C ALA A 199 -2.09 47.63 44.95
N THR A 200 -3.05 46.81 44.45
CA THR A 200 -3.17 46.48 43.03
C THR A 200 -4.64 46.48 42.60
N LEU A 201 -4.98 47.36 41.65
CA LEU A 201 -6.32 47.44 41.06
C LEU A 201 -6.29 46.66 39.76
N ARG A 202 -7.30 45.84 39.53
CA ARG A 202 -7.38 45.00 38.33
C ARG A 202 -8.75 45.11 37.66
N CYS A 203 -8.74 45.28 36.33
CA CYS A 203 -9.91 45.45 35.47
C CYS A 203 -10.21 44.15 34.72
N TRP A 204 -11.47 43.66 34.79
CA TRP A 204 -11.84 42.40 34.14
C TRP A 204 -12.80 42.56 32.97
N ALA A 205 -12.49 41.85 31.87
CA ALA A 205 -13.28 41.79 30.65
C ALA A 205 -13.54 40.32 30.33
N LEU A 206 -14.82 39.89 30.37
CA LEU A 206 -15.18 38.48 30.15
C LEU A 206 -16.36 38.29 29.21
N GLY A 207 -16.38 37.14 28.54
CA GLY A 207 -17.43 36.72 27.63
C GLY A 207 -17.67 37.62 26.44
N PHE A 208 -16.59 38.11 25.80
CA PHE A 208 -16.70 39.00 24.65
C PHE A 208 -16.26 38.31 23.35
N TYR A 209 -16.92 38.68 22.25
CA TYR A 209 -16.63 38.22 20.88
C TYR A 209 -16.84 39.40 19.91
N PRO A 210 -15.88 39.72 19.00
CA PRO A 210 -14.59 39.06 18.73
C PRO A 210 -13.52 39.33 19.80
N ALA A 211 -12.32 38.76 19.62
CA ALA A 211 -11.17 38.85 20.53
C ALA A 211 -10.54 40.26 20.60
N GLU A 212 -10.77 41.12 19.58
CA GLU A 212 -10.23 42.48 19.53
C GLU A 212 -10.79 43.33 20.67
N ILE A 213 -9.91 43.77 21.59
CA ILE A 213 -10.23 44.60 22.76
C ILE A 213 -8.99 45.39 23.21
N THR A 214 -9.21 46.52 23.92
CA THR A 214 -8.15 47.37 24.48
C THR A 214 -8.52 47.80 25.90
N LEU A 215 -7.71 47.41 26.88
CA LEU A 215 -7.89 47.74 28.30
C LEU A 215 -6.77 48.66 28.76
N THR A 216 -7.13 49.87 29.19
CA THR A 216 -6.16 50.87 29.66
C THR A 216 -6.55 51.43 31.02
N TRP A 217 -5.54 51.67 31.89
CA TRP A 217 -5.71 52.28 33.21
C TRP A 217 -5.27 53.74 33.15
N GLN A 218 -6.01 54.62 33.83
CA GLN A 218 -5.72 56.06 33.83
C GLN A 218 -5.72 56.68 35.22
N ARG A 219 -4.56 57.27 35.64
CA ARG A 219 -4.45 58.02 36.88
C ARG A 219 -4.73 59.46 36.47
N ASP A 220 -6.03 59.83 36.50
CA ASP A 220 -6.60 61.09 36.02
C ASP A 220 -6.20 61.34 34.55
N GLY A 221 -6.54 60.39 33.68
CA GLY A 221 -6.34 60.48 32.24
C GLY A 221 -5.02 60.18 31.55
N GLU A 222 -3.99 59.66 32.23
CA GLU A 222 -2.70 59.35 31.56
C GLU A 222 -2.58 57.84 31.24
N ASP A 223 -1.65 57.43 30.34
CA ASP A 223 -1.46 56.00 30.02
C ASP A 223 -0.17 55.50 30.69
N GLN A 224 -0.27 54.31 31.31
CA GLN A 224 0.80 53.72 32.12
C GLN A 224 1.44 52.45 31.50
N THR A 225 1.62 52.36 30.16
CA THR A 225 2.16 51.20 29.42
C THR A 225 3.21 50.35 30.19
N GLN A 226 4.19 50.98 30.90
CA GLN A 226 5.19 50.26 31.67
C GLN A 226 4.58 49.65 32.96
N ASP A 227 3.80 50.47 33.68
CA ASP A 227 3.15 50.20 34.96
C ASP A 227 1.68 49.67 34.77
N THR A 228 1.45 48.79 33.76
CA THR A 228 0.17 48.11 33.51
C THR A 228 0.45 46.70 33.04
N GLU A 229 0.16 45.72 33.90
CA GLU A 229 0.38 44.33 33.56
C GLU A 229 -0.86 43.81 32.81
N LEU A 230 -1.04 44.25 31.55
CA LEU A 230 -2.19 43.79 30.78
C LEU A 230 -1.83 42.43 30.20
N VAL A 231 -2.59 41.40 30.62
CA VAL A 231 -2.37 40.03 30.19
C VAL A 231 -2.89 39.83 28.75
N GLU A 232 -2.35 38.83 28.03
CA GLU A 232 -2.72 38.49 26.66
C GLU A 232 -4.15 37.94 26.61
N THR A 233 -4.94 38.29 25.56
CA THR A 233 -6.31 37.82 25.34
C THR A 233 -6.30 36.29 25.25
N ARG A 234 -7.17 35.65 26.04
CA ARG A 234 -7.25 34.20 26.14
C ARG A 234 -8.66 33.65 25.81
N PRO A 235 -8.77 32.45 25.18
CA PRO A 235 -10.11 31.92 24.89
C PRO A 235 -10.75 31.33 26.14
N ALA A 236 -12.03 31.65 26.39
CA ALA A 236 -12.78 31.14 27.54
C ALA A 236 -13.01 29.62 27.41
N GLY A 237 -13.34 29.19 26.19
CA GLY A 237 -13.60 27.78 25.86
C GLY A 237 -14.91 27.58 25.15
N ASP A 238 -15.82 28.59 25.23
CA ASP A 238 -17.16 28.59 24.64
C ASP A 238 -17.30 29.61 23.47
N ARG A 239 -16.17 29.88 22.77
CA ARG A 239 -16.02 30.80 21.63
C ARG A 239 -16.04 32.28 22.05
N THR A 240 -16.00 32.57 23.37
CA THR A 240 -15.90 33.94 23.88
C THR A 240 -14.46 34.12 24.40
N PHE A 241 -14.06 35.35 24.74
CA PHE A 241 -12.69 35.60 25.18
C PHE A 241 -12.65 36.36 26.51
N GLN A 242 -11.46 36.39 27.15
CA GLN A 242 -11.24 37.09 28.42
C GLN A 242 -9.87 37.78 28.44
N LYS A 243 -9.79 38.93 29.13
CA LYS A 243 -8.58 39.77 29.26
C LYS A 243 -8.65 40.62 30.52
N TRP A 244 -7.49 40.87 31.16
CA TRP A 244 -7.43 41.74 32.34
C TRP A 244 -6.20 42.66 32.33
N ALA A 245 -6.30 43.79 33.06
CA ALA A 245 -5.25 44.79 33.22
C ALA A 245 -5.09 45.18 34.70
N ALA A 246 -3.86 45.13 35.23
CA ALA A 246 -3.56 45.43 36.63
C ALA A 246 -2.56 46.60 36.78
N VAL A 247 -2.68 47.39 37.86
CA VAL A 247 -1.81 48.53 38.15
C VAL A 247 -1.24 48.49 39.56
N VAL A 248 0.01 48.99 39.73
CA VAL A 248 0.65 49.16 41.04
C VAL A 248 0.15 50.54 41.52
N VAL A 249 -0.53 50.56 42.68
CA VAL A 249 -1.22 51.76 43.18
C VAL A 249 -0.83 52.17 44.60
N PRO A 250 -0.61 53.47 44.92
CA PRO A 250 -0.34 53.83 46.32
C PRO A 250 -1.66 53.91 47.13
N SER A 251 -1.77 53.11 48.22
CA SER A 251 -2.93 53.00 49.12
C SER A 251 -3.49 54.38 49.50
N GLY A 252 -4.76 54.59 49.18
CA GLY A 252 -5.47 55.86 49.35
C GLY A 252 -5.79 56.50 48.02
N GLU A 253 -4.84 56.41 47.06
CA GLU A 253 -4.97 56.97 45.71
C GLU A 253 -5.78 56.07 44.74
N GLU A 254 -6.42 54.99 45.24
CA GLU A 254 -7.19 54.04 44.41
C GLU A 254 -8.61 54.57 44.03
N GLN A 255 -8.77 55.90 43.86
CA GLN A 255 -10.06 56.49 43.49
C GLN A 255 -9.91 57.44 42.29
N ARG A 256 -8.68 57.79 41.95
CA ARG A 256 -8.31 58.63 40.82
C ARG A 256 -7.83 57.75 39.66
N TYR A 257 -7.92 56.42 39.87
CA TYR A 257 -7.58 55.38 38.90
C TYR A 257 -8.87 54.89 38.25
N THR A 258 -8.93 54.99 36.91
CA THR A 258 -10.11 54.60 36.13
C THR A 258 -9.70 53.69 34.96
N CYS A 259 -10.55 52.69 34.65
CA CYS A 259 -10.30 51.72 33.60
C CYS A 259 -11.18 51.99 32.38
N HIS A 260 -10.56 52.00 31.19
CA HIS A 260 -11.22 52.24 29.91
C HIS A 260 -11.19 50.97 29.07
N VAL A 261 -12.37 50.46 28.71
CA VAL A 261 -12.56 49.25 27.92
C VAL A 261 -13.19 49.64 26.56
N GLN A 262 -12.56 49.19 25.46
CA GLN A 262 -13.01 49.49 24.11
C GLN A 262 -13.22 48.18 23.33
N HIS A 263 -14.47 47.93 22.92
CA HIS A 263 -14.91 46.74 22.17
C HIS A 263 -16.02 47.14 21.19
N GLU A 264 -16.22 46.36 20.10
CA GLU A 264 -17.27 46.67 19.12
C GLU A 264 -18.67 46.26 19.63
N GLY A 265 -18.71 45.49 20.73
CA GLY A 265 -19.95 45.07 21.39
C GLY A 265 -20.60 46.26 22.08
N LEU A 266 -19.75 47.10 22.72
CA LEU A 266 -20.16 48.33 23.39
C LEU A 266 -20.36 49.44 22.35
N PRO A 267 -21.44 50.26 22.42
CA PRO A 267 -21.64 51.32 21.41
C PRO A 267 -20.53 52.38 21.41
N LYS A 268 -20.07 52.81 22.60
CA LYS A 268 -19.01 53.79 22.81
C LYS A 268 -18.15 53.37 24.03
N PRO A 269 -16.85 53.78 24.14
CA PRO A 269 -16.02 53.32 25.27
C PRO A 269 -16.68 53.42 26.64
N LEU A 270 -16.52 52.36 27.44
CA LEU A 270 -17.07 52.23 28.79
C LEU A 270 -16.00 52.51 29.85
N THR A 271 -16.38 53.26 30.90
CA THR A 271 -15.49 53.64 31.99
C THR A 271 -16.03 53.16 33.33
N LEU A 272 -15.15 52.54 34.14
CA LEU A 272 -15.52 52.01 35.46
C LEU A 272 -14.36 52.16 36.47
N ARG A 273 -14.73 52.40 37.75
CA ARG A 273 -13.83 52.58 38.89
C ARG A 273 -14.12 51.52 39.96
N TRP A 274 -13.56 51.68 41.17
CA TRP A 274 -13.86 50.79 42.29
C TRP A 274 -15.06 51.39 43.03
N ILE B 2 14.66 29.22 15.01
CA ILE B 2 13.72 28.21 14.53
C ILE B 2 12.90 27.59 15.67
N GLN B 3 13.17 27.97 16.94
CA GLN B 3 12.44 27.43 18.09
C GLN B 3 11.93 28.55 19.02
N ARG B 4 10.65 28.47 19.42
CA ARG B 4 9.96 29.43 20.29
C ARG B 4 9.46 28.78 21.58
N THR B 5 9.63 29.50 22.72
CA THR B 5 9.18 29.04 24.03
C THR B 5 7.68 29.31 24.20
N PRO B 6 6.90 28.36 24.79
CA PRO B 6 5.47 28.61 24.96
C PRO B 6 5.14 29.57 26.11
N LYS B 7 4.22 30.50 25.85
CA LYS B 7 3.65 31.42 26.82
C LYS B 7 2.52 30.66 27.49
N ILE B 8 2.48 30.67 28.83
CA ILE B 8 1.48 29.89 29.55
C ILE B 8 0.60 30.77 30.45
N GLN B 9 -0.71 30.50 30.43
CA GLN B 9 -1.74 31.17 31.23
C GLN B 9 -2.72 30.15 31.80
N VAL B 10 -2.81 30.06 33.14
CA VAL B 10 -3.72 29.17 33.84
C VAL B 10 -4.80 30.03 34.50
N TYR B 11 -6.08 29.74 34.18
CA TYR B 11 -7.23 30.52 34.63
C TYR B 11 -8.51 29.68 34.61
N SER B 12 -9.55 30.19 35.29
CA SER B 12 -10.86 29.59 35.33
C SER B 12 -11.74 30.31 34.31
N ARG B 13 -12.76 29.61 33.81
CA ARG B 13 -13.69 30.16 32.82
C ARG B 13 -14.58 31.26 33.42
N HIS B 14 -14.99 31.08 34.69
CA HIS B 14 -15.84 32.00 35.46
C HIS B 14 -15.15 32.30 36.81
N PRO B 15 -15.27 33.56 37.37
CA PRO B 15 -14.58 33.88 38.64
C PRO B 15 -14.78 32.86 39.73
N ALA B 16 -13.73 32.63 40.51
CA ALA B 16 -13.73 31.58 41.51
C ALA B 16 -14.20 32.01 42.90
N GLU B 17 -15.07 31.13 43.38
CA GLU B 17 -15.75 31.09 44.67
C GLU B 17 -15.56 29.64 45.00
N ASN B 18 -15.32 29.28 46.25
CA ASN B 18 -15.03 27.89 46.56
C ASN B 18 -16.05 26.76 46.24
N GLY B 19 -17.31 26.95 46.53
CA GLY B 19 -18.42 26.03 46.25
C GLY B 19 -18.84 25.93 44.79
N LYS B 20 -18.60 27.00 44.01
CA LYS B 20 -18.96 27.10 42.60
C LYS B 20 -18.12 26.18 41.72
N SER B 21 -18.75 25.58 40.70
CA SER B 21 -18.12 24.70 39.70
C SER B 21 -17.57 25.55 38.55
N ASN B 22 -16.79 24.95 37.63
CA ASN B 22 -16.17 25.67 36.50
C ASN B 22 -15.66 24.73 35.38
N PHE B 23 -14.66 25.23 34.63
CA PHE B 23 -13.89 24.61 33.55
C PHE B 23 -12.46 25.16 33.69
N LEU B 24 -11.50 24.33 34.16
CA LEU B 24 -10.11 24.80 34.33
C LEU B 24 -9.42 24.87 32.99
N ASN B 25 -8.86 26.05 32.66
CA ASN B 25 -8.18 26.29 31.40
C ASN B 25 -6.69 26.55 31.56
N CYS B 26 -5.91 26.02 30.61
CA CYS B 26 -4.47 26.21 30.50
C CYS B 26 -4.16 26.53 29.04
N TYR B 27 -3.97 27.82 28.75
CA TYR B 27 -3.72 28.31 27.39
C TYR B 27 -2.22 28.42 27.12
N VAL B 28 -1.75 27.63 26.13
CA VAL B 28 -0.35 27.61 25.69
C VAL B 28 -0.29 28.15 24.26
N SER B 29 0.50 29.22 24.07
CA SER B 29 0.63 29.92 22.79
C SER B 29 2.07 30.39 22.55
N GLY B 30 2.34 30.84 21.32
CA GLY B 30 3.65 31.37 20.92
C GLY B 30 4.79 30.37 20.90
N PHE B 31 4.51 29.10 20.59
CA PHE B 31 5.53 28.05 20.57
C PHE B 31 5.70 27.41 19.18
N HIS B 32 6.93 26.91 18.92
CA HIS B 32 7.34 26.22 17.70
C HIS B 32 8.53 25.31 18.01
N PRO B 33 8.53 23.99 17.67
CA PRO B 33 7.53 23.21 16.91
C PRO B 33 6.22 22.95 17.67
N SER B 34 5.25 22.30 16.99
CA SER B 34 3.90 22.00 17.49
C SER B 34 3.86 20.97 18.64
N ASP B 35 4.82 20.02 18.70
CA ASP B 35 4.88 18.98 19.74
C ASP B 35 5.06 19.59 21.13
N ILE B 36 4.04 19.42 22.00
CA ILE B 36 4.02 19.95 23.36
C ILE B 36 3.33 18.96 24.33
N GLU B 37 3.76 18.97 25.60
CA GLU B 37 3.22 18.12 26.67
C GLU B 37 2.50 19.02 27.68
N VAL B 38 1.16 18.96 27.74
CA VAL B 38 0.35 19.79 28.65
C VAL B 38 -0.55 18.90 29.49
N ASP B 39 -0.55 19.13 30.82
CA ASP B 39 -1.38 18.42 31.78
C ASP B 39 -1.71 19.33 32.96
N LEU B 40 -2.96 19.23 33.44
CA LEU B 40 -3.49 20.01 34.56
C LEU B 40 -3.24 19.28 35.87
N LEU B 41 -3.01 20.03 36.97
CA LEU B 41 -2.64 19.48 38.26
C LEU B 41 -3.50 19.95 39.45
N LYS B 42 -3.72 19.04 40.42
CA LYS B 42 -4.41 19.25 41.69
C LYS B 42 -3.46 18.77 42.81
N ASN B 43 -2.85 19.73 43.53
CA ASN B 43 -1.88 19.57 44.63
C ASN B 43 -0.56 18.89 44.16
N GLY B 44 -0.45 18.56 42.88
CA GLY B 44 0.71 17.93 42.28
C GLY B 44 0.40 16.65 41.52
N GLU B 45 -0.90 16.34 41.33
CA GLU B 45 -1.37 15.13 40.67
C GLU B 45 -2.04 15.41 39.31
N ARG B 46 -1.67 14.65 38.26
CA ARG B 46 -2.21 14.81 36.90
C ARG B 46 -3.69 14.46 36.85
N ILE B 47 -4.51 15.38 36.34
CA ILE B 47 -5.95 15.20 36.19
C ILE B 47 -6.22 14.43 34.90
N GLU B 48 -7.06 13.38 34.97
CA GLU B 48 -7.49 12.61 33.80
C GLU B 48 -8.62 13.39 33.12
N LYS B 49 -8.98 13.02 31.87
CA LYS B 49 -10.07 13.63 31.08
C LYS B 49 -9.75 15.05 30.57
N VAL B 50 -8.47 15.49 30.60
CA VAL B 50 -8.09 16.83 30.11
C VAL B 50 -8.15 16.81 28.57
N GLU B 51 -9.07 17.61 28.02
CA GLU B 51 -9.33 17.74 26.59
C GLU B 51 -8.60 18.97 26.04
N HIS B 52 -8.32 18.98 24.73
CA HIS B 52 -7.62 20.11 24.11
C HIS B 52 -8.25 20.51 22.77
N SER B 53 -8.06 21.79 22.41
CA SER B 53 -8.56 22.38 21.15
C SER B 53 -7.72 21.90 19.96
N ASP B 54 -8.18 22.18 18.73
CA ASP B 54 -7.48 21.80 17.51
C ASP B 54 -6.24 22.65 17.29
N LEU B 55 -5.27 22.13 16.56
CA LEU B 55 -4.07 22.85 16.32
C LEU B 55 -4.08 23.93 15.28
N SER B 56 -3.91 25.17 15.74
CA SER B 56 -3.83 26.31 14.85
C SER B 56 -2.68 27.19 15.24
N PHE B 57 -2.35 28.13 14.38
CA PHE B 57 -1.27 29.00 14.63
C PHE B 57 -1.58 30.45 14.37
N SER B 58 -0.70 31.33 14.84
CA SER B 58 -0.85 32.78 14.72
C SER B 58 -0.15 33.31 13.45
N LYS B 59 -0.18 34.65 13.27
CA LYS B 59 0.40 35.39 12.14
C LYS B 59 1.91 35.18 12.01
N ASP B 60 2.60 35.05 13.16
CA ASP B 60 4.06 34.85 13.23
C ASP B 60 4.45 33.36 13.10
N TRP B 61 3.45 32.48 12.76
CA TRP B 61 3.54 31.03 12.54
C TRP B 61 3.63 30.22 13.85
N SER B 62 3.58 30.89 15.02
CA SER B 62 3.65 30.23 16.32
C SER B 62 2.32 29.56 16.66
N PHE B 63 2.37 28.32 17.17
CA PHE B 63 1.21 27.50 17.51
C PHE B 63 0.54 27.90 18.82
N TYR B 64 -0.77 27.58 18.94
CA TYR B 64 -1.58 27.82 20.13
C TYR B 64 -2.66 26.74 20.28
N LEU B 65 -2.95 26.33 21.52
CA LEU B 65 -4.03 25.38 21.87
C LEU B 65 -4.40 25.53 23.34
N LEU B 66 -5.68 25.28 23.63
CA LEU B 66 -6.27 25.40 24.96
C LEU B 66 -6.56 24.03 25.56
N TYR B 67 -5.99 23.76 26.75
CA TYR B 67 -6.19 22.52 27.48
C TYR B 67 -7.21 22.78 28.60
N TYR B 68 -8.33 22.03 28.60
CA TYR B 68 -9.42 22.22 29.54
C TYR B 68 -10.06 20.90 30.02
N THR B 69 -10.71 20.95 31.19
CA THR B 69 -11.45 19.84 31.79
C THR B 69 -12.55 20.40 32.70
N GLU B 70 -13.63 19.62 32.95
CA GLU B 70 -14.73 20.04 33.81
C GLU B 70 -14.24 19.95 35.27
N PHE B 71 -13.88 21.11 35.86
CA PHE B 71 -13.30 21.22 37.21
C PHE B 71 -14.23 21.95 38.18
N THR B 72 -14.11 21.66 39.47
CA THR B 72 -14.90 22.36 40.46
C THR B 72 -13.86 22.85 41.40
N PRO B 73 -13.83 24.14 41.61
CA PRO B 73 -12.81 24.78 42.39
C PRO B 73 -12.74 24.18 43.75
N THR B 74 -13.87 23.87 44.31
CA THR B 74 -13.89 23.20 45.58
C THR B 74 -13.18 23.92 46.74
N GLU B 75 -12.35 23.18 47.46
CA GLU B 75 -11.71 23.58 48.70
C GLU B 75 -10.79 24.78 48.65
N LYS B 76 -10.47 25.28 47.45
CA LYS B 76 -9.56 26.43 47.31
C LYS B 76 -8.14 26.10 47.79
N ASP B 77 -7.72 24.89 47.45
CA ASP B 77 -6.43 24.25 47.77
C ASP B 77 -5.64 24.45 46.47
N GLU B 78 -4.45 23.87 46.37
CA GLU B 78 -3.63 24.05 45.18
C GLU B 78 -3.85 23.56 43.77
N TYR B 79 -3.69 24.46 42.79
CA TYR B 79 -3.89 24.12 41.39
C TYR B 79 -2.79 24.58 40.48
N ALA B 80 -2.51 23.81 39.43
CA ALA B 80 -1.41 24.27 38.58
C ALA B 80 -1.44 23.61 37.20
N CYS B 81 -0.59 24.10 36.27
CA CYS B 81 -0.47 23.56 34.92
C CYS B 81 1.02 23.34 34.61
N ARG B 82 1.38 22.09 34.25
CA ARG B 82 2.74 21.69 33.92
C ARG B 82 2.87 21.54 32.40
N VAL B 83 3.86 22.24 31.81
CA VAL B 83 4.09 22.23 30.36
C VAL B 83 5.55 21.90 30.05
N ASN B 84 5.74 20.95 29.12
CA ASN B 84 7.06 20.52 28.67
C ASN B 84 7.17 20.68 27.15
N HIS B 85 8.25 21.34 26.71
CA HIS B 85 8.57 21.61 25.31
C HIS B 85 10.06 21.39 25.07
N VAL B 86 10.45 21.08 23.82
CA VAL B 86 11.85 20.83 23.40
C VAL B 86 12.78 22.04 23.76
N THR B 87 12.20 23.24 23.85
CA THR B 87 12.90 24.49 24.17
C THR B 87 13.10 24.67 25.70
N LEU B 88 12.39 23.87 26.52
CA LEU B 88 12.47 23.94 27.99
C LEU B 88 13.43 22.87 28.53
N SER B 89 14.36 23.29 29.42
CA SER B 89 15.33 22.40 30.06
C SER B 89 14.64 21.43 31.03
N GLN B 90 13.61 21.93 31.73
CA GLN B 90 12.78 21.21 32.69
C GLN B 90 11.31 21.64 32.54
N PRO B 91 10.29 20.81 32.90
CA PRO B 91 8.89 21.25 32.72
C PRO B 91 8.56 22.48 33.56
N LYS B 92 7.88 23.46 32.96
CA LYS B 92 7.51 24.71 33.62
C LYS B 92 6.12 24.58 34.25
N ILE B 93 6.05 24.83 35.56
CA ILE B 93 4.81 24.74 36.35
C ILE B 93 4.36 26.14 36.74
N VAL B 94 3.12 26.50 36.38
CA VAL B 94 2.54 27.79 36.74
C VAL B 94 1.32 27.51 37.63
N LYS B 95 1.38 28.05 38.87
CA LYS B 95 0.32 27.86 39.85
C LYS B 95 -0.89 28.73 39.52
N TRP B 96 -2.10 28.17 39.66
CA TRP B 96 -3.33 28.88 39.39
C TRP B 96 -3.63 29.85 40.52
N ASP B 97 -3.76 31.13 40.17
CA ASP B 97 -4.09 32.19 41.12
C ASP B 97 -5.52 32.63 40.84
N ARG B 98 -6.37 32.58 41.87
CA ARG B 98 -7.79 32.94 41.85
C ARG B 98 -8.01 34.40 41.42
N ASP B 99 -7.09 35.29 41.84
CA ASP B 99 -7.15 36.69 41.47
C ASP B 99 -6.90 36.83 39.97
N MET B 100 -5.85 36.18 39.41
CA MET B 100 -5.54 36.24 37.97
C MET B 100 -5.86 34.91 37.23
N LEU C 1 -15.32 27.54 1.62
CA LEU C 1 -14.79 26.50 0.73
C LEU C 1 -13.29 26.73 0.51
N PRO C 2 -12.44 25.68 0.65
CA PRO C 2 -10.99 25.89 0.47
C PRO C 2 -10.57 25.97 -1.01
N PHE C 3 -9.30 26.39 -1.25
CA PHE C 3 -8.69 26.49 -2.58
C PHE C 3 -8.55 25.08 -3.15
N GLU C 4 -9.03 24.87 -4.39
CA GLU C 4 -9.09 23.55 -5.02
C GLU C 4 -7.95 23.28 -6.02
N LYS C 5 -6.74 23.70 -5.67
CA LYS C 5 -5.54 23.42 -6.46
C LYS C 5 -4.43 23.06 -5.49
N SER C 6 -4.03 21.78 -5.51
CA SER C 6 -2.98 21.24 -4.67
C SER C 6 -1.72 21.07 -5.50
N THR C 7 -0.71 21.91 -5.24
CA THR C 7 0.54 21.90 -6.00
C THR C 7 1.71 21.57 -5.10
N ILE C 8 2.52 20.61 -5.54
CA ILE C 8 3.72 20.13 -4.85
C ILE C 8 4.80 21.22 -4.92
N MET C 9 5.44 21.48 -3.77
CA MET C 9 6.49 22.47 -3.57
C MET C 9 7.86 21.92 -4.02
N GLN D 1 -22.08 18.37 -15.15
CA GLN D 1 -20.97 19.15 -15.71
C GLN D 1 -20.71 18.73 -17.15
N SER D 2 -20.85 19.68 -18.09
CA SER D 2 -20.64 19.44 -19.51
C SER D 2 -20.08 20.69 -20.22
N LEU D 3 -19.76 20.53 -21.50
CA LEU D 3 -19.28 21.59 -22.37
C LEU D 3 -19.64 21.27 -23.82
N GLU D 4 -19.93 22.31 -24.60
CA GLU D 4 -20.36 22.19 -26.00
C GLU D 4 -19.40 22.91 -26.94
N GLN D 5 -19.09 22.27 -28.07
CA GLN D 5 -18.25 22.78 -29.15
C GLN D 5 -18.77 22.23 -30.50
N PRO D 6 -18.60 22.91 -31.66
CA PRO D 6 -19.11 22.36 -32.92
C PRO D 6 -18.52 20.99 -33.26
N SER D 7 -19.27 20.18 -34.00
CA SER D 7 -18.84 18.84 -34.41
C SER D 7 -17.74 18.91 -35.48
N GLU D 8 -17.94 19.79 -36.48
CA GLU D 8 -17.02 19.98 -37.61
C GLU D 8 -16.81 21.45 -37.94
N VAL D 9 -15.65 21.75 -38.53
CA VAL D 9 -15.28 23.10 -38.99
C VAL D 9 -14.35 22.93 -40.20
N THR D 10 -14.57 23.71 -41.25
CA THR D 10 -13.80 23.62 -42.50
C THR D 10 -13.26 25.01 -42.90
N ALA D 11 -12.01 25.04 -43.39
CA ALA D 11 -11.33 26.24 -43.86
C ALA D 11 -10.26 25.90 -44.90
N VAL D 12 -9.98 26.85 -45.81
CA VAL D 12 -8.99 26.70 -46.88
C VAL D 12 -7.58 26.91 -46.31
N GLU D 13 -6.54 26.38 -46.99
CA GLU D 13 -5.12 26.50 -46.62
C GLU D 13 -4.70 27.98 -46.66
N GLY D 14 -4.02 28.42 -45.60
CA GLY D 14 -3.55 29.80 -45.45
C GLY D 14 -4.51 30.73 -44.75
N ALA D 15 -5.79 30.32 -44.65
CA ALA D 15 -6.86 31.10 -44.00
C ALA D 15 -6.81 30.94 -42.47
N ILE D 16 -7.81 31.51 -41.77
CA ILE D 16 -7.92 31.43 -40.32
C ILE D 16 -9.22 30.70 -39.96
N VAL D 17 -9.26 30.05 -38.79
CA VAL D 17 -10.46 29.31 -38.35
C VAL D 17 -10.66 29.50 -36.83
N GLN D 18 -11.94 29.56 -36.41
CA GLN D 18 -12.33 29.71 -35.01
C GLN D 18 -13.13 28.50 -34.55
N ILE D 19 -12.75 27.94 -33.39
CA ILE D 19 -13.43 26.81 -32.77
C ILE D 19 -13.97 27.32 -31.43
N ASN D 20 -15.30 27.50 -31.34
CA ASN D 20 -15.97 28.00 -30.14
C ASN D 20 -16.19 26.88 -29.10
N CYS D 21 -16.28 27.27 -27.82
N CYS D 21 -16.27 27.26 -27.82
CA CYS D 21 -16.51 26.33 -26.70
CA CYS D 21 -16.49 26.36 -26.69
C CYS D 21 -17.23 27.04 -25.56
C CYS D 21 -17.24 27.07 -25.57
N THR D 22 -18.34 26.45 -25.10
CA THR D 22 -19.15 26.96 -23.99
C THR D 22 -19.19 25.87 -22.94
N TYR D 23 -18.97 26.22 -21.67
CA TYR D 23 -18.97 25.25 -20.58
C TYR D 23 -20.09 25.53 -19.58
N GLN D 24 -20.64 24.44 -19.02
CA GLN D 24 -21.75 24.43 -18.07
C GLN D 24 -21.32 23.61 -16.86
N THR D 25 -20.85 24.31 -15.80
CA THR D 25 -20.35 23.65 -14.60
C THR D 25 -20.56 24.51 -13.34
N SER D 26 -20.53 23.86 -12.16
CA SER D 26 -20.68 24.47 -10.85
C SER D 26 -19.45 25.33 -10.49
N GLY D 27 -18.24 24.84 -10.78
CA GLY D 27 -17.00 25.54 -10.52
C GLY D 27 -16.11 25.70 -11.74
N PHE D 28 -15.24 26.72 -11.75
CA PHE D 28 -14.33 26.96 -12.87
C PHE D 28 -12.95 27.32 -12.35
N TYR D 29 -11.93 26.66 -12.90
CA TYR D 29 -10.53 26.87 -12.55
C TYR D 29 -9.68 27.10 -13.80
N GLY D 30 -10.11 26.59 -14.94
CA GLY D 30 -9.38 26.77 -16.19
C GLY D 30 -9.98 26.12 -17.41
N LEU D 31 -9.70 26.72 -18.58
CA LEU D 31 -10.14 26.22 -19.88
C LEU D 31 -8.90 25.97 -20.73
N SER D 32 -8.74 24.75 -21.23
CA SER D 32 -7.57 24.37 -22.03
C SER D 32 -7.96 23.78 -23.37
N TRP D 33 -7.01 23.75 -24.31
CA TRP D 33 -7.20 23.23 -25.66
C TRP D 33 -6.16 22.18 -25.99
N TYR D 34 -6.61 21.09 -26.64
CA TYR D 34 -5.78 19.95 -27.01
C TYR D 34 -6.04 19.55 -28.47
N GLN D 35 -4.95 19.23 -29.19
CA GLN D 35 -4.99 18.77 -30.58
C GLN D 35 -4.74 17.27 -30.60
N GLN D 36 -5.60 16.51 -31.32
CA GLN D 36 -5.44 15.06 -31.41
C GLN D 36 -5.63 14.57 -32.84
N HIS D 37 -4.59 13.91 -33.38
CA HIS D 37 -4.62 13.28 -34.70
C HIS D 37 -5.19 11.87 -34.55
N ASP D 38 -5.74 11.30 -35.64
CA ASP D 38 -6.35 9.98 -35.65
C ASP D 38 -5.41 8.92 -35.08
N GLY D 39 -5.82 8.36 -33.94
CA GLY D 39 -5.06 7.34 -33.19
C GLY D 39 -3.77 7.86 -32.58
N GLY D 40 -3.75 9.16 -32.27
CA GLY D 40 -2.60 9.83 -31.67
C GLY D 40 -2.82 10.30 -30.26
N ALA D 41 -1.79 10.94 -29.69
CA ALA D 41 -1.79 11.48 -28.34
C ALA D 41 -2.32 12.93 -28.32
N PRO D 42 -3.32 13.26 -27.46
CA PRO D 42 -3.77 14.66 -27.37
C PRO D 42 -2.62 15.54 -26.86
N THR D 43 -2.27 16.58 -27.64
CA THR D 43 -1.16 17.47 -27.32
C THR D 43 -1.72 18.85 -26.93
N PHE D 44 -1.19 19.40 -25.84
CA PHE D 44 -1.56 20.70 -25.27
C PHE D 44 -1.26 21.84 -26.24
N LEU D 45 -2.20 22.78 -26.35
CA LEU D 45 -2.08 23.97 -27.20
C LEU D 45 -1.99 25.24 -26.35
N SER D 46 -3.02 25.51 -25.52
CA SER D 46 -3.07 26.69 -24.65
C SER D 46 -4.02 26.50 -23.45
N TYR D 47 -3.78 27.27 -22.37
CA TYR D 47 -4.55 27.25 -21.12
C TYR D 47 -4.95 28.65 -20.71
N ASN D 48 -6.24 28.85 -20.37
CA ASN D 48 -6.78 30.11 -19.90
C ASN D 48 -7.35 29.95 -18.50
N ALA D 49 -6.74 30.62 -17.52
CA ALA D 49 -7.21 30.60 -16.13
C ALA D 49 -8.03 31.86 -15.87
N LEU D 50 -7.45 33.02 -16.24
CA LEU D 50 -8.07 34.34 -16.12
C LEU D 50 -8.63 34.79 -17.47
N ASP D 51 -9.46 35.85 -17.47
CA ASP D 51 -10.04 36.43 -18.69
C ASP D 51 -8.95 37.03 -19.56
N GLY D 52 -9.11 36.87 -20.87
CA GLY D 52 -8.16 37.40 -21.83
C GLY D 52 -7.76 36.46 -22.94
N LEU D 53 -6.66 36.79 -23.63
CA LEU D 53 -6.14 36.03 -24.75
C LEU D 53 -4.75 35.46 -24.44
N GLU D 54 -4.54 34.21 -24.83
CA GLU D 54 -3.27 33.49 -24.72
C GLU D 54 -2.76 33.24 -26.13
N GLU D 55 -1.55 33.72 -26.45
CA GLU D 55 -0.97 33.59 -27.79
C GLU D 55 0.28 32.70 -27.76
N THR D 56 0.30 31.67 -28.63
CA THR D 56 1.41 30.72 -28.77
C THR D 56 1.55 30.37 -30.26
N GLY D 57 2.38 31.15 -30.95
CA GLY D 57 2.64 30.99 -32.38
C GLY D 57 1.45 31.34 -33.24
N ARG D 58 1.02 30.39 -34.09
CA ARG D 58 -0.13 30.53 -35.00
C ARG D 58 -1.45 30.30 -34.26
N PHE D 59 -1.39 29.74 -33.05
CA PHE D 59 -2.58 29.42 -32.27
C PHE D 59 -2.77 30.37 -31.08
N SER D 60 -4.03 30.77 -30.85
CA SER D 60 -4.41 31.66 -29.75
C SER D 60 -5.76 31.21 -29.17
N SER D 61 -5.97 31.46 -27.86
CA SER D 61 -7.23 31.11 -27.22
C SER D 61 -7.73 32.22 -26.32
N PHE D 62 -9.03 32.54 -26.44
CA PHE D 62 -9.72 33.58 -25.67
C PHE D 62 -10.60 32.95 -24.58
N LEU D 63 -10.84 33.69 -23.48
CA LEU D 63 -11.73 33.26 -22.41
C LEU D 63 -12.48 34.43 -21.78
N SER D 64 -13.79 34.24 -21.57
CA SER D 64 -14.71 35.13 -20.87
C SER D 64 -15.46 34.28 -19.85
N ARG D 65 -15.05 34.37 -18.57
CA ARG D 65 -15.58 33.61 -17.44
C ARG D 65 -17.06 33.93 -17.17
N SER D 66 -17.44 35.23 -17.26
CA SER D 66 -18.80 35.72 -17.03
C SER D 66 -19.79 35.16 -18.07
N ASP D 67 -19.30 34.95 -19.30
CA ASP D 67 -20.09 34.41 -20.41
C ASP D 67 -19.92 32.89 -20.54
N SER D 68 -19.05 32.27 -19.68
CA SER D 68 -18.71 30.83 -19.68
C SER D 68 -18.39 30.39 -21.12
N TYR D 69 -17.61 31.24 -21.82
CA TYR D 69 -17.27 31.10 -23.22
C TYR D 69 -15.78 31.29 -23.48
N GLY D 70 -15.28 30.50 -24.40
CA GLY D 70 -13.90 30.54 -24.86
C GLY D 70 -13.80 30.04 -26.29
N TYR D 71 -12.74 30.44 -27.00
CA TYR D 71 -12.54 29.95 -28.36
C TYR D 71 -11.08 29.81 -28.71
N LEU D 72 -10.80 28.96 -29.69
CA LEU D 72 -9.46 28.70 -30.21
C LEU D 72 -9.39 29.23 -31.64
N LEU D 73 -8.41 30.10 -31.89
CA LEU D 73 -8.19 30.72 -33.20
C LEU D 73 -6.88 30.20 -33.79
N LEU D 74 -6.95 29.62 -34.99
CA LEU D 74 -5.80 29.05 -35.69
C LEU D 74 -5.52 29.86 -36.95
N GLN D 75 -4.33 30.50 -37.01
CA GLN D 75 -3.91 31.35 -38.13
C GLN D 75 -2.96 30.61 -39.09
N GLU D 76 -2.89 31.07 -40.36
CA GLU D 76 -2.06 30.55 -41.46
C GLU D 76 -2.14 29.01 -41.50
N LEU D 77 -3.36 28.50 -41.74
CA LEU D 77 -3.69 27.09 -41.73
C LEU D 77 -2.89 26.27 -42.73
N GLN D 78 -2.36 25.14 -42.24
CA GLN D 78 -1.55 24.18 -42.98
C GLN D 78 -2.28 22.83 -43.01
N MET D 79 -1.83 21.90 -43.88
CA MET D 79 -2.42 20.57 -44.05
C MET D 79 -2.30 19.71 -42.78
N LYS D 80 -1.22 19.92 -41.98
CA LYS D 80 -0.97 19.21 -40.73
C LYS D 80 -1.95 19.62 -39.61
N ASP D 81 -2.64 20.77 -39.78
CA ASP D 81 -3.61 21.27 -38.79
C ASP D 81 -4.91 20.47 -38.83
N SER D 82 -5.14 19.67 -39.90
CA SER D 82 -6.32 18.80 -40.04
C SER D 82 -6.28 17.71 -38.97
N ALA D 83 -7.04 17.94 -37.87
CA ALA D 83 -7.11 17.06 -36.70
C ALA D 83 -8.39 17.33 -35.89
N SER D 84 -8.49 16.71 -34.70
CA SER D 84 -9.58 16.92 -33.76
C SER D 84 -9.10 17.86 -32.66
N TYR D 85 -9.91 18.87 -32.34
CA TYR D 85 -9.57 19.87 -31.33
C TYR D 85 -10.54 19.76 -30.17
N PHE D 86 -9.99 19.58 -28.97
CA PHE D 86 -10.77 19.36 -27.77
C PHE D 86 -10.62 20.47 -26.75
N CYS D 87 -11.75 21.02 -26.29
N CYS D 87 -11.76 20.93 -26.26
CA CYS D 87 -11.70 22.01 -25.22
CA CYS D 87 -11.90 21.94 -25.22
C CYS D 87 -11.99 21.29 -23.92
C CYS D 87 -12.01 21.21 -23.89
N ALA D 88 -11.14 21.54 -22.92
CA ALA D 88 -11.17 20.91 -21.62
C ALA D 88 -11.42 21.91 -20.51
N VAL D 89 -12.28 21.54 -19.54
CA VAL D 89 -12.61 22.42 -18.42
C VAL D 89 -12.14 21.80 -17.09
N ASP D 90 -11.44 22.61 -16.31
CA ASP D 90 -10.97 22.30 -14.97
C ASP D 90 -11.92 23.00 -14.00
N THR D 91 -12.51 22.24 -13.07
CA THR D 91 -13.54 22.72 -12.15
C THR D 91 -13.10 22.66 -10.67
N GLY D 92 -11.82 22.41 -10.46
CA GLY D 92 -11.25 22.26 -9.12
C GLY D 92 -10.85 20.82 -8.86
N GLY D 93 -9.73 20.65 -8.18
CA GLY D 93 -9.20 19.34 -7.85
C GLY D 93 -8.29 18.83 -8.93
N PHE D 94 -8.72 17.79 -9.68
CA PHE D 94 -7.94 17.12 -10.72
C PHE D 94 -8.77 16.57 -11.88
N LYS D 95 -10.09 16.37 -11.68
CA LYS D 95 -11.01 15.81 -12.68
C LYS D 95 -11.29 16.82 -13.81
N THR D 96 -10.74 16.53 -15.01
CA THR D 96 -10.89 17.36 -16.20
C THR D 96 -11.99 16.80 -17.10
N ILE D 97 -12.91 17.67 -17.55
CA ILE D 97 -14.01 17.29 -18.44
C ILE D 97 -13.63 17.75 -19.86
N PHE D 98 -13.67 16.82 -20.81
CA PHE D 98 -13.35 17.07 -22.22
C PHE D 98 -14.61 17.06 -23.07
N GLY D 99 -14.63 17.91 -24.10
CA GLY D 99 -15.73 17.99 -25.04
C GLY D 99 -15.67 16.88 -26.07
N ALA D 100 -16.75 16.74 -26.87
CA ALA D 100 -16.86 15.73 -27.92
C ALA D 100 -15.77 15.89 -29.00
N GLY D 101 -15.30 17.13 -29.18
CA GLY D 101 -14.26 17.47 -30.13
C GLY D 101 -14.77 18.07 -31.41
N THR D 102 -13.92 18.89 -32.05
CA THR D 102 -14.20 19.54 -33.32
C THR D 102 -13.20 19.03 -34.35
N ARG D 103 -13.69 18.37 -35.40
CA ARG D 103 -12.82 17.89 -36.45
C ARG D 103 -12.61 19.02 -37.46
N LEU D 104 -11.35 19.45 -37.62
CA LEU D 104 -10.99 20.51 -38.56
C LEU D 104 -10.52 19.90 -39.87
N PHE D 105 -11.10 20.39 -40.98
CA PHE D 105 -10.76 19.97 -42.33
C PHE D 105 -10.08 21.13 -43.05
N VAL D 106 -8.79 21.01 -43.34
CA VAL D 106 -8.05 22.06 -44.05
C VAL D 106 -8.09 21.71 -45.54
N LYS D 107 -8.80 22.54 -46.32
CA LYS D 107 -8.97 22.37 -47.76
C LYS D 107 -7.70 22.79 -48.48
N ALA D 108 -7.11 21.86 -49.23
CA ALA D 108 -5.87 22.07 -49.98
C ALA D 108 -6.10 22.94 -51.20
N ASN D 109 -5.21 23.94 -51.40
CA ASN D 109 -5.28 24.83 -52.54
C ASN D 109 -4.49 24.23 -53.71
N ILE D 110 -5.21 23.81 -54.76
CA ILE D 110 -4.61 23.23 -55.97
C ILE D 110 -4.51 24.36 -57.00
N GLN D 111 -3.28 24.88 -57.20
CA GLN D 111 -2.95 25.98 -58.10
C GLN D 111 -3.25 25.64 -59.57
N ASN D 112 -2.74 24.50 -60.05
CA ASN D 112 -2.93 24.05 -61.43
C ASN D 112 -3.60 22.66 -61.46
N PRO D 113 -4.96 22.61 -61.51
CA PRO D 113 -5.65 21.31 -61.52
C PRO D 113 -5.54 20.62 -62.87
N ASP D 114 -5.21 19.32 -62.86
CA ASP D 114 -5.08 18.48 -64.05
C ASP D 114 -5.82 17.13 -63.81
N PRO D 115 -7.18 17.13 -63.73
CA PRO D 115 -7.90 15.86 -63.45
C PRO D 115 -7.70 14.79 -64.51
N ALA D 116 -7.38 13.56 -64.07
CA ALA D 116 -7.13 12.40 -64.93
C ALA D 116 -7.30 11.08 -64.17
N VAL D 117 -7.65 10.01 -64.89
CA VAL D 117 -7.83 8.65 -64.37
C VAL D 117 -6.81 7.73 -65.06
N TYR D 118 -6.00 7.01 -64.26
CA TYR D 118 -4.95 6.11 -64.75
C TYR D 118 -5.15 4.67 -64.30
N GLN D 119 -4.55 3.68 -65.02
CA GLN D 119 -4.64 2.26 -64.70
C GLN D 119 -3.28 1.70 -64.29
N LEU D 120 -3.18 1.23 -63.04
CA LEU D 120 -1.95 0.69 -62.46
C LEU D 120 -1.96 -0.83 -62.45
N ARG D 121 -0.77 -1.44 -62.66
CA ARG D 121 -0.60 -2.89 -62.70
C ARG D 121 0.36 -3.39 -61.62
N ASP D 122 -0.01 -4.49 -60.97
CA ASP D 122 0.75 -5.20 -59.93
C ASP D 122 1.88 -6.02 -60.57
N SER D 123 2.85 -6.49 -59.75
CA SER D 123 3.95 -7.37 -60.19
C SER D 123 3.38 -8.67 -60.76
N LYS D 124 2.28 -9.16 -60.15
CA LYS D 124 1.51 -10.33 -60.55
C LYS D 124 0.03 -9.93 -60.55
N SER D 125 -0.54 -9.71 -61.75
CA SER D 125 -1.94 -9.29 -61.92
C SER D 125 -2.95 -10.45 -61.73
N SER D 126 -2.62 -11.41 -60.83
CA SER D 126 -3.45 -12.57 -60.51
C SER D 126 -4.56 -12.31 -59.46
N ASP D 127 -4.74 -11.03 -59.06
CA ASP D 127 -5.77 -10.62 -58.10
C ASP D 127 -6.78 -9.56 -58.58
N LYS D 128 -6.33 -8.33 -58.92
CA LYS D 128 -7.20 -7.23 -59.39
C LYS D 128 -6.41 -6.10 -60.09
N SER D 129 -7.15 -5.13 -60.67
CA SER D 129 -6.63 -3.94 -61.35
C SER D 129 -7.02 -2.68 -60.57
N VAL D 130 -6.15 -1.67 -60.54
CA VAL D 130 -6.37 -0.43 -59.78
C VAL D 130 -6.48 0.79 -60.71
N CYS D 131 -7.49 1.63 -60.46
CA CYS D 131 -7.79 2.87 -61.16
C CYS D 131 -7.59 4.05 -60.21
N LEU D 132 -6.68 4.98 -60.56
CA LEU D 132 -6.37 6.15 -59.73
C LEU D 132 -6.82 7.46 -60.38
N PHE D 133 -7.73 8.16 -59.68
CA PHE D 133 -8.24 9.48 -60.07
C PHE D 133 -7.49 10.50 -59.23
N THR D 134 -6.65 11.33 -59.88
CA THR D 134 -5.79 12.29 -59.19
C THR D 134 -5.74 13.68 -59.87
N ASP D 135 -5.08 14.65 -59.19
CA ASP D 135 -4.82 16.05 -59.58
C ASP D 135 -6.13 16.84 -59.82
N PHE D 136 -7.18 16.54 -59.03
CA PHE D 136 -8.46 17.24 -59.12
C PHE D 136 -8.58 18.29 -58.01
N ASP D 137 -9.40 19.33 -58.24
CA ASP D 137 -9.63 20.45 -57.33
C ASP D 137 -10.36 19.97 -56.04
N SER D 138 -10.16 20.69 -54.93
CA SER D 138 -10.74 20.39 -53.62
C SER D 138 -12.26 20.58 -53.57
N GLN D 139 -12.86 21.30 -54.54
CA GLN D 139 -14.30 21.54 -54.61
C GLN D 139 -15.04 20.40 -55.36
N THR D 140 -14.35 19.27 -55.60
CA THR D 140 -14.89 18.08 -56.26
C THR D 140 -15.18 17.02 -55.19
N ASN D 141 -16.38 16.42 -55.24
CA ASN D 141 -16.84 15.41 -54.29
C ASN D 141 -16.75 14.00 -54.88
N VAL D 142 -16.44 13.00 -54.03
CA VAL D 142 -16.34 11.60 -54.41
C VAL D 142 -17.37 10.78 -53.58
N SER D 143 -18.32 10.14 -54.28
CA SER D 143 -19.39 9.33 -53.67
C SER D 143 -19.10 7.83 -53.81
N GLN D 144 -19.79 6.99 -53.00
CA GLN D 144 -19.63 5.54 -52.98
C GLN D 144 -20.15 4.88 -54.27
N SER D 145 -19.54 3.75 -54.65
CA SER D 145 -19.86 2.97 -55.85
C SER D 145 -21.22 2.29 -55.79
N LYS D 146 -21.86 2.14 -56.97
CA LYS D 146 -23.15 1.47 -57.12
C LYS D 146 -22.96 -0.05 -57.04
N ASP D 147 -21.90 -0.56 -57.71
CA ASP D 147 -21.54 -1.98 -57.73
C ASP D 147 -20.95 -2.39 -56.38
N SER D 148 -21.36 -3.58 -55.88
CA SER D 148 -20.92 -4.12 -54.60
C SER D 148 -19.48 -4.66 -54.68
N ASP D 149 -19.03 -5.08 -55.87
CA ASP D 149 -17.69 -5.63 -56.11
C ASP D 149 -16.63 -4.54 -56.33
N VAL D 150 -17.06 -3.29 -56.59
CA VAL D 150 -16.16 -2.15 -56.82
C VAL D 150 -15.98 -1.37 -55.50
N TYR D 151 -14.72 -1.23 -55.05
CA TYR D 151 -14.39 -0.51 -53.82
C TYR D 151 -13.70 0.82 -54.15
N ILE D 152 -14.31 1.95 -53.72
CA ILE D 152 -13.76 3.29 -53.96
C ILE D 152 -13.46 3.97 -52.62
N THR D 153 -12.21 4.40 -52.43
CA THR D 153 -11.74 5.10 -51.22
C THR D 153 -12.05 6.59 -51.30
N ASP D 154 -12.20 7.24 -50.13
CA ASP D 154 -12.44 8.69 -50.05
C ASP D 154 -11.15 9.44 -50.42
N LYS D 155 -11.29 10.65 -50.99
CA LYS D 155 -10.17 11.48 -51.43
C LYS D 155 -9.28 11.93 -50.25
N CYS D 156 -7.95 11.95 -50.49
CA CYS D 156 -6.94 12.37 -49.53
C CYS D 156 -5.84 13.18 -50.26
N VAL D 157 -5.19 14.12 -49.54
CA VAL D 157 -4.18 15.01 -50.11
C VAL D 157 -2.75 14.62 -49.71
N LEU D 158 -1.86 14.47 -50.71
CA LEU D 158 -0.44 14.17 -50.51
C LEU D 158 0.40 15.41 -50.78
N ASP D 159 1.50 15.60 -50.02
CA ASP D 159 2.37 16.75 -50.19
C ASP D 159 3.80 16.34 -50.56
N MET D 160 4.22 16.72 -51.78
CA MET D 160 5.56 16.49 -52.30
C MET D 160 6.40 17.69 -51.89
N ARG D 161 6.80 17.70 -50.60
CA ARG D 161 7.55 18.73 -49.88
C ARG D 161 8.75 19.30 -50.65
N SER D 162 9.47 18.45 -51.40
CA SER D 162 10.65 18.84 -52.19
C SER D 162 10.30 19.74 -53.38
N MET D 163 9.21 19.42 -54.10
CA MET D 163 8.76 20.17 -55.28
C MET D 163 7.67 21.21 -54.94
N ASP D 164 7.28 21.29 -53.64
CA ASP D 164 6.25 22.17 -53.09
C ASP D 164 4.93 22.01 -53.89
N PHE D 165 4.50 20.75 -54.04
CA PHE D 165 3.31 20.36 -54.79
C PHE D 165 2.35 19.55 -53.93
N LYS D 166 1.04 19.80 -54.10
CA LYS D 166 -0.06 19.11 -53.40
C LYS D 166 -1.13 18.64 -54.39
N SER D 167 -1.65 17.42 -54.21
CA SER D 167 -2.66 16.84 -55.10
C SER D 167 -3.60 15.87 -54.38
N ASN D 168 -4.90 15.92 -54.76
CA ASN D 168 -5.94 15.03 -54.24
C ASN D 168 -5.93 13.72 -55.02
N SER D 169 -6.30 12.59 -54.37
CA SER D 169 -6.29 11.28 -55.02
C SER D 169 -7.35 10.31 -54.46
N ALA D 170 -7.99 9.55 -55.36
CA ALA D 170 -9.01 8.54 -55.05
C ALA D 170 -8.64 7.21 -55.73
N VAL D 171 -8.72 6.10 -54.98
CA VAL D 171 -8.36 4.76 -55.46
C VAL D 171 -9.62 3.88 -55.63
N ALA D 172 -9.74 3.22 -56.80
CA ALA D 172 -10.84 2.32 -57.16
C ALA D 172 -10.30 0.99 -57.68
N TRP D 173 -10.81 -0.15 -57.16
CA TRP D 173 -10.35 -1.48 -57.58
C TRP D 173 -11.47 -2.54 -57.47
N SER D 174 -11.40 -3.56 -58.36
CA SER D 174 -12.31 -4.70 -58.44
C SER D 174 -11.63 -5.88 -59.14
N ASN D 175 -11.88 -7.11 -58.66
CA ASN D 175 -11.29 -8.34 -59.20
C ASN D 175 -11.99 -8.79 -60.52
N LYS D 176 -13.20 -8.27 -60.79
CA LYS D 176 -13.99 -8.59 -61.99
C LYS D 176 -13.37 -7.95 -63.24
N SER D 177 -13.41 -8.68 -64.37
CA SER D 177 -12.89 -8.26 -65.68
C SER D 177 -13.76 -7.16 -66.32
N ASP D 178 -15.02 -7.00 -65.85
CA ASP D 178 -15.99 -6.00 -66.32
C ASP D 178 -15.56 -4.58 -65.91
N PHE D 179 -14.77 -4.46 -64.83
CA PHE D 179 -14.27 -3.20 -64.27
C PHE D 179 -13.20 -2.58 -65.19
N ALA D 180 -13.39 -1.29 -65.52
CA ALA D 180 -12.49 -0.47 -66.37
C ALA D 180 -12.53 1.00 -65.93
N CYS D 181 -11.50 1.78 -66.35
CA CYS D 181 -11.30 3.19 -66.01
C CYS D 181 -12.49 4.09 -66.41
N ALA D 182 -13.10 3.84 -67.59
CA ALA D 182 -14.21 4.63 -68.14
C ALA D 182 -15.48 4.59 -67.27
N ASN D 183 -15.85 3.41 -66.75
CA ASN D 183 -17.06 3.23 -65.94
C ASN D 183 -16.77 3.31 -64.42
N ALA D 184 -15.48 3.23 -64.03
CA ALA D 184 -14.96 3.21 -62.66
C ALA D 184 -15.61 4.20 -61.67
N PHE D 185 -15.93 5.45 -62.10
CA PHE D 185 -16.48 6.46 -61.20
C PHE D 185 -17.93 6.85 -61.54
N ASN D 186 -18.75 6.98 -60.49
CA ASN D 186 -20.19 7.29 -60.50
C ASN D 186 -20.50 8.72 -59.98
N ASN D 187 -19.49 9.41 -59.42
CA ASN D 187 -19.60 10.76 -58.85
C ASN D 187 -19.47 11.88 -59.90
N SER D 188 -19.95 13.11 -59.54
CA SER D 188 -19.88 14.30 -60.38
C SER D 188 -18.40 14.69 -60.64
N ILE D 189 -17.87 14.23 -61.78
CA ILE D 189 -16.47 14.45 -62.17
C ILE D 189 -16.35 15.64 -63.14
N ILE D 190 -15.14 16.21 -63.22
CA ILE D 190 -14.78 17.36 -64.06
C ILE D 190 -14.83 16.94 -65.57
N PRO D 191 -15.45 17.75 -66.47
CA PRO D 191 -15.56 17.33 -67.88
C PRO D 191 -14.25 17.21 -68.66
N GLU D 192 -13.18 17.94 -68.26
CA GLU D 192 -11.89 17.89 -68.97
C GLU D 192 -10.94 16.80 -68.40
N ASP D 193 -11.51 15.66 -67.96
CA ASP D 193 -10.76 14.52 -67.42
C ASP D 193 -10.12 13.69 -68.54
N THR D 194 -8.82 13.39 -68.42
CA THR D 194 -8.05 12.61 -69.39
C THR D 194 -8.25 11.10 -69.10
N PHE D 195 -8.54 10.32 -70.16
CA PHE D 195 -8.75 8.87 -70.10
C PHE D 195 -7.95 8.19 -71.23
N PHE D 196 -6.61 8.22 -71.14
CA PHE D 196 -5.74 7.63 -72.16
C PHE D 196 -5.74 6.09 -72.08
N PRO D 197 -6.09 5.38 -73.17
CA PRO D 197 -6.11 3.90 -73.13
C PRO D 197 -4.75 3.30 -73.49
N GLY E 1 8.57 12.14 -23.70
CA GLY E 1 7.12 12.05 -23.65
C GLY E 1 6.59 10.81 -22.96
N VAL E 2 5.28 10.80 -22.66
CA VAL E 2 4.59 9.68 -22.00
C VAL E 2 4.42 8.53 -23.01
N SER E 3 4.80 7.30 -22.60
CA SER E 3 4.68 6.13 -23.45
C SER E 3 3.68 5.12 -22.90
N GLN E 4 2.99 4.39 -23.81
CA GLN E 4 1.98 3.38 -23.48
C GLN E 4 2.16 2.11 -24.31
N SER E 5 1.90 0.96 -23.69
CA SER E 5 2.02 -0.35 -24.32
C SER E 5 0.92 -1.32 -23.85
N PRO E 6 0.30 -2.11 -24.77
CA PRO E 6 0.52 -2.15 -26.23
C PRO E 6 -0.21 -1.02 -26.97
N ARG E 7 0.07 -0.79 -28.27
CA ARG E 7 -0.61 0.27 -29.04
C ARG E 7 -2.02 -0.19 -29.37
N TYR E 8 -2.15 -1.49 -29.70
CA TYR E 8 -3.40 -2.15 -30.03
C TYR E 8 -3.50 -3.48 -29.29
N LYS E 9 -4.72 -3.87 -28.89
CA LYS E 9 -4.96 -5.13 -28.19
C LYS E 9 -6.33 -5.69 -28.52
N VAL E 10 -6.35 -6.89 -29.09
CA VAL E 10 -7.58 -7.63 -29.39
C VAL E 10 -7.67 -8.75 -28.34
N ALA E 11 -8.83 -8.87 -27.67
CA ALA E 11 -9.02 -9.85 -26.61
C ALA E 11 -10.35 -10.57 -26.69
N LYS E 12 -10.40 -11.78 -26.13
CA LYS E 12 -11.60 -12.62 -26.06
C LYS E 12 -12.33 -12.31 -24.75
N ARG E 13 -13.67 -12.28 -24.79
CA ARG E 13 -14.55 -12.01 -23.65
C ARG E 13 -14.25 -13.00 -22.52
N GLY E 14 -13.90 -12.46 -21.36
CA GLY E 14 -13.53 -13.24 -20.19
C GLY E 14 -12.06 -13.19 -19.81
N GLN E 15 -11.19 -12.80 -20.76
CA GLN E 15 -9.74 -12.68 -20.55
C GLN E 15 -9.38 -11.48 -19.67
N ASP E 16 -8.18 -11.52 -19.07
CA ASP E 16 -7.63 -10.41 -18.30
C ASP E 16 -6.66 -9.64 -19.20
N VAL E 17 -6.78 -8.31 -19.24
CA VAL E 17 -5.95 -7.45 -20.08
C VAL E 17 -5.15 -6.48 -19.20
N ALA E 18 -3.83 -6.38 -19.47
CA ALA E 18 -2.91 -5.49 -18.75
C ALA E 18 -2.44 -4.33 -19.66
N LEU E 19 -2.69 -3.09 -19.20
CA LEU E 19 -2.31 -1.88 -19.93
C LEU E 19 -1.20 -1.16 -19.16
N ARG E 20 -0.10 -0.82 -19.85
CA ARG E 20 1.05 -0.18 -19.23
C ARG E 20 1.15 1.31 -19.63
N CYS E 21 1.58 2.14 -18.66
CA CYS E 21 1.79 3.58 -18.83
C CYS E 21 3.10 3.97 -18.17
N ASP E 22 3.99 4.59 -18.94
CA ASP E 22 5.28 5.09 -18.45
C ASP E 22 5.24 6.63 -18.58
N PRO E 23 4.96 7.34 -17.46
CA PRO E 23 4.87 8.81 -17.54
C PRO E 23 6.25 9.48 -17.59
N ILE E 24 6.26 10.81 -17.71
CA ILE E 24 7.48 11.62 -17.72
C ILE E 24 8.08 11.58 -16.31
N SER E 25 9.41 11.37 -16.21
CA SER E 25 10.14 11.28 -14.95
C SER E 25 9.96 12.52 -14.09
N GLY E 26 9.63 12.31 -12.82
CA GLY E 26 9.42 13.37 -11.85
C GLY E 26 7.99 13.86 -11.72
N HIS E 27 7.12 13.55 -12.72
CA HIS E 27 5.71 13.96 -12.73
C HIS E 27 4.96 13.25 -11.59
N VAL E 28 4.48 14.04 -10.63
CA VAL E 28 3.77 13.57 -9.44
C VAL E 28 2.38 13.05 -9.81
N SER E 29 1.64 13.80 -10.66
CA SER E 29 0.28 13.45 -11.06
C SER E 29 0.22 12.49 -12.23
N LEU E 30 -0.73 11.55 -12.17
CA LEU E 30 -1.00 10.59 -13.22
C LEU E 30 -2.50 10.38 -13.34
N PHE E 31 -3.00 10.41 -14.58
CA PHE E 31 -4.41 10.24 -14.92
C PHE E 31 -4.61 9.10 -15.89
N TRP E 32 -5.76 8.42 -15.78
CA TRP E 32 -6.19 7.39 -16.71
C TRP E 32 -7.51 7.86 -17.31
N TYR E 33 -7.63 7.77 -18.63
CA TYR E 33 -8.81 8.20 -19.38
C TYR E 33 -9.31 7.10 -20.31
N GLN E 34 -10.60 7.14 -20.60
CA GLN E 34 -11.29 6.25 -21.53
C GLN E 34 -11.78 7.10 -22.69
N GLN E 35 -11.55 6.67 -23.93
CA GLN E 35 -11.98 7.46 -25.08
C GLN E 35 -12.77 6.60 -26.06
N ALA E 36 -14.05 6.96 -26.24
CA ALA E 36 -14.98 6.33 -27.17
C ALA E 36 -14.91 7.06 -28.50
N LEU E 37 -15.26 6.37 -29.59
CA LEU E 37 -15.25 6.89 -30.97
C LEU E 37 -16.10 8.16 -31.10
N GLY E 38 -15.50 9.21 -31.64
CA GLY E 38 -16.14 10.51 -31.84
C GLY E 38 -16.43 11.29 -30.57
N GLN E 39 -15.65 11.03 -29.50
CA GLN E 39 -15.80 11.66 -28.20
C GLN E 39 -14.45 12.01 -27.56
N GLY E 40 -14.50 12.82 -26.51
CA GLY E 40 -13.32 13.23 -25.75
C GLY E 40 -12.96 12.27 -24.63
N PRO E 41 -11.73 12.36 -24.10
CA PRO E 41 -11.33 11.46 -23.00
C PRO E 41 -12.15 11.70 -21.73
N GLU E 42 -12.66 10.61 -21.12
N GLU E 42 -12.64 10.60 -21.12
CA GLU E 42 -13.45 10.67 -19.89
CA GLU E 42 -13.43 10.63 -19.89
C GLU E 42 -12.62 10.08 -18.73
C GLU E 42 -12.60 10.08 -18.74
N PHE E 43 -12.52 10.84 -17.63
CA PHE E 43 -11.75 10.51 -16.42
C PHE E 43 -12.08 9.13 -15.83
N LEU E 44 -11.04 8.37 -15.46
CA LEU E 44 -11.17 7.04 -14.84
C LEU E 44 -10.61 7.06 -13.42
N THR E 45 -9.31 7.36 -13.26
CA THR E 45 -8.65 7.38 -11.96
C THR E 45 -7.49 8.38 -11.93
N TYR E 46 -7.13 8.84 -10.71
CA TYR E 46 -6.07 9.82 -10.46
C TYR E 46 -5.10 9.33 -9.40
N PHE E 47 -3.80 9.53 -9.67
CA PHE E 47 -2.69 9.19 -8.79
C PHE E 47 -1.79 10.39 -8.54
N GLN E 48 -1.36 10.55 -7.29
CA GLN E 48 -0.37 11.53 -6.86
C GLN E 48 0.68 10.70 -6.16
N ASN E 49 1.81 10.50 -6.85
CA ASN E 49 2.92 9.61 -6.47
C ASN E 49 2.40 8.17 -6.58
N GLU E 50 2.32 7.41 -5.46
CA GLU E 50 1.83 6.04 -5.52
C GLU E 50 0.37 5.92 -5.03
N ALA E 51 -0.14 6.96 -4.32
CA ALA E 51 -1.48 6.98 -3.75
C ALA E 51 -2.57 7.25 -4.80
N GLN E 52 -3.57 6.35 -4.87
CA GLN E 52 -4.74 6.46 -5.74
C GLN E 52 -5.75 7.34 -5.01
N LEU E 53 -5.77 8.64 -5.33
CA LEU E 53 -6.62 9.61 -4.65
C LEU E 53 -8.10 9.49 -5.03
N ASP E 54 -8.41 9.04 -6.26
CA ASP E 54 -9.78 8.87 -6.72
C ASP E 54 -9.87 7.84 -7.85
N LYS E 55 -10.97 7.08 -7.88
CA LYS E 55 -11.25 6.04 -8.88
C LYS E 55 -12.78 6.00 -9.18
N SER E 56 -13.46 7.15 -9.03
CA SER E 56 -14.90 7.32 -9.26
C SER E 56 -15.31 7.16 -10.73
N GLY E 57 -14.36 7.36 -11.65
CA GLY E 57 -14.60 7.24 -13.09
C GLY E 57 -14.51 5.84 -13.64
N LEU E 58 -13.96 4.88 -12.85
CA LEU E 58 -13.83 3.47 -13.25
C LEU E 58 -15.22 2.83 -13.41
N PRO E 59 -15.48 2.11 -14.54
CA PRO E 59 -16.81 1.52 -14.76
C PRO E 59 -17.20 0.45 -13.74
N SER E 60 -16.23 -0.34 -13.21
CA SER E 60 -16.47 -1.38 -12.22
C SER E 60 -15.20 -1.75 -11.43
N ASP E 61 -15.34 -2.68 -10.46
CA ASP E 61 -14.25 -3.20 -9.64
C ASP E 61 -13.28 -4.05 -10.48
N ARG E 62 -13.71 -4.51 -11.67
CA ARG E 62 -12.90 -5.30 -12.63
C ARG E 62 -11.70 -4.49 -13.12
N PHE E 63 -11.83 -3.15 -13.14
CA PHE E 63 -10.80 -2.20 -13.52
C PHE E 63 -9.94 -1.93 -12.30
N PHE E 64 -8.67 -2.39 -12.36
CA PHE E 64 -7.74 -2.27 -11.26
C PHE E 64 -6.49 -1.51 -11.71
N ALA E 65 -6.35 -0.27 -11.21
CA ALA E 65 -5.24 0.63 -11.53
C ALA E 65 -4.26 0.70 -10.38
N GLU E 66 -2.96 0.61 -10.70
CA GLU E 66 -1.88 0.66 -9.73
C GLU E 66 -0.67 1.44 -10.25
N ARG E 67 0.06 2.07 -9.32
CA ARG E 67 1.30 2.82 -9.53
C ARG E 67 2.14 2.59 -8.25
N PRO E 68 2.73 1.38 -8.05
CA PRO E 68 3.36 1.08 -6.76
C PRO E 68 4.63 1.87 -6.41
N GLU E 69 5.47 2.24 -7.40
CA GLU E 69 6.72 2.96 -7.13
C GLU E 69 6.57 4.49 -7.39
N GLY E 70 5.37 4.93 -7.71
CA GLY E 70 5.07 6.33 -8.00
C GLY E 70 5.53 6.80 -9.35
N SER E 71 5.84 5.86 -10.26
CA SER E 71 6.30 6.13 -11.62
C SER E 71 5.46 5.43 -12.69
N VAL E 72 5.77 4.17 -13.05
CA VAL E 72 5.08 3.37 -14.06
C VAL E 72 3.72 2.95 -13.46
N SER E 73 2.64 3.11 -14.24
CA SER E 73 1.30 2.75 -13.82
C SER E 73 0.70 1.69 -14.74
N THR E 74 -0.04 0.75 -14.15
CA THR E 74 -0.71 -0.31 -14.88
C THR E 74 -2.21 -0.30 -14.64
N LEU E 75 -2.99 -0.58 -15.69
CA LEU E 75 -4.44 -0.69 -15.61
C LEU E 75 -4.81 -2.10 -16.06
N LYS E 76 -5.24 -2.93 -15.10
CA LYS E 76 -5.60 -4.33 -15.36
C LYS E 76 -7.11 -4.47 -15.36
N ILE E 77 -7.66 -4.98 -16.48
CA ILE E 77 -9.10 -5.17 -16.63
C ILE E 77 -9.39 -6.67 -16.54
N GLN E 78 -10.01 -7.08 -15.41
CA GLN E 78 -10.39 -8.47 -15.12
C GLN E 78 -11.65 -8.84 -15.87
N ARG E 79 -11.73 -10.10 -16.37
CA ARG E 79 -12.89 -10.65 -17.12
C ARG E 79 -13.48 -9.61 -18.09
N THR E 80 -12.70 -9.24 -19.12
CA THR E 80 -13.07 -8.22 -20.11
C THR E 80 -14.39 -8.51 -20.81
N GLN E 81 -15.21 -7.46 -20.98
CA GLN E 81 -16.51 -7.50 -21.65
C GLN E 81 -16.44 -6.63 -22.89
N GLN E 82 -17.38 -6.82 -23.84
CA GLN E 82 -17.44 -6.07 -25.11
C GLN E 82 -17.56 -4.55 -24.88
N GLU E 83 -18.22 -4.12 -23.79
CA GLU E 83 -18.42 -2.72 -23.41
C GLU E 83 -17.10 -2.03 -23.03
N ASP E 84 -16.03 -2.80 -22.72
CA ASP E 84 -14.71 -2.29 -22.35
C ASP E 84 -13.90 -1.85 -23.58
N SER E 85 -14.42 -2.10 -24.80
CA SER E 85 -13.77 -1.72 -26.06
C SER E 85 -13.74 -0.20 -26.21
N ALA E 86 -12.54 0.38 -26.08
CA ALA E 86 -12.25 1.82 -26.17
C ALA E 86 -10.75 2.09 -26.23
N VAL E 87 -10.35 3.36 -26.41
CA VAL E 87 -8.95 3.78 -26.41
C VAL E 87 -8.64 4.23 -24.97
N TYR E 88 -7.66 3.57 -24.33
CA TYR E 88 -7.30 3.90 -22.95
C TYR E 88 -6.05 4.76 -22.97
N LEU E 89 -6.25 6.06 -22.67
CA LEU E 89 -5.20 7.06 -22.64
C LEU E 89 -4.71 7.32 -21.23
N CYS E 90 -3.40 7.55 -21.09
N CYS E 90 -3.40 7.57 -21.11
CA CYS E 90 -2.83 7.90 -19.78
CA CYS E 90 -2.75 7.87 -19.83
C CYS E 90 -2.11 9.25 -19.93
C CYS E 90 -2.06 9.24 -19.93
N ALA E 91 -2.21 10.08 -18.89
CA ALA E 91 -1.62 11.42 -18.86
C ALA E 91 -0.88 11.68 -17.56
N SER E 92 0.03 12.68 -17.58
CA SER E 92 0.79 13.07 -16.40
C SER E 92 0.95 14.58 -16.35
N SER E 93 1.02 15.11 -15.12
CA SER E 93 1.23 16.52 -14.82
C SER E 93 2.40 16.61 -13.84
N PRO E 94 3.29 17.62 -13.98
CA PRO E 94 4.48 17.68 -13.12
C PRO E 94 4.26 17.80 -11.61
N THR E 95 3.41 18.73 -11.13
CA THR E 95 3.30 18.99 -9.69
C THR E 95 1.87 19.00 -9.10
N GLY E 96 0.88 18.47 -9.81
CA GLY E 96 -0.49 18.45 -9.30
C GLY E 96 -1.58 18.62 -10.33
N GLY E 97 -2.81 18.73 -9.84
CA GLY E 97 -4.00 18.91 -10.67
C GLY E 97 -4.15 20.32 -11.20
N GLN E 98 -5.10 20.49 -12.16
CA GLN E 98 -5.46 21.78 -12.82
C GLN E 98 -4.24 22.38 -13.57
N GLU E 99 -3.35 21.50 -14.07
CA GLU E 99 -2.13 21.83 -14.79
C GLU E 99 -2.19 21.34 -16.23
N THR E 100 -1.11 21.61 -17.00
CA THR E 100 -0.90 21.13 -18.36
C THR E 100 -0.74 19.61 -18.29
N GLN E 101 -1.50 18.88 -19.10
CA GLN E 101 -1.45 17.42 -19.10
C GLN E 101 -0.68 16.92 -20.32
N TYR E 102 0.19 15.95 -20.07
CA TYR E 102 1.05 15.31 -21.06
C TYR E 102 0.56 13.89 -21.26
N PHE E 103 0.03 13.58 -22.45
CA PHE E 103 -0.59 12.30 -22.77
C PHE E 103 0.30 11.30 -23.52
N GLY E 104 -0.04 10.03 -23.37
CA GLY E 104 0.58 8.90 -24.06
C GLY E 104 -0.18 8.60 -25.34
N PRO E 105 0.34 7.75 -26.27
CA PRO E 105 -0.39 7.48 -27.53
C PRO E 105 -1.63 6.59 -27.36
N GLY E 106 -1.82 6.06 -26.15
CA GLY E 106 -2.97 5.23 -25.79
C GLY E 106 -2.91 3.78 -26.24
N THR E 107 -3.90 3.00 -25.77
CA THR E 107 -4.06 1.59 -26.10
C THR E 107 -5.46 1.39 -26.65
N ARG E 108 -5.56 1.00 -27.93
CA ARG E 108 -6.84 0.73 -28.55
C ARG E 108 -7.22 -0.72 -28.25
N LEU E 109 -8.15 -0.90 -27.31
CA LEU E 109 -8.62 -2.21 -26.87
C LEU E 109 -9.92 -2.59 -27.56
N LEU E 110 -10.01 -3.82 -28.04
CA LEU E 110 -11.21 -4.37 -28.65
C LEU E 110 -11.47 -5.76 -28.07
N VAL E 111 -12.63 -5.91 -27.41
CA VAL E 111 -13.04 -7.17 -26.79
C VAL E 111 -14.15 -7.80 -27.64
N LEU E 112 -13.91 -9.03 -28.11
CA LEU E 112 -14.84 -9.79 -28.95
C LEU E 112 -15.27 -11.08 -28.25
N GLU E 113 -16.37 -11.71 -28.73
CA GLU E 113 -16.90 -12.98 -28.18
C GLU E 113 -15.89 -14.11 -28.37
N ASP E 114 -15.24 -14.12 -29.55
CA ASP E 114 -14.21 -15.07 -29.95
C ASP E 114 -13.23 -14.37 -30.91
N LEU E 115 -12.08 -15.00 -31.16
CA LEU E 115 -11.08 -14.44 -32.06
C LEU E 115 -11.03 -15.24 -33.38
N LYS E 116 -12.15 -15.90 -33.75
CA LYS E 116 -12.24 -16.74 -34.95
C LYS E 116 -12.37 -15.91 -36.24
N ASN E 117 -12.84 -14.65 -36.14
CA ASN E 117 -13.06 -13.77 -37.30
C ASN E 117 -11.85 -12.86 -37.58
N VAL E 118 -10.79 -12.92 -36.76
CA VAL E 118 -9.61 -12.09 -36.96
C VAL E 118 -8.74 -12.70 -38.09
N PHE E 119 -8.19 -11.83 -38.97
CA PHE E 119 -7.37 -12.23 -40.12
C PHE E 119 -6.21 -11.26 -40.38
N PRO E 120 -5.02 -11.73 -40.82
CA PRO E 120 -3.94 -10.79 -41.16
C PRO E 120 -4.18 -10.14 -42.54
N PRO E 121 -3.49 -9.03 -42.92
CA PRO E 121 -3.78 -8.41 -44.24
C PRO E 121 -3.00 -9.00 -45.41
N GLU E 122 -3.54 -8.80 -46.62
CA GLU E 122 -2.91 -9.19 -47.89
C GLU E 122 -2.43 -7.90 -48.56
N VAL E 123 -1.11 -7.70 -48.61
CA VAL E 123 -0.49 -6.48 -49.11
C VAL E 123 0.04 -6.69 -50.54
N ALA E 124 -0.34 -5.77 -51.46
CA ALA E 124 0.06 -5.77 -52.87
C ALA E 124 0.34 -4.35 -53.38
N VAL E 125 1.49 -4.15 -54.06
CA VAL E 125 1.90 -2.85 -54.61
C VAL E 125 1.58 -2.79 -56.11
N PHE E 126 0.96 -1.69 -56.55
CA PHE E 126 0.58 -1.47 -57.94
C PHE E 126 1.46 -0.38 -58.55
N GLU E 127 2.30 -0.78 -59.54
CA GLU E 127 3.28 0.06 -60.24
C GLU E 127 2.60 1.21 -61.03
N PRO E 128 3.22 2.41 -61.06
CA PRO E 128 2.59 3.57 -61.75
C PRO E 128 2.33 3.38 -63.25
N SER E 129 1.36 4.15 -63.76
CA SER E 129 0.93 4.15 -65.17
C SER E 129 1.90 4.89 -66.06
N GLU E 130 2.07 4.40 -67.30
CA GLU E 130 2.91 5.01 -68.33
C GLU E 130 2.27 6.30 -68.82
N ALA E 131 0.91 6.36 -68.76
CA ALA E 131 0.10 7.52 -69.14
C ALA E 131 0.29 8.67 -68.15
N GLU E 132 0.52 8.34 -66.86
CA GLU E 132 0.73 9.30 -65.76
C GLU E 132 2.07 10.02 -65.95
N ILE E 133 3.13 9.26 -66.30
CA ILE E 133 4.49 9.74 -66.56
C ILE E 133 4.49 10.65 -67.82
N SER E 134 3.63 10.33 -68.79
CA SER E 134 3.47 11.03 -70.06
C SER E 134 2.51 12.24 -69.97
N HIS E 135 1.72 12.38 -68.88
CA HIS E 135 0.77 13.48 -68.75
C HIS E 135 1.14 14.48 -67.63
N THR E 136 1.63 13.99 -66.47
CA THR E 136 1.96 14.84 -65.32
C THR E 136 3.46 14.90 -65.00
N GLN E 137 4.26 13.97 -65.57
CA GLN E 137 5.72 13.83 -65.35
C GLN E 137 6.00 13.44 -63.87
N LYS E 138 5.03 12.73 -63.27
CA LYS E 138 5.03 12.23 -61.90
C LYS E 138 4.54 10.78 -61.89
N ALA E 139 4.93 9.97 -60.89
CA ALA E 139 4.55 8.56 -60.80
C ALA E 139 3.99 8.22 -59.41
N THR E 140 2.73 7.72 -59.37
CA THR E 140 2.04 7.36 -58.12
C THR E 140 1.97 5.83 -57.93
N LEU E 141 2.56 5.35 -56.82
CA LEU E 141 2.56 3.96 -56.40
C LEU E 141 1.41 3.75 -55.43
N VAL E 142 0.54 2.76 -55.69
CA VAL E 142 -0.62 2.49 -54.83
C VAL E 142 -0.44 1.14 -54.12
N CYS E 143 -0.63 1.15 -52.79
CA CYS E 143 -0.54 -0.03 -51.94
C CYS E 143 -1.94 -0.38 -51.44
N LEU E 144 -2.23 -1.69 -51.32
CA LEU E 144 -3.51 -2.15 -50.84
C LEU E 144 -3.41 -3.26 -49.81
N ALA E 145 -3.88 -2.97 -48.59
CA ALA E 145 -3.96 -3.93 -47.48
C ALA E 145 -5.40 -4.39 -47.41
N THR E 146 -5.66 -5.66 -47.78
CA THR E 146 -7.01 -6.21 -47.84
C THR E 146 -7.23 -7.43 -46.95
N GLY E 147 -8.50 -7.66 -46.60
CA GLY E 147 -8.97 -8.78 -45.81
C GLY E 147 -8.37 -8.91 -44.42
N PHE E 148 -8.31 -7.80 -43.66
CA PHE E 148 -7.77 -7.83 -42.30
C PHE E 148 -8.83 -7.51 -41.27
N TYR E 149 -8.72 -8.15 -40.11
CA TYR E 149 -9.58 -7.97 -38.95
C TYR E 149 -8.78 -8.21 -37.67
N PRO E 150 -8.84 -7.32 -36.66
CA PRO E 150 -9.61 -6.08 -36.59
C PRO E 150 -8.88 -4.90 -37.25
N ASP E 151 -9.40 -3.66 -37.06
CA ASP E 151 -8.84 -2.42 -37.60
C ASP E 151 -7.60 -1.98 -36.75
N HIS E 152 -6.67 -2.91 -36.52
CA HIS E 152 -5.47 -2.69 -35.72
C HIS E 152 -4.24 -2.83 -36.63
N VAL E 153 -4.01 -1.83 -37.51
CA VAL E 153 -2.91 -1.82 -38.49
C VAL E 153 -2.18 -0.46 -38.52
N GLU E 154 -0.91 -0.48 -38.99
CA GLU E 154 -0.06 0.69 -39.16
C GLU E 154 0.68 0.55 -40.53
N LEU E 155 0.30 1.39 -41.52
CA LEU E 155 0.89 1.37 -42.87
C LEU E 155 2.03 2.38 -42.97
N SER E 156 3.16 1.97 -43.57
CA SER E 156 4.35 2.81 -43.77
C SER E 156 5.05 2.48 -45.10
N TRP E 157 5.55 3.52 -45.79
CA TRP E 157 6.29 3.40 -47.05
C TRP E 157 7.79 3.43 -46.79
N TRP E 158 8.54 2.52 -47.46
CA TRP E 158 9.99 2.41 -47.31
C TRP E 158 10.67 2.47 -48.67
N VAL E 159 11.40 3.57 -48.93
CA VAL E 159 12.14 3.78 -50.18
C VAL E 159 13.62 3.65 -49.88
N ASN E 160 14.27 2.62 -50.48
CA ASN E 160 15.69 2.27 -50.35
C ASN E 160 16.08 1.99 -48.88
N GLY E 161 15.23 1.24 -48.18
CA GLY E 161 15.44 0.86 -46.78
C GLY E 161 15.15 1.95 -45.76
N LYS E 162 14.76 3.16 -46.20
CA LYS E 162 14.44 4.30 -45.36
C LYS E 162 12.96 4.67 -45.45
N GLU E 163 12.34 4.99 -44.29
CA GLU E 163 10.93 5.36 -44.23
C GLU E 163 10.72 6.79 -44.76
N VAL E 164 9.71 6.95 -45.63
CA VAL E 164 9.38 8.23 -46.27
C VAL E 164 7.99 8.73 -45.83
N HIS E 165 7.78 10.06 -45.84
CA HIS E 165 6.52 10.70 -45.47
C HIS E 165 6.03 11.69 -46.54
N SER E 166 6.97 12.21 -47.36
CA SER E 166 6.66 13.16 -48.44
C SER E 166 6.02 12.42 -49.62
N GLY E 167 4.90 12.95 -50.11
CA GLY E 167 4.13 12.38 -51.21
C GLY E 167 3.33 11.15 -50.83
N VAL E 168 3.32 10.80 -49.52
CA VAL E 168 2.64 9.65 -48.92
C VAL E 168 1.25 10.06 -48.45
N CYS E 169 0.21 9.29 -48.81
N CYS E 169 0.22 9.29 -48.81
CA CYS E 169 -1.16 9.55 -48.37
CA CYS E 169 -1.16 9.55 -48.37
C CYS E 169 -1.91 8.24 -48.12
C CYS E 169 -1.91 8.24 -48.12
N THR E 170 -2.11 7.92 -46.83
CA THR E 170 -2.83 6.73 -46.38
C THR E 170 -4.23 7.19 -45.96
N ASP E 171 -5.26 6.37 -46.22
CA ASP E 171 -6.65 6.67 -45.86
C ASP E 171 -6.80 6.93 -44.35
N PRO E 172 -7.61 7.94 -43.92
CA PRO E 172 -7.75 8.18 -42.47
C PRO E 172 -8.46 7.04 -41.76
N GLN E 173 -9.43 6.40 -42.43
CA GLN E 173 -10.21 5.28 -41.93
C GLN E 173 -10.37 4.20 -43.01
N PRO E 174 -10.21 2.90 -42.68
CA PRO E 174 -10.37 1.87 -43.71
C PRO E 174 -11.84 1.57 -44.02
N LEU E 175 -12.12 0.95 -45.18
CA LEU E 175 -13.47 0.60 -45.60
C LEU E 175 -13.76 -0.88 -45.32
N LYS E 176 -15.04 -1.19 -45.05
CA LYS E 176 -15.50 -2.56 -44.81
C LYS E 176 -15.70 -3.24 -46.16
N GLU E 177 -15.09 -4.42 -46.36
CA GLU E 177 -15.17 -5.19 -47.61
C GLU E 177 -16.60 -5.71 -47.82
N GLN E 178 -17.29 -6.05 -46.72
CA GLN E 178 -18.68 -6.49 -46.71
C GLN E 178 -19.47 -5.51 -45.81
N PRO E 179 -19.86 -4.30 -46.30
CA PRO E 179 -20.56 -3.33 -45.43
C PRO E 179 -21.86 -3.85 -44.80
N ALA E 180 -22.36 -5.01 -45.27
CA ALA E 180 -23.55 -5.67 -44.77
C ALA E 180 -23.25 -6.56 -43.56
N LEU E 181 -22.10 -7.27 -43.55
CA LEU E 181 -21.72 -8.22 -42.50
C LEU E 181 -21.36 -7.55 -41.16
N ASN E 182 -21.67 -8.25 -40.04
CA ASN E 182 -21.40 -7.83 -38.65
C ASN E 182 -19.90 -7.89 -38.38
N ASP E 183 -19.25 -9.04 -38.72
CA ASP E 183 -17.82 -9.26 -38.55
C ASP E 183 -17.12 -9.15 -39.92
N SER E 184 -17.33 -8.00 -40.58
CA SER E 184 -16.78 -7.68 -41.89
C SER E 184 -15.30 -7.38 -41.82
N ARG E 185 -14.54 -7.80 -42.85
CA ARG E 185 -13.11 -7.57 -42.95
C ARG E 185 -12.85 -6.16 -43.50
N TYR E 186 -11.70 -5.56 -43.13
CA TYR E 186 -11.34 -4.20 -43.55
C TYR E 186 -10.35 -4.17 -44.71
N ALA E 187 -10.33 -3.03 -45.42
CA ALA E 187 -9.44 -2.76 -46.56
C ALA E 187 -8.92 -1.33 -46.48
N LEU E 188 -7.59 -1.15 -46.62
CA LEU E 188 -6.93 0.15 -46.55
C LEU E 188 -6.01 0.39 -47.76
N SER E 189 -6.10 1.59 -48.36
CA SER E 189 -5.29 1.98 -49.51
C SER E 189 -4.34 3.12 -49.14
N SER E 190 -3.19 3.20 -49.84
CA SER E 190 -2.18 4.24 -49.62
C SER E 190 -1.48 4.58 -50.94
N ARG E 191 -1.14 5.88 -51.12
CA ARG E 191 -0.46 6.37 -52.32
C ARG E 191 0.91 6.96 -51.99
N LEU E 192 1.89 6.76 -52.89
CA LEU E 192 3.24 7.31 -52.79
C LEU E 192 3.58 7.95 -54.12
N ARG E 193 3.74 9.28 -54.15
CA ARG E 193 4.06 9.98 -55.39
C ARG E 193 5.49 10.49 -55.39
N VAL E 194 6.22 10.13 -56.46
CA VAL E 194 7.61 10.52 -56.72
C VAL E 194 7.68 11.07 -58.15
N SER E 195 8.78 11.75 -58.50
CA SER E 195 8.99 12.29 -59.85
C SER E 195 9.21 11.16 -60.85
N ALA E 196 8.90 11.41 -62.16
CA ALA E 196 9.03 10.44 -63.25
C ALA E 196 10.45 9.85 -63.34
N THR E 197 11.49 10.69 -63.13
CA THR E 197 12.91 10.31 -63.16
C THR E 197 13.27 9.38 -62.00
N PHE E 198 12.60 9.55 -60.84
CA PHE E 198 12.86 8.75 -59.64
C PHE E 198 12.30 7.32 -59.79
N TRP E 199 11.11 7.17 -60.43
CA TRP E 199 10.49 5.86 -60.67
C TRP E 199 11.20 5.12 -61.80
N GLN E 200 11.54 5.81 -62.91
CA GLN E 200 12.21 5.23 -64.08
C GLN E 200 13.62 4.70 -63.75
N ASN E 201 14.21 5.18 -62.63
CA ASN E 201 15.52 4.77 -62.11
C ASN E 201 15.39 3.35 -61.49
N PRO E 202 16.10 2.33 -62.04
CA PRO E 202 15.97 0.96 -61.51
C PRO E 202 16.71 0.70 -60.20
N ARG E 203 17.58 1.64 -59.77
CA ARG E 203 18.35 1.52 -58.52
C ARG E 203 17.48 1.79 -57.29
N ASN E 204 16.29 2.40 -57.48
CA ASN E 204 15.35 2.73 -56.40
C ASN E 204 14.39 1.57 -56.10
N HIS E 205 14.28 1.23 -54.80
CA HIS E 205 13.44 0.15 -54.29
C HIS E 205 12.29 0.71 -53.44
N PHE E 206 11.04 0.37 -53.80
CA PHE E 206 9.82 0.82 -53.11
C PHE E 206 9.18 -0.35 -52.36
N ARG E 207 8.89 -0.17 -51.06
CA ARG E 207 8.27 -1.23 -50.24
C ARG E 207 7.17 -0.66 -49.35
N CYS E 208 6.01 -1.35 -49.32
CA CYS E 208 4.86 -0.96 -48.50
C CYS E 208 4.74 -1.92 -47.33
N GLN E 209 5.02 -1.42 -46.11
CA GLN E 209 5.00 -2.19 -44.87
C GLN E 209 3.70 -1.97 -44.10
N VAL E 210 3.03 -3.06 -43.70
CA VAL E 210 1.78 -3.02 -42.93
C VAL E 210 1.94 -3.86 -41.66
N GLN E 211 2.15 -3.19 -40.51
CA GLN E 211 2.30 -3.85 -39.21
C GLN E 211 0.91 -4.15 -38.66
N PHE E 212 0.56 -5.45 -38.59
CA PHE E 212 -0.73 -5.93 -38.11
C PHE E 212 -0.61 -6.34 -36.64
N TYR E 213 -1.64 -6.00 -35.84
CA TYR E 213 -1.72 -6.34 -34.42
C TYR E 213 -2.83 -7.35 -34.24
N GLY E 214 -2.45 -8.58 -33.92
CA GLY E 214 -3.40 -9.67 -33.74
C GLY E 214 -3.24 -10.46 -32.46
N LEU E 215 -3.20 -11.79 -32.60
CA LEU E 215 -3.10 -12.73 -31.49
C LEU E 215 -1.68 -12.85 -30.93
N SER E 216 -1.61 -13.06 -29.61
CA SER E 216 -0.35 -13.25 -28.88
C SER E 216 -0.06 -14.76 -28.81
N GLU E 217 1.14 -15.16 -28.34
CA GLU E 217 1.49 -16.59 -28.22
C GLU E 217 0.69 -17.27 -27.10
N ASN E 218 0.18 -16.47 -26.13
CA ASN E 218 -0.63 -16.94 -25.00
C ASN E 218 -2.08 -17.22 -25.43
N ASP E 219 -2.53 -16.59 -26.53
CA ASP E 219 -3.88 -16.75 -27.09
C ASP E 219 -4.02 -18.13 -27.74
N GLU E 220 -5.15 -18.80 -27.49
CA GLU E 220 -5.47 -20.13 -27.98
C GLU E 220 -5.93 -20.09 -29.46
N TRP E 221 -5.51 -21.11 -30.24
CA TRP E 221 -5.86 -21.28 -31.65
C TRP E 221 -5.98 -22.78 -31.95
N THR E 222 -7.15 -23.19 -32.50
CA THR E 222 -7.45 -24.59 -32.82
C THR E 222 -7.90 -24.78 -34.27
N GLN E 223 -8.12 -23.67 -35.01
CA GLN E 223 -8.57 -23.68 -36.40
C GLN E 223 -7.45 -24.14 -37.36
N ASP E 224 -7.86 -24.71 -38.51
CA ASP E 224 -6.98 -25.26 -39.57
C ASP E 224 -6.00 -24.23 -40.13
N ARG E 225 -6.44 -22.98 -40.36
CA ARG E 225 -5.60 -21.92 -40.90
C ARG E 225 -4.56 -21.45 -39.86
N ALA E 226 -3.49 -20.77 -40.33
CA ALA E 226 -2.40 -20.26 -39.49
C ALA E 226 -2.90 -19.24 -38.46
N LYS E 227 -2.28 -19.20 -37.27
CA LYS E 227 -2.64 -18.28 -36.18
C LYS E 227 -2.43 -16.83 -36.64
N PRO E 228 -3.48 -15.98 -36.59
CA PRO E 228 -3.32 -14.58 -37.04
C PRO E 228 -2.62 -13.75 -35.97
N VAL E 229 -1.30 -13.97 -35.84
CA VAL E 229 -0.41 -13.31 -34.87
C VAL E 229 -0.07 -11.88 -35.30
N THR E 230 0.58 -11.14 -34.39
CA THR E 230 1.10 -9.79 -34.63
C THR E 230 2.24 -9.97 -35.63
N GLN E 231 2.00 -9.61 -36.89
CA GLN E 231 2.97 -9.80 -37.96
C GLN E 231 3.07 -8.61 -38.91
N ILE E 232 4.17 -8.55 -39.67
CA ILE E 232 4.44 -7.54 -40.67
C ILE E 232 4.27 -8.19 -42.07
N VAL E 233 3.32 -7.67 -42.86
CA VAL E 233 3.06 -8.15 -44.21
C VAL E 233 3.49 -7.03 -45.17
N SER E 234 4.40 -7.34 -46.11
CA SER E 234 4.94 -6.35 -47.04
C SER E 234 4.84 -6.75 -48.52
N ALA E 235 4.96 -5.75 -49.41
CA ALA E 235 4.95 -5.84 -50.87
C ALA E 235 5.98 -4.87 -51.45
N GLU E 236 6.89 -5.38 -52.30
CA GLU E 236 7.97 -4.59 -52.88
C GLU E 236 7.86 -4.41 -54.41
N ALA E 237 8.42 -3.30 -54.94
CA ALA E 237 8.47 -2.94 -56.37
C ALA E 237 9.73 -2.12 -56.67
N TRP E 238 10.43 -2.47 -57.78
CA TRP E 238 11.66 -1.80 -58.23
C TRP E 238 11.37 -0.86 -59.40
N GLY E 239 12.33 0.00 -59.72
CA GLY E 239 12.23 0.99 -60.79
C GLY E 239 12.14 0.40 -62.18
N ARG E 240 11.20 0.91 -63.01
CA ARG E 240 10.95 0.46 -64.37
C ARG E 240 11.00 1.62 -65.36
N ALA E 241 11.83 1.50 -66.42
CA ALA E 241 12.00 2.50 -67.46
C ALA E 241 10.91 2.38 -68.54
N ASP E 242 10.67 1.13 -69.03
CA ASP E 242 9.69 0.74 -70.05
C ASP E 242 9.89 1.50 -71.38
N SER F 2 22.03 -21.68 -16.87
CA SER F 2 22.57 -23.02 -17.13
C SER F 2 21.79 -24.09 -16.37
N HIS F 3 21.55 -23.90 -15.05
CA HIS F 3 20.82 -24.86 -14.22
C HIS F 3 19.74 -24.17 -13.38
N SER F 4 18.68 -24.92 -13.00
CA SER F 4 17.56 -24.37 -12.24
C SER F 4 16.81 -25.41 -11.41
N MET F 5 16.28 -24.98 -10.25
CA MET F 5 15.43 -25.79 -9.37
C MET F 5 14.07 -25.13 -9.32
N ARG F 6 13.00 -25.89 -9.57
CA ARG F 6 11.63 -25.36 -9.59
C ARG F 6 10.65 -26.29 -8.87
N TYR F 7 9.76 -25.70 -8.07
CA TYR F 7 8.69 -26.43 -7.36
C TYR F 7 7.34 -26.00 -7.92
N PHE F 8 6.51 -26.98 -8.28
CA PHE F 8 5.19 -26.80 -8.86
C PHE F 8 4.10 -27.31 -7.91
N TYR F 9 3.22 -26.41 -7.47
CA TYR F 9 2.10 -26.71 -6.58
C TYR F 9 0.79 -26.62 -7.33
N THR F 10 -0.13 -27.55 -7.06
CA THR F 10 -1.46 -27.55 -7.66
C THR F 10 -2.45 -27.99 -6.59
N ALA F 11 -3.36 -27.06 -6.23
CA ALA F 11 -4.42 -27.26 -5.24
C ALA F 11 -5.77 -27.18 -5.93
N MET F 12 -6.52 -28.29 -5.96
CA MET F 12 -7.80 -28.35 -6.65
C MET F 12 -8.94 -28.71 -5.71
N SER F 13 -10.00 -27.88 -5.70
CA SER F 13 -11.20 -28.13 -4.92
C SER F 13 -12.12 -29.05 -5.73
N ARG F 14 -12.75 -30.00 -5.06
CA ARG F 14 -13.65 -30.99 -5.68
C ARG F 14 -14.90 -31.17 -4.79
N PRO F 15 -15.90 -30.25 -4.90
CA PRO F 15 -17.10 -30.35 -4.05
C PRO F 15 -17.89 -31.64 -4.30
N GLY F 16 -18.20 -32.34 -3.21
CA GLY F 16 -18.92 -33.61 -3.24
C GLY F 16 -18.06 -34.83 -3.50
N ARG F 17 -16.79 -34.62 -3.90
CA ARG F 17 -15.82 -35.69 -4.20
C ARG F 17 -14.70 -35.74 -3.14
N GLY F 18 -14.98 -35.20 -1.96
CA GLY F 18 -14.04 -35.17 -0.84
C GLY F 18 -13.27 -33.88 -0.67
N GLU F 19 -12.28 -33.89 0.24
CA GLU F 19 -11.41 -32.77 0.58
C GLU F 19 -10.52 -32.36 -0.61
N PRO F 20 -10.14 -31.07 -0.74
CA PRO F 20 -9.29 -30.65 -1.88
C PRO F 20 -7.96 -31.38 -1.98
N ARG F 21 -7.55 -31.67 -3.22
CA ARG F 21 -6.31 -32.39 -3.55
C ARG F 21 -5.16 -31.41 -3.73
N PHE F 22 -4.02 -31.69 -3.07
CA PHE F 22 -2.80 -30.90 -3.18
C PHE F 22 -1.69 -31.76 -3.76
N ILE F 23 -1.12 -31.31 -4.89
CA ILE F 23 -0.03 -32.01 -5.58
C ILE F 23 1.18 -31.07 -5.64
N ALA F 24 2.32 -31.54 -5.10
CA ALA F 24 3.60 -30.82 -5.08
C ALA F 24 4.63 -31.62 -5.87
N VAL F 25 5.23 -30.98 -6.89
CA VAL F 25 6.20 -31.62 -7.79
C VAL F 25 7.50 -30.79 -7.84
N GLY F 26 8.64 -31.45 -7.62
CA GLY F 26 9.96 -30.82 -7.66
C GLY F 26 10.74 -31.15 -8.90
N TYR F 27 11.44 -30.15 -9.47
CA TYR F 27 12.23 -30.28 -10.69
C TYR F 27 13.64 -29.68 -10.57
N VAL F 28 14.61 -30.33 -11.22
CA VAL F 28 15.98 -29.86 -11.39
C VAL F 28 16.17 -29.89 -12.90
N ASP F 29 16.03 -28.70 -13.54
CA ASP F 29 16.05 -28.47 -14.98
C ASP F 29 14.79 -29.12 -15.59
N ASP F 30 14.94 -30.17 -16.41
CA ASP F 30 13.82 -30.89 -17.02
C ASP F 30 13.59 -32.26 -16.35
N THR F 31 14.30 -32.54 -15.24
CA THR F 31 14.19 -33.80 -14.50
C THR F 31 13.39 -33.62 -13.20
N GLN F 32 12.34 -34.43 -13.05
CA GLN F 32 11.50 -34.47 -11.86
C GLN F 32 12.17 -35.35 -10.80
N PHE F 33 12.28 -34.86 -9.55
CA PHE F 33 12.96 -35.62 -8.50
C PHE F 33 12.08 -35.95 -7.29
N VAL F 34 11.05 -35.14 -6.99
CA VAL F 34 10.16 -35.39 -5.84
C VAL F 34 8.69 -35.19 -6.24
N ARG F 35 7.79 -35.91 -5.57
CA ARG F 35 6.35 -35.79 -5.78
C ARG F 35 5.60 -36.01 -4.46
N PHE F 36 4.48 -35.30 -4.30
CA PHE F 36 3.59 -35.41 -3.14
C PHE F 36 2.16 -35.33 -3.62
N ASP F 37 1.33 -36.24 -3.13
CA ASP F 37 -0.09 -36.29 -3.45
C ASP F 37 -0.87 -36.55 -2.17
N SER F 38 -1.73 -35.60 -1.78
CA SER F 38 -2.54 -35.67 -0.57
C SER F 38 -3.67 -36.71 -0.67
N ASP F 39 -4.01 -37.15 -1.91
CA ASP F 39 -5.09 -38.10 -2.20
C ASP F 39 -4.84 -39.52 -1.62
N ALA F 40 -3.57 -39.91 -1.33
CA ALA F 40 -3.20 -41.20 -0.75
C ALA F 40 -3.73 -41.36 0.68
N ALA F 41 -3.94 -42.63 1.12
CA ALA F 41 -4.43 -43.01 2.46
C ALA F 41 -3.57 -42.39 3.58
N SER F 42 -2.24 -42.39 3.38
CA SER F 42 -1.24 -41.80 4.26
C SER F 42 -0.21 -41.13 3.34
N PRO F 43 -0.43 -39.84 2.95
CA PRO F 43 0.46 -39.19 1.98
C PRO F 43 1.89 -38.97 2.46
N ARG F 44 2.85 -39.19 1.55
CA ARG F 44 4.29 -39.03 1.78
C ARG F 44 5.01 -38.57 0.52
N THR F 45 6.17 -37.91 0.68
CA THR F 45 7.00 -37.44 -0.43
C THR F 45 7.71 -38.66 -1.04
N GLU F 46 7.57 -38.85 -2.36
CA GLU F 46 8.13 -40.00 -3.06
C GLU F 46 9.28 -39.61 -4.00
N PRO F 47 10.38 -40.41 -4.04
CA PRO F 47 11.48 -40.10 -4.98
C PRO F 47 11.09 -40.37 -6.43
N ARG F 48 11.51 -39.48 -7.35
CA ARG F 48 11.20 -39.59 -8.78
C ARG F 48 12.49 -39.62 -9.65
N ALA F 49 13.65 -39.49 -8.99
CA ALA F 49 14.98 -39.54 -9.60
C ALA F 49 15.89 -40.48 -8.81
N PRO F 50 16.84 -41.22 -9.44
CA PRO F 50 17.68 -42.15 -8.67
C PRO F 50 18.67 -41.47 -7.72
N TRP F 51 19.09 -40.22 -8.04
CA TRP F 51 20.06 -39.47 -7.24
C TRP F 51 19.47 -38.80 -5.97
N ILE F 52 18.14 -38.86 -5.77
CA ILE F 52 17.51 -38.28 -4.58
C ILE F 52 17.25 -39.38 -3.52
N GLU F 53 17.29 -40.66 -3.92
CA GLU F 53 17.07 -41.83 -3.06
C GLU F 53 18.13 -41.96 -1.95
N GLN F 54 19.32 -41.36 -2.17
CA GLN F 54 20.45 -41.38 -1.22
C GLN F 54 20.21 -40.49 0.02
N GLU F 55 19.15 -39.64 -0.01
CA GLU F 55 18.80 -38.76 1.11
C GLU F 55 18.24 -39.57 2.26
N GLY F 56 18.64 -39.21 3.49
CA GLY F 56 18.23 -39.89 4.71
C GLY F 56 16.74 -39.79 5.05
N PRO F 57 16.25 -40.55 6.06
CA PRO F 57 14.82 -40.48 6.43
C PRO F 57 14.40 -39.11 6.98
N GLU F 58 15.37 -38.35 7.53
CA GLU F 58 15.19 -37.00 8.08
C GLU F 58 14.73 -36.03 6.99
N TYR F 59 15.27 -36.19 5.76
CA TYR F 59 14.93 -35.39 4.57
C TYR F 59 13.49 -35.65 4.14
N TRP F 60 13.11 -36.94 4.02
CA TRP F 60 11.80 -37.38 3.55
C TRP F 60 10.66 -37.01 4.51
N ASP F 61 10.89 -37.09 5.84
N ASP F 61 10.89 -37.09 5.85
CA ASP F 61 9.85 -36.74 6.83
CA ASP F 61 9.90 -36.75 6.85
C ASP F 61 9.67 -35.20 6.89
C ASP F 61 9.70 -35.22 6.94
N ARG F 62 10.76 -34.44 6.66
CA ARG F 62 10.74 -32.96 6.66
C ARG F 62 9.94 -32.48 5.44
N ASN F 63 10.17 -33.08 4.26
CA ASN F 63 9.46 -32.78 3.01
C ASN F 63 7.97 -33.12 3.13
N THR F 64 7.64 -34.25 3.80
CA THR F 64 6.27 -34.72 4.02
C THR F 64 5.55 -33.74 4.97
N GLN F 65 6.24 -33.24 6.02
CA GLN F 65 5.68 -32.32 7.01
C GLN F 65 5.29 -30.96 6.38
N ILE F 66 6.16 -30.39 5.53
CA ILE F 66 5.90 -29.09 4.88
C ILE F 66 4.77 -29.22 3.83
N PHE F 67 4.73 -30.35 3.08
CA PHE F 67 3.69 -30.56 2.06
C PHE F 67 2.35 -30.91 2.70
N LYS F 68 2.35 -31.49 3.92
CA LYS F 68 1.12 -31.79 4.68
C LYS F 68 0.53 -30.48 5.24
N THR F 69 1.42 -29.53 5.59
CA THR F 69 1.09 -28.21 6.08
C THR F 69 0.49 -27.40 4.92
N ASN F 70 1.11 -27.49 3.74
CA ASN F 70 0.68 -26.82 2.51
C ASN F 70 -0.70 -27.33 2.06
N THR F 71 -0.97 -28.64 2.28
CA THR F 71 -2.25 -29.27 1.95
C THR F 71 -3.37 -28.55 2.71
N GLN F 72 -3.19 -28.32 4.03
CA GLN F 72 -4.13 -27.63 4.91
C GLN F 72 -4.20 -26.12 4.56
N THR F 73 -3.05 -25.50 4.25
CA THR F 73 -2.93 -24.08 3.88
C THR F 73 -3.73 -23.78 2.61
N TYR F 74 -3.54 -24.61 1.56
CA TYR F 74 -4.21 -24.41 0.26
C TYR F 74 -5.70 -24.75 0.31
N ARG F 75 -6.15 -25.55 1.28
N ARG F 75 -6.15 -25.55 1.28
CA ARG F 75 -7.57 -25.88 1.49
CA ARG F 75 -7.56 -25.88 1.48
C ARG F 75 -8.32 -24.64 1.98
C ARG F 75 -8.30 -24.62 1.95
N GLU F 76 -7.68 -23.87 2.89
CA GLU F 76 -8.21 -22.62 3.45
C GLU F 76 -8.11 -21.50 2.39
N SER F 77 -7.02 -21.51 1.59
CA SER F 77 -6.77 -20.54 0.50
C SER F 77 -7.82 -20.68 -0.61
N LEU F 78 -8.23 -21.92 -0.94
CA LEU F 78 -9.27 -22.19 -1.93
C LEU F 78 -10.62 -21.67 -1.45
N ARG F 79 -10.88 -21.82 -0.14
CA ARG F 79 -12.09 -21.36 0.55
C ARG F 79 -12.14 -19.82 0.56
N ASN F 80 -10.98 -19.17 0.82
CA ASN F 80 -10.86 -17.71 0.88
C ASN F 80 -11.00 -17.06 -0.49
N LEU F 81 -10.36 -17.62 -1.53
CA LEU F 81 -10.41 -17.07 -2.89
C LEU F 81 -11.81 -17.24 -3.49
N ARG F 82 -12.54 -18.31 -3.09
CA ARG F 82 -13.92 -18.56 -3.49
C ARG F 82 -14.82 -17.42 -2.97
N GLY F 83 -14.55 -16.99 -1.73
CA GLY F 83 -15.23 -15.89 -1.07
C GLY F 83 -14.92 -14.53 -1.67
N TYR F 84 -13.65 -14.28 -2.05
CA TYR F 84 -13.20 -13.02 -2.66
C TYR F 84 -13.92 -12.73 -3.98
N TYR F 85 -14.12 -13.77 -4.80
CA TYR F 85 -14.78 -13.65 -6.10
C TYR F 85 -16.29 -13.95 -6.03
N ASN F 86 -16.82 -14.17 -4.79
CA ASN F 86 -18.24 -14.47 -4.49
C ASN F 86 -18.71 -15.69 -5.33
N GLN F 87 -17.82 -16.68 -5.47
CA GLN F 87 -18.07 -17.90 -6.26
C GLN F 87 -18.87 -18.93 -5.48
N SER F 88 -19.59 -19.78 -6.24
CA SER F 88 -20.42 -20.86 -5.73
C SER F 88 -19.57 -21.94 -5.06
N GLU F 89 -20.17 -22.65 -4.08
CA GLU F 89 -19.54 -23.74 -3.35
C GLU F 89 -19.63 -25.06 -4.14
N ALA F 90 -20.29 -25.06 -5.31
CA ALA F 90 -20.49 -26.23 -6.17
C ALA F 90 -19.38 -26.43 -7.20
N GLY F 91 -18.79 -25.33 -7.66
CA GLY F 91 -17.75 -25.33 -8.67
C GLY F 91 -16.37 -25.77 -8.20
N SER F 92 -15.59 -26.35 -9.13
CA SER F 92 -14.22 -26.81 -8.92
C SER F 92 -13.24 -25.70 -9.32
N HIS F 93 -12.30 -25.36 -8.41
CA HIS F 93 -11.33 -24.30 -8.67
C HIS F 93 -9.91 -24.79 -8.40
N ILE F 94 -8.92 -24.17 -9.08
CA ILE F 94 -7.51 -24.55 -8.99
C ILE F 94 -6.59 -23.38 -8.63
N ILE F 95 -5.73 -23.59 -7.62
CA ILE F 95 -4.66 -22.66 -7.23
C ILE F 95 -3.35 -23.33 -7.64
N GLN F 96 -2.57 -22.65 -8.49
CA GLN F 96 -1.28 -23.15 -8.95
C GLN F 96 -0.17 -22.24 -8.48
N ARG F 97 0.98 -22.82 -8.11
CA ARG F 97 2.13 -22.03 -7.67
C ARG F 97 3.43 -22.56 -8.28
N MET F 98 4.23 -21.65 -8.83
N MET F 98 4.21 -21.64 -8.86
CA MET F 98 5.52 -21.98 -9.41
CA MET F 98 5.53 -21.87 -9.45
C MET F 98 6.57 -21.05 -8.81
C MET F 98 6.57 -21.02 -8.76
N TYR F 99 7.60 -21.65 -8.17
CA TYR F 99 8.69 -20.90 -7.55
C TYR F 99 10.00 -21.66 -7.70
N GLY F 100 11.10 -20.91 -7.72
CA GLY F 100 12.43 -21.50 -7.85
C GLY F 100 13.55 -20.52 -8.06
N CYS F 101 14.77 -21.07 -8.16
CA CYS F 101 16.00 -20.32 -8.33
C CYS F 101 16.75 -20.77 -9.58
N ASP F 102 17.20 -19.80 -10.38
CA ASP F 102 17.98 -20.03 -11.59
C ASP F 102 19.45 -19.75 -11.31
N LEU F 103 20.31 -20.66 -11.76
CA LEU F 103 21.75 -20.59 -11.59
C LEU F 103 22.44 -20.41 -12.95
N GLY F 104 23.40 -19.49 -13.00
CA GLY F 104 24.18 -19.23 -14.20
C GLY F 104 25.24 -20.29 -14.46
N PRO F 105 26.10 -20.12 -15.49
CA PRO F 105 27.15 -21.13 -15.75
C PRO F 105 28.20 -21.20 -14.64
N ASP F 106 28.41 -20.06 -13.94
CA ASP F 106 29.33 -19.87 -12.82
C ASP F 106 28.91 -20.66 -11.57
N GLY F 107 27.59 -20.77 -11.35
CA GLY F 107 27.01 -21.46 -10.21
C GLY F 107 26.44 -20.53 -9.16
N ARG F 108 26.28 -19.24 -9.51
CA ARG F 108 25.72 -18.20 -8.62
C ARG F 108 24.25 -17.97 -8.96
N LEU F 109 23.48 -17.37 -8.02
CA LEU F 109 22.06 -17.06 -8.24
C LEU F 109 21.90 -16.01 -9.32
N LEU F 110 21.28 -16.40 -10.44
CA LEU F 110 21.00 -15.55 -11.58
C LEU F 110 19.64 -14.87 -11.39
N ARG F 111 18.58 -15.65 -11.10
CA ARG F 111 17.23 -15.13 -10.91
C ARG F 111 16.37 -16.01 -9.99
N GLY F 112 15.79 -15.37 -8.99
CA GLY F 112 14.83 -15.98 -8.06
C GLY F 112 13.45 -15.57 -8.50
N HIS F 113 12.47 -16.50 -8.47
CA HIS F 113 11.11 -16.20 -8.91
C HIS F 113 10.04 -16.97 -8.14
N ASP F 114 8.82 -16.40 -8.09
CA ASP F 114 7.64 -16.96 -7.44
C ASP F 114 6.39 -16.36 -8.07
N GLN F 115 5.47 -17.23 -8.50
CA GLN F 115 4.21 -16.88 -9.16
C GLN F 115 3.08 -17.78 -8.68
N SER F 116 1.87 -17.23 -8.58
CA SER F 116 0.66 -17.95 -8.18
C SER F 116 -0.48 -17.62 -9.13
N ALA F 117 -1.32 -18.61 -9.42
CA ALA F 117 -2.45 -18.46 -10.32
C ALA F 117 -3.73 -19.00 -9.71
N TYR F 118 -4.86 -18.53 -10.25
CA TYR F 118 -6.20 -18.97 -9.88
C TYR F 118 -6.98 -19.22 -11.15
N ASP F 119 -7.34 -20.49 -11.39
CA ASP F 119 -8.06 -21.01 -12.56
C ASP F 119 -7.33 -20.68 -13.88
N GLY F 120 -6.01 -20.87 -13.87
CA GLY F 120 -5.13 -20.64 -15.02
C GLY F 120 -4.86 -19.20 -15.37
N LYS F 121 -5.10 -18.28 -14.43
CA LYS F 121 -4.91 -16.84 -14.57
C LYS F 121 -3.97 -16.32 -13.51
N ASP F 122 -3.01 -15.45 -13.89
CA ASP F 122 -2.06 -14.83 -12.95
C ASP F 122 -2.82 -14.20 -11.79
N TYR F 123 -2.42 -14.51 -10.55
CA TYR F 123 -3.09 -14.00 -9.36
C TYR F 123 -2.14 -13.08 -8.60
N ILE F 124 -1.06 -13.63 -8.04
CA ILE F 124 -0.05 -12.86 -7.30
C ILE F 124 1.34 -13.38 -7.66
N ALA F 125 2.27 -12.45 -7.91
CA ALA F 125 3.64 -12.79 -8.28
C ALA F 125 4.65 -11.93 -7.54
N LEU F 126 5.79 -12.53 -7.18
CA LEU F 126 6.90 -11.83 -6.54
C LEU F 126 7.64 -11.03 -7.61
N ASN F 127 7.94 -9.75 -7.33
CA ASN F 127 8.63 -8.87 -8.26
C ASN F 127 10.12 -9.22 -8.36
N GLU F 128 10.80 -8.68 -9.40
CA GLU F 128 12.22 -8.89 -9.69
C GLU F 128 13.13 -8.44 -8.52
N ASP F 129 12.66 -7.48 -7.70
CA ASP F 129 13.38 -6.97 -6.53
C ASP F 129 13.40 -7.98 -5.38
N LEU F 130 12.48 -8.99 -5.43
CA LEU F 130 12.26 -10.08 -4.46
C LEU F 130 11.83 -9.51 -3.08
N SER F 131 11.17 -8.35 -3.08
CA SER F 131 10.75 -7.67 -1.85
C SER F 131 9.33 -7.08 -1.94
N SER F 132 8.67 -7.16 -3.11
CA SER F 132 7.31 -6.65 -3.31
C SER F 132 6.49 -7.60 -4.20
N TRP F 133 5.16 -7.45 -4.18
CA TRP F 133 4.22 -8.28 -4.93
C TRP F 133 3.45 -7.51 -5.98
N THR F 134 3.01 -8.22 -7.03
CA THR F 134 2.17 -7.69 -8.10
C THR F 134 0.86 -8.49 -8.04
N ALA F 135 -0.22 -7.80 -7.63
CA ALA F 135 -1.56 -8.35 -7.55
C ALA F 135 -2.28 -8.11 -8.88
N ALA F 136 -2.99 -9.15 -9.39
CA ALA F 136 -3.70 -9.04 -10.66
C ALA F 136 -5.02 -8.26 -10.53
N ASP F 137 -5.66 -8.33 -9.35
CA ASP F 137 -6.95 -7.68 -9.09
C ASP F 137 -7.09 -7.29 -7.61
N THR F 138 -8.30 -6.82 -7.21
CA THR F 138 -8.63 -6.40 -5.85
C THR F 138 -8.67 -7.61 -4.90
N ALA F 139 -8.95 -8.82 -5.42
CA ALA F 139 -8.97 -10.05 -4.64
C ALA F 139 -7.55 -10.45 -4.24
N ALA F 140 -6.59 -10.34 -5.19
CA ALA F 140 -5.18 -10.64 -4.99
C ALA F 140 -4.52 -9.62 -4.06
N GLN F 141 -5.12 -8.42 -3.95
CA GLN F 141 -4.67 -7.35 -3.05
C GLN F 141 -4.87 -7.73 -1.59
N ILE F 142 -5.95 -8.48 -1.29
CA ILE F 142 -6.26 -8.99 0.06
C ILE F 142 -5.16 -10.00 0.46
N THR F 143 -4.76 -10.87 -0.50
CA THR F 143 -3.70 -11.88 -0.33
C THR F 143 -2.35 -11.16 -0.09
N GLN F 144 -2.08 -10.10 -0.88
CA GLN F 144 -0.86 -9.27 -0.79
C GLN F 144 -0.69 -8.69 0.61
N ARG F 145 -1.76 -8.11 1.18
CA ARG F 145 -1.77 -7.51 2.52
C ARG F 145 -1.51 -8.55 3.60
N LYS F 146 -2.05 -9.78 3.42
CA LYS F 146 -1.85 -10.90 4.34
C LYS F 146 -0.39 -11.35 4.29
N TRP F 147 0.16 -11.48 3.07
CA TRP F 147 1.52 -11.90 2.80
C TRP F 147 2.55 -10.85 3.22
N GLU F 148 2.19 -9.54 3.19
CA GLU F 148 3.05 -8.45 3.65
C GLU F 148 3.18 -8.49 5.18
N ALA F 149 2.05 -8.71 5.88
CA ALA F 149 1.98 -8.79 7.35
C ALA F 149 2.68 -10.06 7.86
N ALA F 150 2.68 -11.14 7.06
CA ALA F 150 3.30 -12.43 7.39
C ALA F 150 4.81 -12.43 7.10
N ARG F 151 5.30 -11.42 6.35
CA ARG F 151 6.71 -11.23 5.94
C ARG F 151 7.14 -12.36 4.97
N VAL F 152 6.25 -12.73 4.02
CA VAL F 152 6.49 -13.79 3.04
C VAL F 152 7.67 -13.42 2.13
N ALA F 153 7.64 -12.22 1.50
CA ALA F 153 8.67 -11.72 0.57
C ALA F 153 10.08 -11.76 1.17
N GLU F 154 10.24 -11.38 2.46
CA GLU F 154 11.53 -11.35 3.16
C GLU F 154 12.10 -12.75 3.36
N GLN F 155 11.27 -13.70 3.82
CA GLN F 155 11.68 -15.08 4.07
C GLN F 155 11.80 -15.87 2.77
N LEU F 156 11.05 -15.47 1.72
CA LEU F 156 11.12 -16.11 0.40
C LEU F 156 12.41 -15.69 -0.30
N ARG F 157 12.82 -14.41 -0.17
CA ARG F 157 14.06 -13.87 -0.73
C ARG F 157 15.26 -14.62 -0.14
N ALA F 158 15.28 -14.77 1.21
CA ALA F 158 16.32 -15.47 1.97
C ALA F 158 16.43 -16.94 1.55
N TYR F 159 15.28 -17.58 1.23
CA TYR F 159 15.21 -18.96 0.77
C TYR F 159 15.80 -19.08 -0.63
N LEU F 160 15.34 -18.21 -1.58
CA LEU F 160 15.77 -18.19 -2.97
C LEU F 160 17.25 -17.85 -3.14
N GLU F 161 17.80 -17.00 -2.26
CA GLU F 161 19.21 -16.59 -2.27
C GLU F 161 20.10 -17.58 -1.52
N GLY F 162 19.53 -18.30 -0.56
CA GLY F 162 20.25 -19.26 0.27
C GLY F 162 19.99 -20.72 -0.02
N LEU F 163 19.10 -21.33 0.79
CA LEU F 163 18.72 -22.74 0.77
C LEU F 163 18.34 -23.30 -0.62
N CYS F 164 17.65 -22.50 -1.47
CA CYS F 164 17.26 -22.93 -2.82
C CYS F 164 18.51 -23.24 -3.65
N VAL F 165 19.46 -22.29 -3.69
CA VAL F 165 20.75 -22.37 -4.40
C VAL F 165 21.59 -23.50 -3.80
N GLU F 166 21.69 -23.53 -2.45
CA GLU F 166 22.43 -24.49 -1.63
C GLU F 166 22.03 -25.94 -1.95
N TRP F 167 20.72 -26.23 -1.97
CA TRP F 167 20.20 -27.58 -2.25
C TRP F 167 20.28 -27.92 -3.73
N LEU F 168 20.11 -26.93 -4.64
CA LEU F 168 20.22 -27.14 -6.08
C LEU F 168 21.65 -27.58 -6.42
N ARG F 169 22.67 -26.92 -5.81
CA ARG F 169 24.10 -27.25 -5.98
C ARG F 169 24.39 -28.68 -5.50
N ARG F 170 23.75 -29.09 -4.39
CA ARG F 170 23.87 -30.43 -3.80
C ARG F 170 23.28 -31.49 -4.75
N TYR F 171 22.09 -31.22 -5.31
CA TYR F 171 21.38 -32.12 -6.23
C TYR F 171 22.17 -32.28 -7.53
N LEU F 172 22.80 -31.19 -8.01
CA LEU F 172 23.59 -31.17 -9.24
C LEU F 172 24.85 -32.02 -9.10
N GLU F 173 25.43 -32.08 -7.87
CA GLU F 173 26.61 -32.88 -7.57
C GLU F 173 26.26 -34.36 -7.44
N ASN F 174 25.17 -34.68 -6.72
CA ASN F 174 24.70 -36.05 -6.48
C ASN F 174 24.22 -36.73 -7.77
N GLY F 175 23.72 -35.94 -8.72
CA GLY F 175 23.25 -36.44 -10.01
C GLY F 175 23.97 -35.85 -11.20
N LYS F 176 25.30 -35.67 -11.09
CA LYS F 176 26.15 -35.08 -12.13
C LYS F 176 26.22 -35.95 -13.41
N GLU F 177 26.03 -37.27 -13.30
CA GLU F 177 26.08 -38.20 -14.42
C GLU F 177 24.83 -38.10 -15.33
N THR F 178 23.72 -37.51 -14.83
CA THR F 178 22.48 -37.38 -15.60
C THR F 178 22.08 -35.91 -15.82
N LEU F 179 22.26 -35.04 -14.80
CA LEU F 179 21.88 -33.62 -14.88
C LEU F 179 22.92 -32.75 -15.60
N GLN F 180 24.22 -32.95 -15.30
CA GLN F 180 25.32 -32.17 -15.88
C GLN F 180 25.83 -32.79 -17.20
N ARG F 181 25.24 -33.92 -17.62
CA ARG F 181 25.57 -34.62 -18.86
C ARG F 181 24.43 -34.44 -19.87
N ALA F 182 24.74 -33.78 -21.01
CA ALA F 182 23.76 -33.52 -22.06
C ALA F 182 23.77 -34.64 -23.10
N ASP F 183 22.58 -35.15 -23.45
CA ASP F 183 22.41 -36.21 -24.43
C ASP F 183 22.15 -35.62 -25.82
N PRO F 184 23.00 -35.91 -26.84
CA PRO F 184 22.76 -35.32 -28.17
C PRO F 184 21.64 -36.06 -28.93
N PRO F 185 20.93 -35.39 -29.87
CA PRO F 185 19.85 -36.08 -30.59
C PRO F 185 20.35 -37.04 -31.68
N LYS F 186 19.61 -38.14 -31.88
CA LYS F 186 19.86 -39.13 -32.93
C LYS F 186 19.12 -38.63 -34.17
N THR F 187 19.87 -38.00 -35.08
CA THR F 187 19.31 -37.37 -36.27
C THR F 187 19.35 -38.26 -37.50
N HIS F 188 18.23 -38.27 -38.24
CA HIS F 188 18.01 -39.00 -39.50
C HIS F 188 16.82 -38.38 -40.25
N VAL F 189 16.88 -38.41 -41.60
CA VAL F 189 15.84 -37.88 -42.47
C VAL F 189 15.13 -39.05 -43.17
N THR F 190 13.81 -38.92 -43.43
CA THR F 190 13.01 -39.98 -44.05
C THR F 190 12.24 -39.45 -45.29
N HIS F 191 12.13 -40.30 -46.34
CA HIS F 191 11.44 -40.02 -47.61
C HIS F 191 10.01 -40.54 -47.60
N HIS F 192 9.04 -39.67 -47.92
CA HIS F 192 7.62 -40.02 -48.01
C HIS F 192 6.94 -39.16 -49.08
N PRO F 193 6.44 -39.77 -50.19
CA PRO F 193 5.76 -38.97 -51.22
C PRO F 193 4.34 -38.58 -50.80
N VAL F 194 3.83 -37.44 -51.34
CA VAL F 194 2.47 -36.96 -51.04
C VAL F 194 1.65 -36.80 -52.34
N SER F 195 2.30 -36.36 -53.43
CA SER F 195 1.69 -36.17 -54.75
C SER F 195 2.65 -36.69 -55.84
N ASP F 196 2.41 -36.36 -57.13
CA ASP F 196 3.29 -36.83 -58.21
C ASP F 196 4.37 -35.76 -58.53
N HIS F 197 4.03 -34.48 -58.31
CA HIS F 197 4.87 -33.29 -58.52
C HIS F 197 5.56 -32.85 -57.24
N GLU F 198 4.94 -33.13 -56.06
CA GLU F 198 5.52 -32.78 -54.77
C GLU F 198 5.53 -33.95 -53.78
N ALA F 199 6.52 -33.95 -52.86
CA ALA F 199 6.77 -34.93 -51.80
C ALA F 199 6.95 -34.22 -50.43
N THR F 200 7.38 -34.95 -49.38
CA THR F 200 7.58 -34.40 -48.05
C THR F 200 8.81 -35.05 -47.38
N LEU F 201 9.77 -34.20 -46.98
CA LEU F 201 11.01 -34.57 -46.28
C LEU F 201 10.83 -34.30 -44.79
N ARG F 202 11.13 -35.28 -43.93
CA ARG F 202 10.97 -35.09 -42.49
C ARG F 202 12.25 -35.45 -41.75
N CYS F 203 12.77 -34.50 -40.97
CA CYS F 203 13.99 -34.69 -40.19
C CYS F 203 13.63 -35.02 -38.74
N TRP F 204 14.23 -36.10 -38.22
CA TRP F 204 13.97 -36.57 -36.87
C TRP F 204 15.09 -36.23 -35.90
N ALA F 205 14.70 -35.93 -34.66
CA ALA F 205 15.57 -35.67 -33.52
C ALA F 205 15.02 -36.48 -32.34
N LEU F 206 15.77 -37.52 -31.92
CA LEU F 206 15.34 -38.45 -30.86
C LEU F 206 16.39 -38.68 -29.77
N GLY F 207 15.92 -39.03 -28.58
CA GLY F 207 16.75 -39.37 -27.42
C GLY F 207 17.68 -38.27 -26.93
N PHE F 208 17.20 -37.01 -26.91
CA PHE F 208 18.00 -35.88 -26.45
C PHE F 208 17.52 -35.32 -25.12
N TYR F 209 18.46 -34.81 -24.32
CA TYR F 209 18.26 -34.15 -23.04
C TYR F 209 19.27 -33.00 -22.91
N PRO F 210 18.84 -31.75 -22.58
CA PRO F 210 17.48 -31.29 -22.26
C PRO F 210 16.57 -31.11 -23.49
N ALA F 211 15.31 -30.72 -23.26
CA ALA F 211 14.26 -30.53 -24.28
C ALA F 211 14.53 -29.37 -25.25
N GLU F 212 15.39 -28.41 -24.88
CA GLU F 212 15.74 -27.25 -25.71
C GLU F 212 16.44 -27.70 -27.01
N ILE F 213 15.80 -27.45 -28.16
CA ILE F 213 16.28 -27.81 -29.50
C ILE F 213 15.65 -26.89 -30.56
N THR F 214 16.31 -26.76 -31.72
CA THR F 214 15.83 -25.98 -32.87
C THR F 214 16.11 -26.75 -34.16
N LEU F 215 15.03 -27.11 -34.88
CA LEU F 215 15.08 -27.83 -36.15
C LEU F 215 14.60 -26.90 -37.27
N THR F 216 15.46 -26.65 -38.27
CA THR F 216 15.13 -25.77 -39.40
C THR F 216 15.50 -26.41 -40.73
N TRP F 217 14.64 -26.21 -41.75
CA TRP F 217 14.86 -26.69 -43.11
C TRP F 217 15.32 -25.52 -43.98
N GLN F 218 16.27 -25.79 -44.89
CA GLN F 218 16.83 -24.77 -45.77
C GLN F 218 16.89 -25.22 -47.23
N ARG F 219 16.19 -24.50 -48.12
CA ARG F 219 16.25 -24.72 -49.57
C ARG F 219 17.32 -23.78 -50.07
N ASP F 220 18.55 -24.29 -50.26
CA ASP F 220 19.71 -23.49 -50.65
C ASP F 220 19.83 -22.28 -49.68
N GLY F 221 19.92 -22.60 -48.40
CA GLY F 221 20.08 -21.67 -47.28
C GLY F 221 19.08 -20.58 -47.01
N GLU F 222 17.76 -20.90 -46.93
CA GLU F 222 16.72 -19.91 -46.56
C GLU F 222 15.77 -20.55 -45.54
N ASP F 223 15.09 -19.78 -44.66
CA ASP F 223 14.18 -20.37 -43.67
C ASP F 223 12.73 -20.32 -44.14
N GLN F 224 12.00 -21.43 -43.91
CA GLN F 224 10.61 -21.64 -44.36
C GLN F 224 9.57 -21.63 -43.24
N THR F 225 9.64 -20.70 -42.25
CA THR F 225 8.71 -20.60 -41.12
C THR F 225 7.22 -20.98 -41.46
N GLN F 226 6.69 -20.52 -42.62
CA GLN F 226 5.32 -20.86 -43.04
C GLN F 226 5.29 -22.29 -43.63
N ASP F 227 6.22 -22.57 -44.56
CA ASP F 227 6.35 -23.83 -45.30
C ASP F 227 7.01 -24.98 -44.47
N THR F 228 7.18 -24.81 -43.13
CA THR F 228 7.71 -25.87 -42.26
C THR F 228 6.68 -26.28 -41.23
N GLU F 229 6.25 -27.54 -41.30
CA GLU F 229 5.33 -28.08 -40.30
C GLU F 229 6.20 -28.65 -39.18
N LEU F 230 6.66 -27.77 -38.27
CA LEU F 230 7.47 -28.22 -37.14
C LEU F 230 6.52 -28.66 -36.05
N VAL F 231 6.77 -29.85 -35.48
CA VAL F 231 5.91 -30.33 -34.41
C VAL F 231 6.50 -29.91 -33.05
N GLU F 232 5.65 -29.81 -32.03
CA GLU F 232 6.01 -29.42 -30.65
C GLU F 232 6.85 -30.54 -30.01
N THR F 233 7.88 -30.16 -29.21
CA THR F 233 8.77 -31.09 -28.50
C THR F 233 7.92 -31.96 -27.56
N ARG F 234 8.09 -33.28 -27.65
CA ARG F 234 7.31 -34.26 -26.90
C ARG F 234 8.20 -35.20 -26.05
N PRO F 235 7.75 -35.65 -24.86
CA PRO F 235 8.57 -36.60 -24.07
C PRO F 235 8.49 -38.02 -24.64
N ALA F 236 9.64 -38.69 -24.77
CA ALA F 236 9.75 -40.04 -25.33
C ALA F 236 9.05 -41.08 -24.44
N GLY F 237 9.17 -40.94 -23.13
CA GLY F 237 8.59 -41.89 -22.20
C GLY F 237 9.63 -42.14 -21.11
N ASP F 238 10.89 -41.95 -21.47
CA ASP F 238 12.00 -42.08 -20.54
C ASP F 238 12.30 -40.62 -20.25
N ARG F 239 13.52 -40.31 -19.85
CA ARG F 239 13.87 -38.92 -19.58
C ARG F 239 14.48 -38.11 -20.72
N THR F 240 14.18 -38.54 -21.93
CA THR F 240 14.66 -37.88 -23.16
C THR F 240 13.44 -37.36 -23.96
N PHE F 241 13.69 -36.55 -25.00
CA PHE F 241 12.63 -35.93 -25.80
C PHE F 241 12.79 -36.20 -27.30
N GLN F 242 11.74 -35.87 -28.08
CA GLN F 242 11.72 -36.03 -29.55
C GLN F 242 11.00 -34.86 -30.22
N LYS F 243 11.43 -34.53 -31.45
CA LYS F 243 10.92 -33.43 -32.27
C LYS F 243 11.21 -33.68 -33.75
N TRP F 244 10.31 -33.24 -34.64
CA TRP F 244 10.51 -33.36 -36.08
C TRP F 244 10.05 -32.12 -36.83
N ALA F 245 10.65 -31.89 -38.02
CA ALA F 245 10.35 -30.79 -38.94
C ALA F 245 10.14 -31.35 -40.35
N ALA F 246 9.02 -30.97 -41.00
CA ALA F 246 8.68 -31.45 -42.34
C ALA F 246 8.44 -30.30 -43.32
N VAL F 247 8.79 -30.52 -44.60
CA VAL F 247 8.64 -29.52 -45.67
C VAL F 247 7.87 -30.08 -46.86
N VAL F 248 7.08 -29.21 -47.52
CA VAL F 248 6.38 -29.55 -48.77
C VAL F 248 7.44 -29.28 -49.86
N VAL F 249 7.77 -30.31 -50.65
CA VAL F 249 8.90 -30.27 -51.61
C VAL F 249 8.52 -30.59 -53.05
N PRO F 250 9.03 -29.88 -54.09
CA PRO F 250 8.74 -30.32 -55.46
C PRO F 250 9.67 -31.47 -55.87
N SER F 251 9.09 -32.65 -56.22
CA SER F 251 9.78 -33.89 -56.63
C SER F 251 10.91 -33.60 -57.62
N GLY F 252 12.12 -34.02 -57.23
CA GLY F 252 13.37 -33.78 -57.95
C GLY F 252 14.26 -32.81 -57.20
N GLU F 253 13.66 -31.76 -56.62
CA GLU F 253 14.35 -30.72 -55.85
C GLU F 253 14.70 -31.16 -54.40
N GLU F 254 14.53 -32.46 -54.06
CA GLU F 254 14.80 -33.02 -52.73
C GLU F 254 16.29 -33.32 -52.48
N GLN F 255 17.19 -32.40 -52.88
CA GLN F 255 18.62 -32.56 -52.67
C GLN F 255 19.26 -31.20 -52.35
N ARG F 256 18.56 -30.12 -52.70
CA ARG F 256 18.95 -28.75 -52.39
C ARG F 256 18.26 -28.32 -51.08
N TYR F 257 17.69 -29.31 -50.38
CA TYR F 257 17.05 -29.17 -49.09
C TYR F 257 17.94 -29.81 -48.04
N THR F 258 18.38 -28.98 -47.09
CA THR F 258 19.27 -29.38 -46.01
C THR F 258 18.62 -29.03 -44.67
N CYS F 259 18.81 -29.88 -43.65
CA CYS F 259 18.23 -29.59 -42.35
C CYS F 259 19.32 -29.26 -41.34
N HIS F 260 19.01 -28.30 -40.46
CA HIS F 260 19.90 -27.84 -39.42
C HIS F 260 19.30 -28.10 -38.05
N VAL F 261 20.06 -28.77 -37.19
CA VAL F 261 19.67 -29.14 -35.83
C VAL F 261 20.67 -28.49 -34.85
N GLN F 262 20.14 -27.79 -33.83
CA GLN F 262 20.95 -27.09 -32.84
C GLN F 262 20.55 -27.56 -31.43
N HIS F 263 21.51 -28.19 -30.73
CA HIS F 263 21.37 -28.73 -29.38
C HIS F 263 22.69 -28.59 -28.62
N GLU F 264 22.64 -28.43 -27.27
CA GLU F 264 23.83 -28.27 -26.44
C GLU F 264 24.65 -29.58 -26.31
N GLY F 265 24.02 -30.72 -26.60
CA GLY F 265 24.65 -32.03 -26.61
C GLY F 265 25.61 -32.19 -27.78
N LEU F 266 25.36 -31.44 -28.87
CA LEU F 266 26.17 -31.39 -30.09
C LEU F 266 27.27 -30.32 -29.92
N PRO F 267 28.53 -30.58 -30.33
CA PRO F 267 29.59 -29.55 -30.16
C PRO F 267 29.32 -28.27 -30.95
N LYS F 268 28.87 -28.41 -32.21
CA LYS F 268 28.54 -27.31 -33.13
C LYS F 268 27.33 -27.71 -34.00
N PRO F 269 26.50 -26.76 -34.55
CA PRO F 269 25.33 -27.17 -35.35
C PRO F 269 25.61 -28.24 -36.41
N LEU F 270 24.70 -29.23 -36.49
CA LEU F 270 24.79 -30.37 -37.39
C LEU F 270 23.90 -30.17 -38.61
N THR F 271 24.40 -30.58 -39.79
CA THR F 271 23.70 -30.43 -41.08
C THR F 271 23.54 -31.79 -41.74
N LEU F 272 22.33 -32.08 -42.25
CA LEU F 272 22.03 -33.37 -42.87
C LEU F 272 20.89 -33.31 -43.90
N ARG F 273 20.93 -34.27 -44.83
CA ARG F 273 19.94 -34.51 -45.89
C ARG F 273 19.99 -36.02 -46.18
N TRP F 274 19.59 -36.44 -47.39
CA TRP F 274 19.52 -37.83 -47.82
C TRP F 274 20.74 -38.69 -47.48
N ILE G 2 -10.77 -18.79 -19.46
CA ILE G 2 -10.95 -19.65 -18.29
C ILE G 2 -10.56 -21.11 -18.62
N GLN G 3 -10.89 -21.57 -19.84
CA GLN G 3 -10.63 -22.94 -20.29
C GLN G 3 -9.80 -22.99 -21.56
N ARG G 4 -8.85 -23.95 -21.60
CA ARG G 4 -7.95 -24.19 -22.72
C ARG G 4 -8.16 -25.61 -23.28
N THR G 5 -8.20 -25.73 -24.63
CA THR G 5 -8.38 -27.02 -25.33
C THR G 5 -7.06 -27.79 -25.33
N PRO G 6 -7.09 -29.13 -25.11
CA PRO G 6 -5.83 -29.89 -25.13
C PRO G 6 -5.28 -30.14 -26.53
N LYS G 7 -3.96 -29.97 -26.67
CA LYS G 7 -3.20 -30.27 -27.89
C LYS G 7 -2.86 -31.75 -27.79
N ILE G 8 -3.10 -32.52 -28.84
CA ILE G 8 -2.89 -33.96 -28.78
C ILE G 8 -1.88 -34.43 -29.86
N GLN G 9 -0.97 -35.33 -29.44
CA GLN G 9 0.06 -35.95 -30.27
C GLN G 9 0.16 -37.44 -29.95
N VAL G 10 -0.09 -38.29 -30.95
CA VAL G 10 -0.01 -39.75 -30.82
C VAL G 10 1.22 -40.23 -31.62
N TYR G 11 2.15 -40.92 -30.95
CA TYR G 11 3.42 -41.36 -31.53
C TYR G 11 4.01 -42.56 -30.77
N SER G 12 5.07 -43.18 -31.35
CA SER G 12 5.78 -44.30 -30.75
C SER G 12 7.09 -43.84 -30.12
N ARG G 13 7.54 -44.53 -29.05
CA ARG G 13 8.77 -44.26 -28.30
C ARG G 13 10.02 -44.33 -29.22
N HIS G 14 10.10 -45.41 -30.03
CA HIS G 14 11.17 -45.65 -30.99
C HIS G 14 10.56 -45.86 -32.39
N PRO G 15 11.25 -45.55 -33.49
CA PRO G 15 10.67 -45.69 -34.80
C PRO G 15 10.18 -47.14 -34.82
N ALA G 16 8.99 -47.38 -35.32
CA ALA G 16 8.47 -48.75 -35.21
C ALA G 16 8.52 -49.52 -36.53
N GLU G 17 8.46 -50.84 -36.41
CA GLU G 17 8.37 -51.71 -37.60
C GLU G 17 7.59 -52.95 -37.20
N ASN G 18 6.74 -53.42 -38.10
CA ASN G 18 5.83 -54.58 -37.90
C ASN G 18 6.53 -55.71 -37.17
N GLY G 19 5.95 -56.16 -36.06
CA GLY G 19 6.57 -57.26 -35.33
C GLY G 19 7.41 -56.78 -34.18
N LYS G 20 7.87 -55.52 -34.22
CA LYS G 20 8.68 -55.08 -33.05
C LYS G 20 7.86 -54.18 -32.14
N SER G 21 7.57 -54.72 -30.97
CA SER G 21 6.88 -54.06 -29.84
C SER G 21 7.71 -52.92 -29.22
N ASN G 22 7.11 -51.74 -29.03
CA ASN G 22 7.76 -50.61 -28.33
C ASN G 22 6.62 -49.88 -27.55
N PHE G 23 6.69 -48.57 -27.24
CA PHE G 23 5.60 -47.94 -26.47
C PHE G 23 4.73 -46.95 -27.24
N LEU G 24 3.40 -47.11 -27.13
CA LEU G 24 2.47 -46.18 -27.78
C LEU G 24 2.20 -45.03 -26.84
N ASN G 25 2.59 -43.83 -27.25
CA ASN G 25 2.45 -42.61 -26.46
C ASN G 25 1.35 -41.70 -26.99
N CYS G 26 0.67 -41.03 -26.06
CA CYS G 26 -0.36 -40.04 -26.33
C CYS G 26 -0.12 -38.87 -25.41
N TYR G 27 0.50 -37.82 -25.95
CA TYR G 27 0.87 -36.61 -25.20
C TYR G 27 -0.22 -35.55 -25.32
N VAL G 28 -0.82 -35.21 -24.17
CA VAL G 28 -1.88 -34.21 -24.05
C VAL G 28 -1.33 -33.04 -23.24
N SER G 29 -1.31 -31.84 -23.85
CA SER G 29 -0.75 -30.63 -23.24
C SER G 29 -1.58 -29.39 -23.58
N GLY G 30 -1.30 -28.28 -22.91
CA GLY G 30 -1.96 -26.99 -23.12
C GLY G 30 -3.43 -26.94 -22.76
N PHE G 31 -3.85 -27.69 -21.73
CA PHE G 31 -5.25 -27.73 -21.31
C PHE G 31 -5.45 -27.22 -19.87
N HIS G 32 -6.64 -26.68 -19.61
CA HIS G 32 -7.10 -26.16 -18.32
C HIS G 32 -8.64 -26.22 -18.27
N PRO G 33 -9.31 -26.81 -17.23
CA PRO G 33 -8.78 -27.42 -15.99
C PRO G 33 -8.03 -28.75 -16.21
N SER G 34 -7.47 -29.31 -15.11
CA SER G 34 -6.67 -30.55 -15.08
C SER G 34 -7.45 -31.84 -15.40
N ASP G 35 -8.76 -31.89 -15.09
CA ASP G 35 -9.60 -33.07 -15.32
C ASP G 35 -9.71 -33.39 -16.82
N ILE G 36 -9.18 -34.56 -17.23
CA ILE G 36 -9.14 -35.02 -18.62
C ILE G 36 -9.36 -36.56 -18.68
N GLU G 37 -9.97 -37.03 -19.78
CA GLU G 37 -10.22 -38.45 -20.05
C GLU G 37 -9.38 -38.88 -21.25
N VAL G 38 -8.35 -39.71 -21.01
CA VAL G 38 -7.44 -40.17 -22.06
C VAL G 38 -7.40 -41.71 -22.09
N ASP G 39 -7.64 -42.28 -23.29
CA ASP G 39 -7.64 -43.72 -23.53
C ASP G 39 -7.06 -44.05 -24.90
N LEU G 40 -6.14 -45.05 -24.94
CA LEU G 40 -5.48 -45.52 -26.16
C LEU G 40 -6.37 -46.57 -26.82
N LEU G 41 -6.39 -46.61 -28.16
CA LEU G 41 -7.28 -47.50 -28.90
C LEU G 41 -6.56 -48.39 -29.92
N LYS G 42 -7.05 -49.64 -30.05
CA LYS G 42 -6.60 -50.65 -31.00
C LYS G 42 -7.84 -51.19 -31.72
N ASN G 43 -8.14 -50.59 -32.89
CA ASN G 43 -9.28 -50.86 -33.77
C ASN G 43 -10.60 -50.48 -33.08
N GLY G 44 -10.55 -49.37 -32.34
CA GLY G 44 -11.69 -48.80 -31.61
C GLY G 44 -11.90 -49.36 -30.22
N GLU G 45 -10.94 -50.13 -29.70
CA GLU G 45 -11.06 -50.77 -28.39
C GLU G 45 -10.10 -50.18 -27.38
N ARG G 46 -10.61 -49.79 -26.19
CA ARG G 46 -9.82 -49.23 -25.11
C ARG G 46 -8.80 -50.26 -24.65
N ILE G 47 -7.51 -49.99 -24.91
CA ILE G 47 -6.39 -50.86 -24.51
C ILE G 47 -6.35 -50.83 -22.99
N GLU G 48 -6.00 -51.96 -22.39
CA GLU G 48 -5.87 -52.08 -20.94
C GLU G 48 -4.51 -51.55 -20.53
N LYS G 49 -4.19 -51.55 -19.21
CA LYS G 49 -2.90 -51.18 -18.62
C LYS G 49 -2.41 -49.75 -18.90
N VAL G 50 -3.10 -48.94 -19.76
CA VAL G 50 -2.64 -47.58 -20.11
C VAL G 50 -2.26 -46.81 -18.83
N GLU G 51 -0.96 -46.53 -18.70
CA GLU G 51 -0.36 -45.81 -17.57
C GLU G 51 -0.14 -44.35 -17.94
N HIS G 52 -0.08 -43.45 -16.94
CA HIS G 52 0.11 -42.03 -17.20
C HIS G 52 1.13 -41.39 -16.25
N SER G 53 1.78 -40.31 -16.71
CA SER G 53 2.76 -39.53 -15.95
C SER G 53 2.06 -38.68 -14.88
N ASP G 54 2.84 -38.07 -13.97
CA ASP G 54 2.31 -37.22 -12.91
C ASP G 54 1.84 -35.88 -13.45
N LEU G 55 0.78 -35.31 -12.82
CA LEU G 55 0.18 -34.04 -13.23
C LEU G 55 1.14 -32.87 -12.98
N SER G 56 1.58 -32.24 -14.07
CA SER G 56 2.46 -31.07 -14.07
C SER G 56 1.92 -30.02 -15.03
N PHE G 57 2.41 -28.77 -14.94
CA PHE G 57 1.94 -27.70 -15.81
C PHE G 57 3.10 -26.85 -16.36
N SER G 58 2.82 -26.10 -17.44
CA SER G 58 3.77 -25.25 -18.14
C SER G 58 3.79 -23.83 -17.57
N LYS G 59 4.61 -22.94 -18.17
CA LYS G 59 4.81 -21.54 -17.80
C LYS G 59 3.51 -20.72 -17.87
N ASP G 60 2.63 -21.04 -18.85
CA ASP G 60 1.35 -20.37 -19.05
C ASP G 60 0.23 -20.97 -18.16
N TRP G 61 0.60 -21.86 -17.22
CA TRP G 61 -0.25 -22.56 -16.23
C TRP G 61 -1.06 -23.73 -16.83
N SER G 62 -0.89 -24.01 -18.13
CA SER G 62 -1.60 -25.09 -18.81
C SER G 62 -0.99 -26.45 -18.44
N PHE G 63 -1.84 -27.44 -18.16
CA PHE G 63 -1.44 -28.79 -17.75
C PHE G 63 -0.96 -29.68 -18.90
N TYR G 64 -0.12 -30.67 -18.57
CA TYR G 64 0.41 -31.66 -19.51
C TYR G 64 0.63 -33.01 -18.83
N LEU G 65 0.36 -34.10 -19.57
CA LEU G 65 0.55 -35.49 -19.11
C LEU G 65 0.71 -36.43 -20.30
N LEU G 66 1.51 -37.49 -20.10
CA LEU G 66 1.79 -38.49 -21.13
C LEU G 66 1.14 -39.83 -20.77
N TYR G 67 0.27 -40.32 -21.68
CA TYR G 67 -0.41 -41.61 -21.53
C TYR G 67 0.31 -42.64 -22.40
N TYR G 68 0.78 -43.72 -21.78
CA TYR G 68 1.57 -44.75 -22.46
C TYR G 68 1.21 -46.17 -22.00
N THR G 69 1.34 -47.14 -22.94
CA THR G 69 1.12 -48.57 -22.73
C THR G 69 2.17 -49.36 -23.53
N GLU G 70 2.44 -50.62 -23.12
CA GLU G 70 3.38 -51.51 -23.79
C GLU G 70 2.75 -51.94 -25.10
N PHE G 71 3.26 -51.37 -26.19
CA PHE G 71 2.79 -51.50 -27.56
C PHE G 71 3.54 -52.58 -28.32
N THR G 72 2.89 -53.13 -29.37
CA THR G 72 3.42 -54.10 -30.34
C THR G 72 2.84 -53.65 -31.69
N PRO G 73 3.61 -52.90 -32.52
CA PRO G 73 3.04 -52.34 -33.76
C PRO G 73 2.76 -53.35 -34.87
N THR G 74 1.92 -54.38 -34.59
CA THR G 74 1.50 -55.35 -35.61
C THR G 74 0.77 -54.55 -36.66
N GLU G 75 1.34 -54.54 -37.86
CA GLU G 75 0.83 -53.83 -39.03
C GLU G 75 -0.61 -54.13 -39.34
N LYS G 76 -1.23 -53.21 -40.08
CA LYS G 76 -2.57 -53.24 -40.67
C LYS G 76 -3.71 -53.18 -39.62
N ASP G 77 -3.39 -53.13 -38.31
CA ASP G 77 -4.43 -52.92 -37.30
C ASP G 77 -4.24 -51.49 -36.82
N GLU G 78 -5.22 -50.61 -37.11
CA GLU G 78 -5.13 -49.18 -36.80
C GLU G 78 -5.13 -48.88 -35.30
N TYR G 79 -4.30 -47.90 -34.92
CA TYR G 79 -4.15 -47.40 -33.55
C TYR G 79 -4.54 -45.93 -33.50
N ALA G 80 -5.13 -45.49 -32.38
CA ALA G 80 -5.57 -44.10 -32.18
C ALA G 80 -5.64 -43.73 -30.70
N CYS G 81 -5.85 -42.44 -30.41
CA CYS G 81 -5.98 -41.91 -29.05
C CYS G 81 -7.23 -41.04 -28.95
N ARG G 82 -8.13 -41.39 -28.01
CA ARG G 82 -9.39 -40.68 -27.75
C ARG G 82 -9.24 -39.82 -26.50
N VAL G 83 -9.53 -38.51 -26.63
CA VAL G 83 -9.41 -37.56 -25.52
C VAL G 83 -10.71 -36.77 -25.35
N ASN G 84 -11.21 -36.71 -24.09
CA ASN G 84 -12.40 -35.96 -23.73
C ASN G 84 -12.08 -34.94 -22.64
N HIS G 85 -12.49 -33.70 -22.86
CA HIS G 85 -12.28 -32.56 -21.96
C HIS G 85 -13.55 -31.71 -21.93
N VAL G 86 -13.77 -30.96 -20.83
CA VAL G 86 -14.94 -30.09 -20.60
C VAL G 86 -15.09 -29.05 -21.75
N THR G 87 -13.98 -28.69 -22.42
CA THR G 87 -13.91 -27.74 -23.52
C THR G 87 -14.31 -28.39 -24.87
N LEU G 88 -14.36 -29.73 -24.94
CA LEU G 88 -14.70 -30.46 -26.16
C LEU G 88 -16.18 -30.88 -26.16
N SER G 89 -16.88 -30.61 -27.28
CA SER G 89 -18.30 -30.95 -27.47
C SER G 89 -18.49 -32.47 -27.56
N GLN G 90 -17.52 -33.15 -28.22
CA GLN G 90 -17.47 -34.60 -28.42
C GLN G 90 -16.01 -35.08 -28.24
N PRO G 91 -15.73 -36.36 -27.87
CA PRO G 91 -14.34 -36.79 -27.72
C PRO G 91 -13.56 -36.73 -29.04
N LYS G 92 -12.34 -36.18 -28.99
CA LYS G 92 -11.49 -36.03 -30.18
C LYS G 92 -10.59 -37.25 -30.34
N ILE G 93 -10.66 -37.89 -31.52
CA ILE G 93 -9.88 -39.08 -31.84
C ILE G 93 -8.82 -38.72 -32.89
N VAL G 94 -7.55 -38.99 -32.59
CA VAL G 94 -6.44 -38.75 -33.52
C VAL G 94 -5.79 -40.11 -33.84
N LYS G 95 -5.77 -40.47 -35.13
CA LYS G 95 -5.21 -41.73 -35.60
C LYS G 95 -3.68 -41.70 -35.58
N TRP G 96 -3.06 -42.81 -35.14
CA TRP G 96 -1.62 -42.92 -35.07
C TRP G 96 -1.02 -43.16 -36.45
N ASP G 97 -0.09 -42.28 -36.82
CA ASP G 97 0.65 -42.33 -38.08
C ASP G 97 2.09 -42.69 -37.76
N ARG G 98 2.58 -43.78 -38.37
CA ARG G 98 3.94 -44.31 -38.17
C ARG G 98 5.02 -43.30 -38.58
N ASP G 99 4.73 -42.51 -39.63
CA ASP G 99 5.64 -41.54 -40.22
C ASP G 99 5.72 -40.22 -39.43
N MET G 100 4.87 -39.99 -38.40
CA MET G 100 4.91 -38.76 -37.60
C MET G 100 4.51 -39.00 -36.13
N LEU H 1 15.18 -28.79 -1.85
CA LEU H 1 14.36 -28.61 -0.65
C LEU H 1 13.30 -27.52 -0.91
N PRO H 2 12.01 -27.76 -0.58
CA PRO H 2 10.98 -26.74 -0.85
C PRO H 2 11.00 -25.58 0.16
N PHE H 3 10.24 -24.50 -0.15
CA PHE H 3 10.07 -23.32 0.70
C PHE H 3 9.30 -23.74 1.94
N GLU H 4 9.83 -23.42 3.14
CA GLU H 4 9.26 -23.85 4.41
C GLU H 4 8.43 -22.78 5.13
N LYS H 5 7.62 -22.04 4.36
CA LYS H 5 6.69 -21.06 4.92
C LYS H 5 5.39 -21.20 4.16
N SER H 6 4.37 -21.71 4.86
CA SER H 6 3.03 -21.93 4.32
C SER H 6 2.11 -20.83 4.82
N THR H 7 1.71 -19.93 3.91
CA THR H 7 0.87 -18.78 4.26
C THR H 7 -0.45 -18.83 3.51
N ILE H 8 -1.54 -18.66 4.26
CA ILE H 8 -2.91 -18.65 3.77
C ILE H 8 -3.14 -17.37 2.94
N MET H 9 -3.75 -17.53 1.76
CA MET H 9 -4.06 -16.47 0.81
C MET H 9 -5.36 -15.74 1.19
N GLN I 1 19.66 -27.87 17.48
CA GLN I 1 18.57 -26.90 17.46
C GLN I 1 18.47 -26.21 18.84
N SER I 2 19.30 -25.18 19.05
CA SER I 2 19.34 -24.44 20.31
C SER I 2 19.75 -22.97 20.09
N LEU I 3 19.72 -22.17 21.16
CA LEU I 3 20.10 -20.75 21.15
C LEU I 3 20.46 -20.30 22.57
N GLU I 4 21.38 -19.32 22.66
CA GLU I 4 21.91 -18.81 23.93
C GLU I 4 21.77 -17.29 24.05
N GLN I 5 21.41 -16.82 25.26
CA GLN I 5 21.27 -15.41 25.64
C GLN I 5 21.67 -15.25 27.13
N PRO I 6 22.16 -14.07 27.59
CA PRO I 6 22.54 -13.93 29.02
C PRO I 6 21.38 -14.19 29.97
N SER I 7 21.69 -14.65 31.19
CA SER I 7 20.69 -14.94 32.22
C SER I 7 20.08 -13.65 32.79
N GLU I 8 20.94 -12.66 33.10
CA GLU I 8 20.54 -11.37 33.68
C GLU I 8 21.26 -10.20 33.03
N VAL I 9 20.62 -9.02 33.08
CA VAL I 9 21.18 -7.76 32.58
C VAL I 9 20.57 -6.63 33.44
N THR I 10 21.43 -5.67 33.85
CA THR I 10 21.02 -4.57 34.72
C THR I 10 21.44 -3.22 34.12
N ALA I 11 20.56 -2.21 34.23
CA ALA I 11 20.78 -0.85 33.74
C ALA I 11 19.95 0.15 34.53
N VAL I 12 20.45 1.40 34.63
CA VAL I 12 19.80 2.50 35.36
C VAL I 12 18.67 3.08 34.48
N GLU I 13 17.69 3.75 35.11
CA GLU I 13 16.54 4.40 34.45
C GLU I 13 17.05 5.52 33.51
N GLY I 14 16.53 5.53 32.29
CA GLY I 14 16.89 6.51 31.27
C GLY I 14 18.03 6.09 30.35
N ALA I 15 18.81 5.08 30.79
CA ALA I 15 19.96 4.56 30.05
C ALA I 15 19.51 3.59 28.93
N ILE I 16 20.48 2.95 28.25
CA ILE I 16 20.20 1.99 27.18
C ILE I 16 20.77 0.62 27.61
N VAL I 17 20.18 -0.47 27.08
CA VAL I 17 20.63 -1.82 27.41
C VAL I 17 20.58 -2.72 26.16
N GLN I 18 21.54 -3.66 26.06
CA GLN I 18 21.64 -4.62 24.95
C GLN I 18 21.51 -6.04 25.47
N ILE I 19 20.66 -6.84 24.80
CA ILE I 19 20.44 -8.24 25.11
C ILE I 19 20.87 -9.03 23.87
N ASN I 20 22.01 -9.74 23.97
CA ASN I 20 22.58 -10.52 22.88
C ASN I 20 21.92 -11.89 22.76
N CYS I 21 21.93 -12.47 21.54
N CYS I 21 21.93 -12.47 21.54
CA CYS I 21 21.37 -13.80 21.27
CA CYS I 21 21.36 -13.79 21.25
C CYS I 21 22.09 -14.46 20.10
C CYS I 21 22.13 -14.45 20.09
N THR I 22 22.56 -15.70 20.32
CA THR I 22 23.27 -16.51 19.32
C THR I 22 22.47 -17.79 19.13
N TYR I 23 22.25 -18.21 17.88
CA TYR I 23 21.47 -19.41 17.59
C TYR I 23 22.31 -20.45 16.84
N GLN I 24 22.02 -21.73 17.09
CA GLN I 24 22.67 -22.88 16.46
C GLN I 24 21.61 -23.80 15.87
N THR I 25 21.41 -23.71 14.54
CA THR I 25 20.41 -24.48 13.79
C THR I 25 20.84 -24.65 12.33
N SER I 26 20.28 -25.68 11.66
CA SER I 26 20.56 -25.99 10.25
C SER I 26 19.92 -24.99 9.30
N GLY I 27 18.62 -24.75 9.50
CA GLY I 27 17.84 -23.81 8.70
C GLY I 27 17.44 -22.61 9.53
N PHE I 28 17.42 -21.43 8.90
CA PHE I 28 17.04 -20.19 9.55
C PHE I 28 16.02 -19.46 8.71
N TYR I 29 14.92 -19.05 9.33
CA TYR I 29 13.83 -18.34 8.67
C TYR I 29 13.54 -16.99 9.34
N GLY I 30 13.87 -16.88 10.63
CA GLY I 30 13.65 -15.63 11.35
C GLY I 30 14.02 -15.63 12.82
N LEU I 31 14.39 -14.45 13.32
CA LEU I 31 14.74 -14.22 14.71
C LEU I 31 13.79 -13.18 15.28
N SER I 32 13.08 -13.52 16.35
CA SER I 32 12.09 -12.64 16.98
C SER I 32 12.38 -12.40 18.46
N TRP I 33 11.78 -11.33 19.01
CA TRP I 33 11.94 -10.94 20.41
C TRP I 33 10.60 -10.78 21.09
N TYR I 34 10.49 -11.32 22.32
CA TYR I 34 9.27 -11.28 23.12
C TYR I 34 9.55 -10.81 24.56
N GLN I 35 8.66 -9.96 25.08
CA GLN I 35 8.73 -9.43 26.45
C GLN I 35 7.70 -10.15 27.30
N GLN I 36 8.12 -10.65 28.49
CA GLN I 36 7.21 -11.34 29.39
C GLN I 36 7.39 -10.88 30.83
N HIS I 37 6.30 -10.35 31.42
CA HIS I 37 6.24 -9.94 32.81
C HIS I 37 5.91 -11.16 33.67
N ASP I 38 6.26 -11.12 34.97
CA ASP I 38 6.04 -12.19 35.95
C ASP I 38 4.59 -12.66 35.92
N GLY I 39 4.40 -13.89 35.46
CA GLY I 39 3.10 -14.54 35.33
C GLY I 39 2.18 -13.91 34.29
N GLY I 40 2.79 -13.33 33.26
CA GLY I 40 2.09 -12.66 32.17
C GLY I 40 2.23 -13.32 30.82
N ALA I 41 1.64 -12.69 29.80
CA ALA I 41 1.65 -13.17 28.41
C ALA I 41 2.86 -12.65 27.63
N PRO I 42 3.65 -13.52 26.96
CA PRO I 42 4.77 -13.02 26.15
C PRO I 42 4.24 -12.16 25.00
N THR I 43 4.69 -10.91 24.92
CA THR I 43 4.24 -9.95 23.89
C THR I 43 5.37 -9.68 22.90
N PHE I 44 5.01 -9.70 21.60
CA PHE I 44 5.92 -9.49 20.47
C PHE I 44 6.53 -8.09 20.50
N LEU I 45 7.84 -8.01 20.21
CA LEU I 45 8.57 -6.74 20.15
C LEU I 45 9.03 -6.45 18.71
N SER I 46 9.84 -7.35 18.12
CA SER I 46 10.35 -7.19 16.74
C SER I 46 10.74 -8.53 16.11
N TYR I 47 10.75 -8.58 14.76
CA TYR I 47 11.10 -9.76 13.96
C TYR I 47 12.12 -9.40 12.89
N ASN I 48 13.18 -10.20 12.77
CA ASN I 48 14.24 -10.05 11.76
C ASN I 48 14.29 -11.30 10.88
N ALA I 49 13.98 -11.13 9.59
CA ALA I 49 14.04 -12.20 8.60
C ALA I 49 15.34 -12.07 7.82
N LEU I 50 15.60 -10.85 7.31
CA LEU I 50 16.81 -10.49 6.57
C LEU I 50 17.80 -9.76 7.48
N ASP I 51 19.05 -9.62 7.01
CA ASP I 51 20.12 -8.90 7.74
C ASP I 51 19.77 -7.42 7.85
N GLY I 52 20.09 -6.84 9.00
CA GLY I 52 19.84 -5.43 9.26
C GLY I 52 19.23 -5.12 10.61
N LEU I 53 18.68 -3.91 10.72
CA LEU I 53 18.06 -3.41 11.95
C LEU I 53 16.57 -3.14 11.75
N GLU I 54 15.77 -3.53 12.75
CA GLU I 54 14.34 -3.30 12.83
C GLU I 54 14.08 -2.34 13.97
N GLU I 55 13.44 -1.19 13.69
CA GLU I 55 13.18 -0.16 14.69
C GLU I 55 11.68 0.00 14.95
N THR I 56 11.27 -0.08 16.23
CA THR I 56 9.88 0.06 16.67
C THR I 56 9.89 0.82 18.01
N GLY I 57 9.81 2.14 17.92
CA GLY I 57 9.80 3.03 19.09
C GLY I 57 11.14 3.07 19.80
N ARG I 58 11.12 2.77 21.11
CA ARG I 58 12.32 2.74 21.96
C ARG I 58 13.10 1.43 21.81
N PHE I 59 12.49 0.43 21.16
CA PHE I 59 13.08 -0.89 20.98
C PHE I 59 13.52 -1.14 19.54
N SER I 60 14.71 -1.73 19.38
CA SER I 60 15.28 -2.08 18.08
C SER I 60 15.99 -3.44 18.15
N SER I 61 16.03 -4.17 17.02
CA SER I 61 16.70 -5.46 16.99
C SER I 61 17.54 -5.62 15.73
N PHE I 62 18.78 -6.09 15.90
CA PHE I 62 19.75 -6.32 14.83
C PHE I 62 19.88 -7.82 14.52
N LEU I 63 20.23 -8.16 13.27
CA LEU I 63 20.46 -9.53 12.85
C LEU I 63 21.61 -9.63 11.83
N SER I 64 22.48 -10.62 12.05
CA SER I 64 23.57 -11.03 11.15
C SER I 64 23.48 -12.54 11.00
N ARG I 65 22.91 -12.99 9.86
CA ARG I 65 22.68 -14.41 9.53
C ARG I 65 23.98 -15.20 9.41
N SER I 66 25.02 -14.60 8.80
CA SER I 66 26.33 -15.23 8.59
C SER I 66 27.04 -15.49 9.93
N ASP I 67 26.81 -14.63 10.93
CA ASP I 67 27.37 -14.75 12.27
C ASP I 67 26.43 -15.47 13.23
N SER I 68 25.20 -15.84 12.76
CA SER I 68 24.14 -16.48 13.54
C SER I 68 23.95 -15.73 14.87
N TYR I 69 23.94 -14.39 14.77
CA TYR I 69 23.89 -13.47 15.89
C TYR I 69 22.86 -12.37 15.68
N GLY I 70 22.21 -12.01 16.77
CA GLY I 70 21.23 -10.95 16.83
C GLY I 70 21.16 -10.35 18.22
N TYR I 71 20.69 -9.10 18.33
CA TYR I 71 20.55 -8.48 19.64
C TYR I 71 19.37 -7.54 19.69
N LEU I 72 18.87 -7.31 20.91
CA LEU I 72 17.78 -6.39 21.20
C LEU I 72 18.32 -5.20 21.98
N LEU I 73 18.06 -4.00 21.48
CA LEU I 73 18.51 -2.75 22.10
C LEU I 73 17.29 -1.97 22.59
N LEU I 74 17.28 -1.64 23.89
CA LEU I 74 16.19 -0.91 24.54
C LEU I 74 16.69 0.46 24.98
N GLN I 75 16.10 1.52 24.42
CA GLN I 75 16.48 2.92 24.70
C GLN I 75 15.51 3.58 25.69
N GLU I 76 15.99 4.65 26.40
CA GLU I 76 15.27 5.45 27.40
C GLU I 76 14.48 4.53 28.35
N LEU I 77 15.23 3.69 29.09
CA LEU I 77 14.69 2.67 29.98
C LEU I 77 13.80 3.23 31.09
N GLN I 78 12.65 2.59 31.26
CA GLN I 78 11.62 2.92 32.25
C GLN I 78 11.44 1.74 33.21
N MET I 79 10.75 1.96 34.34
CA MET I 79 10.51 0.96 35.38
C MET I 79 9.68 -0.21 34.86
N LYS I 80 8.76 0.05 33.91
CA LYS I 80 7.89 -0.97 33.30
C LYS I 80 8.68 -1.93 32.37
N ASP I 81 9.90 -1.56 31.96
CA ASP I 81 10.75 -2.38 31.10
C ASP I 81 11.36 -3.57 31.87
N SER I 82 11.32 -3.53 33.22
CA SER I 82 11.80 -4.62 34.10
C SER I 82 10.93 -5.86 33.89
N ALA I 83 11.43 -6.78 33.04
CA ALA I 83 10.76 -8.03 32.65
C ALA I 83 11.75 -9.02 32.05
N SER I 84 11.26 -10.20 31.62
CA SER I 84 12.06 -11.23 30.97
C SER I 84 11.96 -11.05 29.46
N TYR I 85 13.11 -11.11 28.77
CA TYR I 85 13.17 -10.93 27.33
C TYR I 85 13.64 -12.22 26.68
N PHE I 86 12.85 -12.72 25.73
CA PHE I 86 13.11 -13.99 25.07
C PHE I 86 13.38 -13.85 23.59
N CYS I 87 14.50 -14.42 23.12
N CYS I 87 14.46 -14.51 23.16
CA CYS I 87 14.79 -14.45 21.69
CA CYS I 87 14.91 -14.60 21.78
C CYS I 87 14.33 -15.78 21.15
C CYS I 87 14.29 -15.86 21.18
N ALA I 88 13.59 -15.75 20.04
CA ALA I 88 12.97 -16.90 19.41
C ALA I 88 13.50 -17.10 18.01
N VAL I 89 13.77 -18.37 17.63
CA VAL I 89 14.29 -18.69 16.30
C VAL I 89 13.29 -19.57 15.53
N ASP I 90 13.01 -19.16 14.29
CA ASP I 90 12.16 -19.86 13.35
C ASP I 90 13.08 -20.55 12.35
N THR I 91 12.92 -21.87 12.19
CA THR I 91 13.82 -22.70 11.37
C THR I 91 13.10 -23.34 10.17
N GLY I 92 11.89 -22.89 9.90
CA GLY I 92 11.06 -23.43 8.83
C GLY I 92 9.89 -24.20 9.40
N GLY I 93 8.73 -24.07 8.78
CA GLY I 93 7.52 -24.75 9.21
C GLY I 93 6.73 -23.90 10.18
N PHE I 94 6.69 -24.33 11.46
CA PHE I 94 5.92 -23.68 12.52
C PHE I 94 6.55 -23.79 13.91
N LYS I 95 7.46 -24.77 14.12
CA LYS I 95 8.11 -25.03 15.41
C LYS I 95 9.13 -23.93 15.75
N THR I 96 8.79 -23.10 16.75
CA THR I 96 9.63 -21.99 17.22
C THR I 96 10.39 -22.42 18.47
N ILE I 97 11.72 -22.16 18.49
CA ILE I 97 12.58 -22.48 19.62
C ILE I 97 12.84 -21.17 20.39
N PHE I 98 12.54 -21.17 21.70
CA PHE I 98 12.73 -20.02 22.57
C PHE I 98 13.92 -20.23 23.49
N GLY I 99 14.62 -19.15 23.81
CA GLY I 99 15.76 -19.16 24.72
C GLY I 99 15.31 -19.18 26.17
N ALA I 100 16.25 -19.41 27.10
CA ALA I 100 15.99 -19.45 28.55
C ALA I 100 15.44 -18.12 29.07
N GLY I 101 15.79 -17.03 28.39
CA GLY I 101 15.35 -15.68 28.73
C GLY I 101 16.37 -14.86 29.49
N THR I 102 16.26 -13.54 29.34
CA THR I 102 17.13 -12.56 30.01
C THR I 102 16.26 -11.70 30.91
N ARG I 103 16.51 -11.74 32.23
CA ARG I 103 15.76 -10.91 33.16
C ARG I 103 16.44 -9.54 33.23
N LEU I 104 15.70 -8.49 32.85
CA LEU I 104 16.20 -7.12 32.89
C LEU I 104 15.75 -6.45 34.18
N PHE I 105 16.72 -5.84 34.89
CA PHE I 105 16.49 -5.09 36.11
C PHE I 105 16.76 -3.61 35.86
N VAL I 106 15.70 -2.78 35.89
CA VAL I 106 15.85 -1.34 35.67
C VAL I 106 16.02 -0.69 37.06
N LYS I 107 17.21 -0.14 37.32
CA LYS I 107 17.54 0.51 38.59
C LYS I 107 16.91 1.90 38.63
N ALA I 108 16.06 2.12 39.65
CA ALA I 108 15.33 3.36 39.83
C ALA I 108 16.23 4.48 40.33
N ASN I 109 16.10 5.66 39.70
CA ASN I 109 16.85 6.85 40.09
C ASN I 109 16.07 7.61 41.16
N ILE I 110 16.58 7.60 42.40
CA ILE I 110 15.97 8.29 43.53
C ILE I 110 16.67 9.64 43.64
N GLN I 111 15.95 10.71 43.24
CA GLN I 111 16.42 12.10 43.20
C GLN I 111 16.74 12.63 44.60
N ASN I 112 15.81 12.50 45.55
CA ASN I 112 15.99 12.97 46.93
C ASN I 112 15.81 11.81 47.91
N PRO I 113 16.91 11.08 48.28
CA PRO I 113 16.78 9.96 49.22
C PRO I 113 16.59 10.44 50.65
N ASP I 114 15.59 9.87 51.35
CA ASP I 114 15.24 10.17 52.74
C ASP I 114 15.04 8.85 53.51
N PRO I 115 16.10 8.03 53.76
CA PRO I 115 15.91 6.75 54.46
C PRO I 115 15.37 6.89 55.87
N ALA I 116 14.33 6.07 56.20
CA ALA I 116 13.66 6.06 57.50
C ALA I 116 12.90 4.75 57.74
N VAL I 117 12.75 4.36 59.01
CA VAL I 117 12.02 3.15 59.44
C VAL I 117 10.83 3.61 60.30
N TYR I 118 9.61 3.17 59.93
CA TYR I 118 8.37 3.54 60.59
C TYR I 118 7.64 2.31 61.15
N GLN I 119 6.76 2.52 62.16
CA GLN I 119 5.96 1.45 62.79
C GLN I 119 4.47 1.66 62.48
N LEU I 120 3.86 0.69 61.77
CA LEU I 120 2.45 0.74 61.37
C LEU I 120 1.59 -0.13 62.29
N ARG I 121 0.36 0.34 62.58
CA ARG I 121 -0.59 -0.37 63.43
C ARG I 121 -1.88 -0.72 62.68
N ASP I 122 -2.35 -1.96 62.87
CA ASP I 122 -3.58 -2.51 62.29
C ASP I 122 -4.81 -1.98 63.06
N SER I 123 -6.03 -2.16 62.49
CA SER I 123 -7.30 -1.79 63.12
C SER I 123 -7.46 -2.55 64.45
N LYS I 124 -7.01 -3.82 64.44
CA LYS I 124 -6.98 -4.73 65.58
C LYS I 124 -5.58 -5.35 65.65
N SER I 125 -4.75 -4.88 66.60
CA SER I 125 -3.37 -5.33 66.78
C SER I 125 -3.29 -6.71 67.50
N SER I 126 -4.28 -7.59 67.26
CA SER I 126 -4.36 -8.94 67.84
C SER I 126 -3.60 -10.02 67.05
N ASP I 127 -2.72 -9.59 66.10
CA ASP I 127 -1.91 -10.49 65.30
C ASP I 127 -0.38 -10.18 65.31
N LYS I 128 0.04 -9.00 64.79
CA LYS I 128 1.46 -8.59 64.72
C LYS I 128 1.62 -7.08 64.45
N SER I 129 2.89 -6.59 64.49
CA SER I 129 3.29 -5.22 64.22
C SER I 129 4.17 -5.18 62.96
N VAL I 130 4.04 -4.11 62.15
CA VAL I 130 4.76 -3.98 60.89
C VAL I 130 5.74 -2.78 60.93
N CYS I 131 6.98 -3.03 60.46
CA CYS I 131 8.07 -2.06 60.34
C CYS I 131 8.38 -1.83 58.85
N LEU I 132 8.25 -0.57 58.38
CA LEU I 132 8.49 -0.22 56.98
C LEU I 132 9.73 0.65 56.81
N PHE I 133 10.71 0.15 56.05
CA PHE I 133 11.95 0.85 55.70
C PHE I 133 11.76 1.35 54.27
N THR I 134 11.68 2.68 54.09
CA THR I 134 11.39 3.29 52.78
C THR I 134 12.26 4.53 52.48
N ASP I 135 12.16 5.03 51.22
CA ASP I 135 12.82 6.21 50.64
C ASP I 135 14.36 6.10 50.66
N PHE I 136 14.88 4.88 50.45
CA PHE I 136 16.32 4.62 50.40
C PHE I 136 16.79 4.48 48.95
N ASP I 137 18.09 4.78 48.70
CA ASP I 137 18.72 4.73 47.38
C ASP I 137 18.80 3.30 46.84
N SER I 138 18.84 3.14 45.50
CA SER I 138 18.90 1.86 44.78
C SER I 138 20.21 1.09 45.01
N GLN I 139 21.28 1.78 45.49
CA GLN I 139 22.58 1.15 45.73
C GLN I 139 22.66 0.55 47.17
N THR I 140 21.50 0.42 47.84
CA THR I 140 21.38 -0.16 49.19
C THR I 140 20.80 -1.58 49.05
N ASN I 141 21.45 -2.56 49.71
CA ASN I 141 21.04 -3.97 49.68
C ASN I 141 20.31 -4.39 50.95
N VAL I 142 19.31 -5.29 50.80
CA VAL I 142 18.51 -5.82 51.90
C VAL I 142 18.70 -7.36 51.95
N SER I 143 19.23 -7.86 53.07
CA SER I 143 19.49 -9.29 53.30
C SER I 143 18.43 -9.91 54.22
N GLN I 144 18.34 -11.26 54.23
CA GLN I 144 17.38 -12.02 55.03
C GLN I 144 17.68 -11.93 56.54
N SER I 145 16.62 -12.01 57.36
CA SER I 145 16.67 -11.91 58.83
C SER I 145 17.38 -13.09 59.49
N LYS I 146 18.01 -12.82 60.65
CA LYS I 146 18.70 -13.81 61.48
C LYS I 146 17.67 -14.65 62.24
N ASP I 147 16.64 -13.99 62.81
CA ASP I 147 15.55 -14.60 63.56
C ASP I 147 14.59 -15.31 62.61
N SER I 148 14.15 -16.52 63.00
CA SER I 148 13.22 -17.34 62.21
C SER I 148 11.78 -16.80 62.26
N ASP I 149 11.42 -16.09 63.35
CA ASP I 149 10.09 -15.52 63.57
C ASP I 149 9.90 -14.16 62.87
N VAL I 150 11.01 -13.53 62.43
CA VAL I 150 10.98 -12.24 61.74
C VAL I 150 11.02 -12.47 60.22
N TYR I 151 10.01 -11.94 59.51
CA TYR I 151 9.91 -12.07 58.04
C TYR I 151 10.18 -10.72 57.38
N ILE I 152 11.22 -10.66 56.52
CA ILE I 152 11.60 -9.44 55.81
C ILE I 152 11.50 -9.69 54.30
N THR I 153 10.69 -8.85 53.61
CA THR I 153 10.48 -8.91 52.16
C THR I 153 11.60 -8.18 51.43
N ASP I 154 11.88 -8.58 50.17
CA ASP I 154 12.89 -7.95 49.33
C ASP I 154 12.38 -6.58 48.87
N LYS I 155 13.28 -5.62 48.65
CA LYS I 155 12.95 -4.25 48.24
C LYS I 155 12.27 -4.20 46.86
N CYS I 156 11.27 -3.31 46.73
CA CYS I 156 10.51 -3.09 45.51
C CYS I 156 10.26 -1.57 45.33
N VAL I 157 10.18 -1.11 44.07
CA VAL I 157 9.99 0.32 43.76
C VAL I 157 8.55 0.61 43.32
N LEU I 158 7.92 1.60 43.98
CA LEU I 158 6.57 2.07 43.67
C LEU I 158 6.66 3.42 42.94
N ASP I 159 5.77 3.64 41.97
CA ASP I 159 5.76 4.86 41.20
C ASP I 159 4.45 5.62 41.35
N MET I 160 4.52 6.81 41.96
CA MET I 160 3.40 7.72 42.15
C MET I 160 3.36 8.61 40.90
N ARG I 161 2.81 8.06 39.82
CA ARG I 161 2.72 8.78 38.55
C ARG I 161 2.04 10.14 38.69
N SER I 162 1.26 10.29 39.76
CA SER I 162 0.54 11.53 40.01
C SER I 162 1.51 12.70 40.23
N MET I 163 2.62 12.42 40.91
CA MET I 163 3.60 13.47 41.19
C MET I 163 5.02 13.06 40.83
N ASP I 164 5.15 12.29 39.76
CA ASP I 164 6.44 11.82 39.26
C ASP I 164 7.43 11.49 40.38
N PHE I 165 6.99 10.68 41.33
CA PHE I 165 7.82 10.28 42.45
C PHE I 165 8.00 8.76 42.51
N LYS I 166 9.22 8.30 42.82
CA LYS I 166 9.58 6.89 42.94
C LYS I 166 10.34 6.65 44.25
N SER I 167 10.03 5.54 44.95
CA SER I 167 10.68 5.20 46.22
C SER I 167 10.75 3.69 46.45
N ASN I 168 11.88 3.23 47.02
CA ASN I 168 12.13 1.83 47.37
C ASN I 168 11.54 1.54 48.76
N SER I 169 11.05 0.31 48.99
CA SER I 169 10.42 -0.06 50.26
C SER I 169 10.61 -1.53 50.63
N ALA I 170 10.85 -1.79 51.92
CA ALA I 170 11.03 -3.12 52.52
C ALA I 170 10.12 -3.27 53.74
N VAL I 171 9.39 -4.40 53.83
CA VAL I 171 8.44 -4.68 54.91
C VAL I 171 8.99 -5.78 55.84
N ALA I 172 8.93 -5.54 57.16
CA ALA I 172 9.37 -6.46 58.21
C ALA I 172 8.28 -6.61 59.28
N TRP I 173 7.94 -7.87 59.65
CA TRP I 173 6.90 -8.13 60.66
C TRP I 173 7.16 -9.43 61.44
N SER I 174 6.70 -9.45 62.71
CA SER I 174 6.79 -10.58 63.65
C SER I 174 5.70 -10.46 64.73
N ASN I 175 5.10 -11.59 65.12
CA ASN I 175 4.04 -11.65 66.13
C ASN I 175 4.59 -11.52 67.56
N LYS I 176 5.91 -11.74 67.76
CA LYS I 176 6.60 -11.65 69.06
C LYS I 176 6.71 -10.19 69.52
N SER I 177 6.54 -9.94 70.84
CA SER I 177 6.62 -8.63 71.48
C SER I 177 8.07 -8.10 71.54
N ASP I 178 9.06 -9.00 71.38
CA ASP I 178 10.50 -8.69 71.39
C ASP I 178 10.91 -7.89 70.14
N PHE I 179 10.15 -8.03 69.04
CA PHE I 179 10.37 -7.35 67.76
C PHE I 179 10.08 -5.85 67.85
N ALA I 180 11.04 -5.03 67.41
CA ALA I 180 10.99 -3.56 67.40
C ALA I 180 11.76 -3.00 66.19
N CYS I 181 11.48 -1.72 65.83
CA CYS I 181 12.07 -0.99 64.68
C CYS I 181 13.61 -0.92 64.73
N ALA I 182 14.19 -0.73 65.94
CA ALA I 182 15.63 -0.58 66.16
C ALA I 182 16.45 -1.83 65.79
N ASN I 183 15.96 -3.03 66.15
CA ASN I 183 16.63 -4.31 65.89
C ASN I 183 16.14 -4.99 64.60
N ALA I 184 15.00 -4.52 64.06
CA ALA I 184 14.27 -5.04 62.89
C ALA I 184 15.15 -5.42 61.69
N PHE I 185 16.23 -4.67 61.38
CA PHE I 185 17.04 -4.96 60.21
C PHE I 185 18.47 -5.39 60.54
N ASN I 186 18.86 -6.53 59.93
CA ASN I 186 20.17 -7.19 60.05
C ASN I 186 20.89 -7.08 58.69
N ASN I 187 21.09 -5.83 58.22
CA ASN I 187 21.72 -5.50 56.93
C ASN I 187 22.37 -4.11 56.95
N SER I 188 23.26 -3.83 55.97
CA SER I 188 24.00 -2.58 55.82
C SER I 188 23.05 -1.43 55.45
N ILE I 189 22.61 -0.68 56.47
CA ILE I 189 21.69 0.45 56.33
C ILE I 189 22.48 1.79 56.32
N ILE I 190 21.86 2.83 55.76
CA ILE I 190 22.39 4.19 55.62
C ILE I 190 22.51 4.85 57.02
N PRO I 191 23.65 5.52 57.35
CA PRO I 191 23.82 6.09 58.71
C PRO I 191 22.84 7.22 59.08
N GLU I 192 22.29 7.97 58.11
CA GLU I 192 21.36 9.08 58.40
C GLU I 192 19.87 8.61 58.40
N ASP I 193 19.63 7.35 58.80
CA ASP I 193 18.30 6.77 58.90
C ASP I 193 17.57 7.31 60.13
N THR I 194 16.30 7.71 59.96
CA THR I 194 15.49 8.27 61.05
C THR I 194 14.67 7.14 61.71
N PHE I 195 14.69 7.11 63.05
CA PHE I 195 13.97 6.15 63.91
C PHE I 195 13.22 6.91 65.02
N PHE I 196 12.06 7.52 64.68
CA PHE I 196 11.24 8.27 65.63
C PHE I 196 10.30 7.32 66.42
N PRO I 197 10.45 7.20 67.76
CA PRO I 197 9.52 6.37 68.52
C PRO I 197 8.39 7.22 69.12
N GLY J 1 -7.23 -9.58 22.30
CA GLY J 1 -6.13 -10.47 22.60
C GLY J 1 -6.55 -11.90 22.90
N VAL J 2 -5.57 -12.82 22.94
CA VAL J 2 -5.78 -14.24 23.24
C VAL J 2 -6.07 -14.40 24.74
N SER J 3 -7.15 -15.15 25.07
CA SER J 3 -7.53 -15.39 26.46
C SER J 3 -7.41 -16.87 26.83
N GLN J 4 -7.08 -17.14 28.10
CA GLN J 4 -6.90 -18.48 28.65
C GLN J 4 -7.61 -18.61 29.99
N SER J 5 -8.15 -19.82 30.26
CA SER J 5 -8.84 -20.12 31.50
C SER J 5 -8.61 -21.58 31.93
N PRO J 6 -8.36 -21.84 33.24
CA PRO J 6 -8.24 -20.88 34.37
C PRO J 6 -6.86 -20.22 34.39
N ARG J 7 -6.67 -19.15 35.19
CA ARG J 7 -5.38 -18.48 35.30
C ARG J 7 -4.43 -19.35 36.15
N TYR J 8 -5.00 -19.99 37.18
CA TYR J 8 -4.31 -20.88 38.10
C TYR J 8 -5.12 -22.13 38.32
N LYS J 9 -4.46 -23.28 38.53
CA LYS J 9 -5.13 -24.54 38.79
C LYS J 9 -4.27 -25.44 39.67
N VAL J 10 -4.83 -25.81 40.84
CA VAL J 10 -4.20 -26.73 41.77
C VAL J 10 -4.97 -28.06 41.64
N ALA J 11 -4.23 -29.16 41.46
CA ALA J 11 -4.87 -30.46 41.24
C ALA J 11 -4.17 -31.58 42.03
N LYS J 12 -4.94 -32.63 42.35
CA LYS J 12 -4.46 -33.82 43.04
C LYS J 12 -3.97 -34.82 41.99
N ARG J 13 -2.86 -35.52 42.29
CA ARG J 13 -2.25 -36.53 41.43
C ARG J 13 -3.29 -37.61 41.07
N GLY J 14 -3.51 -37.78 39.77
CA GLY J 14 -4.49 -38.74 39.25
C GLY J 14 -5.71 -38.10 38.62
N GLN J 15 -5.99 -36.82 38.95
CA GLN J 15 -7.13 -36.07 38.40
C GLN J 15 -6.93 -35.69 36.93
N ASP J 16 -8.03 -35.38 36.24
CA ASP J 16 -8.04 -34.90 34.87
C ASP J 16 -8.19 -33.39 34.90
N VAL J 17 -7.33 -32.67 34.17
CA VAL J 17 -7.33 -31.19 34.12
C VAL J 17 -7.63 -30.71 32.70
N ALA J 18 -8.56 -29.74 32.58
CA ALA J 18 -8.96 -29.15 31.30
C ALA J 18 -8.49 -27.69 31.20
N LEU J 19 -7.71 -27.38 30.15
CA LEU J 19 -7.18 -26.03 29.90
C LEU J 19 -7.83 -25.45 28.66
N ARG J 20 -8.37 -24.24 28.76
CA ARG J 20 -9.06 -23.58 27.65
C ARG J 20 -8.23 -22.43 27.05
N CYS J 21 -8.31 -22.28 25.72
CA CYS J 21 -7.64 -21.23 24.96
C CYS J 21 -8.61 -20.65 23.94
N ASP J 22 -8.82 -19.33 24.00
CA ASP J 22 -9.66 -18.61 23.06
C ASP J 22 -8.75 -17.66 22.26
N PRO J 23 -8.36 -18.06 21.02
CA PRO J 23 -7.47 -17.22 20.22
C PRO J 23 -8.18 -16.03 19.59
N ILE J 24 -7.41 -15.17 18.89
CA ILE J 24 -7.95 -14.01 18.17
C ILE J 24 -8.75 -14.53 16.96
N SER J 25 -9.95 -13.97 16.74
CA SER J 25 -10.87 -14.34 15.66
C SER J 25 -10.20 -14.24 14.29
N GLY J 26 -10.34 -15.31 13.51
CA GLY J 26 -9.79 -15.40 12.16
C GLY J 26 -8.39 -15.99 12.06
N HIS J 27 -7.66 -16.06 13.19
CA HIS J 27 -6.30 -16.60 13.25
C HIS J 27 -6.32 -18.09 12.95
N VAL J 28 -5.71 -18.48 11.82
CA VAL J 28 -5.66 -19.84 11.31
C VAL J 28 -4.75 -20.72 12.21
N SER J 29 -3.56 -20.20 12.57
CA SER J 29 -2.58 -20.94 13.37
C SER J 29 -2.82 -20.83 14.85
N LEU J 30 -2.59 -21.95 15.56
CA LEU J 30 -2.69 -22.04 17.01
C LEU J 30 -1.58 -22.93 17.54
N PHE J 31 -0.89 -22.47 18.59
CA PHE J 31 0.21 -23.16 19.24
C PHE J 31 -0.05 -23.36 20.72
N TRP J 32 0.46 -24.46 21.27
CA TRP J 32 0.43 -24.76 22.70
C TRP J 32 1.87 -24.88 23.15
N TYR J 33 2.20 -24.22 24.27
CA TYR J 33 3.54 -24.21 24.84
C TYR J 33 3.53 -24.57 26.32
N GLN J 34 4.65 -25.12 26.78
CA GLN J 34 4.90 -25.46 28.18
C GLN J 34 6.03 -24.57 28.67
N GLN J 35 5.86 -23.95 29.84
CA GLN J 35 6.91 -23.07 30.36
C GLN J 35 7.26 -23.42 31.80
N ALA J 36 8.52 -23.84 31.99
CA ALA J 36 9.09 -24.15 33.30
C ALA J 36 9.75 -22.90 33.86
N LEU J 37 9.85 -22.79 35.20
CA LEU J 37 10.44 -21.63 35.89
C LEU J 37 11.89 -21.40 35.45
N GLY J 38 12.20 -20.16 35.09
CA GLY J 38 13.51 -19.74 34.62
C GLY J 38 13.87 -20.26 33.23
N GLN J 39 12.84 -20.52 32.40
CA GLN J 39 13.01 -21.03 31.04
C GLN J 39 11.99 -20.43 30.07
N GLY J 40 12.24 -20.60 28.78
CA GLY J 40 11.38 -20.13 27.71
C GLY J 40 10.30 -21.12 27.34
N PRO J 41 9.24 -20.67 26.63
CA PRO J 41 8.17 -21.62 26.23
C PRO J 41 8.70 -22.69 25.27
N GLU J 42 8.36 -23.97 25.55
N GLU J 42 8.34 -23.97 25.54
CA GLU J 42 8.75 -25.11 24.72
CA GLU J 42 8.71 -25.12 24.74
C GLU J 42 7.50 -25.65 24.00
C GLU J 42 7.48 -25.64 23.99
N PHE J 43 7.61 -25.81 22.66
CA PHE J 43 6.54 -26.28 21.76
C PHE J 43 5.91 -27.60 22.20
N LEU J 44 4.56 -27.68 22.14
CA LEU J 44 3.80 -28.88 22.47
C LEU J 44 3.05 -29.40 21.24
N THR J 45 2.15 -28.57 20.67
CA THR J 45 1.35 -28.95 19.50
C THR J 45 0.98 -27.73 18.64
N TYR J 46 0.69 -27.98 17.35
CA TYR J 46 0.33 -26.96 16.37
C TYR J 46 -0.94 -27.31 15.61
N PHE J 47 -1.80 -26.30 15.44
CA PHE J 47 -3.07 -26.42 14.72
C PHE J 47 -3.17 -25.36 13.63
N GLN J 48 -3.69 -25.76 12.48
CA GLN J 48 -4.03 -24.89 11.36
C GLN J 48 -5.48 -25.18 11.09
N ASN J 49 -6.36 -24.25 11.52
CA ASN J 49 -7.82 -24.37 11.51
C ASN J 49 -8.19 -25.43 12.55
N GLU J 50 -8.78 -26.58 12.15
CA GLU J 50 -9.14 -27.62 13.10
C GLU J 50 -8.15 -28.79 13.09
N ALA J 51 -7.32 -28.89 12.03
CA ALA J 51 -6.34 -29.97 11.86
C ALA J 51 -5.11 -29.81 12.73
N GLN J 52 -4.81 -30.86 13.54
CA GLN J 52 -3.62 -30.93 14.39
C GLN J 52 -2.47 -31.44 13.51
N LEU J 53 -1.67 -30.50 12.99
CA LEU J 53 -0.58 -30.81 12.07
C LEU J 53 0.62 -31.50 12.75
N ASP J 54 0.86 -31.22 14.04
CA ASP J 54 1.97 -31.81 14.79
C ASP J 54 1.70 -31.79 16.29
N LYS J 55 2.15 -32.84 16.98
CA LYS J 55 2.01 -33.01 18.44
C LYS J 55 3.26 -33.71 19.02
N SER J 56 4.43 -33.52 18.37
CA SER J 56 5.73 -34.11 18.74
C SER J 56 6.27 -33.58 20.07
N GLY J 57 5.82 -32.38 20.46
CA GLY J 57 6.26 -31.73 21.70
C GLY J 57 5.52 -32.17 22.96
N LEU J 58 4.37 -32.88 22.79
CA LEU J 58 3.57 -33.38 23.91
C LEU J 58 4.36 -34.43 24.71
N PRO J 59 4.41 -34.32 26.06
CA PRO J 59 5.20 -35.28 26.85
C PRO J 59 4.70 -36.73 26.79
N SER J 60 3.37 -36.94 26.68
CA SER J 60 2.77 -38.28 26.60
C SER J 60 1.37 -38.23 25.94
N ASP J 61 0.74 -39.42 25.78
CA ASP J 61 -0.61 -39.59 25.23
C ASP J 61 -1.68 -39.04 26.19
N ARG J 62 -1.31 -38.83 27.48
CA ARG J 62 -2.18 -38.27 28.53
C ARG J 62 -2.59 -36.83 28.18
N PHE J 63 -1.73 -36.13 27.41
CA PHE J 63 -1.94 -34.77 26.92
C PHE J 63 -2.75 -34.86 25.63
N PHE J 64 -4.00 -34.36 25.68
CA PHE J 64 -4.91 -34.43 24.56
C PHE J 64 -5.39 -33.02 24.18
N ALA J 65 -4.91 -32.52 23.02
CA ALA J 65 -5.23 -31.20 22.49
C ALA J 65 -6.23 -31.29 21.35
N GLU J 66 -7.24 -30.40 21.38
CA GLU J 66 -8.29 -30.34 20.37
C GLU J 66 -8.71 -28.91 20.07
N ARG J 67 -9.15 -28.68 18.82
CA ARG J 67 -9.67 -27.43 18.28
C ARG J 67 -10.73 -27.85 17.23
N PRO J 68 -11.92 -28.34 17.67
CA PRO J 68 -12.87 -28.91 16.70
C PRO J 68 -13.52 -27.95 15.69
N GLU J 69 -13.77 -26.69 16.07
CA GLU J 69 -14.42 -25.73 15.17
C GLU J 69 -13.41 -24.76 14.52
N GLY J 70 -12.12 -24.99 14.76
CA GLY J 70 -11.04 -24.17 14.22
C GLY J 70 -10.86 -22.84 14.90
N SER J 71 -11.46 -22.68 16.10
CA SER J 71 -11.39 -21.47 16.91
C SER J 71 -10.87 -21.70 18.33
N VAL J 72 -11.74 -22.06 19.29
CA VAL J 72 -11.41 -22.32 20.69
C VAL J 72 -10.68 -23.67 20.75
N SER J 73 -9.57 -23.73 21.49
CA SER J 73 -8.77 -24.94 21.66
C SER J 73 -8.69 -25.34 23.13
N THR J 74 -8.75 -26.65 23.38
CA THR J 74 -8.66 -27.21 24.72
C THR J 74 -7.50 -28.18 24.84
N LEU J 75 -6.81 -28.17 25.98
CA LEU J 75 -5.74 -29.10 26.30
C LEU J 75 -6.14 -29.84 27.56
N LYS J 76 -6.46 -31.13 27.42
CA LYS J 76 -6.90 -31.98 28.52
C LYS J 76 -5.77 -32.93 28.93
N ILE J 77 -5.37 -32.87 30.20
CA ILE J 77 -4.29 -33.71 30.74
C ILE J 77 -4.91 -34.79 31.64
N GLN J 78 -4.89 -36.03 31.14
CA GLN J 78 -5.42 -37.21 31.82
C GLN J 78 -4.45 -37.69 32.90
N ARG J 79 -4.97 -38.17 34.05
CA ARG J 79 -4.20 -38.70 35.20
C ARG J 79 -2.93 -37.87 35.46
N THR J 80 -3.12 -36.59 35.87
CA THR J 80 -2.06 -35.62 36.11
C THR J 80 -1.02 -36.12 37.11
N GLN J 81 0.26 -35.89 36.78
CA GLN J 81 1.43 -36.23 37.60
C GLN J 81 2.12 -34.95 38.03
N GLN J 82 2.97 -35.02 39.08
CA GLN J 82 3.71 -33.88 39.63
C GLN J 82 4.59 -33.19 38.58
N GLU J 83 5.13 -33.97 37.62
CA GLU J 83 6.00 -33.50 36.53
C GLU J 83 5.25 -32.57 35.54
N ASP J 84 3.90 -32.62 35.53
CA ASP J 84 3.04 -31.80 34.66
C ASP J 84 2.91 -30.36 35.18
N SER J 85 3.43 -30.07 36.40
CA SER J 85 3.40 -28.74 37.00
C SER J 85 4.26 -27.77 36.21
N ALA J 86 3.60 -26.83 35.50
CA ALA J 86 4.19 -25.80 34.64
C ALA J 86 3.15 -24.77 34.22
N VAL J 87 3.59 -23.71 33.51
CA VAL J 87 2.71 -22.68 32.97
C VAL J 87 2.40 -23.10 31.52
N TYR J 88 1.12 -23.31 31.20
CA TYR J 88 0.72 -23.72 29.86
C TYR J 88 0.20 -22.52 29.09
N LEU J 89 1.02 -22.06 28.14
CA LEU J 89 0.73 -20.90 27.31
C LEU J 89 0.18 -21.30 25.95
N CYS J 90 -0.78 -20.52 25.43
N CYS J 90 -0.76 -20.49 25.43
CA CYS J 90 -1.31 -20.76 24.10
CA CYS J 90 -1.39 -20.70 24.13
C CYS J 90 -1.11 -19.50 23.26
C CYS J 90 -1.16 -19.47 23.25
N ALA J 91 -0.79 -19.68 21.97
CA ALA J 91 -0.51 -18.59 21.04
C ALA J 91 -1.23 -18.78 19.72
N SER J 92 -1.42 -17.69 18.97
CA SER J 92 -2.05 -17.72 17.65
C SER J 92 -1.36 -16.79 16.68
N SER J 93 -1.38 -17.17 15.39
CA SER J 93 -0.82 -16.41 14.28
C SER J 93 -1.92 -16.27 13.22
N PRO J 94 -2.04 -15.10 12.55
CA PRO J 94 -3.14 -14.89 11.60
C PRO J 94 -3.23 -15.84 10.40
N THR J 95 -2.12 -16.06 9.65
CA THR J 95 -2.22 -16.82 8.40
C THR J 95 -1.19 -17.96 8.21
N GLY J 96 -0.54 -18.41 9.29
CA GLY J 96 0.43 -19.49 9.18
C GLY J 96 1.63 -19.40 10.11
N GLY J 97 2.58 -20.32 9.91
CA GLY J 97 3.81 -20.39 10.69
C GLY J 97 4.83 -19.35 10.29
N GLN J 98 5.91 -19.20 11.10
CA GLN J 98 7.04 -18.27 10.91
C GLN J 98 6.55 -16.80 10.92
N GLU J 99 5.47 -16.53 11.67
CA GLU J 99 4.83 -15.22 11.79
C GLU J 99 4.90 -14.70 13.22
N THR J 100 4.35 -13.48 13.43
CA THR J 100 4.21 -12.84 14.73
C THR J 100 3.22 -13.67 15.55
N GLN J 101 3.60 -14.06 16.76
CA GLN J 101 2.75 -14.88 17.63
C GLN J 101 2.11 -14.02 18.71
N TYR J 102 0.81 -14.23 18.92
CA TYR J 102 -0.01 -13.53 19.91
C TYR J 102 -0.37 -14.53 20.99
N PHE J 103 0.14 -14.29 22.21
CA PHE J 103 -0.01 -15.20 23.34
C PHE J 103 -1.11 -14.83 24.33
N GLY J 104 -1.59 -15.85 25.04
CA GLY J 104 -2.57 -15.73 26.12
C GLY J 104 -1.85 -15.59 27.46
N PRO J 105 -2.54 -15.24 28.57
CA PRO J 105 -1.82 -15.05 29.85
C PRO J 105 -1.36 -16.37 30.50
N GLY J 106 -1.76 -17.50 29.93
CA GLY J 106 -1.38 -18.84 30.38
C GLY J 106 -2.15 -19.38 31.57
N THR J 107 -1.90 -20.66 31.87
CA THR J 107 -2.48 -21.38 33.00
C THR J 107 -1.36 -21.96 33.85
N ARG J 108 -1.23 -21.48 35.09
CA ARG J 108 -0.22 -21.98 36.02
C ARG J 108 -0.81 -23.21 36.71
N LEU J 109 -0.36 -24.40 36.29
CA LEU J 109 -0.82 -25.67 36.83
C LEU J 109 0.16 -26.21 37.87
N LEU J 110 -0.38 -26.69 39.00
CA LEU J 110 0.39 -27.30 40.07
C LEU J 110 -0.29 -28.60 40.48
N VAL J 111 0.43 -29.72 40.32
CA VAL J 111 -0.08 -31.05 40.67
C VAL J 111 0.63 -31.52 41.94
N LEU J 112 -0.16 -31.82 42.98
CA LEU J 112 0.34 -32.28 44.28
C LEU J 112 -0.18 -33.68 44.60
N GLU J 113 0.44 -34.38 45.58
CA GLU J 113 0.03 -35.71 46.03
C GLU J 113 -1.39 -35.67 46.63
N ASP J 114 -1.70 -34.61 47.39
CA ASP J 114 -3.00 -34.35 48.01
C ASP J 114 -3.22 -32.83 48.19
N LEU J 115 -4.47 -32.43 48.50
CA LEU J 115 -4.83 -31.02 48.68
C LEU J 115 -5.12 -30.69 50.16
N LYS J 116 -4.55 -31.47 51.09
CA LYS J 116 -4.73 -31.29 52.54
C LYS J 116 -3.89 -30.12 53.09
N ASN J 117 -2.82 -29.72 52.38
CA ASN J 117 -1.91 -28.65 52.80
C ASN J 117 -2.29 -27.29 52.21
N VAL J 118 -3.33 -27.22 51.35
CA VAL J 118 -3.75 -25.96 50.74
C VAL J 118 -4.58 -25.14 51.77
N PHE J 119 -4.35 -23.82 51.82
CA PHE J 119 -5.01 -22.91 52.74
C PHE J 119 -5.34 -21.55 52.09
N PRO J 120 -6.48 -20.90 52.45
CA PRO J 120 -6.75 -19.56 51.90
C PRO J 120 -5.93 -18.49 52.65
N PRO J 121 -5.77 -17.24 52.13
CA PRO J 121 -4.94 -16.27 52.86
C PRO J 121 -5.69 -15.46 53.93
N GLU J 122 -4.92 -14.92 54.88
CA GLU J 122 -5.39 -14.04 55.95
C GLU J 122 -4.91 -12.64 55.59
N VAL J 123 -5.85 -11.78 55.19
CA VAL J 123 -5.55 -10.43 54.72
C VAL J 123 -5.83 -9.40 55.82
N ALA J 124 -4.82 -8.53 56.08
CA ALA J 124 -4.87 -7.47 57.09
C ALA J 124 -4.16 -6.21 56.58
N VAL J 125 -4.83 -5.04 56.71
CA VAL J 125 -4.29 -3.74 56.29
C VAL J 125 -3.71 -3.01 57.51
N PHE J 126 -2.49 -2.48 57.34
CA PHE J 126 -1.76 -1.76 58.39
C PHE J 126 -1.71 -0.28 58.03
N GLU J 127 -2.37 0.54 58.86
CA GLU J 127 -2.52 1.99 58.71
C GLU J 127 -1.16 2.72 58.79
N PRO J 128 -0.97 3.79 57.96
CA PRO J 128 0.32 4.50 57.94
C PRO J 128 0.74 5.14 59.27
N SER J 129 2.06 5.35 59.44
CA SER J 129 2.68 5.92 60.63
C SER J 129 2.51 7.42 60.70
N GLU J 130 2.35 7.94 61.93
CA GLU J 130 2.22 9.37 62.22
C GLU J 130 3.56 10.07 61.99
N ALA J 131 4.67 9.32 62.17
CA ALA J 131 6.04 9.77 61.97
C ALA J 131 6.33 9.98 60.48
N GLU J 132 5.71 9.18 59.59
CA GLU J 132 5.87 9.26 58.13
C GLU J 132 5.20 10.53 57.59
N ILE J 133 4.00 10.85 58.10
CA ILE J 133 3.21 12.03 57.74
C ILE J 133 3.96 13.30 58.21
N SER J 134 4.68 13.19 59.35
CA SER J 134 5.46 14.26 59.97
C SER J 134 6.88 14.41 59.38
N HIS J 135 7.38 13.41 58.62
CA HIS J 135 8.74 13.45 58.06
C HIS J 135 8.77 13.57 56.54
N THR J 136 7.87 12.87 55.81
CA THR J 136 7.86 12.86 54.34
C THR J 136 6.61 13.53 53.73
N GLN J 137 5.56 13.76 54.54
CA GLN J 137 4.26 14.35 54.15
C GLN J 137 3.55 13.41 53.13
N LYS J 138 3.81 12.10 53.28
CA LYS J 138 3.26 11.00 52.49
C LYS J 138 2.84 9.87 53.43
N ALA J 139 1.87 9.05 53.01
CA ALA J 139 1.36 7.95 53.82
C ALA J 139 1.39 6.62 53.05
N THR J 140 2.03 5.59 53.63
CA THR J 140 2.16 4.27 53.02
C THR J 140 1.30 3.24 53.78
N LEU J 141 0.33 2.64 53.06
CA LEU J 141 -0.54 1.58 53.56
C LEU J 141 0.06 0.23 53.19
N VAL J 142 0.24 -0.67 54.18
CA VAL J 142 0.84 -1.98 53.94
C VAL J 142 -0.21 -3.08 54.13
N CYS J 143 -0.34 -3.96 53.13
CA CYS J 143 -1.24 -5.10 53.13
C CYS J 143 -0.44 -6.38 53.29
N LEU J 144 -0.95 -7.34 54.09
CA LEU J 144 -0.27 -8.61 54.33
C LEU J 144 -1.19 -9.81 54.12
N ALA J 145 -0.91 -10.62 53.09
CA ALA J 145 -1.60 -11.86 52.79
C ALA J 145 -0.74 -12.97 53.36
N THR J 146 -1.20 -13.61 54.44
CA THR J 146 -0.42 -14.63 55.15
C THR J 146 -1.13 -15.99 55.23
N GLY J 147 -0.31 -17.03 55.39
CA GLY J 147 -0.74 -18.42 55.54
C GLY J 147 -1.53 -18.99 54.39
N PHE J 148 -1.08 -18.77 53.15
CA PHE J 148 -1.78 -19.30 51.98
C PHE J 148 -0.93 -20.32 51.23
N TYR J 149 -1.62 -21.33 50.68
CA TYR J 149 -1.02 -22.39 49.87
C TYR J 149 -2.04 -22.85 48.83
N PRO J 150 -1.67 -22.96 47.54
CA PRO J 150 -0.34 -22.72 46.94
C PRO J 150 -0.13 -21.24 46.60
N ASP J 151 0.95 -20.93 45.85
CA ASP J 151 1.32 -19.58 45.41
C ASP J 151 0.44 -19.15 44.21
N HIS J 152 -0.89 -19.31 44.36
CA HIS J 152 -1.88 -18.97 43.33
C HIS J 152 -2.78 -17.85 43.84
N VAL J 153 -2.22 -16.62 43.89
CA VAL J 153 -2.92 -15.43 44.38
C VAL J 153 -2.70 -14.22 43.46
N GLU J 154 -3.64 -13.26 43.51
CA GLU J 154 -3.63 -12.01 42.76
C GLU J 154 -4.04 -10.88 43.71
N LEU J 155 -3.07 -10.02 44.07
CA LEU J 155 -3.29 -8.89 44.98
C LEU J 155 -3.60 -7.62 44.19
N SER J 156 -4.63 -6.87 44.62
CA SER J 156 -5.06 -5.62 43.99
C SER J 156 -5.56 -4.62 45.03
N TRP J 157 -5.22 -3.33 44.84
CA TRP J 157 -5.64 -2.23 45.71
C TRP J 157 -6.86 -1.53 45.13
N TRP J 158 -7.85 -1.24 46.00
CA TRP J 158 -9.10 -0.59 45.61
C TRP J 158 -9.35 0.65 46.47
N VAL J 159 -9.24 1.85 45.87
CA VAL J 159 -9.47 3.11 46.58
C VAL J 159 -10.79 3.70 46.06
N ASN J 160 -11.78 3.80 46.98
CA ASN J 160 -13.14 4.32 46.75
C ASN J 160 -13.87 3.53 45.63
N GLY J 161 -13.79 2.20 45.71
CA GLY J 161 -14.43 1.28 44.77
C GLY J 161 -13.76 1.11 43.43
N LYS J 162 -12.66 1.87 43.17
CA LYS J 162 -11.91 1.82 41.92
C LYS J 162 -10.51 1.25 42.13
N GLU J 163 -10.05 0.40 41.19
CA GLU J 163 -8.72 -0.23 41.26
C GLU J 163 -7.63 0.79 40.89
N VAL J 164 -6.56 0.84 41.71
CA VAL J 164 -5.44 1.77 41.54
C VAL J 164 -4.14 1.00 41.25
N HIS J 165 -3.20 1.66 40.53
CA HIS J 165 -1.90 1.08 40.17
C HIS J 165 -0.75 2.03 40.53
N SER J 166 -1.03 3.34 40.64
CA SER J 166 -0.04 4.36 41.01
C SER J 166 0.26 4.30 42.51
N GLY J 167 1.54 4.27 42.85
CA GLY J 167 2.02 4.18 44.23
C GLY J 167 1.88 2.80 44.85
N VAL J 168 1.45 1.81 44.03
CA VAL J 168 1.22 0.42 44.40
C VAL J 168 2.48 -0.41 44.11
N CYS J 169 2.92 -1.23 45.08
N CYS J 169 2.92 -1.23 45.08
CA CYS J 169 4.09 -2.10 44.92
CA CYS J 169 4.09 -2.10 44.92
C CYS J 169 3.89 -3.42 45.67
C CYS J 169 3.89 -3.42 45.67
N THR J 170 3.62 -4.49 44.91
CA THR J 170 3.43 -5.85 45.44
C THR J 170 4.73 -6.62 45.17
N ASP J 171 5.14 -7.50 46.11
CA ASP J 171 6.36 -8.30 46.00
C ASP J 171 6.36 -9.16 44.72
N PRO J 172 7.51 -9.29 44.01
CA PRO J 172 7.53 -10.11 42.79
C PRO J 172 7.33 -11.60 43.09
N GLN J 173 7.85 -12.07 44.24
CA GLN J 173 7.74 -13.45 44.70
C GLN J 173 7.43 -13.48 46.21
N PRO J 174 6.49 -14.35 46.68
CA PRO J 174 6.20 -14.40 48.11
C PRO J 174 7.25 -15.20 48.89
N LEU J 175 7.31 -15.00 50.22
CA LEU J 175 8.25 -15.71 51.08
C LEU J 175 7.58 -16.89 51.80
N LYS J 176 8.37 -17.95 52.07
CA LYS J 176 7.90 -19.13 52.80
C LYS J 176 7.92 -18.83 54.30
N GLU J 177 6.76 -19.04 54.97
CA GLU J 177 6.61 -18.80 56.42
C GLU J 177 7.47 -19.77 57.22
N GLN J 178 7.62 -21.01 56.72
CA GLN J 178 8.45 -22.06 57.31
C GLN J 178 9.48 -22.47 56.24
N PRO J 179 10.59 -21.70 56.02
CA PRO J 179 11.55 -22.07 54.97
C PRO J 179 12.16 -23.48 55.10
N ALA J 180 11.95 -24.14 56.25
CA ALA J 180 12.42 -25.50 56.54
C ALA J 180 11.44 -26.56 56.04
N LEU J 181 10.11 -26.32 56.12
CA LEU J 181 9.07 -27.28 55.72
C LEU J 181 8.95 -27.47 54.20
N ASN J 182 8.58 -28.70 53.76
CA ASN J 182 8.38 -29.05 52.35
C ASN J 182 7.09 -28.43 51.82
N ASP J 183 5.99 -28.56 52.59
CA ASP J 183 4.68 -28.00 52.26
C ASP J 183 4.44 -26.73 53.10
N SER J 184 5.40 -25.79 53.02
CA SER J 184 5.39 -24.51 53.73
C SER J 184 4.37 -23.55 53.15
N ARG J 185 3.72 -22.76 54.01
CA ARG J 185 2.74 -21.76 53.61
C ARG J 185 3.46 -20.49 53.18
N TYR J 186 2.83 -19.72 52.28
CA TYR J 186 3.41 -18.50 51.72
C TYR J 186 2.86 -17.23 52.36
N ALA J 187 3.62 -16.14 52.25
CA ALA J 187 3.28 -14.80 52.75
C ALA J 187 3.67 -13.75 51.73
N LEU J 188 2.74 -12.83 51.40
CA LEU J 188 2.95 -11.78 50.41
C LEU J 188 2.57 -10.40 50.98
N SER J 189 3.45 -9.40 50.77
CA SER J 189 3.24 -8.03 51.22
C SER J 189 3.07 -7.08 50.04
N SER J 190 2.33 -5.97 50.25
CA SER J 190 2.09 -4.94 49.24
C SER J 190 1.97 -3.57 49.88
N ARG J 191 2.47 -2.54 49.19
CA ARG J 191 2.45 -1.16 49.67
C ARG J 191 1.63 -0.25 48.75
N LEU J 192 0.91 0.72 49.34
CA LEU J 192 0.13 1.73 48.62
C LEU J 192 0.48 3.09 49.21
N ARG J 193 1.11 3.97 48.41
CA ARG J 193 1.50 5.28 48.89
C ARG J 193 0.64 6.38 48.28
N VAL J 194 0.06 7.21 49.17
CA VAL J 194 -0.79 8.36 48.86
C VAL J 194 -0.25 9.57 49.66
N SER J 195 -0.69 10.80 49.30
CA SER J 195 -0.30 12.02 50.00
C SER J 195 -0.91 12.06 51.41
N ALA J 196 -0.26 12.79 52.34
CA ALA J 196 -0.70 12.95 53.74
C ALA J 196 -2.14 13.45 53.86
N THR J 197 -2.54 14.39 52.98
CA THR J 197 -3.89 14.98 52.93
C THR J 197 -4.94 13.95 52.48
N PHE J 198 -4.56 12.99 51.61
CA PHE J 198 -5.44 11.95 51.10
C PHE J 198 -5.76 10.90 52.17
N TRP J 199 -4.77 10.55 53.01
CA TRP J 199 -4.96 9.58 54.09
C TRP J 199 -5.73 10.21 55.28
N GLN J 200 -5.38 11.46 55.66
CA GLN J 200 -6.00 12.18 56.78
C GLN J 200 -7.50 12.46 56.54
N ASN J 201 -7.95 12.44 55.27
CA ASN J 201 -9.34 12.64 54.86
C ASN J 201 -10.16 11.38 55.23
N PRO J 202 -11.18 11.48 56.13
CA PRO J 202 -11.94 10.27 56.51
C PRO J 202 -12.94 9.79 55.46
N ARG J 203 -13.18 10.59 54.40
CA ARG J 203 -14.10 10.25 53.31
C ARG J 203 -13.51 9.21 52.34
N ASN J 204 -12.18 9.00 52.37
CA ASN J 204 -11.49 8.05 51.50
C ASN J 204 -11.45 6.65 52.13
N HIS J 205 -11.74 5.62 51.31
CA HIS J 205 -11.79 4.21 51.70
C HIS J 205 -10.77 3.39 50.91
N PHE J 206 -9.86 2.72 51.62
CA PHE J 206 -8.81 1.86 51.04
C PHE J 206 -9.14 0.40 51.30
N ARG J 207 -9.02 -0.45 50.28
CA ARG J 207 -9.29 -1.89 50.40
C ARG J 207 -8.25 -2.71 49.65
N CYS J 208 -7.72 -3.74 50.32
CA CYS J 208 -6.74 -4.64 49.74
C CYS J 208 -7.43 -5.97 49.41
N GLN J 209 -7.60 -6.25 48.11
CA GLN J 209 -8.25 -7.45 47.60
C GLN J 209 -7.22 -8.50 47.19
N VAL J 210 -7.40 -9.74 47.69
CA VAL J 210 -6.51 -10.87 47.38
C VAL J 210 -7.38 -12.02 46.85
N GLN J 211 -7.38 -12.21 45.52
CA GLN J 211 -8.12 -13.29 44.86
C GLN J 211 -7.28 -14.56 44.94
N PHE J 212 -7.76 -15.53 45.73
CA PHE J 212 -7.09 -16.82 45.93
C PHE J 212 -7.68 -17.87 45.01
N TYR J 213 -6.82 -18.71 44.43
CA TYR J 213 -7.22 -19.80 43.55
C TYR J 213 -6.94 -21.12 44.26
N GLY J 214 -8.01 -21.81 44.63
CA GLY J 214 -7.91 -23.06 45.37
C GLY J 214 -8.74 -24.18 44.80
N LEU J 215 -9.50 -24.84 45.69
CA LEU J 215 -10.34 -25.99 45.40
C LEU J 215 -11.63 -25.60 44.67
N SER J 216 -12.11 -26.51 43.82
CA SER J 216 -13.35 -26.39 43.07
C SER J 216 -14.46 -27.13 43.82
N GLU J 217 -15.74 -26.99 43.39
CA GLU J 217 -16.87 -27.68 44.04
C GLU J 217 -16.80 -29.21 43.78
N ASN J 218 -16.11 -29.62 42.70
CA ASN J 218 -15.92 -31.02 42.29
C ASN J 218 -14.86 -31.70 43.17
N ASP J 219 -13.93 -30.92 43.75
CA ASP J 219 -12.86 -31.41 44.62
C ASP J 219 -13.42 -31.87 45.96
N GLU J 220 -12.97 -33.05 46.44
CA GLU J 220 -13.45 -33.64 47.70
C GLU J 220 -12.77 -33.01 48.91
N TRP J 221 -13.54 -32.86 50.02
CA TRP J 221 -13.07 -32.31 51.28
C TRP J 221 -13.74 -33.02 52.46
N THR J 222 -12.93 -33.58 53.38
CA THR J 222 -13.40 -34.34 54.54
C THR J 222 -12.86 -33.80 55.88
N GLN J 223 -11.92 -32.85 55.82
CA GLN J 223 -11.28 -32.24 56.99
C GLN J 223 -12.25 -31.30 57.74
N ASP J 224 -11.99 -31.12 59.06
CA ASP J 224 -12.78 -30.31 60.00
C ASP J 224 -12.91 -28.85 59.57
N ARG J 225 -11.80 -28.22 59.10
CA ARG J 225 -11.78 -26.82 58.66
C ARG J 225 -12.56 -26.64 57.35
N ALA J 226 -12.95 -25.38 57.04
CA ALA J 226 -13.68 -25.01 55.84
C ALA J 226 -12.89 -25.33 54.57
N LYS J 227 -13.61 -25.70 53.47
CA LYS J 227 -13.01 -26.05 52.18
C LYS J 227 -12.26 -24.84 51.61
N PRO J 228 -10.94 -24.98 51.31
CA PRO J 228 -10.18 -23.84 50.78
C PRO J 228 -10.47 -23.64 49.29
N VAL J 229 -11.67 -23.10 49.01
CA VAL J 229 -12.20 -22.83 47.67
C VAL J 229 -11.56 -21.56 47.07
N THR J 230 -11.82 -21.33 45.77
CA THR J 230 -11.39 -20.14 45.04
C THR J 230 -12.24 -18.99 45.63
N GLN J 231 -11.61 -18.17 46.48
CA GLN J 231 -12.30 -17.09 47.19
C GLN J 231 -11.52 -15.78 47.21
N ILE J 232 -12.23 -14.68 47.50
CA ILE J 232 -11.69 -13.33 47.63
C ILE J 232 -11.65 -12.97 49.12
N VAL J 233 -10.45 -12.73 49.65
CA VAL J 233 -10.26 -12.33 51.06
C VAL J 233 -9.78 -10.88 51.04
N SER J 234 -10.50 -9.99 51.73
CA SER J 234 -10.19 -8.56 51.73
C SER J 234 -10.05 -7.96 53.15
N ALA J 235 -9.40 -6.79 53.21
CA ALA J 235 -9.16 -5.98 54.41
C ALA J 235 -9.30 -4.51 54.04
N GLU J 236 -10.18 -3.79 54.75
CA GLU J 236 -10.47 -2.39 54.47
C GLU J 236 -10.00 -1.45 55.60
N ALA J 237 -9.68 -0.20 55.20
CA ALA J 237 -9.21 0.86 56.09
C ALA J 237 -9.78 2.21 55.67
N TRP J 238 -10.18 3.02 56.66
CA TRP J 238 -10.72 4.36 56.43
C TRP J 238 -9.70 5.42 56.88
N GLY J 239 -9.92 6.65 56.41
CA GLY J 239 -9.06 7.79 56.70
C GLY J 239 -9.05 8.20 58.16
N ARG J 240 -7.84 8.46 58.69
CA ARG J 240 -7.62 8.87 60.08
C ARG J 240 -6.80 10.16 60.16
N ALA J 241 -7.32 11.16 60.88
CA ALA J 241 -6.66 12.46 61.07
C ALA J 241 -5.64 12.41 62.22
N ASP J 242 -6.03 11.83 63.39
CA ASP J 242 -5.27 11.65 64.62
C ASP J 242 -4.73 12.98 65.18
N SER K 2 -30.36 -14.13 30.55
CA SER K 2 -29.14 -13.41 30.89
C SER K 2 -29.00 -12.13 30.03
N HIS K 3 -29.06 -12.27 28.69
CA HIS K 3 -28.96 -11.16 27.76
C HIS K 3 -30.09 -11.18 26.72
N SER K 4 -30.44 -10.01 26.14
CA SER K 4 -31.51 -9.91 25.14
C SER K 4 -31.37 -8.68 24.24
N MET K 5 -31.90 -8.78 23.01
CA MET K 5 -31.98 -7.68 22.05
C MET K 5 -33.45 -7.43 21.77
N ARG K 6 -33.89 -6.17 21.87
CA ARG K 6 -35.30 -5.81 21.66
C ARG K 6 -35.44 -4.54 20.82
N TYR K 7 -36.38 -4.56 19.86
CA TYR K 7 -36.69 -3.40 19.02
C TYR K 7 -38.11 -2.92 19.32
N PHE K 8 -38.26 -1.62 19.58
CA PHE K 8 -39.52 -0.98 19.93
C PHE K 8 -39.95 0.01 18.84
N TYR K 9 -41.12 -0.23 18.23
CA TYR K 9 -41.68 0.62 17.18
C TYR K 9 -42.94 1.31 17.65
N THR K 10 -43.10 2.59 17.28
CA THR K 10 -44.28 3.38 17.59
C THR K 10 -44.66 4.16 16.33
N ALA K 11 -45.87 3.91 15.80
CA ALA K 11 -46.42 4.59 14.63
C ALA K 11 -47.66 5.34 15.08
N MET K 12 -47.60 6.68 15.03
N MET K 12 -47.60 6.68 15.03
CA MET K 12 -48.71 7.53 15.49
CA MET K 12 -48.68 7.57 15.49
C MET K 12 -49.28 8.38 14.37
C MET K 12 -49.27 8.40 14.36
N SER K 13 -50.60 8.30 14.16
CA SER K 13 -51.30 9.11 13.16
C SER K 13 -51.64 10.45 13.84
N ARG K 14 -51.50 11.55 13.10
CA ARG K 14 -51.76 12.90 13.60
C ARG K 14 -52.52 13.70 12.54
N PRO K 15 -53.86 13.54 12.45
CA PRO K 15 -54.62 14.26 11.41
C PRO K 15 -54.57 15.77 11.59
N GLY K 16 -54.23 16.46 10.50
CA GLY K 16 -54.09 17.92 10.47
C GLY K 16 -52.73 18.43 10.91
N ARG K 17 -51.90 17.55 11.49
CA ARG K 17 -50.55 17.89 11.97
C ARG K 17 -49.45 17.22 11.12
N GLY K 18 -49.82 16.85 9.89
CA GLY K 18 -48.91 16.21 8.93
C GLY K 18 -49.00 14.70 8.86
N GLU K 19 -48.05 14.09 8.13
CA GLU K 19 -47.92 12.65 7.91
C GLU K 19 -47.64 11.89 9.22
N PRO K 20 -48.08 10.62 9.36
CA PRO K 20 -47.83 9.88 10.61
C PRO K 20 -46.35 9.73 10.96
N ARG K 21 -46.05 9.83 12.26
CA ARG K 21 -44.70 9.75 12.83
C ARG K 21 -44.36 8.29 13.18
N PHE K 22 -43.18 7.83 12.73
CA PHE K 22 -42.68 6.49 13.03
C PHE K 22 -41.39 6.60 13.83
N ILE K 23 -41.38 6.02 15.04
CA ILE K 23 -40.22 6.01 15.92
C ILE K 23 -39.79 4.56 16.17
N ALA K 24 -38.52 4.26 15.88
CA ALA K 24 -37.91 2.95 16.11
C ALA K 24 -36.76 3.09 17.10
N VAL K 25 -36.74 2.24 18.12
CA VAL K 25 -35.72 2.28 19.17
C VAL K 25 -35.19 0.86 19.42
N GLY K 26 -33.87 0.73 19.45
CA GLY K 26 -33.18 -0.54 19.68
C GLY K 26 -32.56 -0.63 21.06
N TYR K 27 -32.66 -1.82 21.70
CA TYR K 27 -32.14 -2.09 23.03
C TYR K 27 -31.35 -3.39 23.12
N VAL K 28 -30.30 -3.38 23.94
CA VAL K 28 -29.48 -4.54 24.32
C VAL K 28 -29.55 -4.51 25.84
N ASP K 29 -30.44 -5.36 26.42
CA ASP K 29 -30.78 -5.44 27.84
C ASP K 29 -31.50 -4.14 28.23
N ASP K 30 -30.91 -3.32 29.14
CA ASP K 30 -31.49 -2.06 29.56
C ASP K 30 -30.78 -0.86 28.90
N THR K 31 -29.88 -1.13 27.94
CA THR K 31 -29.12 -0.09 27.24
C THR K 31 -29.67 0.14 25.83
N GLN K 32 -30.02 1.40 25.52
CA GLN K 32 -30.49 1.83 24.21
C GLN K 32 -29.27 2.08 23.32
N PHE K 33 -29.28 1.55 22.07
CA PHE K 33 -28.13 1.70 21.19
C PHE K 33 -28.45 2.39 19.85
N VAL K 34 -29.71 2.31 19.36
CA VAL K 34 -30.09 2.96 18.10
C VAL K 34 -31.45 3.66 18.22
N ARG K 35 -31.69 4.68 17.37
CA ARG K 35 -32.96 5.40 17.30
C ARG K 35 -33.20 5.92 15.87
N PHE K 36 -34.48 6.00 15.50
CA PHE K 36 -34.94 6.53 14.23
C PHE K 36 -36.21 7.32 14.46
N ASP K 37 -36.30 8.48 13.83
CA ASP K 37 -37.45 9.36 13.90
C ASP K 37 -37.72 9.91 12.52
N SER K 38 -38.89 9.59 11.95
CA SER K 38 -39.32 10.02 10.62
C SER K 38 -39.63 11.53 10.57
N ASP K 39 -39.90 12.12 11.77
CA ASP K 39 -40.23 13.53 11.93
C ASP K 39 -38.95 14.38 11.87
N ALA K 40 -38.39 14.46 10.66
CA ALA K 40 -37.18 15.19 10.28
C ALA K 40 -37.17 15.40 8.77
N ALA K 41 -36.50 16.47 8.30
CA ALA K 41 -36.40 16.81 6.88
C ALA K 41 -35.76 15.68 6.08
N SER K 42 -34.74 15.04 6.65
CA SER K 42 -34.04 13.89 6.09
C SER K 42 -33.75 12.90 7.24
N PRO K 43 -34.71 12.01 7.58
CA PRO K 43 -34.50 11.09 8.72
C PRO K 43 -33.40 10.05 8.52
N ARG K 44 -32.66 9.77 9.61
CA ARG K 44 -31.56 8.80 9.64
C ARG K 44 -31.46 8.09 10.99
N THR K 45 -30.88 6.87 10.99
CA THR K 45 -30.66 6.08 12.21
C THR K 45 -29.44 6.68 12.92
N GLU K 46 -29.56 6.96 14.23
CA GLU K 46 -28.51 7.60 15.01
C GLU K 46 -28.02 6.75 16.18
N PRO K 47 -26.70 6.73 16.47
CA PRO K 47 -26.19 5.92 17.60
C PRO K 47 -26.61 6.49 18.96
N ARG K 48 -26.87 5.59 19.94
CA ARG K 48 -27.29 5.96 21.30
C ARG K 48 -26.37 5.30 22.36
N ALA K 49 -25.40 4.49 21.90
CA ALA K 49 -24.42 3.80 22.72
C ALA K 49 -23.01 4.00 22.13
N PRO K 50 -21.92 4.11 22.94
CA PRO K 50 -20.58 4.33 22.35
C PRO K 50 -20.05 3.14 21.56
N TRP K 51 -20.48 1.91 21.90
CA TRP K 51 -20.02 0.66 21.26
C TRP K 51 -20.68 0.38 19.89
N ILE K 52 -21.68 1.17 19.46
CA ILE K 52 -22.33 0.98 18.16
C ILE K 52 -21.75 1.96 17.12
N GLU K 53 -21.03 3.01 17.57
CA GLU K 53 -20.41 4.03 16.72
C GLU K 53 -19.30 3.44 15.82
N GLN K 54 -18.72 2.29 16.21
CA GLN K 54 -17.65 1.60 15.47
C GLN K 54 -18.17 0.92 14.18
N GLU K 55 -19.51 0.84 13.99
CA GLU K 55 -20.13 0.25 12.81
C GLU K 55 -19.93 1.16 11.60
N GLY K 56 -19.63 0.58 10.46
CA GLY K 56 -19.36 1.31 9.22
C GLY K 56 -20.56 2.04 8.63
N PRO K 57 -20.35 2.89 7.58
CA PRO K 57 -21.49 3.63 7.00
C PRO K 57 -22.52 2.73 6.32
N GLU K 58 -22.12 1.51 5.87
CA GLU K 58 -23.02 0.55 5.23
C GLU K 58 -24.06 0.01 6.23
N TYR K 59 -23.71 -0.08 7.54
CA TYR K 59 -24.62 -0.48 8.61
C TYR K 59 -25.71 0.58 8.81
N TRP K 60 -25.28 1.86 8.91
CA TRP K 60 -26.16 2.99 9.18
C TRP K 60 -27.13 3.28 8.03
N ASP K 61 -26.68 3.15 6.75
N ASP K 61 -26.68 3.14 6.76
CA ASP K 61 -27.56 3.39 5.59
CA ASP K 61 -27.52 3.37 5.59
C ASP K 61 -28.56 2.24 5.43
C ASP K 61 -28.53 2.24 5.39
N ARG K 62 -28.17 1.01 5.81
CA ARG K 62 -29.02 -0.20 5.73
C ARG K 62 -30.16 -0.07 6.75
N ASN K 63 -29.82 0.36 7.98
CA ASN K 63 -30.77 0.59 9.08
C ASN K 63 -31.75 1.70 8.71
N THR K 64 -31.26 2.80 8.10
CA THR K 64 -32.05 3.95 7.66
C THR K 64 -33.03 3.50 6.56
N GLN K 65 -32.59 2.63 5.63
CA GLN K 65 -33.43 2.13 4.53
C GLN K 65 -34.59 1.26 5.05
N ILE K 66 -34.30 0.43 6.09
CA ILE K 66 -35.26 -0.47 6.75
C ILE K 66 -36.35 0.36 7.46
N PHE K 67 -35.92 1.37 8.25
CA PHE K 67 -36.84 2.20 9.03
C PHE K 67 -37.62 3.19 8.15
N LYS K 68 -37.07 3.56 6.97
CA LYS K 68 -37.75 4.43 5.99
C LYS K 68 -38.88 3.64 5.32
N THR K 69 -38.65 2.33 5.12
CA THR K 69 -39.61 1.38 4.54
C THR K 69 -40.75 1.16 5.56
N ASN K 70 -40.38 0.96 6.84
CA ASN K 70 -41.33 0.75 7.95
C ASN K 70 -42.20 1.98 8.16
N THR K 71 -41.64 3.20 7.97
CA THR K 71 -42.38 4.45 8.07
C THR K 71 -43.56 4.43 7.08
N GLN K 72 -43.31 4.07 5.80
CA GLN K 72 -44.33 3.97 4.75
C GLN K 72 -45.30 2.80 5.03
N THR K 73 -44.78 1.65 5.50
CA THR K 73 -45.56 0.46 5.84
C THR K 73 -46.60 0.78 6.94
N TYR K 74 -46.15 1.41 8.04
CA TYR K 74 -47.00 1.72 9.19
C TYR K 74 -48.00 2.85 8.89
N ARG K 75 -47.73 3.70 7.88
N ARG K 75 -47.73 3.69 7.88
CA ARG K 75 -48.64 4.76 7.44
CA ARG K 75 -48.65 4.75 7.46
C ARG K 75 -49.87 4.13 6.78
C ARG K 75 -49.88 4.11 6.81
N GLU K 76 -49.66 3.08 5.97
CA GLU K 76 -50.71 2.31 5.29
C GLU K 76 -51.44 1.43 6.30
N SER K 77 -50.70 0.86 7.28
CA SER K 77 -51.25 0.02 8.35
C SER K 77 -52.19 0.81 9.26
N LEU K 78 -51.86 2.09 9.56
CA LEU K 78 -52.69 2.98 10.37
C LEU K 78 -54.00 3.29 9.63
N ARG K 79 -53.91 3.46 8.30
CA ARG K 79 -55.03 3.71 7.39
C ARG K 79 -55.94 2.49 7.32
N ASN K 80 -55.35 1.28 7.23
CA ASN K 80 -56.09 0.02 7.14
C ASN K 80 -56.80 -0.35 8.44
N LEU K 81 -56.13 -0.19 9.60
CA LEU K 81 -56.72 -0.50 10.91
C LEU K 81 -57.84 0.49 11.25
N ARG K 82 -57.73 1.75 10.78
CA ARG K 82 -58.77 2.78 10.94
C ARG K 82 -60.05 2.31 10.23
N GLY K 83 -59.88 1.72 9.04
CA GLY K 83 -60.96 1.17 8.23
C GLY K 83 -61.59 -0.08 8.82
N TYR K 84 -60.76 -0.99 9.39
CA TYR K 84 -61.24 -2.24 10.01
C TYR K 84 -62.20 -1.97 11.17
N TYR K 85 -61.88 -0.97 12.01
CA TYR K 85 -62.68 -0.59 13.18
C TYR K 85 -63.73 0.50 12.85
N ASN K 86 -63.83 0.92 11.56
CA ASN K 86 -64.74 1.95 11.04
C ASN K 86 -64.56 3.27 11.84
N GLN K 87 -63.31 3.61 12.16
CA GLN K 87 -62.98 4.80 12.94
C GLN K 87 -62.89 6.04 12.05
N SER K 88 -63.10 7.20 12.68
CA SER K 88 -63.04 8.53 12.07
C SER K 88 -61.62 8.87 11.61
N GLU K 89 -61.53 9.73 10.58
CA GLU K 89 -60.27 10.20 10.01
C GLU K 89 -59.69 11.38 10.83
N ALA K 90 -60.42 11.84 11.87
CA ALA K 90 -60.04 12.97 12.72
C ALA K 90 -59.22 12.55 13.95
N GLY K 91 -59.45 11.33 14.45
CA GLY K 91 -58.78 10.79 15.63
C GLY K 91 -57.34 10.36 15.41
N SER K 92 -56.52 10.50 16.46
CA SER K 92 -55.11 10.08 16.46
C SER K 92 -55.02 8.65 16.99
N HIS K 93 -54.32 7.76 16.27
CA HIS K 93 -54.20 6.34 16.67
C HIS K 93 -52.74 5.89 16.67
N ILE K 94 -52.43 4.88 17.52
CA ILE K 94 -51.06 4.40 17.69
C ILE K 94 -50.95 2.88 17.45
N ILE K 95 -49.96 2.49 16.62
CA ILE K 95 -49.58 1.10 16.39
C ILE K 95 -48.20 0.93 17.04
N GLN K 96 -48.10 -0.02 17.98
CA GLN K 96 -46.86 -0.31 18.67
C GLN K 96 -46.41 -1.71 18.37
N ARG K 97 -45.09 -1.90 18.25
CA ARG K 97 -44.53 -3.21 18.01
C ARG K 97 -43.29 -3.41 18.83
N MET K 98 -43.20 -4.60 19.44
N MET K 98 -43.20 -4.59 19.47
CA MET K 98 -42.08 -5.02 20.26
CA MET K 98 -42.03 -4.99 20.25
C MET K 98 -41.71 -6.45 19.85
C MET K 98 -41.68 -6.43 19.87
N TYR K 99 -40.45 -6.64 19.43
CA TYR K 99 -39.93 -7.94 19.02
C TYR K 99 -38.47 -8.05 19.44
N GLY K 100 -37.99 -9.29 19.56
CA GLY K 100 -36.62 -9.55 19.95
C GLY K 100 -36.30 -10.98 20.30
N CYS K 101 -35.03 -11.21 20.63
CA CYS K 101 -34.51 -12.52 20.98
C CYS K 101 -33.84 -12.50 22.35
N ASP K 102 -34.17 -13.50 23.18
CA ASP K 102 -33.61 -13.68 24.52
C ASP K 102 -32.55 -14.77 24.47
N LEU K 103 -31.36 -14.45 25.00
CA LEU K 103 -30.21 -15.34 25.03
C LEU K 103 -30.04 -15.94 26.42
N GLY K 104 -29.84 -17.25 26.49
CA GLY K 104 -29.62 -17.96 27.74
C GLY K 104 -28.26 -17.67 28.36
N PRO K 105 -27.97 -18.15 29.60
CA PRO K 105 -26.65 -17.88 30.20
C PRO K 105 -25.50 -18.49 29.39
N ASP K 106 -25.81 -19.57 28.64
CA ASP K 106 -24.91 -20.32 27.76
C ASP K 106 -24.52 -19.49 26.52
N GLY K 107 -25.48 -18.72 25.99
CA GLY K 107 -25.30 -17.89 24.81
C GLY K 107 -26.11 -18.35 23.61
N ARG K 108 -27.08 -19.25 23.84
CA ARG K 108 -27.97 -19.81 22.82
C ARG K 108 -29.35 -19.15 22.91
N LEU K 109 -30.16 -19.25 21.82
CA LEU K 109 -31.51 -18.67 21.80
C LEU K 109 -32.42 -19.37 22.80
N LEU K 110 -32.87 -18.61 23.80
CA LEU K 110 -33.77 -19.08 24.85
C LEU K 110 -35.22 -18.86 24.42
N ARG K 111 -35.56 -17.62 23.97
CA ARG K 111 -36.92 -17.28 23.55
C ARG K 111 -36.95 -16.14 22.53
N GLY K 112 -37.64 -16.40 21.42
CA GLY K 112 -37.89 -15.43 20.37
C GLY K 112 -39.31 -14.92 20.54
N HIS K 113 -39.55 -13.62 20.37
CA HIS K 113 -40.89 -13.06 20.57
C HIS K 113 -41.19 -11.86 19.65
N ASP K 114 -42.48 -11.66 19.37
CA ASP K 114 -43.02 -10.58 18.54
C ASP K 114 -44.47 -10.30 18.93
N GLN K 115 -44.77 -9.02 19.21
CA GLN K 115 -46.10 -8.54 19.63
C GLN K 115 -46.41 -7.19 19.01
N SER K 116 -47.68 -6.99 18.63
CA SER K 116 -48.17 -5.74 18.06
C SER K 116 -49.43 -5.28 18.78
N ALA K 117 -49.57 -3.97 18.94
CA ALA K 117 -50.72 -3.39 19.62
C ALA K 117 -51.35 -2.28 18.81
N TYR K 118 -52.60 -1.96 19.17
CA TYR K 118 -53.36 -0.87 18.59
C TYR K 118 -54.05 -0.13 19.72
N ASP K 119 -53.64 1.14 19.92
CA ASP K 119 -54.12 2.06 20.97
C ASP K 119 -53.94 1.46 22.39
N GLY K 120 -52.76 0.86 22.62
CA GLY K 120 -52.36 0.26 23.89
C GLY K 120 -53.03 -1.05 24.23
N LYS K 121 -53.59 -1.73 23.22
CA LYS K 121 -54.28 -3.02 23.36
C LYS K 121 -53.64 -4.06 22.45
N ASP K 122 -53.43 -5.29 22.96
CA ASP K 122 -52.89 -6.42 22.18
C ASP K 122 -53.69 -6.57 20.88
N TYR K 123 -52.98 -6.64 19.75
CA TYR K 123 -53.63 -6.74 18.45
C TYR K 123 -53.28 -8.09 17.83
N ILE K 124 -52.01 -8.30 17.47
CA ILE K 124 -51.53 -9.56 16.90
C ILE K 124 -50.17 -9.90 17.53
N ALA K 125 -49.99 -11.16 17.90
CA ALA K 125 -48.77 -11.64 18.52
C ALA K 125 -48.32 -12.96 17.93
N LEU K 126 -47.00 -13.15 17.81
CA LEU K 126 -46.41 -14.41 17.34
C LEU K 126 -46.47 -15.40 18.50
N ASN K 127 -46.92 -16.63 18.22
CA ASN K 127 -47.02 -17.68 19.24
C ASN K 127 -45.65 -18.25 19.61
N GLU K 128 -45.59 -19.00 20.72
CA GLU K 128 -44.37 -19.63 21.26
C GLU K 128 -43.73 -20.60 20.27
N ASP K 129 -44.53 -21.18 19.34
CA ASP K 129 -44.07 -22.11 18.31
C ASP K 129 -43.28 -21.37 17.20
N LEU K 130 -43.46 -20.02 17.10
CA LEU K 130 -42.85 -19.10 16.12
C LEU K 130 -43.31 -19.45 14.68
N SER K 131 -44.51 -20.04 14.55
CA SER K 131 -45.08 -20.49 13.27
C SER K 131 -46.51 -19.99 13.07
N SER K 132 -47.21 -19.62 14.15
CA SER K 132 -48.60 -19.16 14.09
C SER K 132 -48.81 -17.82 14.83
N TRP K 133 -49.97 -17.19 14.57
CA TRP K 133 -50.34 -15.90 15.16
C TRP K 133 -51.59 -16.02 16.04
N THR K 134 -51.70 -15.10 17.01
CA THR K 134 -52.86 -14.97 17.89
C THR K 134 -53.44 -13.59 17.63
N ALA K 135 -54.63 -13.57 17.02
CA ALA K 135 -55.38 -12.36 16.71
C ALA K 135 -56.30 -12.04 17.88
N ALA K 136 -56.36 -10.77 18.31
CA ALA K 136 -57.20 -10.35 19.44
C ALA K 136 -58.67 -10.25 19.05
N ASP K 137 -58.96 -9.91 17.78
CA ASP K 137 -60.32 -9.73 17.29
C ASP K 137 -60.43 -10.07 15.79
N THR K 138 -61.60 -9.79 15.18
CA THR K 138 -61.89 -10.02 13.76
C THR K 138 -61.07 -9.09 12.86
N ALA K 139 -60.69 -7.91 13.36
CA ALA K 139 -59.86 -6.94 12.64
C ALA K 139 -58.42 -7.46 12.50
N ALA K 140 -57.88 -8.03 13.60
CA ALA K 140 -56.55 -8.61 13.66
C ALA K 140 -56.46 -9.89 12.81
N GLN K 141 -57.62 -10.55 12.55
CA GLN K 141 -57.72 -11.74 11.72
C GLN K 141 -57.41 -11.39 10.26
N ILE K 142 -57.80 -10.17 9.81
CA ILE K 142 -57.53 -9.69 8.44
C ILE K 142 -56.00 -9.51 8.28
N THR K 143 -55.34 -8.96 9.33
CA THR K 143 -53.89 -8.76 9.39
C THR K 143 -53.18 -10.13 9.36
N GLN K 144 -53.70 -11.11 10.14
CA GLN K 144 -53.18 -12.48 10.23
C GLN K 144 -53.15 -13.16 8.86
N ARG K 145 -54.25 -13.05 8.09
CA ARG K 145 -54.39 -13.63 6.76
C ARG K 145 -53.39 -13.01 5.77
N LYS K 146 -53.15 -11.69 5.89
CA LYS K 146 -52.20 -10.94 5.07
C LYS K 146 -50.78 -11.41 5.39
N TRP K 147 -50.47 -11.55 6.70
CA TRP K 147 -49.17 -11.96 7.22
C TRP K 147 -48.89 -13.45 6.94
N GLU K 148 -49.93 -14.29 6.85
CA GLU K 148 -49.80 -15.71 6.51
C GLU K 148 -49.42 -15.85 5.03
N ALA K 149 -50.08 -15.08 4.15
CA ALA K 149 -49.85 -15.07 2.70
C ALA K 149 -48.48 -14.47 2.36
N ALA K 150 -47.99 -13.52 3.19
CA ALA K 150 -46.70 -12.86 3.03
C ALA K 150 -45.53 -13.70 3.58
N ARG K 151 -45.84 -14.76 4.37
CA ARG K 151 -44.89 -15.69 5.01
C ARG K 151 -44.05 -14.95 6.08
N VAL K 152 -44.71 -14.07 6.87
CA VAL K 152 -44.07 -13.26 7.91
C VAL K 152 -43.48 -14.18 9.01
N ALA K 153 -44.28 -15.10 9.57
CA ALA K 153 -43.89 -16.02 10.65
C ALA K 153 -42.65 -16.85 10.30
N GLU K 154 -42.54 -17.34 9.05
CA GLU K 154 -41.41 -18.15 8.58
C GLU K 154 -40.11 -17.34 8.53
N GLN K 155 -40.16 -16.13 7.97
CA GLN K 155 -39.00 -15.26 7.84
C GLN K 155 -38.65 -14.57 9.17
N LEU K 156 -39.65 -14.40 10.06
CA LEU K 156 -39.45 -13.82 11.39
C LEU K 156 -38.77 -14.85 12.29
N ARG K 157 -39.16 -16.14 12.19
CA ARG K 157 -38.55 -17.24 12.94
C ARG K 157 -37.07 -17.36 12.58
N ALA K 158 -36.75 -17.34 11.26
CA ALA K 158 -35.39 -17.42 10.73
C ALA K 158 -34.53 -16.25 11.20
N TYR K 159 -35.14 -15.04 11.33
CA TYR K 159 -34.46 -13.85 11.82
C TYR K 159 -34.15 -13.99 13.32
N LEU K 160 -35.17 -14.36 14.13
CA LEU K 160 -35.07 -14.52 15.59
C LEU K 160 -34.09 -15.63 16.00
N GLU K 161 -34.01 -16.72 15.20
CA GLU K 161 -33.12 -17.86 15.43
C GLU K 161 -31.71 -17.61 14.89
N GLY K 162 -31.60 -16.74 13.89
CA GLY K 162 -30.34 -16.43 13.23
C GLY K 162 -29.77 -15.06 13.51
N LEU K 163 -29.98 -14.13 12.57
CA LEU K 163 -29.48 -12.75 12.57
C LEU K 163 -29.69 -11.99 13.89
N CYS K 164 -30.84 -12.17 14.59
CA CYS K 164 -31.13 -11.51 15.86
C CYS K 164 -30.07 -11.91 16.90
N VAL K 165 -29.86 -13.22 17.08
CA VAL K 165 -28.89 -13.84 18.00
C VAL K 165 -27.47 -13.46 17.58
N GLU K 166 -27.16 -13.59 16.27
CA GLU K 166 -25.88 -13.29 15.63
C GLU K 166 -25.42 -11.85 15.91
N TRP K 167 -26.31 -10.85 15.73
CA TRP K 167 -25.98 -9.44 15.95
C TRP K 167 -25.96 -9.10 17.44
N LEU K 168 -26.82 -9.75 18.27
CA LEU K 168 -26.84 -9.55 19.73
C LEU K 168 -25.48 -9.98 20.32
N ARG K 169 -24.95 -11.15 19.87
CA ARG K 169 -23.65 -11.68 20.28
C ARG K 169 -22.51 -10.72 19.91
N ARG K 170 -22.62 -10.09 18.71
CA ARG K 170 -21.65 -9.11 18.20
C ARG K 170 -21.65 -7.85 19.07
N TYR K 171 -22.86 -7.34 19.41
CA TYR K 171 -23.05 -6.14 20.23
C TYR K 171 -22.53 -6.36 21.66
N LEU K 172 -22.73 -7.59 22.20
CA LEU K 172 -22.29 -7.99 23.54
C LEU K 172 -20.77 -8.02 23.63
N GLU K 173 -20.09 -8.39 22.52
CA GLU K 173 -18.63 -8.44 22.44
C GLU K 173 -18.04 -7.04 22.31
N ASN K 174 -18.61 -6.20 21.42
CA ASN K 174 -18.16 -4.83 21.16
C ASN K 174 -18.35 -3.91 22.38
N GLY K 175 -19.36 -4.21 23.20
CA GLY K 175 -19.66 -3.44 24.40
C GLY K 175 -19.59 -4.24 25.68
N LYS K 176 -18.62 -5.17 25.78
CA LYS K 176 -18.42 -6.06 26.93
C LYS K 176 -18.06 -5.29 28.23
N GLU K 177 -17.43 -4.12 28.10
CA GLU K 177 -17.02 -3.28 29.23
C GLU K 177 -18.21 -2.59 29.93
N THR K 178 -19.37 -2.48 29.25
CA THR K 178 -20.56 -1.83 29.81
C THR K 178 -21.76 -2.77 29.91
N LEU K 179 -21.96 -3.67 28.93
CA LEU K 179 -23.10 -4.60 28.90
C LEU K 179 -22.88 -5.85 29.75
N GLN K 180 -21.67 -6.45 29.67
CA GLN K 180 -21.34 -7.67 30.42
C GLN K 180 -20.75 -7.36 31.81
N ARG K 181 -20.63 -6.07 32.17
CA ARG K 181 -20.13 -5.60 33.45
C ARG K 181 -21.29 -5.02 34.27
N ALA K 182 -21.58 -5.63 35.43
CA ALA K 182 -22.65 -5.20 36.32
C ALA K 182 -22.17 -4.19 37.35
N ASP K 183 -22.90 -3.07 37.49
CA ASP K 183 -22.59 -2.00 38.43
C ASP K 183 -23.40 -2.19 39.72
N PRO K 184 -22.75 -2.33 40.90
CA PRO K 184 -23.50 -2.52 42.14
C PRO K 184 -24.10 -1.21 42.68
N PRO K 185 -25.22 -1.25 43.45
CA PRO K 185 -25.81 0.01 43.94
C PRO K 185 -25.06 0.63 45.13
N LYS K 186 -25.03 1.96 45.18
CA LYS K 186 -24.45 2.75 46.27
C LYS K 186 -25.56 2.91 47.31
N THR K 187 -25.51 2.09 48.36
CA THR K 187 -26.56 2.06 49.38
C THR K 187 -26.24 2.91 50.61
N HIS K 188 -27.30 3.60 51.10
CA HIS K 188 -27.31 4.44 52.29
C HIS K 188 -28.75 4.64 52.73
N VAL K 189 -28.95 4.80 54.04
CA VAL K 189 -30.27 4.99 54.64
C VAL K 189 -30.31 6.38 55.29
N THR K 190 -31.44 7.08 55.12
CA THR K 190 -31.66 8.43 55.63
C THR K 190 -32.87 8.47 56.55
N HIS K 191 -32.77 9.23 57.64
CA HIS K 191 -33.87 9.40 58.59
C HIS K 191 -34.58 10.71 58.32
N HIS K 192 -35.91 10.68 58.36
CA HIS K 192 -36.74 11.84 58.13
C HIS K 192 -37.89 11.85 59.16
N PRO K 193 -37.86 12.74 60.18
CA PRO K 193 -38.97 12.76 61.16
C PRO K 193 -40.27 13.19 60.51
N VAL K 194 -41.41 12.62 60.96
CA VAL K 194 -42.72 12.95 60.38
C VAL K 194 -43.66 13.53 61.45
N SER K 195 -43.56 13.02 62.70
CA SER K 195 -44.40 13.46 63.83
C SER K 195 -43.60 13.43 65.14
N ASP K 196 -44.30 13.59 66.27
CA ASP K 196 -43.72 13.58 67.61
C ASP K 196 -43.36 12.15 68.04
N HIS K 197 -43.96 11.12 67.38
CA HIS K 197 -43.75 9.71 67.71
C HIS K 197 -43.53 8.82 66.44
N GLU K 198 -43.68 9.40 65.23
CA GLU K 198 -43.47 8.67 63.97
C GLU K 198 -42.30 9.24 63.18
N ALA K 199 -41.58 8.36 62.46
CA ALA K 199 -40.42 8.71 61.64
C ALA K 199 -40.39 7.90 60.34
N THR K 200 -39.77 8.45 59.29
CA THR K 200 -39.64 7.77 57.99
C THR K 200 -38.20 7.37 57.74
N LEU K 201 -37.97 6.07 57.51
CA LEU K 201 -36.67 5.50 57.16
C LEU K 201 -36.66 5.28 55.66
N ARG K 202 -35.65 5.83 54.96
CA ARG K 202 -35.53 5.72 53.50
C ARG K 202 -34.24 4.97 53.10
N CYS K 203 -34.40 3.81 52.42
CA CYS K 203 -33.39 2.91 51.95
C CYS K 203 -33.06 3.32 50.49
N TRP K 204 -31.85 3.87 50.22
CA TRP K 204 -31.48 4.30 48.85
C TRP K 204 -30.57 3.29 48.13
N ALA K 205 -30.75 3.20 46.81
CA ALA K 205 -29.99 2.38 45.86
C ALA K 205 -29.73 3.24 44.64
N LEU K 206 -28.46 3.62 44.40
CA LEU K 206 -28.10 4.51 43.30
C LEU K 206 -26.93 4.00 42.46
N GLY K 207 -26.92 4.41 41.19
CA GLY K 207 -25.89 4.09 40.22
C GLY K 207 -25.68 2.62 39.93
N PHE K 208 -26.78 1.86 39.81
CA PHE K 208 -26.71 0.42 39.53
C PHE K 208 -27.18 0.07 38.13
N TYR K 209 -26.55 -0.95 37.53
CA TYR K 209 -26.86 -1.50 36.23
C TYR K 209 -26.68 -3.03 36.27
N PRO K 210 -27.65 -3.86 35.80
CA PRO K 210 -28.95 -3.50 35.17
C PRO K 210 -30.00 -3.01 36.18
N ALA K 211 -31.19 -2.63 35.65
CA ALA K 211 -32.33 -2.09 36.41
C ALA K 211 -32.96 -3.07 37.41
N GLU K 212 -32.76 -4.39 37.22
CA GLU K 212 -33.31 -5.44 38.08
C GLU K 212 -32.73 -5.34 39.50
N ILE K 213 -33.60 -5.03 40.49
CA ILE K 213 -33.24 -4.87 41.91
C ILE K 213 -34.48 -5.15 42.79
N THR K 214 -34.25 -5.54 44.06
CA THR K 214 -35.30 -5.80 45.04
C THR K 214 -34.91 -5.18 46.39
N LEU K 215 -35.72 -4.22 46.86
CA LEU K 215 -35.53 -3.53 48.13
C LEU K 215 -36.65 -3.89 49.08
N THR K 216 -36.30 -4.56 50.19
CA THR K 216 -37.28 -4.99 51.20
C THR K 216 -36.91 -4.50 52.59
N TRP K 217 -37.89 -3.92 53.29
CA TRP K 217 -37.72 -3.50 54.67
C TRP K 217 -38.17 -4.63 55.57
N GLN K 218 -37.46 -4.83 56.68
CA GLN K 218 -37.70 -5.90 57.62
C GLN K 218 -37.83 -5.39 59.05
N ARG K 219 -38.84 -5.86 59.79
CA ARG K 219 -39.00 -5.53 61.20
C ARG K 219 -38.82 -6.82 61.99
N ASP K 220 -37.62 -6.98 62.60
CA ASP K 220 -37.19 -8.13 63.39
C ASP K 220 -37.28 -9.45 62.56
N GLY K 221 -37.03 -9.34 61.25
CA GLY K 221 -37.03 -10.46 60.32
C GLY K 221 -38.31 -10.76 59.56
N GLU K 222 -39.22 -9.77 59.36
CA GLU K 222 -40.49 -9.97 58.63
C GLU K 222 -40.62 -8.98 57.45
N ASP K 223 -41.51 -9.24 56.48
CA ASP K 223 -41.69 -8.30 55.36
C ASP K 223 -42.93 -7.44 55.56
N GLN K 224 -42.83 -6.14 55.22
CA GLN K 224 -43.89 -5.15 55.45
C GLN K 224 -44.54 -4.63 54.15
N THR K 225 -44.88 -5.51 53.18
CA THR K 225 -45.51 -5.15 51.88
C THR K 225 -46.52 -3.97 51.95
N GLN K 226 -47.41 -3.94 52.98
CA GLN K 226 -48.38 -2.84 53.15
C GLN K 226 -47.68 -1.60 53.74
N ASP K 227 -46.91 -1.80 54.83
CA ASP K 227 -46.20 -0.77 55.59
C ASP K 227 -44.89 -0.28 54.89
N THR K 228 -44.65 -0.67 53.60
CA THR K 228 -43.50 -0.22 52.79
C THR K 228 -43.93 0.56 51.57
N GLU K 229 -43.43 1.80 51.45
CA GLU K 229 -43.67 2.65 50.28
C GLU K 229 -42.42 2.58 49.41
N LEU K 230 -42.35 1.59 48.50
CA LEU K 230 -41.21 1.47 47.59
C LEU K 230 -41.59 2.07 46.24
N VAL K 231 -40.71 2.91 45.70
CA VAL K 231 -40.92 3.65 44.47
C VAL K 231 -40.43 2.82 43.26
N GLU K 232 -40.97 3.11 42.07
CA GLU K 232 -40.63 2.45 40.81
C GLU K 232 -39.20 2.81 40.39
N THR K 233 -38.44 1.81 39.83
CA THR K 233 -37.07 1.99 39.35
C THR K 233 -37.06 3.08 38.26
N ARG K 234 -36.16 4.06 38.41
CA ARG K 234 -36.06 5.22 37.53
C ARG K 234 -34.65 5.37 36.92
N PRO K 235 -34.52 5.87 35.66
CA PRO K 235 -33.18 6.04 35.09
C PRO K 235 -32.50 7.30 35.63
N ALA K 236 -31.21 7.19 36.00
CA ALA K 236 -30.44 8.31 36.55
C ALA K 236 -30.16 9.38 35.48
N GLY K 237 -29.97 8.96 34.23
CA GLY K 237 -29.72 9.82 33.09
C GLY K 237 -28.37 9.57 32.45
N ASP K 238 -27.59 8.66 33.06
CA ASP K 238 -26.23 8.27 32.66
C ASP K 238 -26.09 6.74 32.46
N ARG K 239 -27.18 6.07 32.03
CA ARG K 239 -27.27 4.62 31.78
C ARG K 239 -27.17 3.78 33.08
N THR K 240 -27.48 4.39 34.24
CA THR K 240 -27.52 3.72 35.54
C THR K 240 -28.94 3.95 36.10
N PHE K 241 -29.31 3.26 37.20
CA PHE K 241 -30.66 3.39 37.71
C PHE K 241 -30.69 3.71 39.21
N GLN K 242 -31.86 4.13 39.72
CA GLN K 242 -32.07 4.44 41.13
C GLN K 242 -33.45 3.97 41.60
N LYS K 243 -33.53 3.59 42.89
CA LYS K 243 -34.74 3.09 43.54
C LYS K 243 -34.65 3.28 45.06
N TRP K 244 -35.80 3.54 45.71
CA TRP K 244 -35.83 3.69 47.16
C TRP K 244 -37.07 3.03 47.78
N ALA K 245 -36.93 2.64 49.06
CA ALA K 245 -37.98 2.01 49.87
C ALA K 245 -38.09 2.75 51.20
N ALA K 246 -39.34 3.12 51.60
CA ALA K 246 -39.57 3.88 52.84
C ALA K 246 -40.59 3.19 53.78
N VAL K 247 -40.40 3.39 55.10
CA VAL K 247 -41.27 2.84 56.16
C VAL K 247 -41.55 3.91 57.23
N VAL K 248 -42.80 3.94 57.76
CA VAL K 248 -43.18 4.86 58.84
C VAL K 248 -43.15 4.03 60.15
N VAL K 249 -42.15 4.36 60.99
CA VAL K 249 -41.66 3.70 62.20
C VAL K 249 -42.04 4.39 63.52
N PRO K 250 -42.33 3.64 64.63
CA PRO K 250 -42.49 4.31 65.93
C PRO K 250 -41.11 4.78 66.41
N SER K 251 -41.00 6.03 66.89
CA SER K 251 -39.74 6.65 67.33
C SER K 251 -39.11 5.88 68.51
N GLY K 252 -37.86 5.49 68.32
CA GLY K 252 -37.08 4.70 69.27
C GLY K 252 -36.92 3.27 68.79
N GLU K 253 -37.84 2.82 67.91
CA GLU K 253 -37.87 1.47 67.35
C GLU K 253 -37.22 1.45 65.94
N GLU K 254 -36.35 2.45 65.62
CA GLU K 254 -35.66 2.59 64.33
C GLU K 254 -34.58 1.55 64.08
N GLN K 255 -33.80 1.19 65.12
CA GLN K 255 -32.71 0.22 64.99
C GLN K 255 -33.22 -1.22 64.86
N ARG K 256 -34.55 -1.42 64.91
CA ARG K 256 -35.20 -2.72 64.78
C ARG K 256 -35.43 -3.05 63.30
N TYR K 257 -35.36 -2.02 62.43
CA TYR K 257 -35.57 -2.13 60.99
C TYR K 257 -34.26 -2.19 60.25
N THR K 258 -34.09 -3.26 59.46
CA THR K 258 -32.93 -3.51 58.60
C THR K 258 -33.43 -3.62 57.17
N CYS K 259 -32.71 -3.06 56.19
CA CYS K 259 -33.12 -3.06 54.79
C CYS K 259 -32.24 -4.04 54.01
N HIS K 260 -32.88 -4.84 53.16
CA HIS K 260 -32.23 -5.83 52.31
C HIS K 260 -32.23 -5.38 50.85
N VAL K 261 -31.04 -5.33 50.24
CA VAL K 261 -30.85 -4.95 48.84
C VAL K 261 -30.23 -6.13 48.09
N GLN K 262 -30.88 -6.53 46.98
CA GLN K 262 -30.45 -7.64 46.15
C GLN K 262 -30.24 -7.20 44.70
N HIS K 263 -29.00 -7.34 44.22
CA HIS K 263 -28.56 -6.98 42.87
C HIS K 263 -27.45 -7.94 42.42
N GLU K 264 -27.35 -8.18 41.09
CA GLU K 264 -26.33 -9.09 40.53
C GLU K 264 -24.91 -8.49 40.59
N GLY K 265 -24.81 -7.17 40.74
CA GLY K 265 -23.55 -6.45 40.89
C GLY K 265 -22.89 -6.71 42.23
N LEU K 266 -23.71 -7.03 43.25
CA LEU K 266 -23.27 -7.36 44.61
C LEU K 266 -22.94 -8.86 44.69
N PRO K 267 -21.85 -9.29 45.41
CA PRO K 267 -21.55 -10.73 45.47
C PRO K 267 -22.65 -11.54 46.16
N LYS K 268 -23.19 -11.03 47.28
CA LYS K 268 -24.27 -11.64 48.07
C LYS K 268 -25.17 -10.54 48.67
N PRO K 269 -26.48 -10.78 48.98
CA PRO K 269 -27.33 -9.70 49.52
C PRO K 269 -26.72 -8.87 50.64
N LEU K 270 -26.88 -7.55 50.54
CA LEU K 270 -26.34 -6.57 51.49
C LEU K 270 -27.42 -6.08 52.45
N THR K 271 -27.05 -5.94 53.74
CA THR K 271 -27.96 -5.51 54.80
C THR K 271 -27.40 -4.26 55.50
N LEU K 272 -28.27 -3.27 55.69
CA LEU K 272 -27.93 -1.97 56.29
C LEU K 272 -29.04 -1.44 57.22
N ARG K 273 -28.63 -0.57 58.17
CA ARG K 273 -29.49 0.06 59.17
C ARG K 273 -29.27 1.57 59.15
N TRP K 274 -30.15 2.35 59.84
CA TRP K 274 -30.12 3.83 59.97
C TRP K 274 -28.65 4.34 60.03
N GLU K 275 -27.79 3.80 60.91
CA GLU K 275 -26.39 4.23 60.89
C GLU K 275 -25.46 3.03 61.07
N ILE L 2 -58.14 2.26 27.41
CA ILE L 2 -57.82 3.05 26.21
C ILE L 2 -56.82 4.19 26.56
N GLN L 3 -56.95 4.78 27.76
CA GLN L 3 -56.08 5.86 28.22
C GLN L 3 -55.51 5.56 29.61
N ARG L 4 -54.27 5.99 29.84
CA ARG L 4 -53.56 5.81 31.11
C ARG L 4 -52.91 7.11 31.60
N THR L 5 -53.03 7.39 32.92
CA THR L 5 -52.48 8.60 33.54
C THR L 5 -50.96 8.44 33.77
N PRO L 6 -50.15 9.49 33.52
CA PRO L 6 -48.70 9.34 33.74
C PRO L 6 -48.30 9.41 35.22
N LYS L 7 -47.40 8.51 35.60
CA LYS L 7 -46.77 8.46 36.92
C LYS L 7 -45.59 9.42 36.83
N ILE L 8 -45.47 10.35 37.78
CA ILE L 8 -44.41 11.35 37.72
C ILE L 8 -43.48 11.28 38.93
N GLN L 9 -42.16 11.38 38.66
CA GLN L 9 -41.09 11.36 39.65
C GLN L 9 -40.05 12.42 39.31
N VAL L 10 -39.85 13.39 40.22
CA VAL L 10 -38.86 14.45 40.05
C VAL L 10 -37.73 14.19 41.08
N TYR L 11 -36.49 14.07 40.56
CA TYR L 11 -35.31 13.73 41.36
C TYR L 11 -34.01 14.21 40.70
N SER L 12 -32.90 14.15 41.44
CA SER L 12 -31.57 14.52 40.95
C SER L 12 -30.74 13.28 40.58
N ARG L 13 -29.83 13.45 39.59
CA ARG L 13 -28.92 12.41 39.08
C ARG L 13 -28.00 11.87 40.19
N HIS L 14 -27.42 12.78 40.99
CA HIS L 14 -26.54 12.50 42.12
C HIS L 14 -27.09 13.17 43.39
N PRO L 15 -26.83 12.65 44.57
CA PRO L 15 -27.41 13.24 45.76
C PRO L 15 -27.19 14.74 45.86
N ALA L 16 -28.18 15.42 46.44
CA ALA L 16 -28.18 16.88 46.55
C ALA L 16 -27.44 17.57 47.67
N GLU L 17 -26.53 18.42 47.25
CA GLU L 17 -25.70 19.27 48.07
C GLU L 17 -25.62 20.33 46.98
N ASN L 18 -25.49 21.55 47.46
CA ASN L 18 -25.42 22.82 46.72
C ASN L 18 -24.78 23.66 45.61
N GLY L 19 -23.48 23.63 45.50
CA GLY L 19 -22.79 24.39 44.48
C GLY L 19 -22.23 23.40 43.45
N LYS L 20 -22.69 22.15 43.48
CA LYS L 20 -22.21 21.14 42.56
C LYS L 20 -23.05 21.13 41.28
N SER L 21 -22.41 20.95 40.14
CA SER L 21 -23.15 20.92 38.87
C SER L 21 -23.67 19.49 38.67
N ASN L 22 -25.00 19.36 38.62
CA ASN L 22 -25.73 18.10 38.54
C ASN L 22 -26.73 18.10 37.35
N PHE L 23 -27.77 17.23 37.41
CA PHE L 23 -28.83 17.08 36.41
C PHE L 23 -30.18 16.83 37.10
N LEU L 24 -31.18 17.68 36.81
CA LEU L 24 -32.53 17.57 37.35
C LEU L 24 -33.35 16.69 36.42
N ASN L 25 -33.85 15.58 36.94
CA ASN L 25 -34.62 14.61 36.16
C ASN L 25 -36.10 14.64 36.50
N CYS L 26 -36.92 14.40 35.48
CA CYS L 26 -38.37 14.28 35.60
C CYS L 26 -38.79 13.08 34.76
N TYR L 27 -39.03 11.95 35.43
CA TYR L 27 -39.38 10.70 34.79
C TYR L 27 -40.90 10.52 34.75
N VAL L 28 -41.43 10.45 33.52
CA VAL L 28 -42.85 10.22 33.25
C VAL L 28 -42.98 8.84 32.63
N SER L 29 -43.84 8.01 33.23
CA SER L 29 -44.06 6.64 32.78
C SER L 29 -45.52 6.20 33.00
N GLY L 30 -45.88 5.06 32.41
CA GLY L 30 -47.21 4.47 32.53
C GLY L 30 -48.35 5.25 31.91
N PHE L 31 -48.08 5.97 30.81
CA PHE L 31 -49.10 6.78 30.14
C PHE L 31 -49.38 6.32 28.69
N HIS L 32 -50.60 6.58 28.23
CA HIS L 32 -51.11 6.28 26.89
C HIS L 32 -52.27 7.23 26.57
N PRO L 33 -52.30 7.98 25.43
CA PRO L 33 -51.36 8.00 24.28
C PRO L 33 -49.98 8.62 24.60
N SER L 34 -49.07 8.60 23.60
CA SER L 34 -47.68 9.08 23.69
C SER L 34 -47.55 10.60 23.83
N ASP L 35 -48.51 11.40 23.29
CA ASP L 35 -48.48 12.86 23.34
C ASP L 35 -48.55 13.36 24.79
N ILE L 36 -47.46 14.00 25.25
CA ILE L 36 -47.31 14.53 26.60
C ILE L 36 -46.54 15.87 26.57
N GLU L 37 -46.87 16.77 27.51
CA GLU L 37 -46.24 18.08 27.67
C GLU L 37 -45.45 18.08 28.98
N VAL L 38 -44.11 18.08 28.91
CA VAL L 38 -43.24 18.04 30.09
C VAL L 38 -42.26 19.23 30.05
N ASP L 39 -42.16 19.97 31.17
CA ASP L 39 -41.23 21.10 31.31
C ASP L 39 -40.80 21.24 32.77
N LEU L 40 -39.50 21.50 32.96
CA LEU L 40 -38.87 21.67 34.27
C LEU L 40 -38.99 23.12 34.71
N LEU L 41 -39.14 23.35 36.02
CA LEU L 41 -39.37 24.68 36.57
C LEU L 41 -38.37 25.06 37.68
N LYS L 42 -37.86 26.31 37.62
CA LYS L 42 -36.96 26.96 38.59
C LYS L 42 -37.65 28.24 39.03
N ASN L 43 -38.36 28.20 40.18
CA ASN L 43 -39.13 29.32 40.76
C ASN L 43 -40.29 29.68 39.85
N GLY L 44 -41.03 28.65 39.43
CA GLY L 44 -42.14 28.80 38.52
C GLY L 44 -41.68 29.03 37.09
N GLU L 45 -40.49 29.63 36.92
CA GLU L 45 -39.89 29.91 35.61
C GLU L 45 -39.54 28.61 34.94
N ARG L 46 -40.11 28.36 33.75
CA ARG L 46 -39.82 27.19 32.96
C ARG L 46 -38.38 27.30 32.51
N ILE L 47 -37.60 26.27 32.82
CA ILE L 47 -36.19 26.18 32.48
C ILE L 47 -36.06 25.90 30.99
N GLU L 48 -35.00 26.44 30.37
CA GLU L 48 -34.71 26.18 28.97
C GLU L 48 -33.74 24.99 28.89
N LYS L 49 -33.35 24.61 27.66
CA LYS L 49 -32.44 23.52 27.32
C LYS L 49 -32.96 22.13 27.71
N VAL L 50 -34.12 22.02 28.42
CA VAL L 50 -34.65 20.72 28.87
C VAL L 50 -34.65 19.74 27.68
N GLU L 51 -33.83 18.69 27.81
CA GLU L 51 -33.66 17.63 26.82
C GLU L 51 -34.45 16.40 27.27
N HIS L 52 -34.83 15.53 26.33
CA HIS L 52 -35.59 14.33 26.66
C HIS L 52 -35.07 13.09 25.93
N SER L 53 -35.31 11.91 26.54
CA SER L 53 -34.92 10.61 25.99
C SER L 53 -35.86 10.23 24.84
N ASP L 54 -35.49 9.17 24.09
CA ASP L 54 -36.29 8.69 22.96
C ASP L 54 -37.53 7.96 23.45
N LEU L 55 -38.63 8.08 22.69
CA LEU L 55 -39.93 7.49 23.01
C LEU L 55 -39.87 5.96 22.97
N SER L 56 -40.06 5.36 24.14
CA SER L 56 -40.09 3.90 24.33
C SER L 56 -41.29 3.53 25.22
N PHE L 57 -41.65 2.24 25.24
CA PHE L 57 -42.79 1.77 26.01
C PHE L 57 -42.47 0.49 26.79
N SER L 58 -43.30 0.18 27.80
CA SER L 58 -43.17 -0.98 28.67
C SER L 58 -43.96 -2.18 28.11
N LYS L 59 -43.94 -3.31 28.86
CA LYS L 59 -44.61 -4.59 28.54
C LYS L 59 -46.13 -4.43 28.37
N ASP L 60 -46.75 -3.53 29.19
CA ASP L 60 -48.19 -3.27 29.17
C ASP L 60 -48.56 -2.22 28.09
N TRP L 61 -47.59 -1.84 27.22
CA TRP L 61 -47.68 -0.90 26.08
C TRP L 61 -47.67 0.58 26.53
N SER L 62 -47.55 0.85 27.85
CA SER L 62 -47.53 2.22 28.37
C SER L 62 -46.17 2.87 28.11
N PHE L 63 -46.20 4.14 27.66
CA PHE L 63 -45.01 4.91 27.30
C PHE L 63 -44.24 5.47 28.50
N TYR L 64 -42.93 5.71 28.30
CA TYR L 64 -42.04 6.28 29.30
C TYR L 64 -40.96 7.15 28.63
N LEU L 65 -40.68 8.30 29.27
CA LEU L 65 -39.70 9.32 28.85
C LEU L 65 -39.00 9.95 30.05
N LEU L 66 -37.72 10.34 29.88
CA LEU L 66 -36.97 11.05 30.93
C LEU L 66 -36.61 12.45 30.42
N TYR L 67 -37.10 13.48 31.12
CA TYR L 67 -36.82 14.89 30.81
C TYR L 67 -35.74 15.38 31.78
N TYR L 68 -34.61 15.86 31.23
CA TYR L 68 -33.44 16.28 32.02
C TYR L 68 -32.78 17.55 31.47
N THR L 69 -32.17 18.34 32.37
CA THR L 69 -31.42 19.57 32.06
C THR L 69 -30.23 19.68 33.03
N GLU L 70 -29.18 20.44 32.64
CA GLU L 70 -27.99 20.65 33.48
C GLU L 70 -28.39 21.49 34.69
N PHE L 71 -28.41 20.94 35.89
CA PHE L 71 -28.81 21.78 37.02
C PHE L 71 -27.91 21.78 38.26
N THR L 72 -27.97 22.88 39.00
CA THR L 72 -27.19 23.07 40.21
C THR L 72 -28.13 23.34 41.33
N PRO L 73 -28.08 22.50 42.43
CA PRO L 73 -29.04 22.81 43.49
C PRO L 73 -28.60 24.07 44.16
N THR L 74 -29.49 24.67 44.94
CA THR L 74 -29.22 25.92 45.66
C THR L 74 -29.98 25.92 46.95
N GLU L 75 -29.59 26.80 47.83
CA GLU L 75 -30.23 26.84 49.12
C GLU L 75 -31.70 27.22 49.12
N LYS L 76 -32.15 28.22 48.37
CA LYS L 76 -33.56 28.49 48.66
C LYS L 76 -34.48 28.45 47.45
N ASP L 77 -33.94 27.98 46.33
CA ASP L 77 -34.70 27.89 45.09
C ASP L 77 -35.61 26.67 45.02
N GLU L 78 -36.85 26.93 44.61
CA GLU L 78 -37.87 25.91 44.45
C GLU L 78 -37.82 25.29 43.05
N TYR L 79 -37.67 23.97 42.99
CA TYR L 79 -37.62 23.26 41.73
C TYR L 79 -38.82 22.33 41.62
N ALA L 80 -39.42 22.29 40.43
CA ALA L 80 -40.60 21.45 40.20
C ALA L 80 -40.70 20.98 38.75
N CYS L 81 -41.64 20.05 38.47
CA CYS L 81 -41.89 19.53 37.13
C CYS L 81 -43.39 19.60 36.83
N ARG L 82 -43.74 20.26 35.71
CA ARG L 82 -45.12 20.43 35.26
C ARG L 82 -45.41 19.46 34.09
N VAL L 83 -46.46 18.64 34.22
CA VAL L 83 -46.82 17.66 33.19
C VAL L 83 -48.31 17.79 32.83
N ASN L 84 -48.58 17.84 31.51
CA ASN L 84 -49.92 17.92 30.96
C ASN L 84 -50.15 16.76 29.99
N HIS L 85 -51.27 16.05 30.20
CA HIS L 85 -51.71 14.91 29.39
C HIS L 85 -53.22 14.99 29.18
N VAL L 86 -53.73 14.38 28.08
CA VAL L 86 -55.15 14.35 27.70
C VAL L 86 -56.04 13.78 28.85
N THR L 87 -55.46 12.94 29.71
CA THR L 87 -56.12 12.30 30.84
C THR L 87 -56.18 13.22 32.08
N LEU L 88 -55.40 14.33 32.08
CA LEU L 88 -55.36 15.30 33.19
C LEU L 88 -56.27 16.49 32.92
N SER L 89 -57.10 16.86 33.92
CA SER L 89 -58.03 17.99 33.85
C SER L 89 -57.27 19.32 33.79
N GLN L 90 -56.17 19.41 34.56
CA GLN L 90 -55.27 20.56 34.63
C GLN L 90 -53.82 20.05 34.75
N PRO L 91 -52.77 20.84 34.35
CA PRO L 91 -51.39 20.33 34.46
C PRO L 91 -51.00 20.02 35.90
N LYS L 92 -50.38 18.85 36.12
CA LYS L 92 -49.95 18.41 37.44
C LYS L 92 -48.52 18.85 37.70
N ILE L 93 -48.32 19.59 38.81
CA ILE L 93 -47.02 20.10 39.23
C ILE L 93 -46.56 19.33 40.47
N VAL L 94 -45.38 18.70 40.39
CA VAL L 94 -44.80 17.96 41.51
C VAL L 94 -43.50 18.68 41.90
N LYS L 95 -43.43 19.14 43.16
CA LYS L 95 -42.28 19.86 43.68
C LYS L 95 -41.13 18.91 43.95
N TRP L 96 -39.91 19.32 43.60
CA TRP L 96 -38.71 18.52 43.82
C TRP L 96 -38.33 18.54 45.29
N ASP L 97 -38.26 17.33 45.85
CA ASP L 97 -37.88 17.08 47.24
C ASP L 97 -36.52 16.42 47.23
N ARG L 98 -35.57 17.04 47.94
CA ARG L 98 -34.17 16.59 48.06
C ARG L 98 -34.08 15.20 48.70
N ASP L 99 -34.99 14.92 49.66
CA ASP L 99 -35.05 13.69 50.44
C ASP L 99 -35.70 12.50 49.69
N MET L 100 -36.25 12.71 48.48
CA MET L 100 -36.86 11.62 47.70
C MET L 100 -36.71 11.84 46.17
N LEU M 1 -29.25 -5.63 14.77
CA LEU M 1 -29.83 -5.39 13.46
C LEU M 1 -31.34 -5.68 13.49
N PRO M 2 -32.19 -4.77 12.94
CA PRO M 2 -33.64 -5.02 12.98
C PRO M 2 -34.12 -6.04 11.94
N PHE M 3 -35.38 -6.49 12.07
CA PHE M 3 -36.05 -7.43 11.16
C PHE M 3 -36.24 -6.72 9.81
N GLU M 4 -35.80 -7.38 8.73
CA GLU M 4 -35.79 -6.79 7.38
C GLU M 4 -36.96 -7.23 6.50
N LYS M 5 -38.16 -7.32 7.08
CA LYS M 5 -39.38 -7.60 6.35
C LYS M 5 -40.47 -6.69 6.89
N SER M 6 -40.87 -5.71 6.06
CA SER M 6 -41.89 -4.74 6.40
C SER M 6 -43.20 -5.13 5.70
N THR M 7 -44.19 -5.58 6.48
CA THR M 7 -45.46 -6.05 5.96
C THR M 7 -46.61 -5.21 6.47
N ILE M 8 -47.46 -4.76 5.54
CA ILE M 8 -48.65 -3.93 5.80
C ILE M 8 -49.71 -4.81 6.48
N MET M 9 -50.30 -4.26 7.55
CA MET M 9 -51.33 -4.88 8.37
C MET M 9 -52.73 -4.75 7.74
N GLN N 1 -23.18 -10.35 -4.00
CA GLN N 1 -24.62 -10.54 -4.19
C GLN N 1 -24.91 -11.17 -5.55
N SER N 2 -24.82 -12.50 -5.63
CA SER N 2 -25.06 -13.26 -6.86
C SER N 2 -25.62 -14.66 -6.58
N LEU N 3 -25.99 -15.38 -7.65
CA LEU N 3 -26.49 -16.76 -7.58
C LEU N 3 -26.20 -17.47 -8.91
N GLU N 4 -25.96 -18.78 -8.84
CA GLU N 4 -25.61 -19.62 -10.00
C GLU N 4 -26.61 -20.76 -10.18
N GLN N 5 -26.99 -21.01 -11.44
CA GLN N 5 -27.89 -22.07 -11.89
C GLN N 5 -27.45 -22.55 -13.30
N PRO N 6 -27.66 -23.84 -13.69
CA PRO N 6 -27.21 -24.27 -15.04
C PRO N 6 -27.86 -23.48 -16.18
N SER N 7 -27.16 -23.38 -17.32
CA SER N 7 -27.63 -22.63 -18.48
C SER N 7 -28.79 -23.36 -19.18
N GLU N 8 -28.64 -24.69 -19.37
CA GLU N 8 -29.62 -25.54 -20.04
C GLU N 8 -29.84 -26.86 -19.31
N VAL N 9 -31.03 -27.46 -19.52
CA VAL N 9 -31.40 -28.77 -18.98
C VAL N 9 -32.42 -29.40 -19.97
N THR N 10 -32.26 -30.69 -20.28
CA THR N 10 -33.11 -31.40 -21.24
C THR N 10 -33.65 -32.69 -20.62
N ALA N 11 -34.93 -33.00 -20.90
CA ALA N 11 -35.62 -34.19 -20.42
C ALA N 11 -36.77 -34.58 -21.37
N VAL N 12 -37.09 -35.88 -21.43
CA VAL N 12 -38.16 -36.44 -22.27
C VAL N 12 -39.52 -36.18 -21.57
N GLU N 13 -40.62 -36.20 -22.35
CA GLU N 13 -41.99 -36.02 -21.87
C GLU N 13 -42.37 -37.15 -20.91
N GLY N 14 -42.95 -36.79 -19.76
CA GLY N 14 -43.38 -37.73 -18.73
C GLY N 14 -42.34 -37.99 -17.67
N ALA N 15 -41.07 -37.65 -17.95
CA ALA N 15 -39.95 -37.84 -17.02
C ALA N 15 -39.89 -36.72 -15.96
N ILE N 16 -38.84 -36.72 -15.12
CA ILE N 16 -38.64 -35.71 -14.09
C ILE N 16 -37.33 -34.95 -14.36
N VAL N 17 -37.24 -33.70 -13.91
CA VAL N 17 -36.04 -32.89 -14.13
C VAL N 17 -35.74 -32.03 -12.87
N GLN N 18 -34.43 -31.83 -12.60
CA GLN N 18 -33.96 -31.04 -11.45
C GLN N 18 -33.16 -29.84 -11.94
N ILE N 19 -33.48 -28.66 -11.40
CA ILE N 19 -32.79 -27.40 -11.70
C ILE N 19 -32.17 -26.92 -10.39
N ASN N 20 -30.84 -27.02 -10.28
CA ASN N 20 -30.09 -26.62 -9.08
C ASN N 20 -29.83 -25.11 -9.04
N CYS N 21 -29.67 -24.56 -7.82
N CYS N 21 -29.67 -24.56 -7.82
CA CYS N 21 -29.40 -23.14 -7.60
CA CYS N 21 -29.41 -23.15 -7.58
C CYS N 21 -28.60 -22.93 -6.32
C CYS N 21 -28.59 -22.96 -6.31
N THR N 22 -27.48 -22.20 -6.41
CA THR N 22 -26.61 -21.87 -5.28
C THR N 22 -26.55 -20.35 -5.20
N TYR N 23 -26.73 -19.78 -4.00
CA TYR N 23 -26.71 -18.34 -3.81
C TYR N 23 -25.50 -17.91 -3.00
N GLN N 24 -24.94 -16.74 -3.32
CA GLN N 24 -23.76 -16.15 -2.71
C GLN N 24 -24.11 -14.75 -2.25
N THR N 25 -24.68 -14.67 -1.04
CA THR N 25 -25.15 -13.41 -0.45
C THR N 25 -24.92 -13.31 1.04
N SER N 26 -24.84 -12.07 1.51
CA SER N 26 -24.81 -11.70 2.92
C SER N 26 -26.25 -11.47 3.28
N GLY N 27 -26.76 -12.26 4.20
CA GLY N 27 -28.18 -12.19 4.57
C GLY N 27 -29.04 -12.95 3.57
N PHE N 28 -29.94 -13.76 4.10
CA PHE N 28 -30.88 -14.57 3.32
C PHE N 28 -32.23 -14.53 4.01
N TYR N 29 -33.27 -14.25 3.24
CA TYR N 29 -34.65 -14.17 3.72
C TYR N 29 -35.54 -15.14 2.97
N GLY N 30 -35.15 -15.51 1.75
CA GLY N 30 -35.95 -16.46 0.98
C GLY N 30 -35.43 -16.77 -0.41
N LEU N 31 -35.76 -17.98 -0.88
CA LEU N 31 -35.39 -18.47 -2.21
C LEU N 31 -36.67 -18.82 -2.95
N SER N 32 -36.90 -18.20 -4.11
CA SER N 32 -38.11 -18.43 -4.89
C SER N 32 -37.80 -18.88 -6.31
N TRP N 33 -38.82 -19.43 -7.00
CA TRP N 33 -38.70 -19.93 -8.37
C TRP N 33 -39.78 -19.33 -9.27
N TYR N 34 -39.36 -18.92 -10.48
CA TYR N 34 -40.24 -18.29 -11.47
C TYR N 34 -40.07 -18.94 -12.84
N GLN N 35 -41.20 -19.15 -13.53
CA GLN N 35 -41.24 -19.71 -14.88
C GLN N 35 -41.51 -18.59 -15.87
N GLN N 36 -40.72 -18.52 -16.96
CA GLN N 36 -40.91 -17.50 -17.97
C GLN N 36 -40.81 -18.08 -19.38
N HIS N 37 -41.90 -17.91 -20.16
CA HIS N 37 -41.96 -18.30 -21.56
C HIS N 37 -41.41 -17.17 -22.41
N ASP N 38 -40.94 -17.48 -23.64
CA ASP N 38 -40.36 -16.52 -24.59
C ASP N 38 -41.28 -15.31 -24.78
N GLY N 39 -40.81 -14.14 -24.32
CA GLY N 39 -41.54 -12.89 -24.39
C GLY N 39 -42.78 -12.82 -23.53
N GLY N 40 -42.76 -13.58 -22.43
CA GLY N 40 -43.86 -13.67 -21.48
C GLY N 40 -43.56 -13.09 -20.11
N ALA N 41 -44.54 -13.18 -19.21
CA ALA N 41 -44.46 -12.71 -17.83
C ALA N 41 -43.91 -13.79 -16.90
N PRO N 42 -42.86 -13.49 -16.08
CA PRO N 42 -42.38 -14.50 -15.12
C PRO N 42 -43.48 -14.81 -14.10
N THR N 43 -43.84 -16.10 -13.98
CA THR N 43 -44.90 -16.58 -13.07
C THR N 43 -44.30 -17.34 -11.91
N PHE N 44 -44.80 -17.05 -10.71
CA PHE N 44 -44.37 -17.66 -9.45
C PHE N 44 -44.67 -19.16 -9.41
N LEU N 45 -43.71 -19.95 -8.92
CA LEU N 45 -43.85 -21.40 -8.78
C LEU N 45 -43.86 -21.80 -7.30
N SER N 46 -42.78 -21.48 -6.55
CA SER N 46 -42.66 -21.81 -5.13
C SER N 46 -41.66 -20.89 -4.40
N TYR N 47 -41.84 -20.77 -3.07
CA TYR N 47 -41.01 -19.95 -2.19
C TYR N 47 -40.56 -20.76 -0.97
N ASN N 48 -39.26 -20.70 -0.66
CA ASN N 48 -38.66 -21.35 0.50
C ASN N 48 -38.03 -20.32 1.42
N ALA N 49 -38.57 -20.18 2.63
CA ALA N 49 -38.03 -19.26 3.64
C ALA N 49 -37.19 -20.06 4.62
N LEU N 50 -37.75 -21.16 5.14
CA LEU N 50 -37.10 -22.10 6.06
C LEU N 50 -36.61 -23.34 5.30
N ASP N 51 -35.75 -24.15 5.95
CA ASP N 51 -35.22 -25.39 5.40
C ASP N 51 -36.34 -26.40 5.18
N GLY N 52 -36.26 -27.14 4.08
CA GLY N 52 -37.23 -28.16 3.77
C GLY N 52 -37.70 -28.17 2.33
N LEU N 53 -38.83 -28.84 2.09
CA LEU N 53 -39.44 -28.98 0.77
C LEU N 53 -40.82 -28.33 0.72
N GLU N 54 -41.09 -27.63 -0.38
CA GLU N 54 -42.35 -26.99 -0.70
C GLU N 54 -42.94 -27.71 -1.90
N GLU N 55 -44.16 -28.25 -1.75
CA GLU N 55 -44.83 -29.01 -2.82
C GLU N 55 -46.08 -28.29 -3.32
N THR N 56 -46.17 -28.07 -4.64
CA THR N 56 -47.30 -27.42 -5.30
C THR N 56 -47.54 -28.14 -6.65
N GLY N 57 -48.38 -29.16 -6.61
CA GLY N 57 -48.73 -29.97 -7.76
C GLY N 57 -47.58 -30.82 -8.25
N ARG N 58 -47.22 -30.67 -9.53
CA ARG N 58 -46.13 -31.40 -10.17
C ARG N 58 -44.76 -30.77 -9.86
N PHE N 59 -44.77 -29.55 -9.30
CA PHE N 59 -43.54 -28.80 -9.00
C PHE N 59 -43.27 -28.76 -7.50
N SER N 60 -42.00 -28.96 -7.13
CA SER N 60 -41.53 -28.91 -5.75
C SER N 60 -40.16 -28.23 -5.68
N SER N 61 -39.87 -27.57 -4.55
CA SER N 61 -38.58 -26.91 -4.36
C SER N 61 -38.01 -27.17 -2.98
N PHE N 62 -36.71 -27.52 -2.93
CA PHE N 62 -35.96 -27.81 -1.71
C PHE N 62 -35.04 -26.65 -1.35
N LEU N 63 -34.72 -26.49 -0.05
CA LEU N 63 -33.79 -25.48 0.43
C LEU N 63 -32.98 -25.97 1.64
N SER N 64 -31.67 -25.70 1.60
CA SER N 64 -30.70 -25.94 2.66
C SER N 64 -29.91 -24.63 2.84
N ARG N 65 -30.27 -23.87 3.87
CA ARG N 65 -29.68 -22.56 4.20
C ARG N 65 -28.19 -22.65 4.54
N SER N 66 -27.78 -23.69 5.30
CA SER N 66 -26.40 -23.93 5.72
C SER N 66 -25.49 -24.21 4.51
N ASP N 67 -26.04 -24.86 3.47
CA ASP N 67 -25.31 -25.18 2.24
C ASP N 67 -25.52 -24.10 1.16
N SER N 68 -26.36 -23.06 1.45
CA SER N 68 -26.73 -21.98 0.53
C SER N 68 -27.15 -22.58 -0.82
N TYR N 69 -27.94 -23.66 -0.76
CA TYR N 69 -28.35 -24.47 -1.90
C TYR N 69 -29.85 -24.76 -1.88
N GLY N 70 -30.42 -24.75 -3.08
CA GLY N 70 -31.81 -25.06 -3.33
C GLY N 70 -32.00 -25.61 -4.71
N TYR N 71 -33.09 -26.36 -4.94
CA TYR N 71 -33.37 -26.87 -6.27
C TYR N 71 -34.85 -26.96 -6.54
N LEU N 72 -35.20 -26.93 -7.82
CA LEU N 72 -36.56 -27.06 -8.33
C LEU N 72 -36.69 -28.41 -9.03
N LEU N 73 -37.69 -29.21 -8.62
CA LEU N 73 -37.97 -30.52 -9.19
C LEU N 73 -39.32 -30.50 -9.89
N LEU N 74 -39.33 -30.84 -11.18
CA LEU N 74 -40.54 -30.84 -12.02
C LEU N 74 -40.87 -32.28 -12.42
N GLN N 75 -42.05 -32.77 -11.98
CA GLN N 75 -42.52 -34.13 -12.23
C GLN N 75 -43.54 -34.18 -13.37
N GLU N 76 -43.67 -35.37 -14.03
CA GLU N 76 -44.59 -35.66 -15.15
C GLU N 76 -44.54 -34.52 -16.18
N LEU N 77 -43.35 -34.32 -16.77
CA LEU N 77 -43.05 -33.24 -17.71
C LEU N 77 -43.95 -33.24 -18.94
N GLN N 78 -44.47 -32.06 -19.27
CA GLN N 78 -45.35 -31.78 -20.40
C GLN N 78 -44.66 -30.79 -21.34
N MET N 79 -45.21 -30.64 -22.56
CA MET N 79 -44.67 -29.75 -23.59
C MET N 79 -44.71 -28.27 -23.18
N LYS N 80 -45.72 -27.88 -22.39
CA LYS N 80 -45.89 -26.52 -21.89
C LYS N 80 -44.82 -26.15 -20.86
N ASP N 81 -44.12 -27.14 -20.27
CA ASP N 81 -43.07 -26.92 -19.28
C ASP N 81 -41.78 -26.37 -19.92
N SER N 82 -41.65 -26.47 -21.26
CA SER N 82 -40.50 -25.93 -22.02
C SER N 82 -40.49 -24.41 -21.93
N ALA N 83 -39.64 -23.89 -21.02
CA ALA N 83 -39.48 -22.46 -20.74
C ALA N 83 -38.17 -22.18 -20.01
N SER N 84 -38.01 -20.94 -19.53
CA SER N 84 -36.85 -20.51 -18.74
C SER N 84 -37.26 -20.49 -17.27
N TYR N 85 -36.42 -21.06 -16.41
CA TYR N 85 -36.68 -21.14 -14.98
C TYR N 85 -35.66 -20.31 -14.23
N PHE N 86 -36.15 -19.38 -13.42
CA PHE N 86 -35.31 -18.45 -12.69
C PHE N 86 -35.39 -18.63 -11.20
N CYS N 87 -34.23 -18.77 -10.54
N CYS N 87 -34.22 -18.69 -10.57
CA CYS N 87 -34.21 -18.82 -9.07
CA CYS N 87 -34.01 -18.77 -9.14
C CYS N 87 -33.87 -17.43 -8.57
C CYS N 87 -33.85 -17.34 -8.61
N ALA N 88 -34.66 -16.94 -7.61
CA ALA N 88 -34.57 -15.60 -7.05
C ALA N 88 -34.24 -15.64 -5.57
N VAL N 89 -33.35 -14.74 -5.12
CA VAL N 89 -32.94 -14.68 -3.72
C VAL N 89 -33.34 -13.33 -3.10
N ASP N 90 -33.99 -13.42 -1.94
CA ASP N 90 -34.40 -12.29 -1.12
C ASP N 90 -33.39 -12.21 0.03
N THR N 91 -32.77 -11.04 0.21
CA THR N 91 -31.69 -10.83 1.19
C THR N 91 -32.05 -9.81 2.28
N GLY N 92 -33.33 -9.44 2.33
CA GLY N 92 -33.84 -8.45 3.28
C GLY N 92 -34.26 -7.20 2.53
N GLY N 93 -35.36 -6.61 2.98
CA GLY N 93 -35.88 -5.39 2.39
C GLY N 93 -36.86 -5.72 1.28
N PHE N 94 -36.48 -5.41 0.03
CA PHE N 94 -37.34 -5.58 -1.16
C PHE N 94 -36.57 -5.93 -2.45
N LYS N 95 -35.25 -5.68 -2.48
CA LYS N 95 -34.39 -5.92 -3.65
C LYS N 95 -34.14 -7.41 -3.86
N THR N 96 -34.76 -7.97 -4.92
CA THR N 96 -34.65 -9.39 -5.29
C THR N 96 -33.61 -9.56 -6.39
N ILE N 97 -32.70 -10.53 -6.20
CA ILE N 97 -31.66 -10.86 -7.18
C ILE N 97 -32.09 -12.12 -7.93
N PHE N 98 -32.13 -12.04 -9.26
CA PHE N 98 -32.51 -13.16 -10.13
C PHE N 98 -31.29 -13.73 -10.85
N GLY N 99 -31.30 -15.04 -11.06
CA GLY N 99 -30.25 -15.74 -11.77
C GLY N 99 -30.38 -15.58 -13.28
N ALA N 100 -29.36 -16.01 -14.03
CA ALA N 100 -29.31 -15.94 -15.49
C ALA N 100 -30.44 -16.74 -16.13
N GLY N 101 -30.90 -17.79 -15.44
CA GLY N 101 -31.98 -18.65 -15.89
C GLY N 101 -31.52 -19.97 -16.50
N THR N 102 -32.40 -20.97 -16.40
CA THR N 102 -32.19 -22.31 -16.94
C THR N 102 -33.25 -22.58 -17.99
N ARG N 103 -32.83 -22.77 -19.24
CA ARG N 103 -33.78 -23.09 -20.31
C ARG N 103 -34.03 -24.59 -20.31
N LEU N 104 -35.29 -24.98 -20.09
CA LEU N 104 -35.69 -26.39 -20.09
C LEU N 104 -36.26 -26.77 -21.44
N PHE N 105 -35.75 -27.87 -22.01
CA PHE N 105 -36.21 -28.42 -23.29
C PHE N 105 -36.90 -29.76 -23.04
N VAL N 106 -38.23 -29.81 -23.25
CA VAL N 106 -39.00 -31.04 -23.05
C VAL N 106 -39.09 -31.75 -24.41
N LYS N 107 -38.43 -32.90 -24.52
CA LYS N 107 -38.41 -33.70 -25.75
C LYS N 107 -39.74 -34.44 -25.89
N ALA N 108 -40.44 -34.16 -27.02
CA ALA N 108 -41.75 -34.76 -27.31
C ALA N 108 -41.63 -36.23 -27.71
N ASN N 109 -42.48 -37.07 -27.11
CA ASN N 109 -42.50 -38.50 -27.43
C ASN N 109 -43.51 -38.73 -28.56
N ILE N 110 -42.99 -39.06 -29.76
CA ILE N 110 -43.81 -39.34 -30.92
C ILE N 110 -43.99 -40.85 -30.98
N GLN N 111 -45.20 -41.33 -30.63
CA GLN N 111 -45.58 -42.75 -30.55
C GLN N 111 -45.53 -43.42 -31.93
N ASN N 112 -46.15 -42.81 -32.95
CA ASN N 112 -46.19 -43.35 -34.31
C ASN N 112 -45.59 -42.35 -35.31
N PRO N 113 -44.26 -42.40 -35.56
CA PRO N 113 -43.65 -41.45 -36.51
C PRO N 113 -43.98 -41.80 -37.96
N ASP N 114 -44.38 -40.79 -38.74
CA ASP N 114 -44.71 -40.92 -40.16
C ASP N 114 -44.02 -39.77 -40.94
N PRO N 115 -42.66 -39.76 -41.01
CA PRO N 115 -41.98 -38.65 -41.68
C PRO N 115 -42.38 -38.49 -43.15
N ALA N 116 -42.70 -37.24 -43.55
CA ALA N 116 -43.19 -36.87 -44.88
C ALA N 116 -42.91 -35.42 -45.25
N VAL N 117 -42.71 -35.14 -46.56
CA VAL N 117 -42.51 -33.78 -47.09
C VAL N 117 -43.64 -33.49 -48.10
N TYR N 118 -44.38 -32.39 -47.87
CA TYR N 118 -45.51 -31.98 -48.71
C TYR N 118 -45.30 -30.60 -49.34
N GLN N 119 -46.00 -30.31 -50.47
CA GLN N 119 -45.92 -29.02 -51.17
C GLN N 119 -47.26 -28.28 -51.08
N LEU N 120 -47.25 -27.10 -50.45
CA LEU N 120 -48.44 -26.26 -50.25
C LEU N 120 -48.48 -25.12 -51.26
N ARG N 121 -49.70 -24.77 -51.74
CA ARG N 121 -49.89 -23.69 -52.72
C ARG N 121 -50.77 -22.57 -52.18
N ASP N 122 -50.37 -21.32 -52.45
CA ASP N 122 -51.05 -20.09 -52.06
C ASP N 122 -52.24 -19.81 -52.99
N SER N 123 -53.16 -18.89 -52.58
CA SER N 123 -54.31 -18.45 -53.38
C SER N 123 -53.83 -17.81 -54.69
N LYS N 124 -52.69 -17.09 -54.60
CA LYS N 124 -51.97 -16.45 -55.69
C LYS N 124 -50.50 -16.84 -55.58
N SER N 125 -50.03 -17.78 -56.43
CA SER N 125 -48.65 -18.27 -56.40
C SER N 125 -47.66 -17.28 -57.09
N SER N 126 -47.93 -15.96 -56.98
CA SER N 126 -47.11 -14.89 -57.55
C SER N 126 -45.97 -14.41 -56.61
N ASP N 127 -45.64 -15.23 -55.59
CA ASP N 127 -44.57 -14.93 -54.64
C ASP N 127 -43.58 -16.10 -54.43
N LYS N 128 -44.03 -17.25 -53.86
CA LYS N 128 -43.19 -18.43 -53.59
C LYS N 128 -44.02 -19.71 -53.32
N SER N 129 -43.32 -20.86 -53.18
CA SER N 129 -43.87 -22.18 -52.88
C SER N 129 -43.35 -22.65 -51.51
N VAL N 130 -44.18 -23.38 -50.74
CA VAL N 130 -43.82 -23.84 -49.39
C VAL N 130 -43.76 -25.37 -49.32
N CYS N 131 -42.69 -25.89 -48.68
CA CYS N 131 -42.42 -27.31 -48.44
C CYS N 131 -42.47 -27.57 -46.93
N LEU N 132 -43.37 -28.46 -46.49
CA LEU N 132 -43.55 -28.80 -45.07
C LEU N 132 -43.10 -30.23 -44.76
N PHE N 133 -42.09 -30.35 -43.89
CA PHE N 133 -41.55 -31.62 -43.38
C PHE N 133 -42.14 -31.83 -41.99
N THR N 134 -43.01 -32.84 -41.85
CA THR N 134 -43.74 -33.09 -40.60
C THR N 134 -43.79 -34.59 -40.20
N ASP N 135 -44.30 -34.86 -38.99
CA ASP N 135 -44.52 -36.17 -38.34
C ASP N 135 -43.21 -36.97 -38.17
N PHE N 136 -42.10 -36.28 -37.89
CA PHE N 136 -40.80 -36.90 -37.66
C PHE N 136 -40.47 -36.98 -36.17
N ASP N 137 -39.63 -37.96 -35.79
CA ASP N 137 -39.20 -38.24 -34.40
C ASP N 137 -38.34 -37.09 -33.84
N SER N 138 -38.34 -36.93 -32.50
CA SER N 138 -37.59 -35.89 -31.77
C SER N 138 -36.07 -36.06 -31.83
N GLN N 139 -35.58 -37.27 -32.20
CA GLN N 139 -34.14 -37.54 -32.30
C GLN N 139 -33.59 -37.16 -33.70
N THR N 140 -34.38 -36.43 -34.49
CA THR N 140 -34.02 -35.93 -35.83
C THR N 140 -33.66 -34.44 -35.71
N ASN N 141 -32.49 -34.06 -36.26
CA ASN N 141 -31.99 -32.69 -36.23
C ASN N 141 -32.20 -32.00 -37.58
N VAL N 142 -32.50 -30.69 -37.53
CA VAL N 142 -32.72 -29.85 -38.72
C VAL N 142 -31.66 -28.73 -38.73
N SER N 143 -30.81 -28.73 -39.78
CA SER N 143 -29.73 -27.75 -39.95
C SER N 143 -30.11 -26.70 -41.00
N GLN N 144 -29.39 -25.56 -41.00
CA GLN N 144 -29.61 -24.45 -41.93
C GLN N 144 -29.26 -24.82 -43.37
N SER N 145 -29.97 -24.21 -44.33
CA SER N 145 -29.83 -24.43 -45.77
C SER N 145 -28.49 -23.96 -46.33
N LYS N 146 -28.03 -24.64 -47.41
CA LYS N 146 -26.80 -24.32 -48.13
C LYS N 146 -27.04 -23.08 -49.01
N ASP N 147 -28.20 -23.05 -49.71
CA ASP N 147 -28.61 -21.95 -50.59
C ASP N 147 -29.06 -20.75 -49.75
N SER N 148 -28.63 -19.54 -50.16
CA SER N 148 -28.95 -18.28 -49.48
C SER N 148 -30.41 -17.86 -49.71
N ASP N 149 -31.01 -18.28 -50.85
CA ASP N 149 -32.38 -17.94 -51.23
C ASP N 149 -33.42 -18.88 -50.58
N VAL N 150 -32.97 -20.02 -50.02
CA VAL N 150 -33.85 -21.00 -49.35
C VAL N 150 -33.84 -20.73 -47.84
N TYR N 151 -35.03 -20.49 -47.27
CA TYR N 151 -35.21 -20.23 -45.83
C TYR N 151 -35.87 -21.42 -45.15
N ILE N 152 -35.18 -22.03 -44.17
CA ILE N 152 -35.69 -23.18 -43.42
C ILE N 152 -35.79 -22.82 -41.94
N THR N 153 -37.00 -22.96 -41.37
CA THR N 153 -37.30 -22.69 -39.96
C THR N 153 -36.92 -23.89 -39.09
N ASP N 154 -36.60 -23.64 -37.81
CA ASP N 154 -36.27 -24.70 -36.85
C ASP N 154 -37.55 -25.47 -36.48
N LYS N 155 -37.39 -26.77 -36.14
CA LYS N 155 -38.52 -27.65 -35.79
C LYS N 155 -39.24 -27.19 -34.52
N CYS N 156 -40.58 -27.29 -34.54
CA CYS N 156 -41.46 -26.94 -33.41
C CYS N 156 -42.55 -28.02 -33.29
N VAL N 157 -43.00 -28.31 -32.05
CA VAL N 157 -43.99 -29.35 -31.77
C VAL N 157 -45.37 -28.74 -31.47
N LEU N 158 -46.39 -29.20 -32.21
CA LEU N 158 -47.78 -28.78 -32.04
C LEU N 158 -48.56 -29.89 -31.32
N ASP N 159 -49.50 -29.50 -30.46
CA ASP N 159 -50.31 -30.46 -29.71
C ASP N 159 -51.79 -30.30 -30.04
N MET N 160 -52.36 -31.34 -30.67
CA MET N 160 -53.77 -31.40 -31.02
C MET N 160 -54.46 -32.06 -29.82
N ARG N 161 -54.67 -31.26 -28.75
CA ARG N 161 -55.25 -31.60 -27.44
C ARG N 161 -56.51 -32.47 -27.51
N SER N 162 -57.36 -32.22 -28.50
CA SER N 162 -58.62 -32.92 -28.75
C SER N 162 -58.40 -34.38 -29.18
N MET N 163 -57.46 -34.64 -30.10
CA MET N 163 -57.15 -35.97 -30.62
C MET N 163 -55.99 -36.64 -29.84
N ASP N 164 -55.40 -35.92 -28.84
CA ASP N 164 -54.27 -36.35 -28.01
C ASP N 164 -53.08 -36.78 -28.92
N PHE N 165 -52.75 -35.89 -29.88
CA PHE N 165 -51.71 -36.10 -30.88
C PHE N 165 -50.67 -34.98 -30.87
N LYS N 166 -49.39 -35.34 -31.05
CA LYS N 166 -48.25 -34.42 -31.10
C LYS N 166 -47.37 -34.73 -32.31
N SER N 167 -46.92 -33.68 -33.01
CA SER N 167 -46.08 -33.83 -34.21
C SER N 167 -45.11 -32.67 -34.40
N ASN N 168 -43.88 -32.98 -34.83
CA ASN N 168 -42.83 -32.00 -35.14
C ASN N 168 -43.01 -31.51 -36.57
N SER N 169 -42.64 -30.24 -36.85
CA SER N 169 -42.80 -29.65 -38.18
C SER N 169 -41.75 -28.59 -38.50
N ALA N 170 -41.26 -28.61 -39.75
CA ALA N 170 -40.26 -27.68 -40.30
C ALA N 170 -40.78 -27.10 -41.62
N VAL N 171 -40.67 -25.77 -41.80
CA VAL N 171 -41.14 -25.06 -42.99
C VAL N 171 -39.95 -24.56 -43.82
N ALA N 172 -39.99 -24.82 -45.14
CA ALA N 172 -38.98 -24.41 -46.13
C ALA N 172 -39.64 -23.72 -47.32
N TRP N 173 -39.11 -22.53 -47.72
CA TRP N 173 -39.66 -21.77 -48.85
C TRP N 173 -38.59 -20.94 -49.59
N SER N 174 -38.80 -20.74 -50.90
CA SER N 174 -37.94 -19.96 -51.81
C SER N 174 -38.73 -19.50 -53.03
N ASN N 175 -38.48 -18.25 -53.48
CA ASN N 175 -39.16 -17.65 -54.62
C ASN N 175 -38.64 -18.19 -55.98
N LYS N 176 -37.45 -18.80 -55.99
CA LYS N 176 -36.80 -19.36 -57.18
C LYS N 176 -37.52 -20.64 -57.64
N SER N 177 -37.62 -20.83 -58.98
CA SER N 177 -38.24 -21.99 -59.62
C SER N 177 -37.37 -23.27 -59.48
N ASP N 178 -36.08 -23.11 -59.13
CA ASP N 178 -35.11 -24.19 -58.93
C ASP N 178 -35.45 -25.00 -57.67
N PHE N 179 -36.14 -24.37 -56.70
CA PHE N 179 -36.54 -24.96 -55.42
C PHE N 179 -37.66 -25.99 -55.61
N ALA N 180 -37.45 -27.20 -55.02
CA ALA N 180 -38.38 -28.34 -55.05
C ALA N 180 -38.26 -29.17 -53.76
N CYS N 181 -39.28 -29.99 -53.44
CA CYS N 181 -39.38 -30.85 -52.25
C CYS N 181 -38.21 -31.83 -52.10
N ALA N 182 -37.73 -32.42 -53.21
CA ALA N 182 -36.66 -33.42 -53.24
C ALA N 182 -35.30 -32.87 -52.75
N ASN N 183 -34.92 -31.64 -53.17
CA ASN N 183 -33.64 -31.02 -52.81
C ASN N 183 -33.78 -30.08 -51.59
N ALA N 184 -35.03 -29.73 -51.21
CA ALA N 184 -35.42 -28.80 -50.13
C ALA N 184 -34.62 -28.93 -48.83
N PHE N 185 -34.24 -30.14 -48.40
CA PHE N 185 -33.55 -30.30 -47.13
C PHE N 185 -32.11 -30.81 -47.28
N ASN N 186 -31.18 -30.07 -46.64
CA ASN N 186 -29.74 -30.34 -46.59
C ASN N 186 -29.37 -30.75 -45.14
N ASN N 187 -30.00 -31.82 -44.66
CA ASN N 187 -29.82 -32.37 -43.30
C ASN N 187 -30.12 -33.87 -43.26
N SER N 188 -29.66 -34.55 -42.18
CA SER N 188 -29.83 -35.98 -41.96
C SER N 188 -31.30 -36.33 -41.74
N ILE N 189 -31.98 -36.73 -42.84
CA ILE N 189 -33.40 -37.10 -42.81
C ILE N 189 -33.55 -38.63 -42.72
N ILE N 190 -34.72 -39.08 -42.25
CA ILE N 190 -35.11 -40.47 -42.03
C ILE N 190 -35.23 -41.19 -43.41
N PRO N 191 -34.70 -42.43 -43.57
CA PRO N 191 -34.77 -43.09 -44.89
C PRO N 191 -36.20 -43.45 -45.36
N GLU N 192 -37.18 -43.49 -44.44
CA GLU N 192 -38.57 -43.84 -44.74
C GLU N 192 -39.49 -42.59 -44.87
N ASP N 193 -38.96 -41.45 -45.34
CA ASP N 193 -39.78 -40.25 -45.54
C ASP N 193 -40.64 -40.43 -46.80
N THR N 194 -41.91 -39.95 -46.78
CA THR N 194 -42.76 -40.07 -47.96
C THR N 194 -42.82 -38.73 -48.68
N PHE N 195 -42.75 -38.80 -49.99
CA PHE N 195 -42.80 -37.66 -50.91
C PHE N 195 -43.91 -37.98 -51.89
N PHE N 196 -45.00 -37.24 -51.81
CA PHE N 196 -46.15 -37.56 -52.66
C PHE N 196 -46.02 -37.03 -54.09
N PRO N 197 -46.39 -37.92 -55.05
CA PRO N 197 -46.26 -37.59 -56.48
C PRO N 197 -47.05 -36.36 -56.94
N GLY O 1 -54.57 -10.01 -13.43
CA GLY O 1 -53.13 -9.96 -13.52
C GLY O 1 -52.58 -8.58 -13.84
N VAL O 2 -51.24 -8.40 -13.67
CA VAL O 2 -50.55 -7.15 -13.93
C VAL O 2 -50.45 -6.93 -15.46
N SER O 3 -50.83 -5.72 -15.93
CA SER O 3 -50.78 -5.39 -17.35
C SER O 3 -49.76 -4.28 -17.64
N GLN O 4 -49.14 -4.32 -18.83
CA GLN O 4 -48.14 -3.34 -19.28
C GLN O 4 -48.42 -2.88 -20.70
N SER O 5 -48.18 -1.59 -20.98
CA SER O 5 -48.37 -1.00 -22.30
C SER O 5 -47.26 0.02 -22.61
N PRO O 6 -46.70 0.02 -23.84
CA PRO O 6 -46.99 -0.89 -24.96
C PRO O 6 -46.26 -2.23 -24.76
N ARG O 7 -46.63 -3.25 -25.53
CA ARG O 7 -45.96 -4.56 -25.45
C ARG O 7 -44.58 -4.47 -26.12
N TYR O 8 -44.50 -3.67 -27.19
CA TYR O 8 -43.30 -3.41 -27.97
C TYR O 8 -43.19 -1.94 -28.27
N LYS O 9 -41.95 -1.42 -28.36
CA LYS O 9 -41.72 -0.03 -28.68
C LYS O 9 -40.39 0.15 -29.41
N VAL O 10 -40.46 0.69 -30.63
CA VAL O 10 -39.28 1.01 -31.43
C VAL O 10 -39.14 2.55 -31.36
N ALA O 11 -37.93 3.03 -31.03
CA ALA O 11 -37.70 4.46 -30.89
C ALA O 11 -36.38 4.90 -31.51
N LYS O 12 -36.33 6.20 -31.89
CA LYS O 12 -35.15 6.83 -32.46
C LYS O 12 -34.32 7.43 -31.31
N ARG O 13 -32.99 7.33 -31.41
CA ARG O 13 -32.04 7.84 -30.42
C ARG O 13 -32.29 9.35 -30.19
N GLY O 14 -32.55 9.70 -28.94
CA GLY O 14 -32.84 11.08 -28.52
C GLY O 14 -34.28 11.32 -28.12
N GLN O 15 -35.20 10.42 -28.53
CA GLN O 15 -36.63 10.51 -28.20
C GLN O 15 -36.91 10.17 -26.74
N ASP O 16 -38.09 10.61 -26.25
CA ASP O 16 -38.57 10.30 -24.91
C ASP O 16 -39.58 9.15 -25.03
N VAL O 17 -39.43 8.11 -24.19
CA VAL O 17 -40.29 6.93 -24.22
C VAL O 17 -41.03 6.80 -22.87
N ALA O 18 -42.35 6.56 -22.94
CA ALA O 18 -43.20 6.38 -21.77
C ALA O 18 -43.70 4.94 -21.66
N LEU O 19 -43.40 4.28 -20.51
CA LEU O 19 -43.80 2.89 -20.23
C LEU O 19 -44.85 2.88 -19.13
N ARG O 20 -45.98 2.21 -19.36
CA ARG O 20 -47.08 2.13 -18.41
C ARG O 20 -47.17 0.75 -17.74
N CYS O 21 -47.53 0.74 -16.45
CA CYS O 21 -47.73 -0.47 -15.65
C CYS O 21 -48.99 -0.32 -14.83
N ASP O 22 -49.91 -1.28 -14.97
CA ASP O 22 -51.15 -1.33 -14.21
C ASP O 22 -51.10 -2.57 -13.31
N PRO O 23 -50.74 -2.40 -12.01
CA PRO O 23 -50.63 -3.56 -11.12
C PRO O 23 -51.99 -4.08 -10.65
N ILE O 24 -51.99 -5.17 -9.87
CA ILE O 24 -53.19 -5.77 -9.31
C ILE O 24 -53.72 -4.80 -8.23
N SER O 25 -55.05 -4.56 -8.23
CA SER O 25 -55.72 -3.65 -7.30
C SER O 25 -55.47 -4.03 -5.84
N GLY O 26 -55.08 -3.02 -5.06
CA GLY O 26 -54.79 -3.18 -3.64
C GLY O 26 -53.36 -3.51 -3.29
N HIS O 27 -52.55 -3.96 -4.28
CA HIS O 27 -51.13 -4.31 -4.09
C HIS O 27 -50.34 -3.05 -3.74
N VAL O 28 -49.80 -3.02 -2.52
CA VAL O 28 -49.05 -1.90 -1.96
C VAL O 28 -47.68 -1.77 -2.65
N SER O 29 -46.97 -2.90 -2.83
CA SER O 29 -45.64 -2.92 -3.43
C SER O 29 -45.65 -2.97 -4.95
N LEU O 30 -44.71 -2.23 -5.56
CA LEU O 30 -44.52 -2.19 -7.01
C LEU O 30 -43.02 -2.13 -7.31
N PHE O 31 -42.58 -2.98 -8.25
CA PHE O 31 -41.20 -3.10 -8.67
C PHE O 31 -41.07 -2.86 -10.17
N TRP O 32 -39.94 -2.30 -10.59
CA TRP O 32 -39.56 -2.12 -11.98
C TRP O 32 -38.27 -2.89 -12.20
N TYR O 33 -38.22 -3.69 -13.26
CA TYR O 33 -37.06 -4.51 -13.62
C TYR O 33 -36.65 -4.30 -15.05
N GLN O 34 -35.35 -4.53 -15.32
CA GLN O 34 -34.75 -4.48 -16.65
C GLN O 34 -34.28 -5.89 -16.99
N GLN O 35 -34.61 -6.38 -18.19
CA GLN O 35 -34.21 -7.73 -18.58
C GLN O 35 -33.50 -7.73 -19.93
N ALA O 36 -32.22 -8.13 -19.91
CA ALA O 36 -31.38 -8.28 -21.09
C ALA O 36 -31.52 -9.70 -21.63
N LEU O 37 -31.30 -9.91 -22.94
CA LEU O 37 -31.42 -11.20 -23.62
C LEU O 37 -30.54 -12.28 -22.97
N GLY O 38 -31.15 -13.41 -22.63
CA GLY O 38 -30.49 -14.54 -21.98
C GLY O 38 -30.05 -14.28 -20.54
N GLN O 39 -30.75 -13.37 -19.85
CA GLN O 39 -30.47 -13.00 -18.45
C GLN O 39 -31.75 -12.81 -17.65
N GLY O 40 -31.61 -12.73 -16.32
CA GLY O 40 -32.72 -12.54 -15.40
C GLY O 40 -33.06 -11.09 -15.16
N PRO O 41 -34.28 -10.80 -14.63
CA PRO O 41 -34.64 -9.39 -14.36
C PRO O 41 -33.75 -8.76 -13.30
N GLU O 42 -33.25 -7.54 -13.56
N GLU O 42 -33.27 -7.53 -13.56
CA GLU O 42 -32.40 -6.79 -12.64
CA GLU O 42 -32.41 -6.76 -12.66
C GLU O 42 -33.18 -5.58 -12.10
C GLU O 42 -33.21 -5.59 -12.11
N PHE O 43 -33.23 -5.44 -10.76
CA PHE O 43 -33.94 -4.40 -10.03
C PHE O 43 -33.60 -2.96 -10.50
N LEU O 44 -34.64 -2.12 -10.66
CA LEU O 44 -34.51 -0.72 -11.07
C LEU O 44 -34.99 0.21 -9.95
N THR O 45 -36.29 0.09 -9.56
CA THR O 45 -36.89 0.94 -8.53
C THR O 45 -38.02 0.22 -7.79
N TYR O 46 -38.30 0.67 -6.55
CA TYR O 46 -39.34 0.11 -5.68
C TYR O 46 -40.27 1.18 -5.14
N PHE O 47 -41.57 0.87 -5.14
CA PHE O 47 -42.64 1.74 -4.64
C PHE O 47 -43.50 1.00 -3.63
N GLN O 48 -43.86 1.71 -2.56
CA GLN O 48 -44.81 1.25 -1.55
C GLN O 48 -45.84 2.36 -1.50
N ASN O 49 -47.02 2.08 -2.11
CA ASN O 49 -48.12 3.02 -2.34
C ASN O 49 -47.63 4.03 -3.39
N GLU O 50 -47.51 5.33 -3.05
CA GLU O 50 -47.05 6.33 -4.01
C GLU O 50 -45.57 6.71 -3.78
N ALA O 51 -45.02 6.38 -2.59
CA ALA O 51 -43.64 6.70 -2.21
C ALA O 51 -42.60 5.80 -2.89
N GLN O 52 -41.62 6.42 -3.57
CA GLN O 52 -40.50 5.75 -4.22
C GLN O 52 -39.43 5.55 -3.15
N LEU O 53 -39.40 4.35 -2.54
CA LEU O 53 -38.49 4.03 -1.44
C LEU O 53 -37.04 3.85 -1.88
N ASP O 54 -36.80 3.40 -3.14
CA ASP O 54 -35.45 3.20 -3.67
C ASP O 54 -35.45 3.25 -5.19
N LYS O 55 -34.37 3.79 -5.76
CA LYS O 55 -34.15 3.92 -7.21
C LYS O 55 -32.66 3.72 -7.56
N SER O 56 -31.94 2.94 -6.73
CA SER O 56 -30.51 2.64 -6.86
C SER O 56 -30.18 1.80 -8.11
N GLY O 57 -31.16 1.06 -8.62
CA GLY O 57 -31.00 0.22 -9.79
C GLY O 57 -31.14 0.93 -11.12
N LEU O 58 -31.67 2.18 -11.13
CA LEU O 58 -31.85 2.98 -12.34
C LEU O 58 -30.49 3.32 -12.96
N PRO O 59 -30.30 3.12 -14.29
CA PRO O 59 -28.99 3.38 -14.92
C PRO O 59 -28.56 4.86 -14.89
N SER O 60 -29.52 5.81 -14.95
CA SER O 60 -29.22 7.25 -14.92
C SER O 60 -30.46 8.07 -14.50
N ASP O 61 -30.28 9.40 -14.40
CA ASP O 61 -31.33 10.38 -14.06
C ASP O 61 -32.39 10.48 -15.20
N ARG O 62 -32.02 10.02 -16.42
CA ARG O 62 -32.90 10.01 -17.60
C ARG O 62 -34.11 9.10 -17.37
N PHE O 63 -33.95 8.08 -16.51
CA PHE O 63 -34.98 7.13 -16.12
C PHE O 63 -35.77 7.75 -14.97
N PHE O 64 -37.05 8.08 -15.23
CA PHE O 64 -37.92 8.73 -14.26
C PHE O 64 -39.19 7.88 -14.03
N ALA O 65 -39.27 7.28 -12.83
CA ALA O 65 -40.38 6.42 -12.43
C ALA O 65 -41.31 7.13 -11.46
N GLU O 66 -42.62 7.00 -11.69
CA GLU O 66 -43.65 7.62 -10.86
C GLU O 66 -44.87 6.71 -10.70
N ARG O 67 -45.54 6.79 -9.56
CA ARG O 67 -46.75 6.05 -9.20
C ARG O 67 -47.55 6.99 -8.33
N PRO O 68 -48.08 8.07 -9.01
CA PRO O 68 -48.76 9.09 -8.19
C PRO O 68 -49.97 8.86 -7.29
N GLU O 69 -50.83 7.90 -7.55
CA GLU O 69 -51.94 7.65 -6.68
C GLU O 69 -51.80 6.28 -6.09
N GLY O 70 -50.59 5.78 -6.07
CA GLY O 70 -50.30 4.48 -5.56
C GLY O 70 -50.90 3.29 -6.25
N SER O 71 -51.31 3.45 -7.50
CA SER O 71 -51.82 2.36 -8.32
C SER O 71 -51.05 2.17 -9.63
N VAL O 72 -51.40 2.91 -10.69
CA VAL O 72 -50.76 2.85 -12.02
C VAL O 72 -49.39 3.53 -11.89
N SER O 73 -48.35 2.89 -12.44
CA SER O 73 -46.99 3.41 -12.43
C SER O 73 -46.47 3.61 -13.84
N THR O 74 -45.71 4.69 -14.04
CA THR O 74 -45.10 5.01 -15.33
C THR O 74 -43.59 5.13 -15.21
N LEU O 75 -42.87 4.65 -16.23
CA LEU O 75 -41.42 4.77 -16.33
C LEU O 75 -41.11 5.52 -17.60
N LYS O 76 -40.64 6.77 -17.46
CA LYS O 76 -40.32 7.65 -18.58
C LYS O 76 -38.81 7.73 -18.77
N ILE O 77 -38.34 7.37 -19.97
CA ILE O 77 -36.90 7.39 -20.30
C ILE O 77 -36.64 8.58 -21.24
N GLN O 78 -35.97 9.60 -20.69
CA GLN O 78 -35.61 10.83 -21.40
C GLN O 78 -34.39 10.60 -22.29
N ARG O 79 -34.36 11.22 -23.49
CA ARG O 79 -33.27 11.14 -24.48
C ARG O 79 -32.70 9.71 -24.57
N THR O 80 -33.53 8.76 -25.05
CA THR O 80 -33.19 7.34 -25.17
C THR O 80 -31.92 7.09 -25.97
N GLN O 81 -31.11 6.16 -25.48
CA GLN O 81 -29.86 5.72 -26.10
C GLN O 81 -29.98 4.25 -26.46
N GLN O 82 -29.12 3.74 -27.37
CA GLN O 82 -29.11 2.35 -27.84
C GLN O 82 -28.95 1.34 -26.69
N GLU O 83 -28.21 1.72 -25.63
CA GLU O 83 -27.95 0.90 -24.43
C GLU O 83 -29.23 0.65 -23.61
N ASP O 84 -30.28 1.48 -23.80
CA ASP O 84 -31.57 1.35 -23.11
C ASP O 84 -32.44 0.23 -23.70
N SER O 85 -32.01 -0.38 -24.83
CA SER O 85 -32.73 -1.47 -25.49
C SER O 85 -32.72 -2.72 -24.59
N ALA O 86 -33.90 -3.06 -24.03
CA ALA O 86 -34.15 -4.19 -23.13
C ALA O 86 -35.64 -4.40 -22.90
N VAL O 87 -36.01 -5.47 -22.18
CA VAL O 87 -37.40 -5.76 -21.82
C VAL O 87 -37.61 -5.15 -20.42
N TYR O 88 -38.55 -4.22 -20.29
CA TYR O 88 -38.83 -3.56 -19.03
C TYR O 88 -40.06 -4.20 -18.39
N LEU O 89 -39.82 -5.00 -17.34
CA LEU O 89 -40.86 -5.72 -16.61
C LEU O 89 -41.27 -5.00 -15.35
N CYS O 90 -42.56 -5.05 -15.03
N CYS O 90 -42.56 -5.08 -15.03
CA CYS O 90 -43.07 -4.46 -13.80
CA CYS O 90 -43.15 -4.47 -13.85
C CYS O 90 -43.76 -5.56 -12.99
C CYS O 90 -43.82 -5.55 -13.00
N ALA O 91 -43.59 -5.52 -11.66
CA ALA O 91 -44.16 -6.51 -10.74
C ALA O 91 -44.82 -5.85 -9.55
N SER O 92 -45.72 -6.59 -8.88
CA SER O 92 -46.41 -6.11 -7.69
C SER O 92 -46.55 -7.22 -6.65
N SER O 93 -46.53 -6.82 -5.38
CA SER O 93 -46.70 -7.68 -4.22
C SER O 93 -47.82 -7.09 -3.36
N PRO O 94 -48.70 -7.94 -2.77
CA PRO O 94 -49.86 -7.40 -2.03
C PRO O 94 -49.57 -6.51 -0.81
N THR O 95 -48.66 -6.92 0.11
CA THR O 95 -48.48 -6.18 1.36
C THR O 95 -47.03 -5.83 1.75
N GLY O 96 -46.09 -5.90 0.82
CA GLY O 96 -44.71 -5.57 1.13
C GLY O 96 -43.66 -6.38 0.40
N GLY O 97 -42.40 -6.17 0.79
CA GLY O 97 -41.25 -6.87 0.21
C GLY O 97 -41.09 -8.29 0.73
N GLN O 98 -40.19 -9.07 0.08
CA GLN O 98 -39.84 -10.47 0.40
C GLN O 98 -41.07 -11.39 0.28
N GLU O 99 -41.99 -11.03 -0.63
CA GLU O 99 -43.24 -11.75 -0.90
C GLU O 99 -43.28 -12.31 -2.31
N THR O 100 -44.38 -12.98 -2.65
CA THR O 100 -44.67 -13.52 -3.98
C THR O 100 -44.86 -12.32 -4.91
N GLN O 101 -44.13 -12.30 -6.04
CA GLN O 101 -44.21 -11.21 -6.99
C GLN O 101 -45.06 -11.60 -8.20
N TYR O 102 -45.94 -10.69 -8.60
CA TYR O 102 -46.86 -10.85 -9.73
C TYR O 102 -46.39 -9.90 -10.82
N PHE O 103 -45.93 -10.47 -11.95
CA PHE O 103 -45.35 -9.71 -13.06
C PHE O 103 -46.31 -9.44 -14.22
N GLY O 104 -45.98 -8.37 -14.95
CA GLY O 104 -46.66 -7.97 -16.18
C GLY O 104 -45.96 -8.60 -17.37
N PRO O 105 -46.54 -8.54 -18.59
CA PRO O 105 -45.88 -9.17 -19.76
C PRO O 105 -44.66 -8.39 -20.27
N GLY O 106 -44.41 -7.21 -19.72
CA GLY O 106 -43.27 -6.38 -20.05
C GLY O 106 -43.41 -5.52 -21.28
N THR O 107 -42.41 -4.65 -21.51
CA THR O 107 -42.30 -3.77 -22.67
C THR O 107 -40.94 -4.02 -23.32
N ARG O 108 -40.95 -4.57 -24.54
CA ARG O 108 -39.72 -4.80 -25.28
C ARG O 108 -39.35 -3.52 -26.03
N LEU O 109 -38.37 -2.78 -25.50
CA LEU O 109 -37.91 -1.52 -26.08
C LEU O 109 -36.67 -1.72 -26.93
N LEU O 110 -36.66 -1.10 -28.11
CA LEU O 110 -35.53 -1.11 -29.03
C LEU O 110 -35.26 0.32 -29.49
N VAL O 111 -34.06 0.82 -29.20
CA VAL O 111 -33.63 2.18 -29.56
C VAL O 111 -32.61 2.07 -30.69
N LEU O 112 -32.92 2.70 -31.83
CA LEU O 112 -32.06 2.70 -33.03
C LEU O 112 -31.62 4.13 -33.38
N GLU O 113 -30.57 4.26 -34.22
CA GLU O 113 -30.04 5.57 -34.66
C GLU O 113 -31.08 6.33 -35.48
N ASP O 114 -31.82 5.61 -36.35
CA ASP O 114 -32.90 6.12 -37.18
C ASP O 114 -33.96 5.03 -37.38
N LEU O 115 -35.14 5.38 -37.93
CA LEU O 115 -36.23 4.42 -38.17
C LEU O 115 -36.45 4.17 -39.68
N LYS O 116 -35.42 4.41 -40.52
CA LYS O 116 -35.51 4.24 -41.98
C LYS O 116 -35.52 2.76 -42.43
N ASN O 117 -35.15 1.83 -41.52
CA ASN O 117 -35.08 0.41 -41.84
C ASN O 117 -36.31 -0.39 -41.36
N VAL O 118 -37.23 0.23 -40.61
CA VAL O 118 -38.41 -0.51 -40.11
C VAL O 118 -39.42 -0.71 -41.29
N PHE O 119 -39.94 -1.95 -41.43
CA PHE O 119 -40.90 -2.36 -42.47
C PHE O 119 -42.06 -3.18 -41.90
N PRO O 120 -43.31 -3.04 -42.41
CA PRO O 120 -44.40 -3.90 -41.92
C PRO O 120 -44.34 -5.31 -42.57
N PRO O 121 -45.03 -6.36 -42.04
CA PRO O 121 -44.90 -7.69 -42.64
C PRO O 121 -45.87 -7.96 -43.80
N GLU O 122 -45.48 -8.94 -44.65
CA GLU O 122 -46.27 -9.44 -45.76
C GLU O 122 -46.80 -10.81 -45.35
N VAL O 123 -48.12 -10.91 -45.09
CA VAL O 123 -48.77 -12.12 -44.58
C VAL O 123 -49.50 -12.85 -45.72
N ALA O 124 -49.22 -14.17 -45.84
CA ALA O 124 -49.82 -15.06 -46.84
C ALA O 124 -50.10 -16.44 -46.25
N VAL O 125 -51.31 -16.97 -46.48
CA VAL O 125 -51.73 -18.30 -46.00
C VAL O 125 -51.60 -19.32 -47.12
N PHE O 126 -50.98 -20.47 -46.81
CA PHE O 126 -50.74 -21.57 -47.75
C PHE O 126 -51.64 -22.74 -47.38
N GLU O 127 -52.57 -23.06 -48.28
CA GLU O 127 -53.58 -24.11 -48.16
C GLU O 127 -52.93 -25.52 -48.06
N PRO O 128 -53.50 -26.42 -47.22
CA PRO O 128 -52.89 -27.76 -47.05
C PRO O 128 -52.79 -28.61 -48.32
N SER O 129 -51.82 -29.54 -48.31
CA SER O 129 -51.55 -30.46 -49.40
C SER O 129 -52.61 -31.54 -49.54
N GLU O 130 -52.86 -31.99 -50.78
CA GLU O 130 -53.78 -33.08 -51.08
C GLU O 130 -53.17 -34.40 -50.63
N ALA O 131 -51.83 -34.47 -50.67
CA ALA O 131 -51.00 -35.59 -50.25
C ALA O 131 -51.09 -35.83 -48.75
N GLU O 132 -51.23 -34.73 -47.97
CA GLU O 132 -51.33 -34.74 -46.51
C GLU O 132 -52.64 -35.37 -46.04
N ILE O 133 -53.78 -34.98 -46.67
CA ILE O 133 -55.12 -35.51 -46.37
C ILE O 133 -55.17 -36.99 -46.77
N SER O 134 -54.44 -37.36 -47.83
CA SER O 134 -54.38 -38.71 -48.36
C SER O 134 -53.38 -39.63 -47.61
N HIS O 135 -52.48 -39.07 -46.79
CA HIS O 135 -51.47 -39.87 -46.07
C HIS O 135 -51.68 -39.89 -44.54
N THR O 136 -52.06 -38.74 -43.93
CA THR O 136 -52.21 -38.63 -42.48
C THR O 136 -53.68 -38.41 -42.02
N GLN O 137 -54.58 -38.04 -42.97
CA GLN O 137 -56.00 -37.74 -42.74
C GLN O 137 -56.14 -36.48 -41.83
N LYS O 138 -55.14 -35.58 -41.95
CA LYS O 138 -55.02 -34.31 -41.23
C LYS O 138 -54.59 -33.23 -42.23
N ALA O 139 -54.93 -31.96 -41.95
CA ALA O 139 -54.61 -30.83 -42.82
C ALA O 139 -53.87 -29.73 -42.05
N THR O 140 -52.68 -29.35 -42.54
CA THR O 140 -51.86 -28.31 -41.91
C THR O 140 -51.82 -27.04 -42.78
N LEU O 141 -52.31 -25.92 -42.19
CA LEU O 141 -52.32 -24.59 -42.80
C LEU O 141 -51.06 -23.85 -42.35
N VAL O 142 -50.29 -23.32 -43.30
CA VAL O 142 -49.03 -22.62 -42.99
C VAL O 142 -49.17 -21.12 -43.32
N CYS O 143 -48.83 -20.28 -42.34
CA CYS O 143 -48.85 -18.83 -42.46
C CYS O 143 -47.42 -18.31 -42.49
N LEU O 144 -47.17 -17.26 -43.30
CA LEU O 144 -45.84 -16.69 -43.41
C LEU O 144 -45.84 -15.16 -43.35
N ALA O 145 -45.19 -14.63 -42.33
CA ALA O 145 -44.99 -13.19 -42.13
C ALA O 145 -43.56 -12.87 -42.56
N THR O 146 -43.41 -12.17 -43.69
CA THR O 146 -42.09 -11.89 -44.27
C THR O 146 -41.80 -10.40 -44.44
N GLY O 147 -40.50 -10.08 -44.46
CA GLY O 147 -39.95 -8.74 -44.67
C GLY O 147 -40.36 -7.70 -43.64
N PHE O 148 -40.28 -8.05 -42.35
CA PHE O 148 -40.65 -7.11 -41.29
C PHE O 148 -39.45 -6.74 -40.41
N TYR O 149 -39.43 -5.49 -39.96
CA TYR O 149 -38.41 -4.94 -39.07
C TYR O 149 -39.06 -3.89 -38.16
N PRO O 150 -38.84 -3.91 -36.83
CA PRO O 150 -38.01 -4.86 -36.06
C PRO O 150 -38.78 -6.15 -35.73
N ASP O 151 -38.19 -7.01 -34.87
CA ASP O 151 -38.76 -8.28 -34.41
C ASP O 151 -39.88 -8.01 -33.35
N HIS O 152 -40.82 -7.10 -33.69
CA HIS O 152 -41.91 -6.70 -32.80
C HIS O 152 -43.24 -7.08 -33.47
N VAL O 153 -43.56 -8.39 -33.46
CA VAL O 153 -44.78 -8.96 -34.05
C VAL O 153 -45.45 -9.98 -33.12
N GLU O 154 -46.76 -10.17 -33.30
CA GLU O 154 -47.59 -11.13 -32.58
C GLU O 154 -48.49 -11.85 -33.56
N LEU O 155 -48.23 -13.15 -33.76
CA LEU O 155 -49.01 -13.98 -34.69
C LEU O 155 -50.09 -14.74 -33.93
N SER O 156 -51.32 -14.73 -34.49
CA SER O 156 -52.47 -15.41 -33.91
C SER O 156 -53.37 -15.99 -35.00
N TRP O 157 -53.90 -17.20 -34.76
CA TRP O 157 -54.81 -17.90 -35.67
C TRP O 157 -56.25 -17.68 -35.23
N TRP O 158 -57.13 -17.38 -36.19
CA TRP O 158 -58.55 -17.12 -35.95
C TRP O 158 -59.41 -18.03 -36.82
N VAL O 159 -60.08 -19.00 -36.16
CA VAL O 159 -60.97 -19.98 -36.81
C VAL O 159 -62.42 -19.58 -36.48
N ASN O 160 -63.16 -19.16 -37.53
CA ASN O 160 -64.57 -18.72 -37.51
C ASN O 160 -64.80 -17.57 -36.51
N GLY O 161 -63.91 -16.56 -36.59
CA GLY O 161 -63.96 -15.37 -35.75
C GLY O 161 -63.46 -15.51 -34.33
N LYS O 162 -63.05 -16.74 -33.94
CA LYS O 162 -62.55 -17.06 -32.59
C LYS O 162 -61.08 -17.45 -32.64
N GLU O 163 -60.28 -16.97 -31.67
CA GLU O 163 -58.85 -17.27 -31.58
C GLU O 163 -58.64 -18.71 -31.07
N VAL O 164 -57.76 -19.46 -31.76
CA VAL O 164 -57.46 -20.86 -31.44
C VAL O 164 -56.00 -21.02 -31.00
N HIS O 165 -55.72 -22.05 -30.18
CA HIS O 165 -54.38 -22.36 -29.67
C HIS O 165 -54.03 -23.84 -29.88
N SER O 166 -55.05 -24.71 -30.02
CA SER O 166 -54.87 -26.15 -30.26
C SER O 166 -54.46 -26.40 -31.73
N GLY O 167 -53.40 -27.18 -31.91
CA GLY O 167 -52.84 -27.51 -33.22
C GLY O 167 -52.04 -26.38 -33.85
N VAL O 168 -51.86 -25.27 -33.10
CA VAL O 168 -51.15 -24.06 -33.49
C VAL O 168 -49.68 -24.15 -33.05
N CYS O 169 -48.74 -23.85 -33.96
N CYS O 169 -48.74 -23.85 -33.96
CA CYS O 169 -47.31 -23.85 -33.65
CA CYS O 169 -47.31 -23.85 -33.65
C CYS O 169 -46.60 -22.74 -34.41
C CYS O 169 -46.59 -22.73 -34.42
N THR O 170 -46.25 -21.65 -33.69
CA THR O 170 -45.54 -20.49 -34.22
C THR O 170 -44.08 -20.65 -33.78
N ASP O 171 -43.11 -20.27 -34.65
CA ASP O 171 -41.67 -20.36 -34.36
C ASP O 171 -41.31 -19.59 -33.07
N PRO O 172 -40.41 -20.15 -32.21
CA PRO O 172 -40.05 -19.43 -30.97
C PRO O 172 -39.28 -18.14 -31.26
N GLN O 173 -38.45 -18.14 -32.32
CA GLN O 173 -37.66 -17.00 -32.76
C GLN O 173 -37.71 -16.89 -34.30
N PRO O 174 -37.88 -15.69 -34.88
CA PRO O 174 -37.92 -15.59 -36.35
C PRO O 174 -36.52 -15.67 -36.96
N LEU O 175 -36.46 -15.98 -38.27
CA LEU O 175 -35.18 -16.07 -38.98
C LEU O 175 -34.89 -14.77 -39.74
N LYS O 176 -33.61 -14.43 -39.85
CA LYS O 176 -33.17 -13.25 -40.58
C LYS O 176 -33.14 -13.60 -42.07
N GLU O 177 -33.80 -12.79 -42.91
CA GLU O 177 -33.86 -12.99 -44.37
C GLU O 177 -32.47 -12.82 -44.99
N GLN O 178 -31.65 -11.91 -44.43
CA GLN O 178 -30.27 -11.68 -44.83
C GLN O 178 -29.37 -11.92 -43.59
N PRO O 179 -29.05 -13.19 -43.23
CA PRO O 179 -28.26 -13.44 -41.99
C PRO O 179 -26.91 -12.74 -41.94
N ALA O 180 -26.45 -12.18 -43.07
CA ALA O 180 -25.19 -11.45 -43.17
C ALA O 180 -25.35 -9.97 -42.81
N LEU O 181 -26.49 -9.34 -43.19
CA LEU O 181 -26.76 -7.91 -42.96
C LEU O 181 -26.98 -7.54 -41.49
N ASN O 182 -26.54 -6.31 -41.11
CA ASN O 182 -26.66 -5.72 -39.78
C ASN O 182 -28.13 -5.36 -39.49
N ASP O 183 -28.78 -4.67 -40.45
CA ASP O 183 -30.18 -4.27 -40.38
C ASP O 183 -31.03 -5.19 -41.27
N SER O 184 -30.91 -6.50 -41.03
CA SER O 184 -31.62 -7.56 -41.77
C SER O 184 -33.09 -7.62 -41.38
N ARG O 185 -33.96 -7.91 -42.37
CA ARG O 185 -35.40 -8.06 -42.15
C ARG O 185 -35.70 -9.47 -41.63
N TYR O 186 -36.78 -9.62 -40.85
CA TYR O 186 -37.13 -10.90 -40.23
C TYR O 186 -38.29 -11.61 -40.96
N ALA O 187 -38.36 -12.95 -40.79
CA ALA O 187 -39.39 -13.82 -41.36
C ALA O 187 -39.85 -14.83 -40.31
N LEU O 188 -41.18 -14.95 -40.13
CA LEU O 188 -41.77 -15.85 -39.15
C LEU O 188 -42.84 -16.75 -39.78
N SER O 189 -42.78 -18.06 -39.46
CA SER O 189 -43.73 -19.06 -39.96
C SER O 189 -44.58 -19.64 -38.81
N SER O 190 -45.80 -20.07 -39.13
CA SER O 190 -46.72 -20.67 -38.18
C SER O 190 -47.59 -21.74 -38.83
N ARG O 191 -47.89 -22.81 -38.08
CA ARG O 191 -48.70 -23.93 -38.57
C ARG O 191 -49.98 -24.09 -37.75
N LEU O 192 -51.09 -24.46 -38.42
CA LEU O 192 -52.40 -24.75 -37.82
C LEU O 192 -52.89 -26.08 -38.36
N ARG O 193 -52.99 -27.10 -37.49
CA ARG O 193 -53.43 -28.42 -37.92
C ARG O 193 -54.84 -28.73 -37.42
N VAL O 194 -55.69 -29.12 -38.38
CA VAL O 194 -57.10 -29.53 -38.20
C VAL O 194 -57.30 -30.88 -38.91
N SER O 195 -58.42 -31.57 -38.62
CA SER O 195 -58.75 -32.85 -39.26
C SER O 195 -59.11 -32.65 -40.74
N ALA O 196 -58.91 -33.70 -41.58
CA ALA O 196 -59.19 -33.67 -43.02
C ALA O 196 -60.62 -33.22 -43.35
N THR O 197 -61.60 -33.68 -42.55
CA THR O 197 -63.03 -33.36 -42.69
C THR O 197 -63.31 -31.88 -42.39
N PHE O 198 -62.53 -31.27 -41.47
CA PHE O 198 -62.69 -29.87 -41.07
C PHE O 198 -62.19 -28.93 -42.18
N TRP O 199 -61.09 -29.28 -42.88
CA TRP O 199 -60.55 -28.47 -43.96
C TRP O 199 -61.39 -28.62 -45.24
N GLN O 200 -61.79 -29.87 -45.58
CA GLN O 200 -62.58 -30.17 -46.79
C GLN O 200 -63.97 -29.52 -46.78
N ASN O 201 -64.47 -29.12 -45.58
CA ASN O 201 -65.74 -28.44 -45.41
C ASN O 201 -65.59 -26.98 -45.93
N PRO O 202 -66.29 -26.58 -47.01
CA PRO O 202 -66.10 -25.22 -47.54
C PRO O 202 -66.78 -24.11 -46.72
N ARG O 203 -67.50 -24.47 -45.64
CA ARG O 203 -68.21 -23.53 -44.77
C ARG O 203 -67.32 -22.98 -43.63
N ASN O 204 -66.04 -23.44 -43.53
CA ASN O 204 -65.11 -23.01 -42.48
C ASN O 204 -64.19 -21.87 -42.95
N HIS O 205 -63.93 -20.90 -42.04
CA HIS O 205 -63.08 -19.73 -42.27
C HIS O 205 -61.83 -19.78 -41.36
N PHE O 206 -60.66 -19.50 -41.94
CA PHE O 206 -59.36 -19.50 -41.27
C PHE O 206 -58.64 -18.19 -41.57
N ARG O 207 -58.18 -17.47 -40.52
CA ARG O 207 -57.50 -16.18 -40.69
C ARG O 207 -56.23 -16.10 -39.85
N CYS O 208 -55.09 -15.80 -40.50
CA CYS O 208 -53.81 -15.62 -39.82
C CYS O 208 -53.58 -14.12 -39.58
N GLN O 209 -53.68 -13.70 -38.32
CA GLN O 209 -53.52 -12.31 -37.91
C GLN O 209 -52.10 -12.06 -37.37
N VAL O 210 -51.43 -11.02 -37.90
CA VAL O 210 -50.07 -10.63 -37.49
C VAL O 210 -50.11 -9.15 -37.08
N GLN O 211 -50.13 -8.89 -35.77
CA GLN O 211 -50.13 -7.54 -35.22
C GLN O 211 -48.68 -7.04 -35.18
N PHE O 212 -48.38 -6.04 -36.02
CA PHE O 212 -47.05 -5.44 -36.12
C PHE O 212 -46.98 -4.18 -35.27
N TYR O 213 -45.85 -4.00 -34.58
CA TYR O 213 -45.59 -2.83 -33.73
C TYR O 213 -44.50 -2.00 -34.38
N GLY O 214 -44.87 -0.83 -34.88
CA GLY O 214 -43.96 0.07 -35.58
C GLY O 214 -44.04 1.51 -35.13
N LEU O 215 -44.09 2.42 -36.11
CA LEU O 215 -44.12 3.86 -35.89
C LEU O 215 -45.47 4.37 -35.39
N SER O 216 -45.45 5.45 -34.60
CA SER O 216 -46.62 6.13 -34.06
C SER O 216 -46.92 7.34 -34.94
N GLU O 217 -48.08 8.01 -34.74
CA GLU O 217 -48.44 9.20 -35.53
C GLU O 217 -47.53 10.40 -35.21
N ASN O 218 -46.91 10.38 -34.01
CA ASN O 218 -45.99 11.42 -33.53
C ASN O 218 -44.60 11.27 -34.18
N ASP O 219 -44.26 10.05 -34.63
CA ASP O 219 -42.98 9.75 -35.29
C ASP O 219 -42.93 10.38 -36.68
N GLU O 220 -41.78 10.98 -37.01
CA GLU O 220 -41.55 11.64 -38.30
C GLU O 220 -41.22 10.65 -39.40
N TRP O 221 -41.72 10.91 -40.63
CA TRP O 221 -41.50 10.10 -41.82
C TRP O 221 -41.38 11.01 -43.04
N THR O 222 -40.26 10.88 -43.78
CA THR O 222 -39.96 11.71 -44.95
C THR O 222 -39.71 10.87 -46.23
N GLN O 223 -39.61 9.55 -46.09
CA GLN O 223 -39.35 8.62 -47.19
C GLN O 223 -40.58 8.46 -48.10
N ASP O 224 -40.33 8.11 -49.39
CA ASP O 224 -41.36 7.96 -50.44
C ASP O 224 -42.40 6.88 -50.12
N ARG O 225 -41.98 5.73 -49.55
CA ARG O 225 -42.88 4.64 -49.18
C ARG O 225 -43.78 5.03 -47.98
N ALA O 226 -44.90 4.29 -47.80
CA ALA O 226 -45.87 4.50 -46.73
C ALA O 226 -45.24 4.34 -45.34
N LYS O 227 -45.71 5.12 -44.35
CA LYS O 227 -45.21 5.08 -42.97
C LYS O 227 -45.47 3.70 -42.35
N PRO O 228 -44.41 3.02 -41.86
CA PRO O 228 -44.60 1.67 -41.28
C PRO O 228 -45.13 1.79 -39.84
N VAL O 229 -46.43 2.12 -39.75
CA VAL O 229 -47.18 2.32 -38.51
C VAL O 229 -47.52 0.98 -37.83
N THR O 230 -48.00 1.05 -36.57
CA THR O 230 -48.48 -0.09 -35.81
C THR O 230 -49.77 -0.53 -36.51
N GLN O 231 -49.70 -1.66 -37.24
CA GLN O 231 -50.82 -2.15 -38.06
C GLN O 231 -51.02 -3.67 -37.97
N ILE O 232 -52.22 -4.13 -38.36
CA ILE O 232 -52.59 -5.55 -38.42
C ILE O 232 -52.63 -5.97 -39.89
N VAL O 233 -51.78 -6.93 -40.25
CA VAL O 233 -51.70 -7.48 -41.61
C VAL O 233 -52.23 -8.92 -41.52
N SER O 234 -53.27 -9.25 -42.31
CA SER O 234 -53.90 -10.56 -42.26
C SER O 234 -54.00 -11.24 -43.63
N ALA O 235 -54.19 -12.57 -43.60
CA ALA O 235 -54.38 -13.45 -44.75
C ALA O 235 -55.44 -14.50 -44.40
N GLU O 236 -56.50 -14.59 -45.21
CA GLU O 236 -57.62 -15.50 -44.95
C GLU O 236 -57.73 -16.62 -45.99
N ALA O 237 -58.29 -17.78 -45.58
CA ALA O 237 -58.48 -18.96 -46.41
C ALA O 237 -59.79 -19.69 -46.08
N TRP O 238 -60.43 -20.30 -47.12
CA TRP O 238 -61.67 -21.05 -47.03
C TRP O 238 -61.45 -22.54 -47.31
N GLY O 239 -62.44 -23.37 -46.94
CA GLY O 239 -62.41 -24.81 -47.12
C GLY O 239 -62.47 -25.26 -48.57
N ARG O 240 -61.62 -26.25 -48.91
CA ARG O 240 -61.52 -26.80 -50.26
C ARG O 240 -61.62 -28.33 -50.23
N ALA O 241 -62.54 -28.89 -51.04
CA ALA O 241 -62.78 -30.33 -51.14
C ALA O 241 -61.80 -30.98 -52.14
N ASP O 242 -61.65 -30.36 -53.35
CA ASP O 242 -60.80 -30.75 -54.48
C ASP O 242 -61.10 -32.18 -54.98
N SER P 2 22.96 -7.33 -22.24
CA SER P 2 22.36 -6.44 -23.23
C SER P 2 23.09 -5.10 -23.29
N HIS P 3 23.34 -4.45 -22.12
CA HIS P 3 24.02 -3.17 -22.04
C HIS P 3 25.16 -3.20 -21.01
N SER P 4 26.19 -2.33 -21.20
CA SER P 4 27.36 -2.29 -20.32
C SER P 4 28.07 -0.94 -20.32
N MET P 5 28.64 -0.56 -19.15
CA MET P 5 29.47 0.63 -18.97
C MET P 5 30.87 0.17 -18.58
N ARG P 6 31.90 0.66 -19.29
CA ARG P 6 33.29 0.25 -19.06
C ARG P 6 34.24 1.44 -19.09
N TYR P 7 35.18 1.48 -18.13
CA TYR P 7 36.22 2.51 -18.05
C TYR P 7 37.59 1.87 -18.30
N PHE P 8 38.36 2.48 -19.20
CA PHE P 8 39.68 2.02 -19.63
C PHE P 8 40.76 3.03 -19.24
N TYR P 9 41.70 2.61 -18.38
CA TYR P 9 42.80 3.45 -17.90
C TYR P 9 44.13 2.99 -18.51
N THR P 10 44.98 3.94 -18.89
CA THR P 10 46.32 3.68 -19.44
C THR P 10 47.31 4.68 -18.85
N ALA P 11 48.27 4.16 -18.06
CA ALA P 11 49.31 4.97 -17.44
C ALA P 11 50.65 4.53 -18.01
N MET P 12 51.31 5.43 -18.75
CA MET P 12 52.59 5.12 -19.40
C MET P 12 53.71 6.05 -18.92
N SER P 13 54.82 5.43 -18.46
CA SER P 13 56.01 6.16 -18.06
C SER P 13 56.84 6.46 -19.30
N ARG P 14 57.42 7.66 -19.36
CA ARG P 14 58.25 8.12 -20.49
C ARG P 14 59.49 8.86 -19.95
N PRO P 15 60.55 8.11 -19.55
CA PRO P 15 61.74 8.75 -18.98
C PRO P 15 62.46 9.66 -19.99
N GLY P 16 62.72 10.90 -19.56
CA GLY P 16 63.36 11.92 -20.37
C GLY P 16 62.41 12.71 -21.27
N ARG P 17 61.16 12.24 -21.40
CA ARG P 17 60.13 12.86 -22.24
C ARG P 17 59.01 13.49 -21.38
N GLY P 18 59.34 13.79 -20.11
CA GLY P 18 58.42 14.39 -19.16
C GLY P 18 57.74 13.42 -18.21
N GLU P 19 56.76 13.94 -17.45
CA GLU P 19 55.97 13.21 -16.45
C GLU P 19 55.11 12.11 -17.11
N PRO P 20 54.81 10.97 -16.42
CA PRO P 20 54.00 9.91 -17.04
C PRO P 20 52.62 10.37 -17.49
N ARG P 21 52.17 9.84 -18.64
CA ARG P 21 50.90 10.14 -19.30
C ARG P 21 49.80 9.21 -18.79
N PHE P 22 48.68 9.78 -18.37
CA PHE P 22 47.50 9.03 -17.92
C PHE P 22 46.33 9.32 -18.85
N ILE P 23 45.78 8.26 -19.48
CA ILE P 23 44.64 8.36 -20.38
C ILE P 23 43.49 7.52 -19.81
N ALA P 24 42.33 8.18 -19.61
CA ALA P 24 41.10 7.57 -19.11
C ALA P 24 40.02 7.69 -20.17
N VAL P 25 39.44 6.54 -20.58
CA VAL P 25 38.43 6.48 -21.63
C VAL P 25 37.18 5.74 -21.12
N GLY P 26 36.01 6.35 -21.29
CA GLY P 26 34.72 5.79 -20.88
C GLY P 26 33.90 5.29 -22.05
N TYR P 27 33.24 4.13 -21.86
CA TYR P 27 32.42 3.48 -22.87
C TYR P 27 31.05 3.03 -22.35
N VAL P 28 30.03 3.14 -23.21
CA VAL P 28 28.66 2.64 -23.01
C VAL P 28 28.45 1.74 -24.23
N ASP P 29 28.62 0.42 -24.02
CA ASP P 29 28.59 -0.64 -25.04
C ASP P 29 29.79 -0.51 -25.99
N ASP P 30 29.58 -0.07 -27.24
CA ASP P 30 30.63 0.11 -28.24
C ASP P 30 30.81 1.62 -28.54
N THR P 31 30.14 2.50 -27.77
CA THR P 31 30.19 3.95 -27.95
C THR P 31 31.03 4.61 -26.84
N GLN P 32 32.05 5.38 -27.24
CA GLN P 32 32.92 6.15 -26.36
C GLN P 32 32.22 7.46 -26.00
N PHE P 33 32.17 7.82 -24.71
CA PHE P 33 31.46 9.04 -24.29
C PHE P 33 32.35 10.06 -23.56
N VAL P 34 33.42 9.61 -22.88
CA VAL P 34 34.32 10.54 -22.16
C VAL P 34 35.78 10.18 -22.42
N ARG P 35 36.66 11.19 -22.35
CA ARG P 35 38.09 11.03 -22.51
C ARG P 35 38.84 12.02 -21.62
N PHE P 36 40.01 11.59 -21.12
CA PHE P 36 40.89 12.41 -20.30
C PHE P 36 42.32 12.10 -20.69
N ASP P 37 43.10 13.16 -20.91
CA ASP P 37 44.50 13.06 -21.27
C ASP P 37 45.29 14.07 -20.44
N SER P 38 46.21 13.57 -19.60
CA SER P 38 47.04 14.39 -18.72
C SER P 38 48.10 15.20 -19.49
N ASP P 39 48.38 14.82 -20.76
CA ASP P 39 49.39 15.44 -21.62
C ASP P 39 49.09 16.92 -21.99
N ALA P 40 47.80 17.36 -21.91
CA ALA P 40 47.39 18.73 -22.20
C ALA P 40 47.95 19.73 -21.16
N ALA P 41 48.11 21.02 -21.56
CA ALA P 41 48.62 22.12 -20.72
C ALA P 41 47.81 22.26 -19.42
N SER P 42 46.49 22.12 -19.53
CA SER P 42 45.52 22.12 -18.42
C SER P 42 44.51 21.01 -18.71
N PRO P 43 44.79 19.76 -18.27
CA PRO P 43 43.92 18.62 -18.62
C PRO P 43 42.51 18.69 -18.02
N ARG P 44 41.52 18.28 -18.83
CA ARG P 44 40.10 18.25 -18.49
C ARG P 44 39.38 17.09 -19.20
N THR P 45 38.26 16.62 -18.61
CA THR P 45 37.45 15.54 -19.18
C THR P 45 36.67 16.13 -20.36
N GLU P 46 36.78 15.49 -21.54
CA GLU P 46 36.13 15.96 -22.77
C GLU P 46 35.00 15.05 -23.23
N PRO P 47 33.86 15.62 -23.70
CA PRO P 47 32.76 14.78 -24.21
C PRO P 47 33.12 14.14 -25.56
N ARG P 48 32.73 12.86 -25.75
CA ARG P 48 33.00 12.10 -26.97
C ARG P 48 31.71 11.57 -27.62
N ALA P 49 30.57 11.84 -26.97
CA ALA P 49 29.23 11.47 -27.43
C ALA P 49 28.28 12.68 -27.31
N PRO P 50 27.28 12.86 -28.22
CA PRO P 50 26.41 14.04 -28.10
C PRO P 50 25.47 14.00 -26.90
N TRP P 51 25.13 12.79 -26.39
CA TRP P 51 24.22 12.58 -25.27
C TRP P 51 24.86 12.82 -23.88
N ILE P 52 26.18 13.10 -23.81
CA ILE P 52 26.85 13.35 -22.53
C ILE P 52 27.08 14.88 -22.34
N GLU P 53 26.96 15.67 -23.43
CA GLU P 53 27.13 17.13 -23.44
C GLU P 53 26.06 17.85 -22.58
N GLN P 54 24.91 17.20 -22.34
CA GLN P 54 23.79 17.73 -21.55
C GLN P 54 24.10 17.76 -20.03
N GLU P 55 25.20 17.10 -19.60
CA GLU P 55 25.62 17.07 -18.19
C GLU P 55 26.15 18.43 -17.76
N GLY P 56 25.79 18.85 -16.55
CA GLY P 56 26.17 20.14 -15.97
C GLY P 56 27.66 20.30 -15.70
N PRO P 57 28.11 21.55 -15.35
CA PRO P 57 29.55 21.76 -15.08
C PRO P 57 30.06 21.01 -13.86
N GLU P 58 29.15 20.68 -12.90
CA GLU P 58 29.42 19.92 -11.68
C GLU P 58 29.92 18.52 -12.01
N TYR P 59 29.37 17.90 -13.07
CA TYR P 59 29.72 16.57 -13.57
C TYR P 59 31.16 16.58 -14.13
N TRP P 60 31.44 17.56 -15.01
CA TRP P 60 32.72 17.69 -15.70
C TRP P 60 33.89 18.02 -14.77
N ASP P 61 33.67 18.87 -13.74
N ASP P 61 33.67 18.86 -13.74
CA ASP P 61 34.74 19.21 -12.79
CA ASP P 61 34.71 19.23 -12.77
C ASP P 61 35.02 18.03 -11.85
C ASP P 61 35.00 18.07 -11.82
N ARG P 62 33.99 17.22 -11.53
CA ARG P 62 34.10 16.05 -10.65
C ARG P 62 34.92 14.97 -11.35
N ASN P 63 34.64 14.72 -12.65
CA ASN P 63 35.36 13.77 -13.49
C ASN P 63 36.82 14.18 -13.68
N THR P 64 37.07 15.50 -13.85
CA THR P 64 38.41 16.08 -14.01
C THR P 64 39.21 15.91 -12.71
N GLN P 65 38.57 16.11 -11.54
CA GLN P 65 39.20 15.99 -10.22
C GLN P 65 39.64 14.55 -9.92
N ILE P 66 38.79 13.53 -10.22
CA ILE P 66 39.13 12.13 -9.94
C ILE P 66 40.22 11.63 -10.92
N PHE P 67 40.16 12.05 -12.20
CA PHE P 67 41.16 11.64 -13.19
C PHE P 67 42.51 12.35 -12.96
N LYS P 68 42.49 13.57 -12.37
CA LYS P 68 43.71 14.30 -11.99
C LYS P 68 44.37 13.62 -10.79
N THR P 69 43.53 13.04 -9.89
CA THR P 69 43.94 12.30 -8.70
C THR P 69 44.56 10.97 -9.17
N ASN P 70 43.91 10.30 -10.15
CA ASN P 70 44.37 9.05 -10.74
C ASN P 70 45.70 9.24 -11.49
N THR P 71 45.90 10.43 -12.11
CA THR P 71 47.13 10.80 -12.80
C THR P 71 48.30 10.71 -11.80
N GLN P 72 48.15 11.32 -10.60
CA GLN P 72 49.14 11.33 -9.53
C GLN P 72 49.30 9.93 -8.92
N THR P 73 48.18 9.19 -8.73
CA THR P 73 48.14 7.83 -8.17
C THR P 73 48.96 6.87 -9.06
N TYR P 74 48.70 6.88 -10.37
CA TYR P 74 49.35 5.98 -11.32
C TYR P 74 50.83 6.35 -11.57
N ARG P 75 51.23 7.60 -11.29
N ARG P 75 51.23 7.60 -11.29
CA ARG P 75 52.62 8.05 -11.40
CA ARG P 75 52.63 8.05 -11.40
C ARG P 75 53.46 7.39 -10.30
C ARG P 75 53.45 7.36 -10.30
N GLU P 76 52.89 7.30 -9.08
CA GLU P 76 53.51 6.65 -7.91
C GLU P 76 53.47 5.12 -8.09
N SER P 77 52.38 4.59 -8.68
CA SER P 77 52.19 3.17 -8.95
C SER P 77 53.21 2.66 -9.97
N LEU P 78 53.54 3.47 -11.00
CA LEU P 78 54.53 3.14 -12.02
C LEU P 78 55.93 3.09 -11.39
N ARG P 79 56.20 4.01 -10.43
CA ARG P 79 57.44 4.12 -9.68
C ARG P 79 57.60 2.91 -8.75
N ASN P 80 56.50 2.50 -8.08
CA ASN P 80 56.48 1.36 -7.15
C ASN P 80 56.64 0.03 -7.88
N LEU P 81 55.92 -0.16 -9.02
CA LEU P 81 55.97 -1.39 -9.82
C LEU P 81 57.35 -1.56 -10.49
N ARG P 82 58.05 -0.46 -10.75
CA ARG P 82 59.41 -0.44 -11.30
C ARG P 82 60.38 -0.98 -10.24
N GLY P 83 60.15 -0.58 -8.98
CA GLY P 83 60.92 -1.00 -7.82
C GLY P 83 60.71 -2.45 -7.45
N TYR P 84 59.45 -2.95 -7.54
CA TYR P 84 59.06 -4.32 -7.22
C TYR P 84 59.74 -5.36 -8.14
N TYR P 85 60.02 -4.98 -9.39
CA TYR P 85 60.67 -5.84 -10.39
C TYR P 85 62.16 -5.47 -10.59
N ASN P 86 62.69 -4.52 -9.77
CA ASN P 86 64.06 -3.98 -9.80
C ASN P 86 64.42 -3.53 -11.23
N GLN P 87 63.44 -2.91 -11.91
CA GLN P 87 63.56 -2.43 -13.29
C GLN P 87 64.29 -1.11 -13.37
N SER P 88 64.91 -0.87 -14.53
CA SER P 88 65.66 0.33 -14.88
C SER P 88 64.76 1.56 -14.92
N GLU P 89 65.34 2.73 -14.61
CA GLU P 89 64.65 4.02 -14.64
C GLU P 89 64.63 4.61 -16.06
N ALA P 90 65.26 3.92 -17.05
CA ALA P 90 65.34 4.36 -18.45
C ALA P 90 64.19 3.83 -19.32
N GLY P 91 63.68 2.65 -18.98
CA GLY P 91 62.62 1.98 -19.74
C GLY P 91 61.23 2.55 -19.53
N SER P 92 60.40 2.40 -20.57
CA SER P 92 59.00 2.82 -20.60
C SER P 92 58.10 1.65 -20.19
N HIS P 93 57.21 1.87 -19.20
CA HIS P 93 56.31 0.84 -18.69
C HIS P 93 54.86 1.30 -18.70
N ILE P 94 53.92 0.36 -18.88
CA ILE P 94 52.49 0.67 -18.97
C ILE P 94 51.66 -0.09 -17.93
N ILE P 95 50.80 0.65 -17.20
CA ILE P 95 49.80 0.12 -16.27
C ILE P 95 48.45 0.34 -16.93
N GLN P 96 47.69 -0.74 -17.14
CA GLN P 96 46.36 -0.67 -17.75
C GLN P 96 45.30 -1.15 -16.77
N ARG P 97 44.11 -0.50 -16.79
CA ARG P 97 42.99 -0.89 -15.92
C ARG P 97 41.66 -0.93 -16.69
N MET P 98 40.89 -2.00 -16.49
N MET P 98 40.90 -2.01 -16.47
CA MET P 98 39.58 -2.19 -17.12
CA MET P 98 39.61 -2.34 -17.09
C MET P 98 38.56 -2.61 -16.07
C MET P 98 38.55 -2.64 -16.02
N TYR P 99 37.56 -1.76 -15.83
CA TYR P 99 36.49 -2.00 -14.85
C TYR P 99 35.14 -1.53 -15.39
N GLY P 100 34.07 -2.16 -14.91
CA GLY P 100 32.72 -1.81 -15.31
C GLY P 100 31.63 -2.74 -14.84
N CYS P 101 30.39 -2.39 -15.20
CA CYS P 101 29.20 -3.14 -14.83
C CYS P 101 28.40 -3.54 -16.07
N ASP P 102 27.98 -4.81 -16.11
CA ASP P 102 27.17 -5.38 -17.18
C ASP P 102 25.72 -5.46 -16.72
N LEU P 103 24.80 -5.02 -17.58
CA LEU P 103 23.36 -4.99 -17.35
C LEU P 103 22.67 -6.01 -18.25
N GLY P 104 21.69 -6.72 -17.68
CA GLY P 104 20.90 -7.70 -18.41
C GLY P 104 19.82 -7.05 -19.26
N PRO P 105 19.01 -7.85 -20.01
CA PRO P 105 17.95 -7.24 -20.84
C PRO P 105 16.88 -6.53 -20.00
N ASP P 106 16.71 -6.99 -18.74
CA ASP P 106 15.78 -6.47 -17.73
C ASP P 106 16.19 -5.08 -17.23
N GLY P 107 17.50 -4.87 -17.06
CA GLY P 107 18.06 -3.61 -16.58
C GLY P 107 18.65 -3.71 -15.18
N ARG P 108 18.98 -4.94 -14.74
CA ARG P 108 19.57 -5.23 -13.42
C ARG P 108 21.05 -5.61 -13.59
N LEU P 109 21.86 -5.51 -12.51
CA LEU P 109 23.28 -5.85 -12.55
C LEU P 109 23.47 -7.35 -12.80
N LEU P 110 24.06 -7.67 -13.94
CA LEU P 110 24.36 -9.04 -14.35
C LEU P 110 25.75 -9.43 -13.87
N ARG P 111 26.78 -8.59 -14.14
CA ARG P 111 28.15 -8.87 -13.73
C ARG P 111 29.00 -7.59 -13.57
N GLY P 112 29.63 -7.49 -12.41
CA GLY P 112 30.56 -6.43 -12.08
C GLY P 112 31.97 -6.97 -12.25
N HIS P 113 32.89 -6.18 -12.82
CA HIS P 113 34.27 -6.65 -13.05
C HIS P 113 35.32 -5.55 -12.94
N ASP P 114 36.57 -5.94 -12.60
CA ASP P 114 37.75 -5.07 -12.48
C ASP P 114 39.03 -5.88 -12.75
N GLN P 115 39.92 -5.31 -13.56
CA GLN P 115 41.18 -5.92 -13.99
C GLN P 115 42.29 -4.88 -14.15
N SER P 116 43.52 -5.26 -13.80
CA SER P 116 44.71 -4.41 -13.93
C SER P 116 45.85 -5.20 -14.55
N ALA P 117 46.67 -4.54 -15.40
CA ALA P 117 47.77 -5.18 -16.09
C ALA P 117 49.04 -4.33 -16.11
N TYR P 118 50.20 -5.00 -16.25
CA TYR P 118 51.52 -4.38 -16.34
C TYR P 118 52.25 -4.92 -17.56
N ASP P 119 52.54 -4.03 -18.54
CA ASP P 119 53.20 -4.29 -19.82
C ASP P 119 52.47 -5.39 -20.64
N GLY P 120 51.14 -5.29 -20.67
CA GLY P 120 50.26 -6.21 -21.38
C GLY P 120 50.07 -7.57 -20.75
N LYS P 121 50.43 -7.70 -19.46
CA LYS P 121 50.33 -8.94 -18.69
C LYS P 121 49.46 -8.74 -17.46
N ASP P 122 48.55 -9.70 -17.17
CA ASP P 122 47.67 -9.68 -16.00
C ASP P 122 48.47 -9.41 -14.73
N TYR P 123 48.01 -8.46 -13.90
CA TYR P 123 48.68 -8.08 -12.66
C TYR P 123 47.77 -8.40 -11.46
N ILE P 124 46.63 -7.70 -11.34
CA ILE P 124 45.67 -7.91 -10.25
C ILE P 124 44.23 -7.77 -10.79
N ALA P 125 43.35 -8.71 -10.41
CA ALA P 125 41.95 -8.72 -10.85
C ALA P 125 41.00 -9.01 -9.70
N LEU P 126 39.83 -8.35 -9.72
CA LEU P 126 38.78 -8.58 -8.74
C LEU P 126 38.07 -9.89 -9.09
N ASN P 127 37.85 -10.76 -8.09
CA ASN P 127 37.20 -12.05 -8.28
C ASN P 127 35.68 -11.89 -8.48
N GLU P 128 35.02 -12.97 -8.94
CA GLU P 128 33.58 -13.02 -9.21
C GLU P 128 32.73 -12.75 -7.95
N ASP P 129 33.28 -13.00 -6.76
CA ASP P 129 32.62 -12.75 -5.48
C ASP P 129 32.56 -11.24 -5.16
N LEU P 130 33.43 -10.43 -5.82
CA LEU P 130 33.59 -8.97 -5.68
C LEU P 130 34.07 -8.62 -4.24
N SER P 131 34.79 -9.56 -3.59
CA SER P 131 35.28 -9.41 -2.22
C SER P 131 36.77 -9.74 -2.10
N SER P 132 37.34 -10.49 -3.06
CA SER P 132 38.74 -10.90 -3.04
C SER P 132 39.48 -10.59 -4.35
N TRP P 133 40.82 -10.63 -4.32
CA TRP P 133 41.70 -10.36 -5.46
C TRP P 133 42.50 -11.58 -5.89
N THR P 134 42.89 -11.62 -7.18
CA THR P 134 43.75 -12.65 -7.75
C THR P 134 45.01 -11.94 -8.25
N ALA P 135 46.16 -12.23 -7.62
CA ALA P 135 47.46 -11.66 -7.95
C ALA P 135 48.27 -12.63 -8.81
N ALA P 136 48.95 -12.10 -9.85
CA ALA P 136 49.75 -12.89 -10.78
C ALA P 136 51.08 -13.37 -10.16
N ASP P 137 51.89 -12.43 -9.63
CA ASP P 137 53.18 -12.73 -9.01
C ASP P 137 53.30 -12.12 -7.60
N THR P 138 54.50 -12.22 -6.99
CA THR P 138 54.82 -11.71 -5.65
C THR P 138 54.76 -10.17 -5.58
N ALA P 139 55.02 -9.50 -6.72
CA ALA P 139 54.97 -8.03 -6.84
C ALA P 139 53.52 -7.54 -6.76
N ALA P 140 52.59 -8.29 -7.38
CA ALA P 140 51.15 -8.01 -7.40
C ALA P 140 50.50 -8.30 -6.05
N GLN P 141 51.14 -9.17 -5.24
CA GLN P 141 50.72 -9.55 -3.89
C GLN P 141 50.90 -8.40 -2.92
N ILE P 142 51.94 -7.55 -3.15
CA ILE P 142 52.23 -6.33 -2.37
C ILE P 142 51.08 -5.33 -2.60
N THR P 143 50.61 -5.21 -3.86
CA THR P 143 49.49 -4.37 -4.28
C THR P 143 48.20 -4.86 -3.61
N GLN P 144 47.98 -6.19 -3.59
CA GLN P 144 46.81 -6.86 -2.98
C GLN P 144 46.69 -6.52 -1.50
N ARG P 145 47.81 -6.59 -0.75
CA ARG P 145 47.88 -6.29 0.68
C ARG P 145 47.55 -4.82 0.96
N LYS P 146 48.00 -3.91 0.06
CA LYS P 146 47.74 -2.47 0.15
C LYS P 146 46.26 -2.21 -0.09
N TRP P 147 45.69 -2.87 -1.12
CA TRP P 147 44.29 -2.75 -1.53
C TRP P 147 43.34 -3.39 -0.52
N GLU P 148 43.79 -4.43 0.22
CA GLU P 148 42.99 -5.07 1.28
C GLU P 148 42.88 -4.14 2.49
N ALA P 149 44.00 -3.50 2.87
CA ALA P 149 44.08 -2.56 3.99
C ALA P 149 43.31 -1.27 3.70
N ALA P 150 43.24 -0.88 2.41
CA ALA P 150 42.54 0.33 1.93
C ALA P 150 41.03 0.10 1.78
N ARG P 151 40.58 -1.18 1.79
CA ARG P 151 39.19 -1.65 1.63
C ARG P 151 38.68 -1.33 0.21
N VAL P 152 39.54 -1.55 -0.82
CA VAL P 152 39.23 -1.29 -2.22
C VAL P 152 38.05 -2.17 -2.69
N ALA P 153 38.13 -3.50 -2.49
CA ALA P 153 37.13 -4.49 -2.89
C ALA P 153 35.71 -4.17 -2.37
N GLU P 154 35.59 -3.71 -1.10
CA GLU P 154 34.33 -3.36 -0.46
C GLU P 154 33.68 -2.13 -1.11
N GLN P 155 34.46 -1.06 -1.33
CA GLN P 155 33.99 0.19 -1.93
C GLN P 155 33.81 0.04 -3.45
N LEU P 156 34.55 -0.88 -4.08
CA LEU P 156 34.44 -1.16 -5.51
C LEU P 156 33.16 -1.96 -5.78
N ARG P 157 32.83 -2.92 -4.89
CA ARG P 157 31.59 -3.72 -4.97
C ARG P 157 30.37 -2.80 -4.89
N ALA P 158 30.36 -1.88 -3.89
CA ALA P 158 29.31 -0.90 -3.67
C ALA P 158 29.12 0.03 -4.86
N TYR P 159 30.24 0.39 -5.55
CA TYR P 159 30.21 1.23 -6.75
C TYR P 159 29.59 0.45 -7.93
N LEU P 160 30.08 -0.78 -8.18
CA LEU P 160 29.64 -1.65 -9.28
C LEU P 160 28.15 -2.06 -9.13
N GLU P 161 27.67 -2.24 -7.88
CA GLU P 161 26.28 -2.62 -7.59
C GLU P 161 25.35 -1.39 -7.55
N GLY P 162 25.91 -0.23 -7.21
CA GLY P 162 25.17 1.02 -7.07
C GLY P 162 25.33 2.03 -8.19
N LEU P 163 26.23 3.01 -7.98
CA LEU P 163 26.52 4.15 -8.87
C LEU P 163 26.84 3.76 -10.31
N CYS P 164 27.57 2.64 -10.56
CA CYS P 164 27.91 2.19 -11.91
C CYS P 164 26.63 1.91 -12.71
N VAL P 165 25.72 1.11 -12.13
CA VAL P 165 24.43 0.70 -12.69
C VAL P 165 23.53 1.95 -12.85
N GLU P 166 23.46 2.78 -11.78
CA GLU P 166 22.69 4.01 -11.66
C GLU P 166 23.02 5.00 -12.79
N TRP P 167 24.31 5.25 -13.05
CA TRP P 167 24.75 6.18 -14.09
C TRP P 167 24.63 5.57 -15.49
N LEU P 168 24.83 4.23 -15.63
CA LEU P 168 24.68 3.53 -16.91
C LEU P 168 23.23 3.64 -17.38
N ARG P 169 22.25 3.46 -16.46
CA ARG P 169 20.81 3.58 -16.73
C ARG P 169 20.46 5.00 -17.18
N ARG P 170 21.10 6.00 -16.54
CA ARG P 170 20.92 7.43 -16.83
C ARG P 170 21.45 7.76 -18.23
N TYR P 171 22.62 7.19 -18.61
CA TYR P 171 23.25 7.40 -19.91
C TYR P 171 22.44 6.75 -21.04
N LEU P 172 21.87 5.56 -20.76
CA LEU P 172 21.05 4.80 -21.70
C LEU P 172 19.74 5.52 -22.05
N GLU P 173 19.14 6.25 -21.10
CA GLU P 173 17.90 6.98 -21.36
C GLU P 173 18.17 8.34 -22.01
N ASN P 174 19.28 9.01 -21.64
CA ASN P 174 19.69 10.31 -22.18
C ASN P 174 20.16 10.19 -23.65
N GLY P 175 20.50 8.98 -24.08
CA GLY P 175 20.96 8.69 -25.44
C GLY P 175 20.36 7.44 -26.04
N LYS P 176 19.06 7.24 -25.80
CA LYS P 176 18.24 6.11 -26.25
C LYS P 176 18.09 6.03 -27.78
N GLU P 177 18.22 7.18 -28.49
CA GLU P 177 18.10 7.26 -29.95
C GLU P 177 19.32 6.67 -30.68
N THR P 178 20.47 6.51 -29.99
CA THR P 178 21.69 5.97 -30.58
C THR P 178 22.17 4.67 -29.90
N LEU P 179 22.04 4.57 -28.56
CA LEU P 179 22.50 3.41 -27.79
C LEU P 179 21.48 2.25 -27.79
N GLN P 180 20.19 2.56 -27.61
CA GLN P 180 19.12 1.55 -27.56
C GLN P 180 18.53 1.25 -28.96
N ARG P 181 19.06 1.93 -30.00
CA ARG P 181 18.64 1.75 -31.40
C ARG P 181 19.75 1.02 -32.16
N ALA P 182 19.44 -0.18 -32.68
CA ALA P 182 20.39 -0.99 -33.45
C ALA P 182 20.31 -0.69 -34.94
N ASP P 183 21.47 -0.46 -35.57
CA ASP P 183 21.58 -0.17 -37.01
C ASP P 183 21.88 -1.48 -37.78
N PRO P 184 21.02 -1.89 -38.73
CA PRO P 184 21.27 -3.14 -39.47
C PRO P 184 22.35 -2.99 -40.56
N PRO P 185 23.07 -4.08 -40.93
CA PRO P 185 24.12 -3.92 -41.95
C PRO P 185 23.59 -3.84 -43.38
N LYS P 186 24.28 -3.06 -44.23
CA LYS P 186 23.99 -2.92 -45.66
C LYS P 186 24.76 -4.02 -46.36
N THR P 187 24.06 -5.11 -46.70
CA THR P 187 24.68 -6.30 -47.28
C THR P 187 24.62 -6.34 -48.80
N HIS P 188 25.74 -6.79 -49.40
CA HIS P 188 25.94 -7.00 -50.84
C HIS P 188 27.14 -7.93 -51.05
N VAL P 189 27.09 -8.73 -52.12
CA VAL P 189 28.15 -9.68 -52.45
C VAL P 189 28.84 -9.23 -53.75
N THR P 190 30.18 -9.29 -53.75
CA THR P 190 31.02 -8.90 -54.89
C THR P 190 31.77 -10.11 -55.44
N HIS P 191 32.08 -10.05 -56.74
CA HIS P 191 32.77 -11.13 -57.43
C HIS P 191 34.07 -10.65 -58.06
N HIS P 192 35.20 -11.25 -57.64
CA HIS P 192 36.53 -10.90 -58.14
C HIS P 192 37.26 -12.16 -58.63
N PRO P 193 37.52 -12.31 -59.96
CA PRO P 193 38.21 -13.51 -60.44
C PRO P 193 39.69 -13.51 -60.06
N VAL P 194 40.24 -14.71 -59.77
CA VAL P 194 41.65 -14.90 -59.42
C VAL P 194 42.31 -15.85 -60.42
N SER P 195 41.48 -16.58 -61.20
CA SER P 195 41.89 -17.52 -62.24
C SER P 195 40.81 -17.56 -63.36
N ASP P 196 40.76 -18.65 -64.15
CA ASP P 196 39.77 -18.84 -65.23
C ASP P 196 38.69 -19.81 -64.75
N HIS P 197 38.94 -20.35 -63.57
CA HIS P 197 38.23 -21.40 -62.85
C HIS P 197 38.13 -21.07 -61.38
N GLU P 198 38.98 -20.17 -60.89
CA GLU P 198 38.91 -19.78 -59.48
C GLU P 198 38.50 -18.33 -59.40
N ALA P 199 37.48 -18.06 -58.59
CA ALA P 199 36.95 -16.72 -58.38
C ALA P 199 36.67 -16.51 -56.90
N THR P 200 36.78 -15.25 -56.43
CA THR P 200 36.58 -14.89 -55.03
C THR P 200 35.21 -14.24 -54.83
N LEU P 201 34.46 -14.77 -53.86
CA LEU P 201 33.14 -14.25 -53.46
C LEU P 201 33.27 -13.59 -52.11
N ARG P 202 32.99 -12.29 -52.07
CA ARG P 202 33.12 -11.52 -50.84
C ARG P 202 31.79 -10.94 -50.40
N CYS P 203 31.32 -11.37 -49.22
CA CYS P 203 30.09 -10.83 -48.66
C CYS P 203 30.43 -9.63 -47.81
N TRP P 204 29.70 -8.54 -48.00
CA TRP P 204 29.93 -7.30 -47.28
C TRP P 204 28.85 -7.00 -46.26
N ALA P 205 29.27 -6.36 -45.16
CA ALA P 205 28.41 -5.89 -44.07
C ALA P 205 28.91 -4.51 -43.67
N LEU P 206 28.13 -3.46 -43.96
CA LEU P 206 28.53 -2.08 -43.70
C LEU P 206 27.48 -1.27 -42.95
N GLY P 207 27.96 -0.27 -42.20
CA GLY P 207 27.15 0.66 -41.45
C GLY P 207 26.26 0.06 -40.38
N PHE P 208 26.77 -0.92 -39.63
CA PHE P 208 26.01 -1.58 -38.57
C PHE P 208 26.52 -1.23 -37.17
N TYR P 209 25.58 -1.16 -36.21
CA TYR P 209 25.83 -0.90 -34.79
C TYR P 209 24.86 -1.75 -33.95
N PRO P 210 25.32 -2.51 -32.92
CA PRO P 210 26.70 -2.63 -32.41
C PRO P 210 27.62 -3.48 -33.31
N ALA P 211 28.90 -3.61 -32.90
CA ALA P 211 29.95 -4.34 -33.61
C ALA P 211 29.72 -5.86 -33.69
N GLU P 212 28.89 -6.43 -32.79
CA GLU P 212 28.58 -7.86 -32.74
C GLU P 212 27.86 -8.30 -34.03
N ILE P 213 28.52 -9.17 -34.82
CA ILE P 213 28.03 -9.71 -36.09
C ILE P 213 28.72 -11.07 -36.38
N THR P 214 28.06 -11.92 -37.19
CA THR P 214 28.59 -13.23 -37.61
C THR P 214 28.31 -13.43 -39.10
N LEU P 215 29.39 -13.57 -39.88
CA LEU P 215 29.33 -13.79 -41.32
C LEU P 215 29.85 -15.19 -41.64
N THR P 216 28.97 -16.04 -42.19
CA THR P 216 29.33 -17.42 -42.52
C THR P 216 29.01 -17.72 -43.97
N TRP P 217 29.98 -18.32 -44.67
CA TRP P 217 29.86 -18.78 -46.04
C TRP P 217 29.61 -20.28 -45.99
N GLN P 218 28.47 -20.74 -46.50
CA GLN P 218 28.22 -22.17 -46.46
C GLN P 218 28.04 -22.74 -47.88
N ARG P 219 28.52 -23.99 -48.07
CA ARG P 219 28.47 -24.73 -49.33
C ARG P 219 26.99 -24.98 -49.11
N ASP P 220 26.42 -25.90 -49.92
CA ASP P 220 25.01 -26.28 -49.97
C ASP P 220 24.33 -26.18 -48.58
N GLY P 221 24.96 -26.79 -47.57
CA GLY P 221 24.52 -26.76 -46.18
C GLY P 221 25.64 -26.77 -45.15
N GLU P 222 26.93 -26.74 -45.58
CA GLU P 222 28.09 -26.85 -44.70
C GLU P 222 28.90 -25.56 -44.51
N ASP P 223 29.37 -25.33 -43.28
CA ASP P 223 30.19 -24.18 -42.91
C ASP P 223 31.63 -24.37 -43.41
N GLN P 224 32.11 -23.41 -44.21
CA GLN P 224 33.45 -23.41 -44.80
C GLN P 224 34.44 -22.67 -43.89
N THR P 225 34.51 -23.04 -42.60
CA THR P 225 35.34 -22.38 -41.58
C THR P 225 36.84 -22.36 -41.93
N GLN P 226 37.37 -23.46 -42.51
CA GLN P 226 38.80 -23.56 -42.88
C GLN P 226 39.13 -22.78 -44.16
N ASP P 227 38.10 -22.42 -44.96
CA ASP P 227 38.26 -21.72 -46.24
C ASP P 227 37.76 -20.26 -46.22
N THR P 228 36.85 -19.91 -45.28
CA THR P 228 36.32 -18.56 -45.14
C THR P 228 37.41 -17.68 -44.53
N GLU P 229 37.84 -16.69 -45.30
CA GLU P 229 38.85 -15.72 -44.91
C GLU P 229 38.12 -14.47 -44.40
N LEU P 230 37.40 -14.62 -43.27
CA LEU P 230 36.65 -13.50 -42.68
C LEU P 230 37.62 -12.56 -41.95
N VAL P 231 37.52 -11.27 -42.25
CA VAL P 231 38.35 -10.21 -41.69
C VAL P 231 37.75 -9.74 -40.35
N GLU P 232 38.60 -9.16 -39.49
CA GLU P 232 38.24 -8.63 -38.17
C GLU P 232 37.34 -7.39 -38.33
N THR P 233 36.31 -7.25 -37.47
CA THR P 233 35.37 -6.12 -37.45
C THR P 233 36.16 -4.82 -37.25
N ARG P 234 35.93 -3.84 -38.14
CA ARG P 234 36.65 -2.57 -38.14
C ARG P 234 35.70 -1.35 -38.02
N PRO P 235 36.12 -0.25 -37.35
CA PRO P 235 35.23 0.92 -37.27
C PRO P 235 35.24 1.72 -38.57
N ALA P 236 34.04 2.11 -39.05
CA ALA P 236 33.87 2.86 -40.29
C ALA P 236 34.48 4.28 -40.20
N GLY P 237 34.39 4.89 -39.02
CA GLY P 237 34.90 6.23 -38.74
C GLY P 237 33.84 7.19 -38.26
N ASP P 238 32.57 6.72 -38.26
CA ASP P 238 31.36 7.46 -37.92
C ASP P 238 30.48 6.74 -36.87
N ARG P 239 31.08 5.87 -36.02
CA ARG P 239 30.45 5.08 -34.94
C ARG P 239 29.70 3.82 -35.46
N THR P 240 29.80 3.52 -36.76
CA THR P 240 29.24 2.30 -37.35
C THR P 240 30.41 1.35 -37.64
N PHE P 241 30.14 0.08 -37.96
CA PHE P 241 31.21 -0.88 -38.19
C PHE P 241 31.10 -1.57 -39.55
N GLN P 242 32.23 -2.21 -39.98
CA GLN P 242 32.38 -2.92 -41.25
C GLN P 242 33.02 -4.30 -41.03
N LYS P 243 32.61 -5.31 -41.83
CA LYS P 243 33.16 -6.67 -41.80
C LYS P 243 32.89 -7.40 -43.12
N TRP P 244 33.83 -8.23 -43.56
CA TRP P 244 33.63 -9.02 -44.79
C TRP P 244 34.17 -10.45 -44.63
N ALA P 245 33.58 -11.38 -45.41
CA ALA P 245 33.94 -12.79 -45.46
C ALA P 245 34.14 -13.20 -46.91
N ALA P 246 35.26 -13.88 -47.21
CA ALA P 246 35.57 -14.30 -48.58
C ALA P 246 35.93 -15.77 -48.68
N VAL P 247 35.52 -16.40 -49.80
CA VAL P 247 35.80 -17.81 -50.12
C VAL P 247 36.30 -17.91 -51.56
N VAL P 248 37.31 -18.77 -51.81
CA VAL P 248 37.88 -18.98 -53.14
C VAL P 248 37.12 -20.19 -53.73
N VAL P 249 36.38 -19.93 -54.83
CA VAL P 249 35.38 -20.80 -55.48
C VAL P 249 35.75 -21.34 -56.88
N PRO P 250 35.38 -22.62 -57.23
CA PRO P 250 35.51 -23.05 -58.64
C PRO P 250 34.45 -22.34 -59.49
N SER P 251 34.79 -21.95 -60.73
CA SER P 251 33.96 -21.18 -61.67
C SER P 251 32.74 -21.94 -62.14
N GLY P 252 31.62 -21.23 -62.20
CA GLY P 252 30.33 -21.77 -62.56
C GLY P 252 29.57 -22.21 -61.34
N GLU P 253 30.26 -22.96 -60.46
CA GLU P 253 29.76 -23.51 -59.20
C GLU P 253 29.71 -22.50 -58.05
N GLU P 254 29.44 -21.22 -58.31
CA GLU P 254 29.40 -20.23 -57.23
C GLU P 254 27.99 -19.78 -56.87
N GLN P 255 26.98 -20.18 -57.68
CA GLN P 255 25.61 -19.89 -57.28
C GLN P 255 25.29 -20.93 -56.20
N ARG P 256 26.05 -22.02 -56.06
CA ARG P 256 25.82 -23.00 -54.97
C ARG P 256 26.38 -22.50 -53.64
N TYR P 257 26.78 -21.21 -53.59
CA TYR P 257 27.35 -20.54 -52.44
C TYR P 257 26.40 -19.47 -51.94
N THR P 258 26.14 -19.50 -50.63
CA THR P 258 25.23 -18.60 -49.94
C THR P 258 25.90 -18.02 -48.69
N CYS P 259 25.68 -16.73 -48.41
CA CYS P 259 26.23 -16.14 -47.20
C CYS P 259 25.13 -15.77 -46.24
N HIS P 260 25.38 -16.04 -44.95
CA HIS P 260 24.47 -15.80 -43.85
C HIS P 260 25.04 -14.72 -42.95
N VAL P 261 24.25 -13.66 -42.75
CA VAL P 261 24.59 -12.52 -41.92
C VAL P 261 23.61 -12.47 -40.73
N GLN P 262 24.16 -12.42 -39.51
CA GLN P 262 23.39 -12.40 -38.28
C GLN P 262 23.75 -11.16 -37.46
N HIS P 263 22.76 -10.28 -37.27
CA HIS P 263 22.88 -9.03 -36.52
C HIS P 263 21.56 -8.74 -35.81
N GLU P 264 21.62 -8.11 -34.61
CA GLU P 264 20.44 -7.79 -33.80
C GLU P 264 19.58 -6.69 -34.46
N GLY P 265 20.16 -5.92 -35.39
CA GLY P 265 19.48 -4.88 -36.15
C GLY P 265 18.52 -5.46 -37.16
N LEU P 266 18.79 -6.70 -37.60
CA LEU P 266 17.97 -7.48 -38.54
C LEU P 266 16.90 -8.25 -37.76
N PRO P 267 15.63 -8.34 -38.23
CA PRO P 267 14.61 -9.10 -37.47
C PRO P 267 14.95 -10.59 -37.33
N LYS P 268 15.40 -11.22 -38.43
CA LYS P 268 15.80 -12.62 -38.50
C LYS P 268 17.00 -12.78 -39.48
N PRO P 269 17.88 -13.82 -39.35
CA PRO P 269 19.04 -13.94 -40.26
C PRO P 269 18.72 -13.73 -41.74
N LEU P 270 19.58 -12.97 -42.42
CA LEU P 270 19.46 -12.61 -43.84
C LEU P 270 20.40 -13.47 -44.68
N THR P 271 19.89 -13.93 -45.84
CA THR P 271 20.63 -14.78 -46.77
C THR P 271 20.69 -14.11 -48.14
N LEU P 272 21.90 -14.03 -48.70
CA LEU P 272 22.08 -13.39 -49.98
C LEU P 272 23.13 -14.11 -50.80
N ARG P 273 23.16 -13.84 -52.08
CA ARG P 273 24.12 -14.48 -52.92
C ARG P 273 24.00 -13.92 -54.30
N TRP P 274 25.11 -13.78 -54.98
CA TRP P 274 25.15 -13.33 -56.37
C TRP P 274 26.53 -13.75 -56.65
N GLU P 275 27.11 -13.19 -57.69
CA GLU P 275 28.43 -13.56 -58.06
C GLU P 275 29.12 -12.38 -58.69
N ILE Q 2 55.94 -10.08 -24.27
CA ILE Q 2 55.79 -8.70 -23.82
C ILE Q 2 55.42 -7.74 -24.97
N GLN Q 3 55.78 -8.09 -26.21
CA GLN Q 3 55.52 -7.24 -27.39
C GLN Q 3 54.66 -7.95 -28.43
N ARG Q 4 53.69 -7.21 -29.02
CA ARG Q 4 52.77 -7.71 -30.03
C ARG Q 4 52.83 -6.87 -31.32
N THR Q 5 52.75 -7.54 -32.47
CA THR Q 5 52.81 -6.90 -33.79
C THR Q 5 51.44 -6.33 -34.17
N PRO Q 6 51.37 -5.11 -34.76
CA PRO Q 6 50.07 -4.56 -35.14
C PRO Q 6 49.49 -5.18 -36.41
N LYS Q 7 48.19 -5.48 -36.35
CA LYS Q 7 47.38 -5.95 -37.47
C LYS Q 7 46.93 -4.71 -38.21
N ILE Q 8 47.12 -4.66 -39.53
CA ILE Q 8 46.79 -3.46 -40.29
C ILE Q 8 45.73 -3.74 -41.38
N GLN Q 9 44.77 -2.80 -41.49
CA GLN Q 9 43.67 -2.83 -42.46
C GLN Q 9 43.46 -1.43 -43.03
N VAL Q 10 43.63 -1.29 -44.36
CA VAL Q 10 43.43 -0.03 -45.06
C VAL Q 10 42.15 -0.17 -45.92
N TYR Q 11 41.18 0.74 -45.70
CA TYR Q 11 39.86 0.70 -46.36
C TYR Q 11 39.20 2.08 -46.39
N SER Q 12 38.10 2.21 -47.15
CA SER Q 12 37.32 3.44 -47.27
C SER Q 12 36.06 3.38 -46.39
N ARG Q 13 35.60 4.56 -45.90
CA ARG Q 13 34.43 4.75 -45.06
C ARG Q 13 33.16 4.27 -45.76
N HIS Q 14 32.99 4.65 -47.04
CA HIS Q 14 31.86 4.27 -47.89
C HIS Q 14 32.38 3.60 -49.18
N PRO Q 15 31.59 2.78 -49.92
CA PRO Q 15 32.12 2.20 -51.16
C PRO Q 15 32.57 3.30 -52.13
N ALA Q 16 33.79 3.15 -52.65
CA ALA Q 16 34.40 4.15 -53.50
C ALA Q 16 33.91 4.11 -54.93
N GLU Q 17 33.65 5.30 -55.48
CA GLU Q 17 33.38 5.54 -56.88
C GLU Q 17 34.29 6.71 -57.24
N ASN Q 18 35.12 6.49 -58.27
CA ASN Q 18 36.22 7.33 -58.73
C ASN Q 18 36.05 8.87 -58.55
N GLY Q 19 34.88 9.43 -58.77
CA GLY Q 19 34.70 10.86 -58.56
C GLY Q 19 34.54 11.26 -57.11
N LYS Q 20 33.58 10.58 -56.43
CA LYS Q 20 33.07 10.73 -55.07
C LYS Q 20 34.13 10.92 -53.98
N SER Q 21 33.88 11.87 -53.06
CA SER Q 21 34.74 12.11 -51.89
C SER Q 21 34.34 11.13 -50.79
N ASN Q 22 35.29 10.81 -49.89
CA ASN Q 22 35.19 9.80 -48.84
C ASN Q 22 36.23 10.04 -47.73
N PHE Q 23 36.43 9.05 -46.84
CA PHE Q 23 37.45 9.09 -45.81
C PHE Q 23 38.29 7.81 -45.90
N LEU Q 24 39.62 7.96 -46.03
CA LEU Q 24 40.55 6.84 -46.10
C LEU Q 24 40.92 6.45 -44.68
N ASN Q 25 40.62 5.21 -44.32
CA ASN Q 25 40.86 4.69 -42.98
C ASN Q 25 42.01 3.69 -42.96
N CYS Q 26 42.76 3.71 -41.86
CA CYS Q 26 43.86 2.80 -41.59
C CYS Q 26 43.73 2.35 -40.14
N TYR Q 27 43.17 1.15 -39.95
CA TYR Q 27 42.91 0.59 -38.63
C TYR Q 27 44.07 -0.31 -38.20
N VAL Q 28 44.73 0.09 -37.10
CA VAL Q 28 45.86 -0.61 -36.49
C VAL Q 28 45.41 -1.14 -35.12
N SER Q 29 45.45 -2.47 -34.93
CA SER Q 29 45.00 -3.13 -33.71
C SER Q 29 45.92 -4.31 -33.33
N GLY Q 30 45.73 -4.84 -32.13
CA GLY Q 30 46.48 -5.99 -31.62
C GLY Q 30 47.95 -5.74 -31.36
N PHE Q 31 48.34 -4.51 -30.98
CA PHE Q 31 49.74 -4.16 -30.73
C PHE Q 31 49.99 -3.73 -29.28
N HIS Q 32 51.24 -3.96 -28.82
CA HIS Q 32 51.75 -3.61 -27.50
C HIS Q 32 53.27 -3.45 -27.58
N PRO Q 33 53.91 -2.34 -27.11
CA PRO Q 33 53.36 -1.15 -26.42
C PRO Q 33 52.51 -0.23 -27.32
N SER Q 34 51.93 0.84 -26.71
CA SER Q 34 51.04 1.81 -27.34
C SER Q 34 51.71 2.72 -28.38
N ASP Q 35 53.03 3.00 -28.24
CA ASP Q 35 53.79 3.87 -29.15
C ASP Q 35 53.84 3.27 -30.56
N ILE Q 36 53.21 3.97 -31.53
CA ILE Q 36 53.12 3.54 -32.94
C ILE Q 36 53.23 4.77 -33.87
N GLU Q 37 53.79 4.55 -35.08
CA GLU Q 37 53.94 5.58 -36.12
C GLU Q 37 53.03 5.20 -37.30
N VAL Q 38 51.95 5.98 -37.52
CA VAL Q 38 50.98 5.70 -38.59
C VAL Q 38 50.83 6.95 -39.48
N ASP Q 39 50.98 6.75 -40.80
CA ASP Q 39 50.85 7.79 -41.82
C ASP Q 39 50.19 7.23 -43.08
N LEU Q 40 49.28 8.02 -43.68
CA LEU Q 40 48.57 7.69 -44.90
C LEU Q 40 49.35 8.28 -46.10
N LEU Q 41 49.33 7.58 -47.25
CA LEU Q 41 50.11 8.01 -48.41
C LEU Q 41 49.31 8.04 -49.71
N LYS Q 42 49.57 9.07 -50.55
CA LYS Q 42 48.98 9.30 -51.87
C LYS Q 42 50.14 9.38 -52.89
N ASN Q 43 50.39 8.26 -53.63
CA ASN Q 43 51.47 8.08 -54.64
C ASN Q 43 52.87 8.40 -54.10
N GLY Q 44 53.17 7.96 -52.88
CA GLY Q 44 54.47 8.17 -52.25
C GLY Q 44 54.49 9.32 -51.27
N GLU Q 45 53.67 10.32 -51.54
CA GLU Q 45 53.58 11.52 -50.72
C GLU Q 45 52.72 11.28 -49.51
N ARG Q 46 53.32 11.56 -48.35
CA ARG Q 46 52.68 11.52 -47.05
C ARG Q 46 51.54 12.54 -47.05
N ILE Q 47 50.34 12.08 -46.68
CA ILE Q 47 49.17 12.96 -46.58
C ILE Q 47 49.26 13.64 -45.23
N GLU Q 48 49.00 14.96 -45.21
CA GLU Q 48 48.93 15.79 -44.02
C GLU Q 48 47.53 15.63 -43.40
N LYS Q 49 47.23 16.38 -42.32
CA LYS Q 49 45.92 16.42 -41.63
C LYS Q 49 45.42 15.07 -41.07
N VAL Q 50 46.13 13.94 -41.31
CA VAL Q 50 45.72 12.61 -40.84
C VAL Q 50 45.41 12.70 -39.35
N GLU Q 51 44.14 12.49 -39.02
CA GLU Q 51 43.61 12.52 -37.64
C GLU Q 51 43.49 11.09 -37.12
N HIS Q 52 43.50 10.93 -35.79
CA HIS Q 52 43.38 9.59 -35.22
C HIS Q 52 42.47 9.56 -33.98
N SER Q 53 41.87 8.39 -33.72
CA SER Q 53 40.96 8.15 -32.61
C SER Q 53 41.72 8.09 -31.28
N ASP Q 54 41.00 8.08 -30.14
CA ASP Q 54 41.58 8.01 -28.81
C ASP Q 54 42.15 6.62 -28.53
N LEU Q 55 43.25 6.58 -27.76
CA LEU Q 55 43.96 5.35 -27.40
C LEU Q 55 43.10 4.48 -26.46
N SER Q 56 42.70 3.31 -26.98
CA SER Q 56 41.90 2.31 -26.27
C SER Q 56 42.52 0.92 -26.49
N PHE Q 57 42.13 -0.07 -25.69
CA PHE Q 57 42.66 -1.42 -25.80
C PHE Q 57 41.57 -2.49 -25.72
N SER Q 58 41.88 -3.70 -26.18
CA SER Q 58 40.99 -4.86 -26.21
C SER Q 58 41.09 -5.69 -24.92
N LYS Q 59 40.33 -6.81 -24.86
CA LYS Q 59 40.24 -7.75 -23.74
C LYS Q 59 41.60 -8.37 -23.39
N ASP Q 60 42.45 -8.63 -24.42
CA ASP Q 60 43.77 -9.23 -24.27
C ASP Q 60 44.85 -8.16 -23.95
N TRP Q 61 44.42 -6.90 -23.68
CA TRP Q 61 45.22 -5.71 -23.32
C TRP Q 61 45.94 -5.06 -24.53
N SER Q 62 45.73 -5.61 -25.74
CA SER Q 62 46.35 -5.07 -26.97
C SER Q 62 45.63 -3.79 -27.41
N PHE Q 63 46.41 -2.77 -27.80
CA PHE Q 63 45.93 -1.45 -28.21
C PHE Q 63 45.36 -1.41 -29.63
N TYR Q 64 44.44 -0.45 -29.88
CA TYR Q 64 43.82 -0.22 -31.18
C TYR Q 64 43.52 1.27 -31.37
N LEU Q 65 43.69 1.77 -32.61
CA LEU Q 65 43.41 3.15 -33.01
C LEU Q 65 43.16 3.23 -34.51
N LEU Q 66 42.29 4.17 -34.92
CA LEU Q 66 41.92 4.39 -36.31
C LEU Q 66 42.47 5.72 -36.81
N TYR Q 67 43.28 5.66 -37.89
CA TYR Q 67 43.88 6.82 -38.53
C TYR Q 67 43.08 7.14 -39.80
N TYR Q 68 42.53 8.36 -39.88
CA TYR Q 68 41.66 8.79 -40.97
C TYR Q 68 41.91 10.23 -41.44
N THR Q 69 41.65 10.50 -42.74
CA THR Q 69 41.77 11.81 -43.40
C THR Q 69 40.71 11.90 -44.53
N GLU Q 70 40.41 13.13 -45.02
CA GLU Q 70 39.49 13.36 -46.14
C GLU Q 70 40.18 12.86 -47.42
N PHE Q 71 39.56 11.87 -48.08
CA PHE Q 71 40.14 11.28 -49.29
C PHE Q 71 39.13 11.28 -50.42
N THR Q 72 39.61 11.39 -51.65
CA THR Q 72 38.77 11.40 -52.84
C THR Q 72 39.31 10.29 -53.76
N PRO Q 73 38.75 9.04 -53.68
CA PRO Q 73 39.26 7.92 -54.50
C PRO Q 73 39.38 8.31 -55.96
N THR Q 74 40.58 8.74 -56.37
CA THR Q 74 40.80 9.20 -57.73
C THR Q 74 40.88 8.01 -58.67
N GLU Q 75 40.75 8.28 -59.98
CA GLU Q 75 40.71 7.28 -61.04
C GLU Q 75 41.77 6.17 -60.89
N LYS Q 76 43.08 6.45 -61.03
CA LYS Q 76 44.07 5.36 -60.98
C LYS Q 76 45.31 5.62 -60.08
N ASP Q 77 45.33 6.70 -59.28
CA ASP Q 77 46.48 6.96 -58.41
C ASP Q 77 46.39 6.08 -57.15
N GLU Q 78 47.49 5.39 -56.82
CA GLU Q 78 47.56 4.45 -55.69
C GLU Q 78 47.63 5.12 -54.32
N TYR Q 79 46.93 4.49 -53.36
CA TYR Q 79 46.85 4.88 -51.95
C TYR Q 79 47.37 3.75 -51.08
N ALA Q 80 48.05 4.08 -49.96
CA ALA Q 80 48.63 3.09 -49.03
C ALA Q 80 48.78 3.64 -47.60
N CYS Q 81 49.05 2.73 -46.63
CA CYS Q 81 49.26 3.08 -45.22
C CYS Q 81 50.57 2.49 -44.73
N ARG Q 82 51.45 3.35 -44.18
CA ARG Q 82 52.75 2.97 -43.64
C ARG Q 82 52.69 2.97 -42.11
N VAL Q 83 53.10 1.84 -41.50
CA VAL Q 83 53.06 1.69 -40.04
C VAL Q 83 54.42 1.20 -39.54
N ASN Q 84 54.94 1.88 -38.50
CA ASN Q 84 56.20 1.54 -37.85
C ASN Q 84 55.97 1.31 -36.35
N HIS Q 85 56.47 0.17 -35.85
CA HIS Q 85 56.37 -0.25 -34.45
C HIS Q 85 57.70 -0.88 -34.03
N VAL Q 86 58.00 -0.84 -32.71
CA VAL Q 86 59.24 -1.38 -32.11
C VAL Q 86 59.44 -2.89 -32.46
N THR Q 87 58.33 -3.60 -32.74
CA THR Q 87 58.31 -5.02 -33.09
C THR Q 87 58.61 -5.26 -34.59
N LEU Q 88 58.55 -4.19 -35.41
CA LEU Q 88 58.80 -4.27 -36.86
C LEU Q 88 60.25 -3.90 -37.19
N SER Q 89 60.91 -4.74 -38.03
CA SER Q 89 62.29 -4.56 -38.49
C SER Q 89 62.39 -3.35 -39.42
N GLN Q 90 61.36 -3.16 -40.27
CA GLN Q 90 61.22 -2.07 -41.23
C GLN Q 90 59.74 -1.62 -41.28
N PRO Q 91 59.40 -0.36 -41.66
CA PRO Q 91 57.97 0.03 -41.70
C PRO Q 91 57.17 -0.80 -42.70
N LYS Q 92 56.00 -1.30 -42.29
CA LYS Q 92 55.14 -2.13 -43.12
C LYS Q 92 54.15 -1.25 -43.89
N ILE Q 93 54.16 -1.38 -45.23
CA ILE Q 93 53.29 -0.63 -46.13
C ILE Q 93 52.25 -1.58 -46.73
N VAL Q 94 50.96 -1.26 -46.54
CA VAL Q 94 49.86 -2.04 -47.09
C VAL Q 94 49.11 -1.15 -48.10
N LYS Q 95 49.05 -1.59 -49.36
CA LYS Q 95 48.38 -0.86 -50.43
C LYS Q 95 46.87 -0.96 -50.31
N TRP Q 96 46.17 0.16 -50.53
CA TRP Q 96 44.71 0.20 -50.46
C TRP Q 96 44.09 -0.45 -51.68
N ASP Q 97 43.25 -1.45 -51.41
CA ASP Q 97 42.51 -2.21 -52.41
C ASP Q 97 41.05 -1.85 -52.26
N ARG Q 98 40.43 -1.38 -53.35
CA ARG Q 98 39.03 -0.96 -53.40
C ARG Q 98 38.06 -2.11 -53.08
N ASP Q 99 38.43 -3.33 -53.48
CA ASP Q 99 37.64 -4.56 -53.32
C ASP Q 99 37.72 -5.18 -51.91
N MET Q 100 38.58 -4.65 -51.01
CA MET Q 100 38.68 -5.18 -49.64
C MET Q 100 39.03 -4.07 -48.62
N LEU R 1 29.67 7.51 -14.63
CA LEU R 1 30.53 8.10 -13.61
C LEU R 1 31.64 7.11 -13.23
N PRO R 2 32.92 7.54 -13.17
CA PRO R 2 34.01 6.60 -12.82
C PRO R 2 34.09 6.28 -11.32
N PHE R 3 34.90 5.26 -10.97
CA PHE R 3 35.15 4.83 -9.59
C PHE R 3 35.93 5.94 -8.87
N GLU R 4 35.43 6.39 -7.71
CA GLU R 4 35.99 7.51 -6.97
C GLU R 4 36.87 7.11 -5.78
N LYS R 5 37.72 6.10 -5.99
CA LYS R 5 38.71 5.68 -5.00
C LYS R 5 39.99 5.40 -5.74
N SER R 6 40.99 6.27 -5.51
CA SER R 6 42.30 6.18 -6.13
C SER R 6 43.29 5.62 -5.12
N THR R 7 43.72 4.37 -5.34
CA THR R 7 44.64 3.69 -4.44
C THR R 7 45.94 3.33 -5.15
N ILE R 8 47.05 3.68 -4.51
CA ILE R 8 48.41 3.45 -4.99
C ILE R 8 48.72 1.96 -4.90
N MET R 9 49.28 1.41 -5.98
CA MET R 9 49.65 -0.01 -6.12
C MET R 9 51.03 -0.28 -5.48
N GLN S 1 25.93 18.42 1.51
CA GLN S 1 27.09 17.68 2.03
C GLN S 1 27.26 17.96 3.54
N SER S 2 26.52 17.23 4.37
CA SER S 2 26.59 17.38 5.83
C SER S 2 26.27 16.06 6.54
N LEU S 3 26.32 16.06 7.89
CA LEU S 3 25.97 14.93 8.74
C LEU S 3 25.62 15.43 10.16
N GLU S 4 24.76 14.69 10.85
CA GLU S 4 24.25 15.03 12.18
C GLU S 4 24.49 13.92 13.20
N GLN S 5 24.80 14.32 14.44
CA GLN S 5 25.00 13.43 15.59
C GLN S 5 24.65 14.19 16.90
N PRO S 6 24.23 13.51 18.00
CA PRO S 6 23.90 14.26 19.24
C PRO S 6 25.09 15.04 19.81
N SER S 7 24.81 16.14 20.53
CA SER S 7 25.84 16.99 21.12
C SER S 7 26.50 16.30 22.32
N GLU S 8 25.69 15.68 23.20
CA GLU S 8 26.15 15.01 24.41
C GLU S 8 25.44 13.67 24.63
N VAL S 9 26.11 12.77 25.35
CA VAL S 9 25.59 11.46 25.73
C VAL S 9 26.26 11.07 27.08
N THR S 10 25.47 10.55 28.03
CA THR S 10 25.95 10.18 29.37
C THR S 10 25.55 8.74 29.70
N ALA S 11 26.47 8.00 30.34
CA ALA S 11 26.27 6.61 30.75
C ALA S 11 27.16 6.28 31.96
N VAL S 12 26.69 5.34 32.79
CA VAL S 12 27.40 4.87 33.99
C VAL S 12 28.51 3.89 33.57
N GLU S 13 29.53 3.71 34.42
CA GLU S 13 30.66 2.79 34.22
C GLU S 13 30.15 1.33 34.16
N GLY S 14 30.62 0.60 33.15
CA GLY S 14 30.26 -0.80 32.94
C GLY S 14 29.08 -0.99 32.02
N ALA S 15 28.28 0.08 31.82
CA ALA S 15 27.09 0.07 30.96
C ALA S 15 27.47 0.18 29.47
N ILE S 16 26.47 0.28 28.59
CA ILE S 16 26.66 0.42 27.16
C ILE S 16 26.08 1.77 26.70
N VAL S 17 26.61 2.33 25.61
CA VAL S 17 26.13 3.62 25.10
C VAL S 17 26.11 3.59 23.55
N GLN S 18 25.12 4.28 22.96
CA GLN S 18 24.94 4.37 21.51
C GLN S 18 25.05 5.82 21.05
N ILE S 19 25.85 6.05 20.01
CA ILE S 19 26.03 7.37 19.41
C ILE S 19 25.54 7.26 17.96
N ASN S 20 24.37 7.87 17.67
CA ASN S 20 23.75 7.84 16.35
C ASN S 20 24.36 8.87 15.40
N CYS S 21 24.29 8.61 14.08
N CYS S 21 24.30 8.60 14.08
CA CYS S 21 24.80 9.49 13.04
CA CYS S 21 24.81 9.47 13.02
C CYS S 21 24.03 9.30 11.74
C CYS S 21 24.00 9.30 11.74
N THR S 22 23.54 10.42 11.18
CA THR S 22 22.79 10.46 9.92
C THR S 22 23.55 11.37 8.97
N TYR S 23 23.74 10.94 7.72
CA TYR S 23 24.46 11.72 6.72
C TYR S 23 23.57 12.10 5.54
N GLN S 24 23.87 13.23 4.93
CA GLN S 24 23.13 13.77 3.78
C GLN S 24 24.14 14.16 2.73
N THR S 25 24.31 13.29 1.73
CA THR S 25 25.28 13.50 0.65
C THR S 25 24.85 12.83 -0.66
N SER S 26 25.38 13.32 -1.78
CA SER S 26 25.14 12.85 -3.16
C SER S 26 25.81 11.51 -3.39
N GLY S 27 27.07 11.39 -2.99
CA GLY S 27 27.83 10.15 -3.12
C GLY S 27 28.23 9.57 -1.77
N PHE S 28 28.19 8.25 -1.64
CA PHE S 28 28.58 7.59 -0.40
C PHE S 28 29.61 6.52 -0.70
N TYR S 29 30.71 6.55 0.05
CA TYR S 29 31.79 5.58 -0.10
C TYR S 29 32.12 4.92 1.23
N GLY S 30 31.86 5.60 2.35
CA GLY S 30 32.13 5.03 3.66
C GLY S 30 31.80 5.91 4.84
N LEU S 31 31.50 5.28 5.98
CA LEU S 31 31.20 5.93 7.24
C LEU S 31 32.20 5.44 8.29
N SER S 32 32.94 6.37 8.91
CA SER S 32 33.96 6.02 9.89
C SER S 32 33.74 6.73 11.22
N TRP S 33 34.37 6.22 12.28
CA TRP S 33 34.28 6.76 13.64
C TRP S 33 35.65 7.04 14.22
N TYR S 34 35.79 8.21 14.88
CA TYR S 34 37.04 8.67 15.48
C TYR S 34 36.81 9.15 16.92
N GLN S 35 37.75 8.79 17.81
CA GLN S 35 37.74 9.18 19.22
C GLN S 35 38.78 10.28 19.42
N GLN S 36 38.39 11.37 20.11
CA GLN S 36 39.31 12.47 20.38
C GLN S 36 39.18 12.96 21.82
N HIS S 37 40.30 12.92 22.55
CA HIS S 37 40.41 13.43 23.91
C HIS S 37 40.75 14.92 23.84
N ASP S 38 40.45 15.69 24.91
CA ASP S 38 40.71 17.14 25.00
C ASP S 38 42.17 17.47 24.67
N GLY S 39 42.35 18.16 23.56
CA GLY S 39 43.66 18.57 23.05
C GLY S 39 44.50 17.41 22.56
N GLY S 40 43.84 16.36 22.07
CA GLY S 40 44.50 15.16 21.57
C GLY S 40 44.29 14.90 20.10
N ALA S 41 44.85 13.78 19.62
CA ALA S 41 44.77 13.36 18.23
C ALA S 41 43.56 12.47 17.97
N PRO S 42 42.71 12.79 16.95
CA PRO S 42 41.58 11.89 16.65
C PRO S 42 42.09 10.53 16.21
N THR S 43 41.68 9.46 16.92
CA THR S 43 42.12 8.09 16.65
C THR S 43 40.97 7.28 16.07
N PHE S 44 41.27 6.51 15.01
CA PHE S 44 40.35 5.65 14.28
C PHE S 44 39.78 4.54 15.16
N LEU S 45 38.46 4.30 15.03
CA LEU S 45 37.76 3.26 15.78
C LEU S 45 37.27 2.15 14.83
N SER S 46 36.41 2.51 13.85
CA SER S 46 35.86 1.56 12.87
C SER S 46 35.40 2.25 11.58
N TYR S 47 35.35 1.47 10.48
CA TYR S 47 34.95 1.92 9.15
C TYR S 47 33.90 0.99 8.56
N ASN S 48 32.81 1.56 8.02
CA ASN S 48 31.73 0.83 7.36
C ASN S 48 31.61 1.28 5.92
N ALA S 49 31.89 0.38 4.97
CA ALA S 49 31.76 0.65 3.54
C ALA S 49 30.43 0.07 3.06
N LEU S 50 30.18 -1.21 3.39
CA LEU S 50 28.95 -1.95 3.06
C LEU S 50 28.02 -2.00 4.27
N ASP S 51 26.75 -2.40 4.05
CA ASP S 51 25.74 -2.54 5.11
C ASP S 51 26.14 -3.65 6.07
N GLY S 52 25.88 -3.42 7.35
CA GLY S 52 26.18 -4.40 8.38
C GLY S 52 26.85 -3.83 9.61
N LEU S 53 27.43 -4.73 10.41
CA LEU S 53 28.11 -4.40 11.66
C LEU S 53 29.60 -4.73 11.60
N GLU S 54 30.42 -3.80 12.13
CA GLU S 54 31.86 -3.93 12.25
C GLU S 54 32.19 -4.01 13.72
N GLU S 55 32.85 -5.10 14.16
CA GLU S 55 33.19 -5.32 15.57
C GLU S 55 34.69 -5.28 15.80
N THR S 56 35.15 -4.44 16.74
CA THR S 56 36.56 -4.29 17.12
C THR S 56 36.61 -4.09 18.64
N GLY S 57 36.74 -5.21 19.36
CA GLY S 57 36.80 -5.23 20.81
C GLY S 57 35.48 -4.84 21.46
N ARG S 58 35.53 -3.83 22.33
CA ARG S 58 34.38 -3.29 23.06
C ARG S 58 33.55 -2.34 22.18
N PHE S 59 34.12 -1.91 21.04
CA PHE S 59 33.47 -0.96 20.14
C PHE S 59 32.98 -1.63 18.86
N SER S 60 31.77 -1.26 18.44
CA SER S 60 31.13 -1.76 17.22
C SER S 60 30.38 -0.64 16.50
N SER S 61 30.29 -0.72 15.17
CA SER S 61 29.57 0.29 14.40
C SER S 61 28.69 -0.35 13.33
N PHE S 62 27.44 0.12 13.24
CA PHE S 62 26.42 -0.35 12.30
C PHE S 62 26.24 0.67 11.16
N LEU S 63 25.82 0.19 9.98
CA LEU S 63 25.52 1.05 8.83
C LEU S 63 24.36 0.50 8.00
N SER S 64 23.45 1.41 7.62
CA SER S 64 22.32 1.18 6.73
C SER S 64 22.36 2.30 5.68
N ARG S 65 22.86 1.98 4.48
CA ARG S 65 23.04 2.90 3.35
C ARG S 65 21.71 3.47 2.84
N SER S 66 20.66 2.61 2.76
CA SER S 66 19.32 3.00 2.29
C SER S 66 18.67 4.01 3.23
N ASP S 67 18.97 3.93 4.54
CA ASP S 67 18.45 4.83 5.56
C ASP S 67 19.41 5.99 5.84
N SER S 68 20.61 5.99 5.18
CA SER S 68 21.70 6.97 5.37
C SER S 68 21.96 7.16 6.87
N TYR S 69 21.99 6.04 7.60
CA TYR S 69 22.11 5.98 9.04
C TYR S 69 23.15 4.98 9.49
N GLY S 70 23.86 5.36 10.56
CA GLY S 70 24.88 4.55 11.19
C GLY S 70 25.05 4.91 12.65
N TYR S 71 25.52 3.97 13.47
CA TYR S 71 25.72 4.28 14.89
C TYR S 71 26.93 3.55 15.44
N LEU S 72 27.50 4.10 16.52
CA LEU S 72 28.63 3.55 17.25
C LEU S 72 28.16 3.07 18.61
N LEU S 73 28.40 1.80 18.92
CA LEU S 73 28.03 1.18 20.19
C LEU S 73 29.28 0.85 20.99
N LEU S 74 29.35 1.37 22.22
CA LEU S 74 30.49 1.17 23.12
C LEU S 74 30.05 0.34 24.31
N GLN S 75 30.65 -0.87 24.47
CA GLN S 75 30.33 -1.82 25.54
C GLN S 75 31.35 -1.76 26.68
N GLU S 76 30.92 -2.19 27.90
CA GLU S 76 31.72 -2.23 29.14
C GLU S 76 32.51 -0.92 29.32
N LEU S 77 31.76 0.20 29.44
CA LEU S 77 32.30 1.55 29.53
C LEU S 77 33.25 1.75 30.70
N GLN S 78 34.40 2.38 30.39
CA GLN S 78 35.47 2.70 31.33
C GLN S 78 35.65 4.21 31.39
N MET S 79 36.40 4.69 32.40
CA MET S 79 36.65 6.12 32.61
C MET S 79 37.42 6.77 31.47
N LYS S 80 38.31 6.01 30.80
CA LYS S 80 39.12 6.46 29.66
C LYS S 80 38.26 6.70 28.41
N ASP S 81 37.03 6.14 28.36
CA ASP S 81 36.11 6.29 27.22
C ASP S 81 35.51 7.70 27.17
N SER S 82 35.60 8.47 28.28
CA SER S 82 35.11 9.86 28.36
C SER S 82 35.93 10.74 27.41
N ALA S 83 35.36 11.01 26.21
CA ALA S 83 35.96 11.80 25.14
C ALA S 83 34.91 12.24 24.12
N SER S 84 35.37 12.87 23.02
CA SER S 84 34.52 13.31 21.91
C SER S 84 34.57 12.26 20.81
N TYR S 85 33.40 11.89 20.27
CA TYR S 85 33.29 10.88 19.22
C TYR S 85 32.76 11.53 17.96
N PHE S 86 33.50 11.36 16.87
CA PHE S 86 33.18 11.98 15.59
C PHE S 86 32.86 10.99 14.51
N CYS S 87 31.70 11.16 13.84
N CYS S 87 31.75 11.25 13.81
CA CYS S 87 31.37 10.31 12.69
CA CYS S 87 31.25 10.48 12.67
C CYS S 87 31.77 11.06 11.43
C CYS S 87 31.79 11.14 11.40
N ALA S 88 32.48 10.37 10.54
CA ALA S 88 33.04 10.92 9.31
C ALA S 88 32.46 10.22 8.08
N VAL S 89 32.14 11.00 7.04
CA VAL S 89 31.56 10.45 5.81
C VAL S 89 32.52 10.70 4.62
N ASP S 90 32.76 9.63 3.86
CA ASP S 90 33.57 9.62 2.64
C ASP S 90 32.58 9.58 1.48
N THR S 91 32.70 10.53 0.55
CA THR S 91 31.76 10.70 -0.57
C THR S 91 32.41 10.50 -1.94
N GLY S 92 33.65 10.02 -1.94
CA GLY S 92 34.40 9.80 -3.16
C GLY S 92 35.54 10.78 -3.18
N GLY S 93 36.69 10.37 -3.71
CA GLY S 93 37.84 11.24 -3.77
C GLY S 93 38.69 11.12 -2.53
N PHE S 94 38.79 12.19 -1.76
CA PHE S 94 39.59 12.21 -0.55
C PHE S 94 39.05 13.16 0.52
N LYS S 95 38.14 14.03 0.12
CA LYS S 95 37.53 15.01 1.02
C LYS S 95 36.54 14.34 2.00
N THR S 96 36.93 14.27 3.28
CA THR S 96 36.14 13.66 4.35
C THR S 96 35.42 14.75 5.13
N ILE S 97 34.10 14.55 5.36
CA ILE S 97 33.27 15.48 6.12
C ILE S 97 33.07 14.91 7.52
N PHE S 98 33.41 15.70 8.55
CA PHE S 98 33.28 15.31 9.96
C PHE S 98 32.12 16.03 10.62
N GLY S 99 31.48 15.38 11.57
CA GLY S 99 30.39 15.96 12.34
C GLY S 99 30.89 16.80 13.48
N ALA S 100 29.97 17.55 14.12
CA ALA S 100 30.27 18.44 15.25
C ALA S 100 30.87 17.68 16.45
N GLY S 101 30.52 16.39 16.57
CA GLY S 101 31.02 15.52 17.62
C GLY S 101 30.06 15.31 18.78
N THR S 102 30.19 14.15 19.44
CA THR S 102 29.39 13.78 20.59
C THR S 102 30.31 13.62 21.79
N ARG S 103 30.11 14.45 22.83
CA ARG S 103 30.91 14.34 24.04
C ARG S 103 30.28 13.29 24.95
N LEU S 104 31.04 12.22 25.24
CA LEU S 104 30.60 11.14 26.11
C LEU S 104 31.11 11.37 27.54
N PHE S 105 30.19 11.30 28.51
CA PHE S 105 30.51 11.44 29.94
C PHE S 105 30.28 10.09 30.63
N VAL S 106 31.36 9.45 31.08
CA VAL S 106 31.26 8.16 31.78
C VAL S 106 31.18 8.44 33.28
N LYS S 107 30.02 8.16 33.88
CA LYS S 107 29.78 8.37 35.31
C LYS S 107 30.45 7.27 36.12
N ALA S 108 31.36 7.66 37.03
CA ALA S 108 32.12 6.74 37.87
C ALA S 108 31.27 6.14 38.97
N ASN S 109 31.37 4.81 39.14
CA ASN S 109 30.64 4.10 40.19
C ASN S 109 31.49 4.05 41.45
N ILE S 110 31.07 4.80 42.47
CA ILE S 110 31.75 4.86 43.77
C ILE S 110 31.04 3.85 44.68
N GLN S 111 31.71 2.70 44.92
CA GLN S 111 31.21 1.58 45.72
C GLN S 111 31.03 1.97 47.20
N ASN S 112 32.05 2.60 47.81
CA ASN S 112 32.00 3.01 49.21
C ASN S 112 32.24 4.53 49.34
N PRO S 113 31.17 5.36 49.30
CA PRO S 113 31.36 6.82 49.40
C PRO S 113 31.67 7.25 50.84
N ASP S 114 32.70 8.09 50.99
CA ASP S 114 33.14 8.64 52.27
C ASP S 114 33.39 10.17 52.12
N PRO S 115 32.32 11.00 51.90
CA PRO S 115 32.55 12.44 51.70
C PRO S 115 33.22 13.14 52.89
N ALA S 116 34.27 13.92 52.59
CA ALA S 116 35.08 14.66 53.56
C ALA S 116 35.81 15.86 52.94
N VAL S 117 36.10 16.88 53.77
CA VAL S 117 36.81 18.11 53.38
C VAL S 117 38.09 18.22 54.25
N TYR S 118 39.27 18.33 53.60
CA TYR S 118 40.57 18.41 54.28
C TYR S 118 41.31 19.72 53.95
N GLN S 119 42.26 20.14 54.83
CA GLN S 119 43.06 21.36 54.66
C GLN S 119 44.53 21.00 54.44
N LEU S 120 45.08 21.37 53.27
CA LEU S 120 46.47 21.10 52.88
C LEU S 120 47.34 22.35 53.05
N ARG S 121 48.60 22.17 53.50
CA ARG S 121 49.53 23.28 53.72
C ARG S 121 50.79 23.19 52.84
N ASP S 122 51.22 24.35 52.31
CA ASP S 122 52.41 24.51 51.45
C ASP S 122 53.68 24.54 52.32
N SER S 123 54.87 24.39 51.70
CA SER S 123 56.18 24.46 52.36
C SER S 123 56.36 25.86 52.98
N LYS S 124 55.86 26.89 52.28
CA LYS S 124 55.82 28.29 52.68
C LYS S 124 54.39 28.80 52.44
N SER S 125 53.61 28.95 53.53
CA SER S 125 52.22 29.41 53.46
C SER S 125 52.11 30.94 53.26
N SER S 126 53.06 31.54 52.52
CA SER S 126 53.10 32.97 52.21
C SER S 126 52.32 33.35 50.92
N ASP S 127 51.38 32.47 50.49
CA ASP S 127 50.54 32.69 49.31
C ASP S 127 49.07 32.39 49.59
N LYS S 128 48.67 31.11 49.84
CA LYS S 128 47.28 30.69 50.10
C LYS S 128 47.17 29.31 50.77
N SER S 129 45.94 28.92 51.16
CA SER S 129 45.58 27.64 51.77
C SER S 129 44.64 26.86 50.83
N VAL S 130 44.76 25.52 50.79
CA VAL S 130 43.96 24.67 49.90
C VAL S 130 43.03 23.73 50.68
N CYS S 131 41.77 23.65 50.22
CA CYS S 131 40.72 22.79 50.76
C CYS S 131 40.37 21.74 49.70
N LEU S 132 40.41 20.46 50.07
CA LEU S 132 40.10 19.36 49.16
C LEU S 132 38.87 18.58 49.63
N PHE S 133 37.82 18.58 48.79
CA PHE S 133 36.57 17.83 48.99
C PHE S 133 36.66 16.58 48.12
N THR S 134 36.74 15.40 48.76
CA THR S 134 36.94 14.13 48.04
C THR S 134 36.06 12.98 48.58
N ASP S 135 36.08 11.83 47.86
CA ASP S 135 35.39 10.56 48.12
C ASP S 135 33.85 10.71 48.16
N PHE S 136 33.31 11.60 47.31
CA PHE S 136 31.86 11.83 47.21
C PHE S 136 31.28 11.11 45.98
N ASP S 137 29.97 10.77 46.02
CA ASP S 137 29.28 10.05 44.94
C ASP S 137 29.14 10.92 43.67
N SER S 138 28.98 10.25 42.51
CA SER S 138 28.84 10.90 41.19
C SER S 138 27.53 11.67 41.00
N GLN S 139 26.51 11.42 41.86
CA GLN S 139 25.21 12.11 41.78
C GLN S 139 25.22 13.43 42.60
N THR S 140 26.42 13.89 43.00
CA THR S 140 26.64 15.14 43.74
C THR S 140 27.17 16.20 42.76
N ASN S 141 26.56 17.39 42.77
CA ASN S 141 26.92 18.50 41.88
C ASN S 141 27.75 19.56 42.61
N VAL S 142 28.72 20.17 41.88
CA VAL S 142 29.60 21.21 42.40
C VAL S 142 29.39 22.49 41.55
N SER S 143 28.92 23.57 42.22
CA SER S 143 28.65 24.86 41.57
C SER S 143 29.76 25.87 41.89
N GLN S 144 29.82 26.98 41.10
CA GLN S 144 30.82 28.03 41.26
C GLN S 144 30.61 28.83 42.55
N SER S 145 31.71 29.34 43.13
CA SER S 145 31.74 30.10 44.38
C SER S 145 31.04 31.47 44.27
N LYS S 146 30.48 31.93 45.41
CA LYS S 146 29.82 33.23 45.54
C LYS S 146 30.86 34.34 45.62
N ASP S 147 31.93 34.10 46.40
CA ASP S 147 33.06 35.03 46.58
C ASP S 147 33.94 35.03 45.32
N SER S 148 34.37 36.22 44.88
CA SER S 148 35.21 36.40 43.69
C SER S 148 36.67 35.97 43.95
N ASP S 149 37.12 36.03 45.22
CA ASP S 149 38.47 35.68 45.64
C ASP S 149 38.65 34.16 45.87
N VAL S 150 37.54 33.41 45.95
CA VAL S 150 37.56 31.95 46.17
C VAL S 150 37.42 31.26 44.80
N TYR S 151 38.41 30.39 44.47
CA TYR S 151 38.42 29.64 43.21
C TYR S 151 38.15 28.17 43.48
N ILE S 152 37.06 27.63 42.89
CA ILE S 152 36.67 26.23 43.06
C ILE S 152 36.67 25.54 41.68
N THR S 153 37.45 24.45 41.57
CA THR S 153 37.57 23.65 40.34
C THR S 153 36.42 22.64 40.24
N ASP S 154 36.07 22.25 39.01
CA ASP S 154 35.02 21.25 38.76
C ASP S 154 35.52 19.87 39.17
N LYS S 155 34.61 18.98 39.61
CA LYS S 155 34.93 17.62 40.06
C LYS S 155 35.51 16.76 38.94
N CYS S 156 36.51 15.93 39.29
CA CYS S 156 37.15 15.00 38.37
C CYS S 156 37.53 13.70 39.11
N VAL S 157 37.54 12.57 38.38
CA VAL S 157 37.75 11.24 38.97
C VAL S 157 39.16 10.68 38.70
N LEU S 158 39.85 10.24 39.78
CA LEU S 158 41.17 9.61 39.73
C LEU S 158 41.06 8.11 39.94
N ASP S 159 41.91 7.32 39.26
CA ASP S 159 41.87 5.85 39.36
C ASP S 159 43.18 5.27 39.87
N MET S 160 43.12 4.64 41.06
CA MET S 160 44.24 3.93 41.69
C MET S 160 44.17 2.47 41.21
N ARG S 161 44.64 2.27 39.95
CA ARG S 161 44.63 1.03 39.15
C ARG S 161 45.03 -0.23 39.90
N SER S 162 46.03 -0.13 40.80
CA SER S 162 46.52 -1.28 41.55
C SER S 162 45.56 -1.75 42.64
N MET S 163 44.91 -0.79 43.34
CA MET S 163 43.97 -1.10 44.42
C MET S 163 42.52 -1.16 43.92
N ASP S 164 42.31 -0.91 42.60
CA ASP S 164 41.01 -0.90 41.89
C ASP S 164 40.04 0.05 42.63
N PHE S 165 40.52 1.28 42.90
CA PHE S 165 39.78 2.31 43.62
C PHE S 165 39.66 3.58 42.78
N LYS S 166 38.46 4.19 42.82
CA LYS S 166 38.12 5.42 42.12
C LYS S 166 37.44 6.40 43.07
N SER S 167 37.81 7.70 42.98
CA SER S 167 37.25 8.73 43.84
C SER S 167 37.18 10.10 43.16
N ASN S 168 36.08 10.82 43.42
CA ASN S 168 35.81 12.18 42.95
C ASN S 168 36.59 13.17 43.79
N SER S 169 36.97 14.34 43.21
CA SER S 169 37.69 15.36 43.98
C SER S 169 37.50 16.77 43.42
N ALA S 170 37.35 17.75 44.34
CA ALA S 170 37.18 19.17 44.04
C ALA S 170 38.16 19.99 44.88
N VAL S 171 38.87 20.95 44.25
CA VAL S 171 39.89 21.78 44.91
C VAL S 171 39.37 23.24 45.04
N ALA S 172 39.51 23.81 46.26
CA ALA S 172 39.12 25.18 46.60
C ALA S 172 40.27 25.92 47.30
N TRP S 173 40.60 27.14 46.85
CA TRP S 173 41.68 27.94 47.44
C TRP S 173 41.43 29.45 47.33
N SER S 174 41.96 30.21 48.31
CA SER S 174 41.89 31.67 48.41
C SER S 174 43.01 32.22 49.29
N ASN S 175 43.59 33.36 48.90
CA ASN S 175 44.69 34.01 49.62
C ASN S 175 44.21 34.76 50.88
N LYS S 176 42.90 35.05 50.96
CA LYS S 176 42.26 35.76 52.08
C LYS S 176 42.21 34.87 53.33
N SER S 177 42.41 35.51 54.51
CA SER S 177 42.39 34.85 55.82
C SER S 177 40.96 34.46 56.25
N ASP S 178 39.93 35.06 55.60
CA ASP S 178 38.50 34.81 55.85
C ASP S 178 38.10 33.39 55.41
N PHE S 179 38.84 32.84 54.42
CA PHE S 179 38.61 31.53 53.83
C PHE S 179 38.97 30.39 54.79
N ALA S 180 38.02 29.43 54.97
CA ALA S 180 38.13 28.24 55.82
C ALA S 180 37.32 27.07 55.23
N CYS S 181 37.62 25.82 55.65
CA CYS S 181 36.99 24.57 55.19
C CYS S 181 35.47 24.54 55.38
N ALA S 182 34.97 25.08 56.52
CA ALA S 182 33.55 25.08 56.87
C ALA S 182 32.67 25.88 55.90
N ASN S 183 33.12 27.08 55.47
CA ASN S 183 32.39 27.96 54.56
C ASN S 183 32.78 27.77 53.08
N ALA S 184 33.92 27.08 52.84
CA ALA S 184 34.54 26.81 51.54
C ALA S 184 33.59 26.45 50.39
N PHE S 185 32.52 25.67 50.66
CA PHE S 185 31.63 25.25 49.58
C PHE S 185 30.22 25.83 49.69
N ASN S 186 29.78 26.43 48.56
CA ASN S 186 28.48 27.06 48.36
C ASN S 186 27.68 26.22 47.35
N ASN S 187 27.47 24.94 47.69
CA ASN S 187 26.75 23.95 46.87
C ASN S 187 26.12 22.86 47.73
N SER S 188 25.17 22.09 47.15
CA SER S 188 24.43 21.02 47.82
C SER S 188 25.38 19.86 48.16
N ILE S 189 25.92 19.85 49.39
CA ILE S 189 26.83 18.82 49.88
C ILE S 189 26.09 17.78 50.71
N ILE S 190 26.68 16.58 50.83
CA ILE S 190 26.15 15.43 51.56
C ILE S 190 26.15 15.74 53.09
N PRO S 191 25.05 15.44 53.84
CA PRO S 191 25.00 15.79 55.27
C PRO S 191 26.01 15.06 56.17
N GLU S 192 26.47 13.85 55.79
CA GLU S 192 27.43 13.07 56.61
C GLU S 192 28.90 13.37 56.23
N ASP S 193 29.18 14.62 55.80
CA ASP S 193 30.52 15.09 55.43
C ASP S 193 31.35 15.32 56.70
N THR S 194 32.61 14.83 56.71
CA THR S 194 33.51 14.95 57.85
C THR S 194 34.46 16.16 57.66
N PHE S 195 34.54 17.02 58.70
CA PHE S 195 35.39 18.21 58.73
C PHE S 195 36.02 18.36 60.12
N PHE S 196 37.03 17.53 60.45
CA PHE S 196 37.65 17.64 61.78
C PHE S 196 39.11 18.12 61.69
N PRO S 197 39.48 19.16 62.48
CA PRO S 197 40.88 19.63 62.47
C PRO S 197 41.75 18.83 63.44
N GLY T 1 53.58 7.01 15.13
CA GLY T 1 52.45 7.88 14.85
C GLY T 1 52.82 9.21 14.23
N VAL T 2 51.81 9.96 13.76
CA VAL T 2 51.98 11.27 13.13
C VAL T 2 52.32 12.30 14.22
N SER T 3 53.38 13.10 14.01
CA SER T 3 53.79 14.14 14.97
C SER T 3 53.63 15.55 14.38
N GLN T 4 53.35 16.51 15.27
CA GLN T 4 53.16 17.91 14.90
C GLN T 4 53.90 18.84 15.85
N SER T 5 54.44 19.95 15.30
CA SER T 5 55.17 20.95 16.08
C SER T 5 54.87 22.38 15.56
N PRO T 6 54.64 23.36 16.46
CA PRO T 6 54.58 23.24 17.93
C PRO T 6 53.22 22.69 18.39
N ARG T 7 53.10 22.28 19.65
CA ARG T 7 51.82 21.78 20.17
C ARG T 7 50.88 22.96 20.42
N TYR T 8 51.45 24.09 20.85
CA TYR T 8 50.77 25.34 21.11
C TYR T 8 51.55 26.51 20.52
N LYS T 9 50.84 27.55 20.07
CA LYS T 9 51.48 28.74 19.51
C LYS T 9 50.64 29.97 19.76
N VAL T 10 51.22 30.95 20.46
CA VAL T 10 50.60 32.25 20.71
C VAL T 10 51.32 33.25 19.80
N ALA T 11 50.54 34.03 19.03
CA ALA T 11 51.11 34.98 18.07
C ALA T 11 50.40 36.33 18.08
N LYS T 12 51.12 37.37 17.63
CA LYS T 12 50.62 38.73 17.50
C LYS T 12 50.00 38.92 16.11
N ARG T 13 48.92 39.72 16.00
CA ARG T 13 48.21 40.01 14.76
C ARG T 13 49.15 40.71 13.77
N GLY T 14 49.44 40.01 12.65
CA GLY T 14 50.34 40.50 11.61
C GLY T 14 51.58 39.65 11.41
N GLN T 15 51.94 38.83 12.41
CA GLN T 15 53.11 37.95 12.38
C GLN T 15 52.86 36.69 11.53
N ASP T 16 53.94 36.07 11.03
CA ASP T 16 53.91 34.86 10.21
C ASP T 16 54.11 33.64 11.11
N VAL T 17 53.26 32.61 10.95
CA VAL T 17 53.29 31.41 11.77
C VAL T 17 53.57 30.17 10.88
N ALA T 18 54.53 29.32 11.29
CA ALA T 18 54.88 28.10 10.57
C ALA T 18 54.47 26.85 11.37
N LEU T 19 53.66 25.98 10.75
CA LEU T 19 53.17 24.74 11.38
C LEU T 19 53.80 23.54 10.69
N ARG T 20 54.40 22.63 11.47
CA ARG T 20 55.07 21.45 10.94
C ARG T 20 54.27 20.17 11.19
N CYS T 21 54.30 19.24 10.22
CA CYS T 21 53.65 17.94 10.27
C CYS T 21 54.60 16.87 9.75
N ASP T 22 54.87 15.85 10.59
CA ASP T 22 55.70 14.72 10.22
C ASP T 22 54.81 13.47 10.17
N PRO T 23 54.37 13.05 8.96
CA PRO T 23 53.47 11.89 8.88
C PRO T 23 54.21 10.57 9.04
N ILE T 24 53.46 9.45 9.03
CA ILE T 24 54.01 8.09 9.13
C ILE T 24 54.75 7.81 7.82
N SER T 25 55.97 7.23 7.92
CA SER T 25 56.83 6.90 6.78
C SER T 25 56.14 5.98 5.78
N GLY T 26 56.21 6.37 4.51
CA GLY T 26 55.61 5.63 3.41
C GLY T 26 54.20 6.05 3.03
N HIS T 27 53.50 6.78 3.93
CA HIS T 27 52.13 7.24 3.71
C HIS T 27 52.10 8.26 2.57
N VAL T 28 51.44 7.88 1.47
CA VAL T 28 51.32 8.69 0.25
C VAL T 28 50.41 9.91 0.49
N SER T 29 49.25 9.70 1.13
CA SER T 29 48.26 10.75 1.37
C SER T 29 48.55 11.56 2.63
N LEU T 30 48.29 12.88 2.55
CA LEU T 30 48.43 13.82 3.66
C LEU T 30 47.30 14.84 3.59
N PHE T 31 46.67 15.08 4.74
CA PHE T 31 45.56 16.01 4.89
C PHE T 31 45.86 17.05 5.94
N TRP T 32 45.33 18.27 5.76
CA TRP T 32 45.39 19.35 6.72
C TRP T 32 43.96 19.72 7.08
N TYR T 33 43.68 19.85 8.38
CA TYR T 33 42.36 20.16 8.91
C TYR T 33 42.40 21.32 9.88
N GLN T 34 41.28 22.04 9.98
CA GLN T 34 41.06 23.14 10.92
C GLN T 34 39.97 22.70 11.91
N GLN T 35 40.20 22.89 13.21
CA GLN T 35 39.21 22.48 14.19
C GLN T 35 38.89 23.61 15.16
N ALA T 36 37.62 24.05 15.15
CA ALA T 36 37.08 25.05 16.06
C ALA T 36 36.52 24.35 17.30
N LEU T 37 36.49 25.05 18.45
CA LEU T 37 36.01 24.49 19.72
C LEU T 37 34.56 24.00 19.61
N GLY T 38 34.32 22.77 20.06
CA GLY T 38 33.02 22.11 20.03
C GLY T 38 32.56 21.73 18.64
N GLN T 39 33.52 21.51 17.71
CA GLN T 39 33.25 21.14 16.33
C GLN T 39 34.25 20.10 15.81
N GLY T 40 33.93 19.49 14.66
CA GLY T 40 34.77 18.50 14.02
C GLY T 40 35.79 19.10 13.08
N PRO T 41 36.85 18.32 12.71
CA PRO T 41 37.86 18.86 11.78
C PRO T 41 37.28 19.14 10.40
N GLU T 42 37.58 20.34 9.84
N GLU T 42 37.60 20.32 9.85
CA GLU T 42 37.13 20.76 8.53
CA GLU T 42 37.15 20.78 8.53
C GLU T 42 38.33 20.78 7.56
C GLU T 42 38.35 20.78 7.57
N PHE T 43 38.17 20.11 6.40
CA PHE T 43 39.20 19.97 5.36
C PHE T 43 39.79 21.30 4.89
N LEU T 44 41.14 21.34 4.72
CA LEU T 44 41.87 22.51 4.26
C LEU T 44 42.56 22.20 2.93
N THR T 45 43.47 21.21 2.92
CA THR T 45 44.23 20.84 1.72
C THR T 45 44.61 19.33 1.73
N TYR T 46 44.85 18.77 0.53
CA TYR T 46 45.22 17.36 0.33
C TYR T 46 46.46 17.21 -0.53
N PHE T 47 47.36 16.31 -0.12
CA PHE T 47 48.59 15.97 -0.81
C PHE T 47 48.70 14.48 -1.05
N GLN T 48 49.18 14.16 -2.24
CA GLN T 48 49.48 12.82 -2.63
C GLN T 48 50.93 12.94 -3.04
N ASN T 49 51.82 12.39 -2.23
CA ASN T 49 53.23 12.51 -2.44
C ASN T 49 53.54 13.98 -2.24
N GLU T 50 54.17 14.63 -3.21
CA GLU T 50 54.49 16.03 -3.06
C GLU T 50 53.51 16.97 -3.77
N ALA T 51 52.67 16.41 -4.63
CA ALA T 51 51.67 17.17 -5.37
C ALA T 51 50.46 17.55 -4.51
N GLN T 52 50.14 18.86 -4.48
CA GLN T 52 48.98 19.41 -3.78
C GLN T 52 47.79 19.29 -4.73
N LEU T 53 47.00 18.21 -4.56
CA LEU T 53 45.87 17.91 -5.44
C LEU T 53 44.67 18.83 -5.25
N ASP T 54 44.48 19.39 -4.03
CA ASP T 54 43.37 20.31 -3.75
C ASP T 54 43.69 21.19 -2.53
N LYS T 55 43.24 22.46 -2.58
CA LYS T 55 43.41 23.46 -1.51
C LYS T 55 42.16 24.35 -1.40
N SER T 56 40.99 23.80 -1.78
CA SER T 56 39.68 24.48 -1.78
C SER T 56 39.20 24.84 -0.36
N GLY T 57 39.68 24.11 0.64
CA GLY T 57 39.31 24.31 2.04
C GLY T 57 40.05 25.42 2.75
N LEU T 58 41.16 25.92 2.17
CA LEU T 58 41.96 27.00 2.75
C LEU T 58 41.15 28.30 2.80
N PRO T 59 41.12 29.01 3.96
CA PRO T 59 40.26 30.20 4.08
C PRO T 59 40.70 31.39 3.25
N SER T 60 42.00 31.74 3.27
CA SER T 60 42.55 32.92 2.59
C SER T 60 43.85 32.60 1.81
N ASP T 61 44.36 33.60 1.06
CA ASP T 61 45.57 33.48 0.25
C ASP T 61 46.82 33.52 1.10
N ARG T 62 46.66 33.94 2.39
CA ARG T 62 47.69 34.02 3.42
C ARG T 62 48.14 32.63 3.88
N PHE T 63 47.25 31.63 3.74
CA PHE T 63 47.48 30.23 4.09
C PHE T 63 48.21 29.53 2.93
N PHE T 64 49.37 28.93 3.22
CA PHE T 64 50.16 28.23 2.19
C PHE T 64 50.71 26.92 2.74
N ALA T 65 50.42 25.80 2.05
CA ALA T 65 50.85 24.47 2.44
C ALA T 65 51.85 23.90 1.44
N GLU T 66 52.85 23.17 1.94
CA GLU T 66 53.88 22.54 1.12
C GLU T 66 54.33 21.21 1.72
N ARG T 67 54.75 20.31 0.84
CA ARG T 67 55.29 18.98 1.12
C ARG T 67 56.30 18.72 -0.01
N PRO T 68 57.49 19.35 0.00
CA PRO T 68 58.40 19.24 -1.16
C PRO T 68 59.03 17.88 -1.42
N GLU T 69 59.34 17.09 -0.38
CA GLU T 69 59.99 15.77 -0.56
C GLU T 69 58.98 14.62 -0.36
N GLY T 70 57.70 14.93 -0.42
CA GLY T 70 56.62 13.95 -0.24
C GLY T 70 56.52 13.28 1.11
N SER T 71 57.16 13.88 2.14
CA SER T 71 57.15 13.37 3.51
C SER T 71 56.68 14.36 4.58
N VAL T 72 57.54 15.29 5.02
CA VAL T 72 57.25 16.31 6.04
C VAL T 72 56.49 17.43 5.30
N SER T 73 55.38 17.89 5.92
CA SER T 73 54.55 18.96 5.37
C SER T 73 54.50 20.15 6.30
N THR T 74 54.51 21.36 5.72
CA THR T 74 54.44 22.61 6.47
C THR T 74 53.26 23.45 6.02
N LEU T 75 52.59 24.12 6.98
CA LEU T 75 51.47 25.04 6.75
C LEU T 75 51.85 26.40 7.31
N LYS T 76 52.20 27.35 6.43
CA LYS T 76 52.63 28.69 6.81
C LYS T 76 51.49 29.70 6.63
N ILE T 77 51.14 30.42 7.70
CA ILE T 77 50.07 31.42 7.69
C ILE T 77 50.70 32.82 7.76
N GLN T 78 50.64 33.54 6.62
CA GLN T 78 51.17 34.89 6.48
C GLN T 78 50.20 35.90 7.11
N ARG T 79 50.73 36.96 7.74
CA ARG T 79 49.97 38.05 8.40
C ARG T 79 48.74 37.50 9.16
N THR T 80 48.99 36.71 10.23
CA THR T 80 47.96 36.05 11.04
C THR T 80 46.94 37.04 11.64
N GLN T 81 45.65 36.68 11.53
CA GLN T 81 44.52 37.44 12.04
C GLN T 81 43.88 36.67 13.19
N GLN T 82 43.07 37.34 14.04
CA GLN T 82 42.40 36.73 15.19
C GLN T 82 41.48 35.55 14.80
N GLU T 83 40.89 35.62 13.59
CA GLU T 83 39.99 34.59 13.02
C GLU T 83 40.73 33.27 12.72
N ASP T 84 42.08 33.30 12.63
CA ASP T 84 42.91 32.13 12.35
C ASP T 84 43.12 31.27 13.61
N SER T 85 42.65 31.75 14.79
CA SER T 85 42.76 31.02 16.06
C SER T 85 41.90 29.76 16.03
N ALA T 86 42.56 28.59 15.96
CA ALA T 86 41.97 27.25 15.90
C ALA T 86 43.03 26.17 16.10
N VAL T 87 42.61 24.89 16.18
CA VAL T 87 43.51 23.75 16.30
C VAL T 87 43.75 23.24 14.88
N TYR T 88 45.01 23.23 14.44
CA TYR T 88 45.35 22.79 13.09
C TYR T 88 45.88 21.36 13.16
N LEU T 89 45.06 20.42 12.71
CA LEU T 89 45.35 18.98 12.71
C LEU T 89 45.86 18.51 11.37
N CYS T 90 46.82 17.58 11.37
N CYS T 90 46.80 17.56 11.38
CA CYS T 90 47.32 16.98 10.14
CA CYS T 90 47.39 16.96 10.20
C CYS T 90 47.13 15.47 10.24
C CYS T 90 47.17 15.45 10.24
N ALA T 91 46.75 14.85 9.11
CA ALA T 91 46.49 13.42 9.02
C ALA T 91 47.17 12.79 7.82
N SER T 92 47.36 11.46 7.85
CA SER T 92 47.97 10.73 6.76
C SER T 92 47.29 9.38 6.55
N SER T 93 47.26 8.92 5.29
CA SER T 93 46.71 7.63 4.88
C SER T 93 47.77 6.91 4.07
N PRO T 94 47.90 5.56 4.21
CA PRO T 94 49.00 4.86 3.53
C PRO T 94 49.02 4.89 2.00
N THR T 95 47.89 4.61 1.31
CA THR T 95 47.91 4.48 -0.15
C THR T 95 46.83 5.29 -0.93
N GLY T 96 46.21 6.27 -0.30
CA GLY T 96 45.19 7.08 -0.98
C GLY T 96 44.03 7.54 -0.14
N GLY T 97 43.04 8.14 -0.80
CA GLY T 97 41.82 8.64 -0.17
C GLY T 97 40.84 7.54 0.16
N GLN T 98 39.78 7.89 0.96
CA GLN T 98 38.69 7.00 1.41
C GLN T 98 39.23 5.83 2.27
N GLU T 99 40.34 6.09 2.98
CA GLU T 99 41.03 5.12 3.83
C GLU T 99 41.02 5.55 5.28
N THR T 100 41.62 4.72 6.16
CA THR T 100 41.81 4.98 7.58
C THR T 100 42.79 6.16 7.69
N GLN T 101 42.42 7.18 8.46
CA GLN T 101 43.26 8.36 8.63
C GLN T 101 43.96 8.33 9.98
N TYR T 102 45.26 8.63 9.96
CA TYR T 102 46.13 8.66 11.13
C TYR T 102 46.50 10.12 11.40
N PHE T 103 46.02 10.64 12.54
CA PHE T 103 46.16 12.04 12.90
C PHE T 103 47.32 12.33 13.86
N GLY T 104 47.78 13.58 13.79
CA GLY T 104 48.80 14.14 14.67
C GLY T 104 48.11 14.82 15.85
N PRO T 105 48.83 15.18 16.92
CA PRO T 105 48.17 15.81 18.08
C PRO T 105 47.70 17.25 17.84
N GLY T 106 48.04 17.81 16.69
CA GLY T 106 47.64 19.15 16.28
C GLY T 106 48.44 20.30 16.85
N THR T 107 48.14 21.51 16.35
CA THR T 107 48.76 22.76 16.80
C THR T 107 47.64 23.71 17.21
N ARG T 108 47.58 24.05 18.51
CA ARG T 108 46.58 24.99 19.02
C ARG T 108 47.14 26.40 18.84
N LEU T 109 46.64 27.12 17.82
CA LEU T 109 47.07 28.47 17.49
C LEU T 109 46.12 29.50 18.07
N LEU T 110 46.67 30.55 18.69
CA LEU T 110 45.92 31.67 19.23
C LEU T 110 46.58 32.96 18.77
N VAL T 111 45.83 33.78 18.03
CA VAL T 111 46.30 35.07 17.50
C VAL T 111 45.62 36.18 18.30
N LEU T 112 46.43 37.04 18.93
CA LEU T 112 45.98 38.17 19.76
C LEU T 112 46.47 39.50 19.17
N GLU T 113 45.87 40.63 19.62
CA GLU T 113 46.24 41.98 19.19
C GLU T 113 47.66 42.34 19.63
N ASP T 114 48.02 42.02 20.90
CA ASP T 114 49.33 42.26 21.50
C ASP T 114 49.66 41.18 22.55
N LEU T 115 50.96 40.81 22.67
CA LEU T 115 51.44 39.78 23.59
C LEU T 115 51.84 40.35 24.98
N LYS T 116 51.26 41.49 25.38
CA LYS T 116 51.51 42.14 26.67
C LYS T 116 50.75 41.47 27.83
N ASN T 117 49.68 40.70 27.52
CA ASN T 117 48.83 40.04 28.53
C ASN T 117 49.25 38.59 28.85
N VAL T 118 50.27 38.05 28.15
CA VAL T 118 50.73 36.67 28.39
C VAL T 118 51.58 36.61 29.67
N PHE T 119 51.41 35.53 30.47
CA PHE T 119 52.12 35.33 31.73
C PHE T 119 52.49 33.86 31.98
N PRO T 120 53.67 33.55 32.57
CA PRO T 120 53.99 32.15 32.88
C PRO T 120 53.26 31.68 34.15
N PRO T 121 53.14 30.35 34.44
CA PRO T 121 52.40 29.94 35.65
C PRO T 121 53.24 29.88 36.93
N GLU T 122 52.55 29.98 38.07
CA GLU T 122 53.10 29.86 39.42
C GLU T 122 52.67 28.50 39.95
N VAL T 123 53.64 27.56 40.04
CA VAL T 123 53.38 26.17 40.44
C VAL T 123 53.77 25.95 41.91
N ALA T 124 52.85 25.37 42.70
CA ALA T 124 53.02 25.06 44.12
C ALA T 124 52.35 23.72 44.47
N VAL T 125 53.09 22.85 45.19
CA VAL T 125 52.60 21.53 45.62
C VAL T 125 52.14 21.61 47.08
N PHE T 126 50.94 21.07 47.35
CA PHE T 126 50.34 21.05 48.68
C PHE T 126 50.33 19.62 49.21
N GLU T 127 51.14 19.39 50.27
CA GLU T 127 51.35 18.10 50.92
C GLU T 127 50.06 17.54 51.55
N PRO T 128 49.84 16.20 51.48
CA PRO T 128 48.58 15.62 52.00
C PRO T 128 48.32 15.87 53.49
N SER T 129 47.01 15.88 53.84
CA SER T 129 46.48 16.09 55.19
C SER T 129 46.70 14.86 56.08
N GLU T 130 47.07 15.08 57.37
CA GLU T 130 47.30 14.03 58.36
C GLU T 130 45.99 13.30 58.67
N ALA T 131 44.86 14.03 58.59
CA ALA T 131 43.51 13.52 58.81
C ALA T 131 43.09 12.58 57.67
N GLU T 132 43.53 12.86 56.43
CA GLU T 132 43.22 12.05 55.24
C GLU T 132 43.93 10.68 55.31
N ILE T 133 45.22 10.69 55.72
CA ILE T 133 46.09 9.52 55.90
C ILE T 133 45.51 8.63 57.04
N SER T 134 44.84 9.26 58.02
CA SER T 134 44.25 8.61 59.18
C SER T 134 42.78 8.20 58.96
N HIS T 135 42.11 8.68 57.90
CA HIS T 135 40.69 8.34 57.66
C HIS T 135 40.47 7.41 56.46
N THR T 136 41.28 7.56 55.39
CA THR T 136 41.13 6.74 54.18
C THR T 136 42.33 5.81 53.94
N GLN T 137 43.43 5.99 54.70
CA GLN T 137 44.71 5.26 54.59
C GLN T 137 45.34 5.52 53.21
N LYS T 138 45.03 6.70 52.64
CA LYS T 138 45.48 7.20 51.34
C LYS T 138 45.93 8.65 51.49
N ALA T 139 46.80 9.11 50.59
CA ALA T 139 47.34 10.47 50.62
C ALA T 139 47.20 11.14 49.26
N THR T 140 46.53 12.32 49.23
CA THR T 140 46.31 13.08 47.99
C THR T 140 47.17 14.34 47.95
N LEU T 141 48.06 14.43 46.95
CA LEU T 141 48.93 15.57 46.68
C LEU T 141 48.23 16.48 45.67
N VAL T 142 48.09 17.77 45.99
CA VAL T 142 47.42 18.73 45.11
C VAL T 142 48.43 19.74 44.56
N CYS T 143 48.43 19.91 43.23
CA CYS T 143 49.28 20.85 42.51
C CYS T 143 48.43 21.99 41.97
N LEU T 144 48.97 23.21 41.98
CA LEU T 144 48.24 24.36 41.49
C LEU T 144 49.08 25.25 40.59
N ALA T 145 48.65 25.38 39.33
CA ALA T 145 49.27 26.25 38.32
C ALA T 145 48.38 27.48 38.21
N THR T 146 48.87 28.64 38.70
CA THR T 146 48.07 29.87 38.74
C THR T 146 48.72 31.03 37.99
N GLY T 147 47.88 32.00 37.61
CA GLY T 147 48.27 33.23 36.92
C GLY T 147 48.98 33.07 35.60
N PHE T 148 48.46 32.18 34.73
CA PHE T 148 49.07 31.96 33.42
C PHE T 148 48.13 32.36 32.29
N TYR T 149 48.70 32.90 31.20
CA TYR T 149 48.00 33.30 29.99
C TYR T 149 48.92 33.05 28.78
N PRO T 150 48.44 32.37 27.71
CA PRO T 150 47.08 31.83 27.51
C PRO T 150 46.94 30.41 28.09
N ASP T 151 45.83 29.71 27.73
CA ASP T 151 45.52 28.34 28.16
C ASP T 151 46.38 27.33 27.36
N HIS T 152 47.70 27.57 27.32
CA HIS T 152 48.67 26.75 26.60
C HIS T 152 49.65 26.12 27.60
N VAL T 153 49.16 25.13 28.38
CA VAL T 153 49.94 24.42 29.41
C VAL T 153 49.73 22.90 29.34
N GLU T 154 50.72 22.16 29.86
CA GLU T 154 50.72 20.70 29.96
C GLU T 154 51.21 20.30 31.34
N LEU T 155 50.31 19.78 32.18
CA LEU T 155 50.63 19.36 33.54
C LEU T 155 50.94 17.86 33.57
N SER T 156 52.03 17.48 34.27
CA SER T 156 52.47 16.10 34.42
C SER T 156 53.09 15.86 35.80
N TRP T 157 52.80 14.69 36.40
CA TRP T 157 53.32 14.29 37.69
C TRP T 157 54.53 13.38 37.53
N TRP T 158 55.59 13.62 38.31
CA TRP T 158 56.84 12.86 38.25
C TRP T 158 57.22 12.34 39.64
N VAL T 159 57.13 11.02 39.81
CA VAL T 159 57.47 10.35 41.08
C VAL T 159 58.79 9.59 40.87
N ASN T 160 59.85 10.01 41.60
CA ASN T 160 61.21 9.47 41.58
C ASN T 160 61.82 9.49 40.16
N GLY T 161 61.67 10.63 39.49
CA GLY T 161 62.18 10.86 38.14
C GLY T 161 61.41 10.22 37.00
N LYS T 162 60.34 9.47 37.33
CA LYS T 162 59.49 8.77 36.35
C LYS T 162 58.08 9.37 36.33
N GLU T 163 57.51 9.55 35.12
CA GLU T 163 56.17 10.10 34.93
C GLU T 163 55.11 9.05 35.31
N VAL T 164 54.11 9.47 36.11
CA VAL T 164 53.03 8.62 36.60
C VAL T 164 51.67 9.05 36.02
N HIS T 165 50.73 8.09 35.88
CA HIS T 165 49.38 8.34 35.36
C HIS T 165 48.30 7.77 36.29
N SER T 166 48.65 6.76 37.12
CA SER T 166 47.74 6.13 38.07
C SER T 166 47.52 7.05 39.27
N GLY T 167 46.24 7.27 39.62
CA GLY T 167 45.83 8.13 40.72
C GLY T 167 45.96 9.61 40.44
N VAL T 168 46.31 9.96 39.17
CA VAL T 168 46.51 11.32 38.67
C VAL T 168 45.20 11.84 38.06
N CYS T 169 44.79 13.07 38.43
N CYS T 169 44.79 13.07 38.43
CA CYS T 169 43.57 13.69 37.91
CA CYS T 169 43.57 13.69 37.91
C CYS T 169 43.76 15.20 37.76
C CYS T 169 43.76 15.20 37.76
N THR T 170 43.93 15.65 36.50
CA THR T 170 44.09 17.06 36.15
C THR T 170 42.75 17.54 35.60
N ASP T 171 42.35 18.79 35.90
CA ASP T 171 41.08 19.37 35.45
C ASP T 171 40.95 19.33 33.92
N PRO T 172 39.74 19.01 33.37
CA PRO T 172 39.59 18.97 31.90
C PRO T 172 39.75 20.35 31.26
N GLN T 173 39.29 21.40 31.97
CA GLN T 173 39.36 22.79 31.53
C GLN T 173 39.76 23.70 32.71
N PRO T 174 40.69 24.67 32.53
CA PRO T 174 41.07 25.53 33.65
C PRO T 174 40.03 26.62 33.91
N LEU T 175 40.06 27.22 35.11
CA LEU T 175 39.14 28.30 35.47
C LEU T 175 39.79 29.67 35.27
N LYS T 176 38.98 30.68 34.90
CA LYS T 176 39.44 32.04 34.70
C LYS T 176 39.51 32.73 36.06
N GLU T 177 40.68 33.30 36.40
CA GLU T 177 40.91 34.00 37.66
C GLU T 177 40.06 35.29 37.72
N GLN T 178 39.84 35.94 36.56
CA GLN T 178 38.98 37.12 36.40
C GLN T 178 37.89 36.78 35.36
N PRO T 179 36.80 36.06 35.75
CA PRO T 179 35.78 35.66 34.76
C PRO T 179 35.10 36.79 33.97
N ALA T 180 35.35 38.05 34.36
CA ALA T 180 34.79 39.22 33.69
C ALA T 180 35.66 39.70 32.50
N LEU T 181 37.00 39.67 32.66
CA LEU T 181 37.98 40.12 31.66
C LEU T 181 38.03 39.24 30.41
N ASN T 182 38.31 39.84 29.23
CA ASN T 182 38.47 39.14 27.96
C ASN T 182 39.78 38.37 27.94
N ASP T 183 40.87 39.02 28.41
CA ASP T 183 42.20 38.44 28.50
C ASP T 183 42.48 38.07 29.96
N SER T 184 41.61 37.20 30.50
CA SER T 184 41.66 36.71 31.87
C SER T 184 42.71 35.62 32.04
N ARG T 185 43.46 35.68 33.14
CA ARG T 185 44.48 34.67 33.45
C ARG T 185 43.81 33.39 33.91
N TYR T 186 44.39 32.24 33.58
CA TYR T 186 43.82 30.92 33.90
C TYR T 186 44.52 30.28 35.11
N ALA T 187 43.80 29.37 35.79
CA ALA T 187 44.24 28.59 36.95
C ALA T 187 43.84 27.12 36.78
N LEU T 188 44.80 26.21 36.96
CA LEU T 188 44.60 24.77 36.79
C LEU T 188 45.07 23.98 38.01
N SER T 189 44.24 23.02 38.48
CA SER T 189 44.55 22.16 39.62
C SER T 189 44.69 20.70 39.19
N SER T 190 45.49 19.92 39.93
CA SER T 190 45.72 18.50 39.67
C SER T 190 45.94 17.74 40.96
N ARG T 191 45.45 16.50 41.02
CA ARG T 191 45.57 15.63 42.20
C ARG T 191 46.35 14.37 41.88
N LEU T 192 47.15 13.90 42.86
CA LEU T 192 47.92 12.65 42.77
C LEU T 192 47.67 11.86 44.06
N ARG T 193 46.99 10.71 43.96
CA ARG T 193 46.70 9.90 45.13
C ARG T 193 47.53 8.63 45.16
N VAL T 194 48.22 8.44 46.30
CA VAL T 194 49.07 7.28 46.58
C VAL T 194 48.67 6.72 47.95
N SER T 195 49.13 5.49 48.29
CA SER T 195 48.85 4.87 49.58
C SER T 195 49.60 5.60 50.71
N ALA T 196 49.07 5.53 51.95
CA ALA T 196 49.63 6.17 53.14
C ALA T 196 51.11 5.82 53.36
N THR T 197 51.48 4.54 53.13
CA THR T 197 52.84 4.02 53.28
C THR T 197 53.80 4.61 52.23
N PHE T 198 53.28 4.92 51.03
CA PHE T 198 54.08 5.47 49.92
C PHE T 198 54.44 6.94 50.20
N TRP T 199 53.50 7.73 50.78
CA TRP T 199 53.74 9.14 51.11
C TRP T 199 54.63 9.28 52.34
N GLN T 200 54.38 8.46 53.39
CA GLN T 200 55.13 8.49 54.66
C GLN T 200 56.62 8.11 54.47
N ASN T 201 56.96 7.41 53.37
CA ASN T 201 58.32 7.02 53.02
C ASN T 201 59.11 8.26 52.54
N PRO T 202 60.19 8.68 53.26
CA PRO T 202 60.92 9.90 52.83
C PRO T 202 61.83 9.70 51.61
N ARG T 203 62.03 8.44 51.16
CA ARG T 203 62.88 8.11 50.01
C ARG T 203 62.19 8.44 48.67
N ASN T 204 60.85 8.61 48.68
CA ASN T 204 60.07 8.93 47.48
C ASN T 204 60.01 10.44 47.24
N HIS T 205 60.33 10.86 46.00
CA HIS T 205 60.33 12.25 45.56
C HIS T 205 59.15 12.49 44.61
N PHE T 206 58.31 13.48 44.93
CA PHE T 206 57.12 13.87 44.14
C PHE T 206 57.36 15.22 43.48
N ARG T 207 57.05 15.35 42.18
CA ARG T 207 57.24 16.60 41.45
C ARG T 207 56.09 16.87 40.50
N CYS T 208 55.62 18.13 40.46
CA CYS T 208 54.56 18.56 39.55
C CYS T 208 55.16 19.46 38.49
N GLN T 209 55.25 18.95 37.26
CA GLN T 209 55.82 19.66 36.11
C GLN T 209 54.71 20.30 35.26
N VAL T 210 54.86 21.60 34.97
CA VAL T 210 53.92 22.36 34.15
C VAL T 210 54.70 23.02 33.01
N GLN T 211 54.61 22.43 31.81
CA GLN T 211 55.27 22.95 30.62
C GLN T 211 54.38 24.06 30.04
N PHE T 212 54.87 25.30 30.10
CA PHE T 212 54.16 26.47 29.60
C PHE T 212 54.63 26.80 28.19
N TYR T 213 53.69 27.22 27.33
CA TYR T 213 53.98 27.60 25.96
C TYR T 213 53.67 29.08 25.77
N GLY T 214 54.71 29.85 25.47
CA GLY T 214 54.61 31.29 25.27
C GLY T 214 55.41 31.84 24.12
N LEU T 215 56.19 32.90 24.40
CA LEU T 215 57.02 33.64 23.45
C LEU T 215 58.30 32.90 23.05
N SER T 216 58.77 33.18 21.82
CA SER T 216 60.00 32.63 21.25
C SER T 216 61.12 33.66 21.43
N GLU T 217 62.39 33.28 21.15
CA GLU T 217 63.52 34.20 21.29
C GLU T 217 63.48 35.31 20.20
N ASN T 218 62.78 35.03 19.09
CA ASN T 218 62.60 35.96 17.95
C ASN T 218 61.54 37.03 18.28
N ASP T 219 60.61 36.73 19.22
CA ASP T 219 59.56 37.65 19.65
C ASP T 219 60.13 38.79 20.48
N GLU T 220 59.67 40.03 20.21
CA GLU T 220 60.13 41.23 20.89
C GLU T 220 59.49 41.41 22.27
N TRP T 221 60.28 41.91 23.24
CA TRP T 221 59.85 42.19 24.61
C TRP T 221 60.57 43.44 25.13
N THR T 222 59.79 44.43 25.60
CA THR T 222 60.32 45.72 26.09
C THR T 222 59.84 46.03 27.52
N GLN T 223 58.90 45.24 28.06
CA GLN T 223 58.32 45.43 29.39
C GLN T 223 59.32 45.07 30.50
N ASP T 224 59.12 45.68 31.69
CA ASP T 224 59.96 45.55 32.90
C ASP T 224 60.09 44.10 33.38
N ARG T 225 58.98 43.33 33.39
CA ARG T 225 58.96 41.94 33.84
C ARG T 225 59.69 41.02 32.83
N ALA T 226 60.07 39.81 33.29
CA ALA T 226 60.76 38.80 32.47
C ALA T 226 59.90 38.35 31.29
N LYS T 227 60.56 38.01 30.16
CA LYS T 227 59.88 37.56 28.93
C LYS T 227 59.15 36.24 29.18
N PRO T 228 57.84 36.11 28.86
CA PRO T 228 57.13 34.84 29.10
C PRO T 228 57.44 33.83 28.00
N VAL T 229 58.63 33.21 28.08
CA VAL T 229 59.15 32.21 27.12
C VAL T 229 58.56 30.81 27.38
N THR T 230 58.82 29.86 26.46
CA THR T 230 58.40 28.46 26.55
C THR T 230 59.27 27.83 27.65
N GLN T 231 58.78 27.90 28.90
CA GLN T 231 59.50 27.43 30.09
C GLN T 231 58.75 26.34 30.86
N ILE T 232 59.50 25.60 31.69
CA ILE T 232 58.99 24.56 32.58
C ILE T 232 59.06 25.11 34.01
N VAL T 233 57.90 25.22 34.66
CA VAL T 233 57.79 25.69 36.05
C VAL T 233 57.38 24.47 36.89
N SER T 234 58.18 24.13 37.90
CA SER T 234 57.94 22.95 38.73
C SER T 234 57.91 23.26 40.22
N ALA T 235 57.31 22.32 40.98
CA ALA T 235 57.19 22.33 42.44
C ALA T 235 57.39 20.91 42.94
N GLU T 236 58.35 20.70 43.85
CA GLU T 236 58.68 19.38 44.36
C GLU T 236 58.37 19.23 45.85
N ALA T 237 58.05 17.98 46.26
CA ALA T 237 57.74 17.60 47.63
C ALA T 237 58.27 16.20 47.92
N TRP T 238 58.88 16.02 49.09
CA TRP T 238 59.44 14.75 49.54
C TRP T 238 58.51 14.10 50.57
N GLY T 239 58.75 12.83 50.86
CA GLY T 239 57.96 12.06 51.82
C GLY T 239 58.08 12.53 53.25
N ARG T 240 56.93 12.62 53.95
CA ARG T 240 56.85 13.08 55.35
C ARG T 240 56.11 12.07 56.22
N ALA T 241 56.75 11.64 57.32
CA ALA T 241 56.19 10.68 58.27
C ALA T 241 55.26 11.38 59.28
N ASP T 242 55.74 12.51 59.87
CA ASP T 242 55.08 13.37 60.87
C ASP T 242 54.66 12.58 62.14
#